data_8GF5
#
_entry.id   8GF5
#
_cell.length_a   1.00
_cell.length_b   1.00
_cell.length_c   1.00
_cell.angle_alpha   90.00
_cell.angle_beta   90.00
_cell.angle_gamma   90.00
#
_symmetry.space_group_name_H-M   'P 1'
#
loop_
_entity.id
_entity.type
_entity.pdbx_description
1 polymer 'Methyl-coenzyme M reductase subunit alpha'
2 polymer 'Methyl-coenzyme M reductase subunit beta'
3 polymer 'Methyl-coenzyme M reductase subunit gamma'
4 polymer 'Methyl coenzyme M reductase, subunit D'
5 non-polymer '1-THIOETHANESULFONIC ACID'
6 non-polymer 'FACTOR 430'
7 non-polymer 'Coenzyme B'
#
loop_
_entity_poly.entity_id
_entity_poly.type
_entity_poly.pdbx_seq_one_letter_code
_entity_poly.pdbx_strand_id
1 'polypeptide(L)'
;MAADIFAKFKKSMEVKFTQEYGSNKQAGGDITGKTEKFLRLGPEQDARKQEMIKAGKEIAEKRGIAFYNPMMHMGAPLGQ
RAITPYTISGTDIVAEPDDLHYVNNAAMQQMWDDIRRTCIVGLDMAHETLEKRLGKEVTPETINHYLETLNHAMPGAAVV
QEMMVETHPALVDDCYVKIFTGDDELADEIDKQYVINVNKMFSEEQAAQIKASIGKTTWQAIHIPTIVSRTTDGAQTSRW
AAMQIGMSFISAYAMCAGEAAVADLSFAAK(MHS)AALVSMGEMLPAR(AGM)ARGPNEPGGLSFGHLSDIVQTSRVSKD
PAKIALEVVGAGCMLYDQIWLGSYMSGGVGFTQYATAAYTDDILDNNTYYDVDYINDKYNGAANLGTDNKVKATLDVVKD
IATESTLYGIETYEKFPTALEDHFGGSQRATVLAAASGVACALATGNANAGLSGWYLSMYVHKEAWGRLGFFGFDLQDQ
(SMC)GATNVLSYQGDEGLPDELRGPNYPNYAMNVGHQGGYAGIAQAAHSGRGDAFTVNPLLKVCFADELMPFNFAEPRR
EFGRGAIREFMPAGERSLVIPAK
;
A,B
2 'polypeptide(L)'
;MSDTVDIYDDRGKLLESNVDIMSLAPTRNAAIKKIILDTKRSVAVSLAGIQGALASGKMGGKGRQILGRGLNYDLVGNAD
AIAENVKNLVQVDEGDDTSVKVIKGGKSLLIQAPSSRIAAGADYMSATTVGAAAVTQTIIDMFGTDMYDAPIAKSAVWGS
YPQTMDLMGGNVQGVLSIPQNNEGLGFSLRNIMANHIAAITSRGAMNAAALSSIYEQSGIFEMGGAVGMFERHQLLGLAC
QGLNANNVVYDIVKENGKDGTIGTVIESIVGRAVEDGVISVDKTAPSGYKFYKANDVPMWNAYAAAGTLAATFVNCGAGR
AAQNVSSTLLYFNDILEKETGLPGCDYGKVQGVAVGFSFFSHSIYGGGGPGVFNGNHVVTRHSRGFAIPCVCAAVALDAG
TQMFTIESTSGLIGDVFGSIEEFRQPIKAVAGAL
;
C,D
3 'polypeptide(L)'
;MAYEAQYYPGATSVGANRRKHMSGKLEKLREISDEDLTAVLGHRAPGSDYPSTHPPLAEMGEPACSIREAVAATPGAAAG
DRVRYVQFADSMYNAPATPYFRSYFAAINFRGVDPGTLSGRQIVEARERDMEQCAKVQMETEMTDPALAGMRGATVHGHS
VRLQEDGVMFDMLDRRRLEGGVIIMDKDQVAIPLDRKVNLGKPMSSEEAAKRTTIYRVDNVAFRDDAEVIEWVHRVFDQR
TSYGFQPK
;
E,F
4 'polypeptide(L)'
;MDYKDDDDKGGGWSHPQFEKGGGMSDSASNTEDSIQIEIFPSRILSPETAQKLISELYQVDGIIRVMVQGPRLPERVSAG
PGTGEKVEHPLRKPIQIGDQVIELKISVGRIRLEIENAETKEKVRSVCDKMLPFSFEFREGHFLRRKPTVTDYAKLGPET
DPRLLGMVDPKAKVNQLVFIEKREKEDDTDKDE
;
X
#
loop_
_chem_comp.id
_chem_comp.type
_chem_comp.name
_chem_comp.formula
COM non-polymer '1-THIOETHANESULFONIC ACID' 'C2 H6 O3 S2'
F43 non-polymer 'FACTOR 430' 'C42 H51 N6 Ni O13 1'
TP7 non-polymer 'Coenzyme B' 'C11 H22 N O7 P S'
#
# COMPACT_ATOMS: atom_id res chain seq x y z
N ALA A 2 31.89 -3.24 -33.13
CA ALA A 2 33.09 -2.50 -33.44
C ALA A 2 34.33 -3.29 -33.08
N ALA A 3 35.41 -3.13 -33.84
CA ALA A 3 36.62 -3.91 -33.60
C ALA A 3 37.23 -3.62 -32.24
N ASP A 4 37.24 -2.35 -31.84
CA ASP A 4 37.78 -1.98 -30.53
C ASP A 4 37.00 -2.62 -29.40
N ILE A 5 35.67 -2.66 -29.53
CA ILE A 5 34.85 -3.27 -28.50
C ILE A 5 34.99 -4.77 -28.58
N PHE A 6 35.02 -5.34 -29.78
CA PHE A 6 35.30 -6.76 -29.94
C PHE A 6 36.61 -7.13 -29.28
N ALA A 7 37.63 -6.28 -29.43
CA ALA A 7 38.91 -6.52 -28.79
C ALA A 7 38.77 -6.55 -27.27
N LYS A 8 38.03 -5.61 -26.70
CA LYS A 8 37.88 -5.59 -25.25
C LYS A 8 37.06 -6.77 -24.76
N PHE A 9 36.08 -7.21 -25.53
CA PHE A 9 35.38 -8.46 -25.24
C PHE A 9 36.35 -9.63 -25.16
N LYS A 10 37.22 -9.74 -26.16
CA LYS A 10 38.21 -10.81 -26.16
C LYS A 10 39.13 -10.72 -24.96
N LYS A 11 39.56 -9.50 -24.63
CA LYS A 11 40.44 -9.30 -23.47
C LYS A 11 39.73 -9.70 -22.19
N SER A 12 38.43 -9.41 -22.10
CA SER A 12 37.67 -9.82 -20.91
C SER A 12 37.60 -11.33 -20.79
N MET A 13 37.36 -12.02 -21.89
CA MET A 13 37.38 -13.49 -21.84
C MET A 13 38.75 -14.00 -21.45
N GLU A 14 39.82 -13.38 -21.97
CA GLU A 14 41.17 -13.79 -21.58
C GLU A 14 41.39 -13.63 -20.08
N VAL A 15 41.03 -12.46 -19.53
CA VAL A 15 41.23 -12.22 -18.12
C VAL A 15 40.29 -13.06 -17.26
N LYS A 16 39.22 -13.60 -17.85
CA LYS A 16 38.26 -14.38 -17.08
C LYS A 16 38.59 -15.87 -17.07
N PHE A 17 38.73 -16.49 -18.23
CA PHE A 17 38.95 -17.94 -18.29
C PHE A 17 40.43 -18.28 -18.40
N THR A 18 41.13 -17.74 -19.40
CA THR A 18 42.52 -18.11 -19.63
C THR A 18 43.47 -17.63 -18.55
N GLN A 19 43.03 -16.74 -17.66
CA GLN A 19 43.86 -16.28 -16.56
C GLN A 19 43.30 -16.81 -15.25
N GLU A 20 44.18 -17.14 -14.32
CA GLU A 20 43.75 -17.72 -13.06
C GLU A 20 43.29 -16.64 -12.09
N TYR A 21 42.22 -16.93 -11.35
CA TYR A 21 41.69 -16.04 -10.34
C TYR A 21 41.72 -16.76 -9.00
N GLY A 22 42.24 -16.10 -7.97
CA GLY A 22 42.28 -16.72 -6.66
C GLY A 22 43.09 -18.01 -6.66
N SER A 23 42.39 -19.15 -6.55
CA SER A 23 43.06 -20.44 -6.57
C SER A 23 42.27 -21.45 -7.37
N ASN A 24 41.63 -21.02 -8.45
CA ASN A 24 40.90 -21.96 -9.30
C ASN A 24 41.80 -22.63 -10.33
N LYS A 25 43.05 -22.17 -10.48
CA LYS A 25 44.01 -22.79 -11.38
C LYS A 25 43.47 -22.91 -12.80
N GLN A 26 42.94 -21.81 -13.32
CA GLN A 26 42.47 -21.74 -14.70
C GLN A 26 43.49 -21.10 -15.64
N ALA A 27 44.71 -20.86 -15.15
CA ALA A 27 45.73 -20.21 -15.97
C ALA A 27 46.02 -21.03 -17.22
N GLY A 28 46.01 -20.37 -18.37
CA GLY A 28 46.13 -21.05 -19.64
C GLY A 28 44.79 -21.41 -20.23
N GLY A 29 44.78 -21.63 -21.53
CA GLY A 29 43.58 -22.02 -22.25
C GLY A 29 43.40 -21.23 -23.53
N ASP A 30 42.38 -21.64 -24.28
CA ASP A 30 42.03 -21.03 -25.56
C ASP A 30 40.57 -20.62 -25.49
N ILE A 31 40.31 -19.31 -25.44
CA ILE A 31 38.95 -18.81 -25.34
C ILE A 31 38.10 -19.15 -26.56
N THR A 32 38.70 -19.68 -27.62
CA THR A 32 37.96 -20.22 -28.76
C THR A 32 37.87 -21.75 -28.71
N GLY A 33 38.29 -22.37 -27.61
CA GLY A 33 38.29 -23.81 -27.50
C GLY A 33 37.02 -24.36 -26.85
N LYS A 34 36.69 -25.60 -27.21
CA LYS A 34 35.41 -26.19 -26.85
C LYS A 34 35.53 -27.30 -25.81
N THR A 35 36.65 -27.37 -25.09
CA THR A 35 36.82 -28.40 -24.07
C THR A 35 37.57 -27.81 -22.88
N GLU A 36 37.30 -28.39 -21.71
CA GLU A 36 38.00 -28.01 -20.49
C GLU A 36 37.91 -29.17 -19.51
N LYS A 37 38.76 -29.12 -18.50
CA LYS A 37 38.77 -30.13 -17.44
C LYS A 37 38.37 -29.46 -16.12
N PHE A 38 37.43 -30.07 -15.42
CA PHE A 38 36.85 -29.52 -14.21
C PHE A 38 37.57 -30.10 -12.99
N LEU A 39 38.28 -29.24 -12.25
CA LEU A 39 39.14 -29.70 -11.18
C LEU A 39 38.37 -30.07 -9.93
N ARG A 40 37.22 -29.42 -9.70
CA ARG A 40 36.38 -29.70 -8.53
C ARG A 40 37.11 -29.37 -7.23
N LEU A 41 37.56 -28.13 -7.14
CA LEU A 41 38.29 -27.67 -5.96
C LEU A 41 37.37 -27.25 -4.82
N GLY A 42 36.07 -27.10 -5.07
CA GLY A 42 35.15 -26.71 -4.02
C GLY A 42 35.18 -25.22 -3.74
N PRO A 43 34.26 -24.76 -2.90
CA PRO A 43 34.13 -23.32 -2.67
C PRO A 43 35.36 -22.69 -2.07
N GLU A 44 36.26 -23.47 -1.47
CA GLU A 44 37.53 -22.98 -0.96
C GLU A 44 38.49 -22.55 -2.06
N GLN A 45 38.10 -22.55 -3.33
CA GLN A 45 39.00 -22.05 -4.36
C GLN A 45 38.91 -20.52 -4.51
N ASP A 46 37.75 -19.96 -4.18
CA ASP A 46 37.54 -18.51 -4.28
C ASP A 46 38.35 -17.59 -3.39
N ALA A 47 38.66 -18.01 -2.15
CA ALA A 47 39.33 -17.16 -1.15
C ALA A 47 38.32 -16.20 -0.51
N ARG A 48 37.57 -15.44 -1.31
CA ARG A 48 36.50 -14.64 -0.72
C ARG A 48 35.45 -15.59 -0.18
N LYS A 49 35.18 -16.67 -0.91
CA LYS A 49 34.25 -17.67 -0.41
C LYS A 49 34.83 -18.29 0.84
N GLN A 50 36.16 -18.41 0.91
CA GLN A 50 36.77 -18.87 2.16
C GLN A 50 36.48 -17.92 3.30
N GLU A 51 36.52 -16.61 3.02
CA GLU A 51 36.15 -15.61 4.02
C GLU A 51 34.72 -15.82 4.49
N MET A 52 33.80 -16.04 3.55
CA MET A 52 32.40 -16.26 3.91
C MET A 52 32.24 -17.53 4.72
N ILE A 53 32.93 -18.60 4.36
CA ILE A 53 32.85 -19.84 5.10
C ILE A 53 33.36 -19.67 6.53
N LYS A 54 34.51 -19.01 6.68
CA LYS A 54 35.06 -18.77 8.00
C LYS A 54 34.12 -17.94 8.85
N ALA A 55 33.58 -16.86 8.28
CA ALA A 55 32.68 -16.00 9.05
C ALA A 55 31.41 -16.76 9.45
N GLY A 56 30.84 -17.53 8.52
CA GLY A 56 29.64 -18.28 8.84
C GLY A 56 29.87 -19.30 9.94
N LYS A 57 30.99 -20.01 9.89
CA LYS A 57 31.30 -20.97 10.94
C LYS A 57 31.47 -20.26 12.28
N GLU A 58 32.23 -19.16 12.31
CA GLU A 58 32.45 -18.44 13.55
C GLU A 58 31.15 -17.96 14.14
N ILE A 59 30.25 -17.43 13.30
CA ILE A 59 28.95 -17.00 13.78
C ILE A 59 28.15 -18.18 14.32
N ALA A 60 28.30 -19.34 13.67
CA ALA A 60 27.61 -20.53 14.16
C ALA A 60 28.05 -20.90 15.56
N GLU A 61 29.36 -20.82 15.87
CA GLU A 61 29.73 -21.07 17.26
C GLU A 61 29.27 -19.93 18.17
N LYS A 62 29.34 -18.69 17.71
CA LYS A 62 29.07 -17.56 18.60
C LYS A 62 27.60 -17.51 19.02
N ARG A 63 26.68 -17.72 18.09
CA ARG A 63 25.27 -17.46 18.39
C ARG A 63 24.54 -18.68 18.94
N GLY A 64 24.82 -19.87 18.43
CA GLY A 64 24.23 -21.07 18.95
C GLY A 64 23.21 -21.77 18.07
N ILE A 65 23.29 -21.60 16.75
CA ILE A 65 22.41 -22.30 15.83
C ILE A 65 23.11 -22.36 14.48
N ALA A 66 22.70 -23.32 13.65
CA ALA A 66 23.33 -23.51 12.34
C ALA A 66 23.15 -22.27 11.49
N PHE A 67 24.24 -21.78 10.92
CA PHE A 67 24.20 -20.52 10.17
C PHE A 67 24.52 -20.71 8.69
N TYR A 68 25.68 -21.24 8.35
CA TYR A 68 26.14 -21.27 6.97
C TYR A 68 27.15 -22.39 6.82
N ASN A 69 26.73 -23.46 6.18
CA ASN A 69 27.58 -24.64 5.98
C ASN A 69 27.48 -25.02 4.52
N PRO A 70 28.52 -24.74 3.72
CA PRO A 70 28.49 -25.14 2.31
C PRO A 70 28.24 -26.63 2.11
N MET A 71 28.57 -27.45 3.10
CA MET A 71 28.28 -28.88 3.01
C MET A 71 26.80 -29.19 2.92
N MET A 72 25.93 -28.27 3.31
CA MET A 72 24.49 -28.48 3.14
C MET A 72 24.01 -28.11 1.75
N HIS A 73 24.91 -27.75 0.84
CA HIS A 73 24.60 -27.82 -0.56
C HIS A 73 24.48 -29.29 -0.95
N MET A 74 23.40 -29.64 -1.66
CA MET A 74 23.20 -31.04 -2.01
C MET A 74 24.31 -31.50 -2.95
N GLY A 75 24.71 -32.76 -2.79
CA GLY A 75 25.74 -33.29 -3.65
C GLY A 75 27.11 -32.95 -3.13
N ALA A 76 27.72 -31.94 -3.72
CA ALA A 76 29.01 -31.40 -3.32
C ALA A 76 28.89 -29.89 -3.14
N PRO A 77 29.83 -29.27 -2.46
CA PRO A 77 29.73 -27.83 -2.20
C PRO A 77 29.74 -27.02 -3.49
N LEU A 78 29.55 -25.72 -3.34
CA LEU A 78 29.57 -24.83 -4.49
C LEU A 78 30.95 -24.79 -5.11
N GLY A 79 30.99 -24.69 -6.43
CA GLY A 79 32.26 -24.57 -7.12
C GLY A 79 32.92 -25.89 -7.49
N GLN A 80 32.20 -26.72 -8.24
CA GLN A 80 32.79 -27.89 -8.87
C GLN A 80 33.42 -27.55 -10.22
N ARG A 81 33.11 -26.37 -10.76
CA ARG A 81 33.88 -25.77 -11.85
C ARG A 81 34.43 -24.44 -11.35
N ALA A 82 35.44 -23.90 -12.03
CA ALA A 82 36.25 -22.83 -11.45
C ALA A 82 35.43 -21.58 -11.19
N ILE A 83 35.88 -20.78 -10.23
CA ILE A 83 35.24 -19.51 -9.87
C ILE A 83 35.99 -18.42 -10.63
N THR A 84 35.51 -18.11 -11.79
CA THR A 84 36.16 -17.06 -12.55
C THR A 84 35.47 -15.72 -12.31
N PRO A 85 36.22 -14.63 -12.37
CA PRO A 85 35.68 -13.32 -11.97
C PRO A 85 34.76 -12.74 -13.04
N TYR A 86 34.32 -11.51 -12.78
CA TYR A 86 33.52 -10.73 -13.70
C TYR A 86 34.20 -9.39 -13.92
N THR A 87 34.14 -8.88 -15.14
CA THR A 87 34.68 -7.56 -15.45
C THR A 87 33.55 -6.63 -15.84
N ILE A 88 33.50 -5.45 -15.21
CA ILE A 88 32.44 -4.50 -15.48
C ILE A 88 32.59 -3.98 -16.90
N SER A 89 31.50 -3.98 -17.66
CA SER A 89 31.55 -3.55 -19.05
C SER A 89 32.05 -2.12 -19.16
N GLY A 90 32.95 -1.90 -20.10
CA GLY A 90 33.47 -0.57 -20.32
C GLY A 90 34.46 -0.08 -19.29
N THR A 91 34.92 -0.94 -18.40
CA THR A 91 35.95 -0.60 -17.43
C THR A 91 36.81 -1.83 -17.18
N ASP A 92 37.84 -1.66 -16.36
CA ASP A 92 38.82 -2.70 -16.13
C ASP A 92 38.87 -3.18 -14.69
N ILE A 93 37.99 -2.70 -13.83
CA ILE A 93 37.92 -3.20 -12.46
C ILE A 93 37.42 -4.64 -12.53
N VAL A 94 38.16 -5.57 -11.93
CA VAL A 94 37.80 -6.97 -11.92
C VAL A 94 37.05 -7.24 -10.61
N ALA A 95 35.86 -7.84 -10.73
CA ALA A 95 34.99 -8.05 -9.59
C ALA A 95 34.70 -9.52 -9.41
N GLU A 96 34.73 -9.96 -8.15
CA GLU A 96 34.29 -11.32 -7.85
C GLU A 96 32.77 -11.38 -7.96
N PRO A 97 32.22 -12.55 -8.26
CA PRO A 97 30.76 -12.65 -8.34
C PRO A 97 30.07 -12.26 -7.05
N ASP A 98 30.66 -12.62 -5.90
CA ASP A 98 30.02 -12.34 -4.62
C ASP A 98 29.87 -10.85 -4.38
N ASP A 99 30.86 -10.06 -4.77
CA ASP A 99 30.81 -8.63 -4.51
C ASP A 99 29.73 -7.93 -5.31
N LEU A 100 29.15 -8.58 -6.31
CA LEU A 100 28.10 -7.97 -7.11
C LEU A 100 26.71 -8.34 -6.64
N HIS A 101 26.59 -9.07 -5.54
CA HIS A 101 25.31 -9.24 -4.90
C HIS A 101 24.96 -7.97 -4.14
N TYR A 102 23.73 -7.47 -4.34
CA TYR A 102 23.41 -6.13 -3.86
C TYR A 102 23.55 -6.00 -2.36
N VAL A 103 23.39 -7.10 -1.61
CA VAL A 103 23.63 -7.03 -0.17
C VAL A 103 25.11 -6.74 0.09
N ASN A 104 25.99 -7.26 -0.75
CA ASN A 104 27.42 -7.12 -0.54
C ASN A 104 28.01 -5.91 -1.25
N ASN A 105 27.21 -5.15 -1.99
CA ASN A 105 27.68 -3.98 -2.73
C ASN A 105 27.05 -2.74 -2.14
N ALA A 106 27.88 -1.88 -1.54
CA ALA A 106 27.36 -0.66 -0.93
C ALA A 106 26.85 0.33 -1.96
N ALA A 107 27.57 0.54 -3.07
CA ALA A 107 27.11 1.44 -4.11
C ALA A 107 25.80 0.96 -4.72
N MET A 108 25.66 -0.35 -4.86
CA MET A 108 24.43 -0.92 -5.38
C MET A 108 23.25 -0.57 -4.50
N GLN A 109 23.44 -0.61 -3.19
CA GLN A 109 22.39 -0.18 -2.25
C GLN A 109 22.17 1.32 -2.33
N GLN A 110 23.25 2.09 -2.43
CA GLN A 110 23.15 3.54 -2.41
C GLN A 110 22.39 4.07 -3.61
N MET A 111 22.47 3.38 -4.76
CA MET A 111 21.68 3.80 -5.91
C MET A 111 20.20 3.83 -5.56
N TRP A 112 19.68 2.73 -5.06
CA TRP A 112 18.27 2.69 -4.72
C TRP A 112 17.96 3.63 -3.56
N ASP A 113 18.88 3.78 -2.60
CA ASP A 113 18.65 4.71 -1.51
C ASP A 113 18.67 6.16 -1.97
N ASP A 114 19.22 6.42 -3.16
CA ASP A 114 19.19 7.76 -3.72
C ASP A 114 17.92 8.01 -4.53
N ILE A 115 17.53 7.06 -5.37
CA ILE A 115 16.26 7.24 -6.07
C ILE A 115 15.09 7.24 -5.08
N ARG A 116 15.21 6.50 -3.97
CA ARG A 116 14.08 6.35 -3.06
C ARG A 116 13.84 7.61 -2.25
N ARG A 117 14.91 8.25 -1.79
CA ARG A 117 14.82 9.36 -0.86
C ARG A 117 14.65 10.71 -1.54
N THR A 118 14.60 10.75 -2.87
CA THR A 118 14.56 12.00 -3.62
C THR A 118 13.14 12.32 -4.05
N CYS A 119 12.77 13.60 -3.96
CA CYS A 119 11.50 14.08 -4.44
C CYS A 119 11.68 15.48 -5.02
N ILE A 120 10.76 15.88 -5.88
CA ILE A 120 10.80 17.17 -6.55
C ILE A 120 9.42 17.81 -6.40
N VAL A 121 9.38 18.97 -5.77
CA VAL A 121 8.13 19.66 -5.45
C VAL A 121 8.05 20.92 -6.29
N GLY A 122 6.94 21.07 -7.03
CA GLY A 122 6.71 22.28 -7.78
C GLY A 122 6.57 23.49 -6.88
N LEU A 123 7.05 24.62 -7.38
CA LEU A 123 7.19 25.78 -6.52
C LEU A 123 6.54 27.05 -7.07
N ASP A 124 6.07 27.05 -8.31
CA ASP A 124 5.40 28.24 -8.83
C ASP A 124 4.11 28.52 -8.08
N MET A 125 3.34 27.48 -7.76
CA MET A 125 2.03 27.69 -7.16
C MET A 125 2.16 28.28 -5.77
N ALA A 126 3.17 27.88 -5.02
CA ALA A 126 3.37 28.41 -3.67
C ALA A 126 3.71 29.90 -3.72
N HIS A 127 4.64 30.29 -4.60
CA HIS A 127 4.96 31.70 -4.75
C HIS A 127 3.75 32.49 -5.23
N GLU A 128 2.98 31.91 -6.15
CA GLU A 128 1.81 32.60 -6.67
C GLU A 128 0.77 32.82 -5.57
N THR A 129 0.53 31.81 -4.76
CA THR A 129 -0.38 31.98 -3.63
C THR A 129 0.12 33.03 -2.66
N LEU A 130 1.41 33.01 -2.33
CA LEU A 130 1.95 34.04 -1.44
C LEU A 130 1.71 35.43 -2.01
N GLU A 131 2.14 35.66 -3.27
CA GLU A 131 1.96 36.94 -3.92
C GLU A 131 0.50 37.39 -3.89
N LYS A 132 -0.41 36.54 -4.34
CA LYS A 132 -1.78 36.98 -4.55
C LYS A 132 -2.52 37.07 -3.21
N ARG A 133 -2.60 35.97 -2.49
CA ARG A 133 -3.52 35.82 -1.37
C ARG A 133 -2.80 35.98 -0.03
N LEU A 134 -1.57 36.48 -0.04
CA LEU A 134 -0.93 36.78 1.23
C LEU A 134 -0.20 38.11 1.24
N GLY A 135 -0.06 38.79 0.11
CA GLY A 135 0.59 40.08 0.07
C GLY A 135 2.09 40.05 0.20
N LYS A 136 2.66 38.99 0.77
CA LYS A 136 4.11 38.90 0.97
C LYS A 136 4.75 38.59 -0.38
N GLU A 137 5.09 39.65 -1.10
CA GLU A 137 5.74 39.48 -2.39
C GLU A 137 7.04 38.70 -2.24
N VAL A 138 7.24 37.74 -3.14
CA VAL A 138 8.42 36.89 -3.14
C VAL A 138 9.45 37.53 -4.04
N THR A 139 10.62 37.84 -3.49
CA THR A 139 11.73 38.40 -4.22
C THR A 139 12.89 37.43 -4.11
N PRO A 140 13.80 37.43 -5.09
CA PRO A 140 14.89 36.45 -5.07
C PRO A 140 15.71 36.46 -3.79
N GLU A 141 15.78 37.59 -3.09
CA GLU A 141 16.34 37.58 -1.74
C GLU A 141 15.49 36.72 -0.81
N THR A 142 14.17 36.84 -0.91
CA THR A 142 13.30 36.03 -0.07
C THR A 142 13.43 34.55 -0.41
N ILE A 143 13.57 34.22 -1.69
CA ILE A 143 13.79 32.83 -2.06
C ILE A 143 15.13 32.33 -1.51
N ASN A 144 16.16 33.17 -1.57
CA ASN A 144 17.44 32.78 -0.99
C ASN A 144 17.29 32.45 0.49
N HIS A 145 16.62 33.33 1.23
CA HIS A 145 16.45 33.09 2.66
C HIS A 145 15.60 31.84 2.91
N TYR A 146 14.53 31.67 2.14
CA TYR A 146 13.65 30.54 2.35
C TYR A 146 14.36 29.23 2.03
N LEU A 147 15.21 29.22 1.01
CA LEU A 147 15.93 28.00 0.67
C LEU A 147 17.02 27.72 1.68
N GLU A 148 17.63 28.76 2.25
CA GLU A 148 18.54 28.54 3.37
C GLU A 148 17.81 27.90 4.53
N THR A 149 16.61 28.40 4.85
CA THR A 149 15.82 27.81 5.92
C THR A 149 15.44 26.38 5.61
N LEU A 150 15.05 26.10 4.38
CA LEU A 150 14.67 24.75 3.99
C LEU A 150 15.84 23.79 4.08
N ASN A 151 17.02 24.20 3.58
CA ASN A 151 18.20 23.34 3.51
C ASN A 151 18.70 22.68 4.73
N HIS A 152 18.54 23.30 5.87
CA HIS A 152 18.93 22.56 7.05
C HIS A 152 17.77 22.13 7.93
N ALA A 153 16.61 22.75 7.75
CA ALA A 153 15.41 22.30 8.46
C ALA A 153 15.03 20.95 7.93
N MET A 154 15.21 20.75 6.62
CA MET A 154 14.84 19.48 6.00
C MET A 154 15.63 18.36 6.61
N PRO A 155 16.92 18.60 6.90
CA PRO A 155 17.55 17.54 7.65
C PRO A 155 16.88 17.33 8.98
N GLY A 156 16.07 18.25 9.52
CA GLY A 156 15.53 18.07 10.85
C GLY A 156 16.09 19.06 11.84
N ALA A 157 15.35 20.11 12.13
CA ALA A 157 15.79 21.17 13.04
C ALA A 157 14.63 22.14 13.21
N GLU A 166 15.21 17.81 15.00
CA GLU A 166 15.80 17.06 16.10
C GLU A 166 16.67 15.92 15.56
N THR A 167 16.88 15.92 14.24
CA THR A 167 17.76 14.95 13.63
C THR A 167 19.22 15.28 13.95
N HIS A 168 20.02 14.24 14.07
CA HIS A 168 21.40 14.41 14.50
C HIS A 168 22.17 15.25 13.47
N PRO A 169 22.98 16.21 13.92
CA PRO A 169 23.69 17.07 12.96
C PRO A 169 24.63 16.32 12.03
N ALA A 170 25.28 15.27 12.51
CA ALA A 170 26.20 14.51 11.68
C ALA A 170 25.57 13.26 11.10
N LEU A 171 24.43 12.83 11.61
CA LEU A 171 23.77 11.63 11.12
C LEU A 171 22.96 11.88 9.85
N VAL A 172 22.76 13.14 9.48
CA VAL A 172 21.91 13.47 8.34
C VAL A 172 22.63 14.39 7.38
N ASP A 173 23.96 14.28 7.30
CA ASP A 173 24.73 15.17 6.45
C ASP A 173 24.38 15.06 4.97
N ASP A 174 23.75 13.96 4.55
CA ASP A 174 23.39 13.74 3.15
C ASP A 174 21.99 14.23 2.83
N CYS A 175 21.53 15.27 3.52
CA CYS A 175 20.15 15.72 3.44
C CYS A 175 20.13 17.19 3.05
N TYR A 176 19.83 17.48 1.79
CA TYR A 176 19.93 18.82 1.26
C TYR A 176 18.84 19.05 0.23
N VAL A 177 18.67 20.32 -0.14
CA VAL A 177 17.63 20.70 -1.10
C VAL A 177 18.24 21.71 -2.09
N LYS A 178 17.89 21.56 -3.36
CA LYS A 178 18.35 22.45 -4.41
C LYS A 178 17.16 22.86 -5.27
N ILE A 179 17.36 23.88 -6.10
CA ILE A 179 16.32 24.35 -6.98
C ILE A 179 16.86 24.45 -8.40
N PHE A 180 15.98 24.21 -9.37
CA PHE A 180 16.26 24.46 -10.77
C PHE A 180 15.05 25.14 -11.38
N THR A 181 15.29 26.07 -12.29
CA THR A 181 14.22 26.86 -12.88
C THR A 181 14.41 26.97 -14.38
N GLY A 182 13.29 26.91 -15.10
CA GLY A 182 13.28 27.23 -16.52
C GLY A 182 13.28 28.72 -16.81
N ASP A 183 13.15 29.54 -15.77
CA ASP A 183 13.29 30.98 -15.90
C ASP A 183 14.76 31.35 -15.82
N ASP A 184 15.35 31.70 -16.96
CA ASP A 184 16.78 31.95 -17.01
C ASP A 184 17.17 33.13 -16.13
N GLU A 185 16.37 34.19 -16.13
CA GLU A 185 16.74 35.38 -15.38
C GLU A 185 16.57 35.20 -13.88
N LEU A 186 15.70 34.29 -13.46
CA LEU A 186 15.50 34.07 -12.02
C LEU A 186 16.66 33.31 -11.40
N ALA A 187 17.15 32.28 -12.08
CA ALA A 187 18.22 31.46 -11.53
C ALA A 187 19.55 32.21 -11.47
N ASP A 188 19.64 33.37 -12.10
CA ASP A 188 20.90 34.09 -12.12
C ASP A 188 21.18 34.74 -10.76
N GLU A 189 20.16 35.31 -10.12
CA GLU A 189 20.41 36.01 -8.87
C GLU A 189 20.58 35.04 -7.71
N ILE A 190 19.81 33.94 -7.69
CA ILE A 190 19.74 33.06 -6.53
C ILE A 190 21.12 32.55 -6.18
N ASP A 191 21.38 32.43 -4.88
CA ASP A 191 22.65 31.91 -4.39
C ASP A 191 22.95 30.56 -5.02
N LYS A 192 24.10 30.47 -5.68
CA LYS A 192 24.36 29.31 -6.53
C LYS A 192 24.55 28.04 -5.72
N GLN A 193 24.66 28.15 -4.39
CA GLN A 193 24.77 26.95 -3.56
C GLN A 193 23.47 26.16 -3.53
N TYR A 194 22.35 26.75 -3.95
CA TYR A 194 21.06 26.09 -3.92
C TYR A 194 20.44 25.91 -5.30
N VAL A 195 21.17 26.19 -6.37
CA VAL A 195 20.60 26.23 -7.71
C VAL A 195 21.26 25.17 -8.58
N ILE A 196 20.44 24.40 -9.29
CA ILE A 196 20.90 23.56 -10.38
C ILE A 196 20.70 24.35 -11.67
N ASN A 197 21.79 24.68 -12.35
CA ASN A 197 21.74 25.58 -13.48
C ASN A 197 21.70 24.76 -14.76
N VAL A 198 20.54 24.76 -15.42
CA VAL A 198 20.38 23.97 -16.64
C VAL A 198 21.31 24.46 -17.74
N ASN A 199 21.67 25.74 -17.74
CA ASN A 199 22.43 26.30 -18.86
C ASN A 199 23.90 25.90 -18.82
N LYS A 200 24.42 25.50 -17.66
CA LYS A 200 25.83 25.11 -17.58
C LYS A 200 26.05 23.69 -17.11
N MET A 201 24.98 22.93 -16.84
CA MET A 201 25.14 21.50 -16.65
C MET A 201 24.85 20.71 -17.92
N PHE A 202 24.25 21.35 -18.91
CA PHE A 202 23.90 20.74 -20.19
C PHE A 202 24.57 21.52 -21.32
N SER A 203 24.44 21.00 -22.53
CA SER A 203 24.86 21.72 -23.71
C SER A 203 23.75 22.69 -24.13
N GLU A 204 24.03 23.51 -25.15
CA GLU A 204 23.08 24.54 -25.53
C GLU A 204 21.77 23.96 -26.04
N GLU A 205 21.82 22.94 -26.89
CA GLU A 205 20.60 22.38 -27.45
C GLU A 205 19.85 21.54 -26.41
N GLN A 206 20.60 20.78 -25.60
CA GLN A 206 19.95 20.02 -24.54
C GLN A 206 19.25 20.93 -23.54
N ALA A 207 19.95 21.98 -23.09
CA ALA A 207 19.35 22.93 -22.17
C ALA A 207 18.19 23.66 -22.82
N ALA A 208 18.28 23.91 -24.13
CA ALA A 208 17.17 24.54 -24.84
C ALA A 208 15.94 23.66 -24.78
N GLN A 209 16.09 22.36 -25.03
CA GLN A 209 14.93 21.47 -24.95
C GLN A 209 14.39 21.37 -23.53
N ILE A 210 15.29 21.31 -22.54
CA ILE A 210 14.84 21.25 -21.16
C ILE A 210 14.03 22.48 -20.79
N LYS A 211 14.54 23.67 -21.09
CA LYS A 211 13.82 24.89 -20.79
C LYS A 211 12.50 24.94 -21.54
N ALA A 212 12.50 24.53 -22.81
CA ALA A 212 11.27 24.51 -23.58
C ALA A 212 10.25 23.58 -22.99
N SER A 213 10.66 22.50 -22.35
CA SER A 213 9.71 21.53 -21.85
C SER A 213 9.21 21.87 -20.45
N ILE A 214 10.06 22.45 -19.61
CA ILE A 214 9.59 22.86 -18.28
C ILE A 214 9.01 24.25 -18.27
N GLY A 215 9.24 25.04 -19.31
CA GLY A 215 8.68 26.37 -19.34
C GLY A 215 9.41 27.31 -18.41
N LYS A 216 8.67 28.27 -17.86
CA LYS A 216 9.21 29.29 -16.97
C LYS A 216 9.03 28.91 -15.49
N THR A 217 9.05 27.62 -15.19
CA THR A 217 8.68 27.11 -13.89
C THR A 217 9.89 26.90 -12.98
N THR A 218 9.64 26.91 -11.68
CA THR A 218 10.67 26.75 -10.66
C THR A 218 10.37 25.50 -9.84
N TRP A 219 11.39 24.70 -9.57
CA TRP A 219 11.23 23.42 -8.89
C TRP A 219 12.29 23.25 -7.82
N GLN A 220 11.97 22.44 -6.82
CA GLN A 220 12.89 22.09 -5.76
C GLN A 220 13.26 20.62 -5.88
N ALA A 221 14.54 20.33 -5.69
CA ALA A 221 15.01 18.96 -5.58
C ALA A 221 15.27 18.66 -4.11
N ILE A 222 14.45 17.80 -3.52
CA ILE A 222 14.47 17.52 -2.09
C ILE A 222 15.04 16.14 -1.88
N HIS A 223 16.00 16.03 -0.96
CA HIS A 223 16.61 14.75 -0.61
C HIS A 223 16.59 14.62 0.91
N ILE A 224 15.73 13.73 1.41
CA ILE A 224 15.60 13.51 2.84
C ILE A 224 16.75 12.63 3.31
N PRO A 225 17.02 12.54 4.61
CA PRO A 225 18.17 11.76 5.06
C PRO A 225 18.05 10.30 4.65
N THR A 226 19.19 9.69 4.35
CA THR A 226 19.15 8.30 3.90
C THR A 226 18.76 7.34 5.01
N ILE A 227 19.15 7.63 6.25
CA ILE A 227 18.79 6.76 7.35
C ILE A 227 17.27 6.76 7.55
N VAL A 228 16.63 7.91 7.33
CA VAL A 228 15.19 7.97 7.43
C VAL A 228 14.53 7.11 6.36
N SER A 229 15.10 7.13 5.15
CA SER A 229 14.55 6.32 4.07
C SER A 229 14.74 4.84 4.36
N ARG A 230 15.87 4.46 4.95
CA ARG A 230 16.09 3.06 5.27
C ARG A 230 15.14 2.59 6.36
N THR A 231 14.99 3.38 7.42
CA THR A 231 14.15 2.97 8.54
C THR A 231 12.71 2.75 8.11
N THR A 232 12.12 3.75 7.47
CA THR A 232 10.75 3.66 6.98
C THR A 232 10.76 3.15 5.53
N ASP A 233 9.63 3.26 4.86
CA ASP A 233 9.57 2.87 3.46
C ASP A 233 9.81 4.10 2.58
N GLY A 234 9.57 3.92 1.27
CA GLY A 234 9.74 5.01 0.33
C GLY A 234 8.64 6.03 0.37
N ALA A 235 7.51 5.71 0.98
CA ALA A 235 6.39 6.65 1.07
C ALA A 235 6.56 7.69 2.16
N GLN A 236 7.61 7.55 2.98
CA GLN A 236 7.92 8.58 3.97
C GLN A 236 8.60 9.79 3.36
N THR A 237 9.18 9.65 2.16
CA THR A 237 9.92 10.75 1.56
C THR A 237 8.99 11.93 1.28
N SER A 238 7.83 11.65 0.68
CA SER A 238 6.92 12.72 0.33
C SER A 238 6.43 13.46 1.57
N ARG A 239 6.11 12.72 2.64
CA ARG A 239 5.62 13.36 3.85
C ARG A 239 6.71 14.14 4.58
N TRP A 240 7.93 13.60 4.64
CA TRP A 240 9.03 14.35 5.24
C TRP A 240 9.28 15.63 4.47
N ALA A 241 9.29 15.56 3.14
CA ALA A 241 9.50 16.74 2.34
C ALA A 241 8.38 17.74 2.52
N ALA A 242 7.14 17.28 2.57
CA ALA A 242 6.01 18.19 2.72
C ALA A 242 6.08 18.91 4.06
N MET A 243 6.40 18.18 5.13
CA MET A 243 6.48 18.80 6.44
C MET A 243 7.61 19.82 6.51
N GLN A 244 8.78 19.46 5.98
CA GLN A 244 9.88 20.42 5.99
C GLN A 244 9.60 21.64 5.11
N ILE A 245 8.91 21.44 3.99
CA ILE A 245 8.54 22.56 3.13
C ILE A 245 7.60 23.49 3.87
N GLY A 246 6.59 22.93 4.55
CA GLY A 246 5.67 23.77 5.30
C GLY A 246 6.37 24.53 6.41
N MET A 247 7.26 23.86 7.13
CA MET A 247 8.01 24.53 8.18
C MET A 247 8.85 25.67 7.61
N SER A 248 9.52 25.43 6.48
CA SER A 248 10.36 26.46 5.89
C SER A 248 9.54 27.64 5.39
N PHE A 249 8.39 27.37 4.78
CA PHE A 249 7.53 28.47 4.35
C PHE A 249 7.05 29.29 5.52
N ILE A 250 6.65 28.63 6.61
CA ILE A 250 6.13 29.37 7.76
C ILE A 250 7.24 30.16 8.44
N SER A 251 8.44 29.59 8.51
CA SER A 251 9.52 30.20 9.27
C SER A 251 10.39 31.13 8.45
N ALA A 252 10.21 31.18 7.13
CA ALA A 252 11.03 32.03 6.29
C ALA A 252 10.28 33.21 5.70
N TYR A 253 8.95 33.22 5.77
CA TYR A 253 8.16 34.30 5.20
C TYR A 253 7.36 35.04 6.26
N ALA A 254 7.68 34.84 7.53
CA ALA A 254 7.07 35.58 8.64
C ALA A 254 5.55 35.47 8.61
N MET A 255 5.09 34.22 8.60
CA MET A 255 3.67 33.90 8.53
C MET A 255 3.27 33.16 9.79
N CYS A 256 2.15 33.56 10.39
CA CYS A 256 1.67 32.89 11.58
C CYS A 256 1.11 31.53 11.23
N ALA A 257 1.38 30.54 12.08
CA ALA A 257 0.80 29.22 11.94
C ALA A 257 -0.46 29.15 12.77
N GLY A 258 -1.60 28.94 12.11
CA GLY A 258 -2.87 28.83 12.82
C GLY A 258 -4.03 29.49 12.10
N GLU A 259 -3.78 30.51 11.29
CA GLU A 259 -4.85 31.13 10.54
C GLU A 259 -5.27 30.23 9.38
N ALA A 260 -6.49 30.44 8.90
CA ALA A 260 -7.05 29.56 7.89
C ALA A 260 -6.43 29.83 6.52
N ALA A 261 -6.19 31.09 6.19
CA ALA A 261 -5.72 31.41 4.84
C ALA A 261 -4.35 30.81 4.56
N VAL A 262 -3.49 30.69 5.59
CA VAL A 262 -2.18 30.12 5.38
C VAL A 262 -2.25 28.63 5.07
N ALA A 263 -3.38 27.99 5.36
CA ALA A 263 -3.52 26.58 5.02
C ALA A 263 -3.55 26.37 3.51
N ASP A 264 -4.07 27.34 2.75
CA ASP A 264 -4.01 27.24 1.30
C ASP A 264 -2.57 27.19 0.81
N LEU A 265 -1.71 28.05 1.38
CA LEU A 265 -0.29 27.98 1.06
C LEU A 265 0.32 26.67 1.55
N SER A 266 -0.11 26.18 2.71
CA SER A 266 0.40 24.90 3.20
C SER A 266 0.11 23.79 2.21
N PHE A 267 -1.09 23.78 1.64
CA PHE A 267 -1.39 22.84 0.58
C PHE A 267 -0.51 23.08 -0.64
N ALA A 268 -0.41 24.34 -1.08
CA ALA A 268 0.26 24.63 -2.34
C ALA A 268 1.73 24.23 -2.30
N ALA A 269 2.40 24.52 -1.20
CA ALA A 269 3.82 24.20 -1.07
C ALA A 269 4.08 22.76 -0.66
N LYS A 270 3.11 22.07 -0.07
CA LYS A 270 3.33 20.72 0.42
C LYS A 270 3.14 19.67 -0.67
N MHS A 271 1.98 19.70 -1.31
CA MHS A 271 1.67 18.68 -2.28
C MHS A 271 0.54 19.06 -3.21
O MHS A 271 -0.60 18.61 -3.14
CB MHS A 271 1.26 17.33 -1.63
CG MHS A 271 0.56 17.53 -0.35
ND1 MHS A 271 0.87 16.89 0.86
CD2 MHS A 271 -0.54 18.37 -0.06
CE1 MHS A 271 -0.04 17.36 1.81
NE2 MHS A 271 -0.89 18.26 1.28
CM MHS A 271 1.90 15.94 1.11
N ALA A 272 0.89 19.93 -4.15
CA ALA A 272 -0.01 20.29 -5.23
C ALA A 272 0.71 20.08 -6.55
N ALA A 273 2.02 20.31 -6.52
CA ALA A 273 2.90 20.08 -7.65
C ALA A 273 4.07 19.21 -7.23
N LEU A 274 3.76 18.11 -6.55
CA LEU A 274 4.76 17.14 -6.10
C LEU A 274 4.80 15.99 -7.08
N VAL A 275 5.97 15.74 -7.66
CA VAL A 275 6.17 14.69 -8.65
C VAL A 275 6.95 13.57 -7.99
N SER A 276 6.33 12.40 -7.89
CA SER A 276 6.94 11.24 -7.25
C SER A 276 7.74 10.44 -8.27
N MET A 277 8.81 9.81 -7.80
CA MET A 277 9.58 8.93 -8.68
C MET A 277 8.70 7.81 -9.20
N GLY A 278 8.03 7.09 -8.29
CA GLY A 278 7.14 6.03 -8.66
C GLY A 278 5.74 6.29 -8.14
N GLU A 279 4.87 5.31 -8.36
CA GLU A 279 3.47 5.42 -7.98
C GLU A 279 3.03 4.14 -7.28
N MET A 280 1.71 4.03 -7.05
CA MET A 280 1.14 2.89 -6.36
C MET A 280 1.13 1.65 -7.23
N LEU A 281 1.13 0.50 -6.57
CA LEU A 281 1.06 -0.81 -7.20
C LEU A 281 -0.21 -1.53 -6.76
N PRO A 282 -0.68 -2.48 -7.58
CA PRO A 282 -1.86 -3.25 -7.20
C PRO A 282 -1.67 -4.13 -5.98
N ALA A 283 -2.66 -4.93 -5.62
CA ALA A 283 -2.59 -5.70 -4.39
C ALA A 283 -1.47 -6.72 -4.22
N ARG A 284 -1.26 -7.60 -5.18
CA ARG A 284 -0.27 -8.63 -4.97
C ARG A 284 1.07 -8.04 -4.64
N AGM A 285 1.36 -6.89 -5.22
CA AGM A 285 2.65 -6.32 -5.02
CB AGM A 285 3.31 -6.08 -6.36
CG AGM A 285 2.34 -5.78 -7.50
CD AGM A 285 3.11 -5.96 -8.80
CE2 AGM A 285 4.41 -5.18 -8.80
NE1 AGM A 285 2.33 -5.53 -9.92
CZ AGM A 285 1.34 -6.30 -10.33
NH1 AGM A 285 0.93 -7.31 -9.56
NH2 AGM A 285 0.75 -6.09 -11.51
C AGM A 285 2.45 -5.03 -4.37
O AGM A 285 3.17 -4.10 -4.69
N ALA A 286 1.50 -4.93 -3.46
CA ALA A 286 1.19 -3.63 -2.93
C ALA A 286 2.36 -2.91 -2.39
N ARG A 287 2.53 -1.68 -2.81
CA ARG A 287 3.62 -0.84 -2.35
C ARG A 287 3.14 0.58 -2.63
N GLY A 288 3.78 1.56 -2.04
CA GLY A 288 3.39 2.93 -2.28
C GLY A 288 4.34 3.64 -3.22
N PRO A 289 4.30 4.97 -3.23
CA PRO A 289 5.18 5.73 -4.11
C PRO A 289 6.64 5.60 -3.72
N ASN A 290 7.50 5.77 -4.72
CA ASN A 290 8.96 5.69 -4.55
C ASN A 290 9.40 4.27 -4.20
N GLU A 291 8.95 3.31 -4.99
CA GLU A 291 9.44 1.94 -4.98
C GLU A 291 9.69 1.52 -6.41
N PRO A 292 10.61 0.59 -6.65
CA PRO A 292 11.05 0.31 -8.02
C PRO A 292 9.95 -0.21 -8.91
N GLY A 293 8.86 -0.75 -8.36
CA GLY A 293 7.79 -1.23 -9.21
C GLY A 293 7.03 -0.14 -9.92
N GLY A 294 7.06 1.07 -9.39
CA GLY A 294 6.34 2.17 -9.99
C GLY A 294 7.24 3.12 -10.76
N LEU A 295 8.55 2.88 -10.70
CA LEU A 295 9.52 3.71 -11.41
C LEU A 295 9.48 3.35 -12.89
N SER A 296 9.08 4.30 -13.72
CA SER A 296 8.94 4.07 -15.16
C SER A 296 10.26 3.68 -15.77
N PHE A 297 10.24 3.26 -17.04
CA PHE A 297 11.49 3.11 -17.77
C PHE A 297 12.06 4.46 -18.17
N GLY A 298 11.20 5.42 -18.49
CA GLY A 298 11.67 6.76 -18.77
C GLY A 298 12.27 7.44 -17.55
N HIS A 299 11.69 7.22 -16.38
CA HIS A 299 12.23 7.82 -15.17
C HIS A 299 13.62 7.27 -14.85
N LEU A 300 13.81 5.97 -15.03
CA LEU A 300 15.15 5.43 -14.85
C LEU A 300 16.11 5.92 -15.93
N SER A 301 15.60 6.12 -17.15
CA SER A 301 16.44 6.68 -18.21
C SER A 301 16.89 8.09 -17.85
N ASP A 302 16.03 8.84 -17.16
CA ASP A 302 16.34 10.21 -16.78
C ASP A 302 17.21 10.31 -15.53
N ILE A 303 17.05 9.39 -14.59
CA ILE A 303 17.89 9.41 -13.40
C ILE A 303 19.34 9.19 -13.78
N VAL A 304 19.59 8.48 -14.87
CA VAL A 304 20.95 8.24 -15.36
C VAL A 304 21.38 9.45 -16.18
N GLN A 305 22.41 10.14 -15.72
CA GLN A 305 22.89 11.36 -16.34
C GLN A 305 23.89 11.10 -17.45
N THR A 306 23.88 9.90 -18.04
CA THR A 306 24.83 9.62 -19.10
C THR A 306 24.54 10.44 -20.35
N SER A 307 23.27 10.74 -20.60
CA SER A 307 22.92 11.58 -21.74
C SER A 307 23.49 12.98 -21.61
N ARG A 308 23.48 13.53 -20.40
CA ARG A 308 23.93 14.89 -20.16
C ARG A 308 25.43 15.05 -20.41
N VAL A 309 26.20 13.99 -20.24
CA VAL A 309 27.66 14.12 -20.21
C VAL A 309 28.32 13.29 -21.32
N SER A 310 27.58 12.86 -22.33
CA SER A 310 28.21 12.09 -23.39
C SER A 310 27.38 12.21 -24.67
N LYS A 311 28.09 12.16 -25.80
CA LYS A 311 27.46 12.26 -27.11
C LYS A 311 27.27 10.92 -27.79
N ASP A 312 27.86 9.84 -27.26
CA ASP A 312 27.75 8.53 -27.86
C ASP A 312 26.40 7.92 -27.51
N PRO A 313 25.55 7.60 -28.49
CA PRO A 313 24.24 7.03 -28.16
C PRO A 313 24.31 5.60 -27.65
N ALA A 314 25.18 4.78 -28.23
CA ALA A 314 25.31 3.40 -27.79
C ALA A 314 25.78 3.32 -26.34
N LYS A 315 26.76 4.13 -25.98
CA LYS A 315 27.22 4.13 -24.60
C LYS A 315 26.11 4.55 -23.65
N ILE A 316 25.31 5.54 -24.04
CA ILE A 316 24.21 6.00 -23.18
C ILE A 316 23.19 4.89 -22.98
N ALA A 317 22.78 4.24 -24.06
CA ALA A 317 21.82 3.15 -23.96
C ALA A 317 22.37 2.01 -23.11
N LEU A 318 23.65 1.68 -23.29
CA LEU A 318 24.21 0.56 -22.54
C LEU A 318 24.34 0.89 -21.06
N GLU A 319 24.73 2.12 -20.73
CA GLU A 319 24.82 2.49 -19.33
C GLU A 319 23.46 2.45 -18.66
N VAL A 320 22.42 2.92 -19.37
CA VAL A 320 21.08 2.81 -18.84
C VAL A 320 20.69 1.35 -18.66
N VAL A 321 21.09 0.48 -19.60
CA VAL A 321 20.76 -0.93 -19.47
C VAL A 321 21.41 -1.52 -18.23
N GLY A 322 22.67 -1.22 -17.99
CA GLY A 322 23.37 -1.76 -16.85
C GLY A 322 22.71 -1.39 -15.54
N ALA A 323 22.50 -0.10 -15.34
CA ALA A 323 21.87 0.36 -14.11
C ALA A 323 20.50 -0.22 -13.98
N GLY A 324 19.78 -0.26 -15.09
CA GLY A 324 18.42 -0.74 -15.06
C GLY A 324 18.31 -2.17 -14.61
N CYS A 325 19.19 -3.03 -15.12
CA CYS A 325 19.10 -4.44 -14.78
C CYS A 325 19.32 -4.55 -13.31
N MET A 326 20.29 -3.82 -12.82
CA MET A 326 20.60 -3.90 -11.43
C MET A 326 19.47 -3.46 -10.52
N LEU A 327 18.85 -2.32 -10.83
CA LEU A 327 17.73 -1.84 -10.04
C LEU A 327 16.51 -2.70 -10.14
N TYR A 328 16.21 -3.16 -11.34
CA TYR A 328 14.97 -3.91 -11.52
C TYR A 328 15.09 -5.41 -11.32
N ASP A 329 16.29 -5.95 -11.46
CA ASP A 329 16.47 -7.37 -11.22
C ASP A 329 17.04 -7.66 -9.84
N GLN A 330 18.19 -7.07 -9.51
CA GLN A 330 18.83 -7.41 -8.24
C GLN A 330 18.06 -6.81 -7.07
N ILE A 331 17.57 -5.58 -7.20
CA ILE A 331 16.85 -5.02 -6.06
C ILE A 331 15.39 -5.38 -6.19
N TRP A 332 14.71 -4.88 -7.23
CA TRP A 332 13.26 -5.02 -7.29
C TRP A 332 12.84 -6.48 -7.31
N LEU A 333 13.11 -7.19 -8.39
CA LEU A 333 12.67 -8.58 -8.48
C LEU A 333 13.55 -9.51 -7.65
N GLY A 334 14.82 -9.18 -7.49
CA GLY A 334 15.70 -10.05 -6.73
C GLY A 334 15.45 -10.05 -5.25
N SER A 335 14.97 -8.94 -4.69
CA SER A 335 14.76 -8.83 -3.26
C SER A 335 13.30 -8.61 -2.91
N TYR A 336 12.64 -7.57 -3.43
CA TYR A 336 11.30 -7.28 -2.96
C TYR A 336 10.34 -8.41 -3.33
N MET A 337 10.20 -8.68 -4.63
CA MET A 337 9.23 -9.68 -5.05
C MET A 337 9.70 -11.09 -4.72
N SER A 338 11.01 -11.32 -4.67
CA SER A 338 11.51 -12.67 -4.50
C SER A 338 12.31 -12.86 -3.22
N GLY A 339 13.39 -12.11 -3.02
CA GLY A 339 14.30 -12.42 -1.94
C GLY A 339 15.13 -13.66 -2.23
N GLY A 340 15.80 -14.15 -1.19
CA GLY A 340 16.59 -15.35 -1.32
C GLY A 340 18.07 -15.12 -1.52
N VAL A 341 18.73 -16.02 -2.26
CA VAL A 341 20.13 -15.80 -2.61
C VAL A 341 20.28 -14.51 -3.40
N GLY A 342 19.46 -14.35 -4.44
CA GLY A 342 19.45 -13.14 -5.23
C GLY A 342 19.40 -13.47 -6.70
N PHE A 343 19.38 -12.42 -7.51
CA PHE A 343 19.40 -12.53 -8.97
C PHE A 343 20.58 -11.79 -9.56
N THR A 344 21.73 -11.81 -8.88
CA THR A 344 22.85 -10.99 -9.32
C THR A 344 23.36 -11.42 -10.69
N GLN A 345 23.22 -12.69 -11.05
CA GLN A 345 23.84 -13.16 -12.29
C GLN A 345 22.88 -13.11 -13.47
N TYR A 346 21.58 -12.92 -13.23
CA TYR A 346 20.70 -12.50 -14.31
C TYR A 346 20.98 -11.08 -14.73
N ALA A 347 21.61 -10.31 -13.85
CA ALA A 347 21.84 -8.88 -14.05
C ALA A 347 23.25 -8.57 -14.50
N THR A 348 24.25 -9.28 -13.97
CA THR A 348 25.62 -9.03 -14.38
C THR A 348 25.85 -9.34 -15.84
N ALA A 349 24.96 -10.10 -16.47
CA ALA A 349 25.09 -10.36 -17.89
C ALA A 349 25.08 -9.08 -18.70
N ALA A 350 24.19 -8.15 -18.35
CA ALA A 350 24.02 -6.94 -19.15
C ALA A 350 24.92 -5.80 -18.73
N TYR A 351 25.76 -5.97 -17.72
CA TYR A 351 26.74 -4.93 -17.44
C TYR A 351 28.10 -5.50 -17.07
N THR A 352 28.40 -6.73 -17.51
CA THR A 352 29.72 -7.29 -17.30
C THR A 352 30.15 -8.07 -18.55
N ASP A 353 31.44 -8.04 -18.83
CA ASP A 353 32.15 -8.85 -19.82
C ASP A 353 31.97 -8.37 -21.25
N ASP A 354 31.24 -7.28 -21.49
CA ASP A 354 31.24 -6.58 -22.76
C ASP A 354 30.64 -7.38 -23.91
N ILE A 355 29.92 -8.47 -23.64
CA ILE A 355 29.22 -9.15 -24.72
C ILE A 355 28.12 -8.25 -25.27
N LEU A 356 27.34 -7.63 -24.38
CA LEU A 356 26.30 -6.72 -24.82
C LEU A 356 26.88 -5.52 -25.55
N ASP A 357 27.97 -4.96 -25.03
CA ASP A 357 28.63 -3.84 -25.71
C ASP A 357 29.14 -4.25 -27.08
N ASN A 358 29.76 -5.42 -27.18
CA ASN A 358 30.28 -5.86 -28.47
C ASN A 358 29.14 -6.03 -29.48
N ASN A 359 28.07 -6.69 -29.07
CA ASN A 359 26.93 -6.87 -29.97
C ASN A 359 26.35 -5.52 -30.39
N THR A 360 26.17 -4.61 -29.44
CA THR A 360 25.52 -3.34 -29.76
C THR A 360 26.40 -2.46 -30.65
N TYR A 361 27.71 -2.46 -30.43
CA TYR A 361 28.58 -1.69 -31.29
C TYR A 361 28.64 -2.29 -32.69
N TYR A 362 28.60 -3.62 -32.79
CA TYR A 362 28.51 -4.23 -34.12
C TYR A 362 27.23 -3.80 -34.81
N ASP A 363 26.12 -3.74 -34.06
CA ASP A 363 24.85 -3.32 -34.66
C ASP A 363 24.90 -1.86 -35.10
N VAL A 364 25.58 -1.02 -34.31
CA VAL A 364 25.75 0.37 -34.72
C VAL A 364 26.51 0.45 -36.04
N ASP A 365 27.60 -0.31 -36.15
CA ASP A 365 28.34 -0.34 -37.41
C ASP A 365 27.46 -0.81 -38.56
N TYR A 366 26.69 -1.88 -38.33
CA TYR A 366 25.86 -2.44 -39.39
C TYR A 366 24.80 -1.43 -39.85
N ILE A 367 24.15 -0.75 -38.90
CA ILE A 367 23.10 0.20 -39.27
C ILE A 367 23.71 1.38 -40.01
N ASN A 368 24.82 1.92 -39.50
CA ASN A 368 25.45 3.05 -40.19
C ASN A 368 25.92 2.67 -41.58
N ASP A 369 26.25 1.39 -41.78
CA ASP A 369 26.70 0.97 -43.10
C ASP A 369 25.54 0.75 -44.05
N LYS A 370 24.39 0.29 -43.54
CA LYS A 370 23.27 -0.02 -44.41
C LYS A 370 22.32 1.17 -44.58
N TYR A 371 22.12 1.97 -43.54
CA TYR A 371 21.16 3.06 -43.56
C TYR A 371 21.82 4.44 -43.52
N ASN A 372 23.01 4.55 -44.10
CA ASN A 372 23.73 5.83 -44.19
C ASN A 372 23.87 6.50 -42.83
N GLY A 373 24.52 5.79 -41.92
CA GLY A 373 24.78 6.36 -40.60
C GLY A 373 23.54 6.71 -39.82
N ALA A 374 22.44 5.96 -40.02
CA ALA A 374 21.21 6.22 -39.28
C ALA A 374 21.40 6.09 -37.79
N ALA A 375 22.40 5.34 -37.32
CA ALA A 375 22.64 5.17 -35.90
C ALA A 375 23.51 6.27 -35.32
N ASN A 376 23.90 7.26 -36.12
CA ASN A 376 24.62 8.40 -35.61
C ASN A 376 23.63 9.42 -35.03
N LEU A 377 24.17 10.32 -34.22
CA LEU A 377 23.33 11.30 -33.56
C LEU A 377 22.67 12.22 -34.59
N GLY A 378 21.45 12.63 -34.30
CA GLY A 378 20.67 13.42 -35.22
C GLY A 378 19.22 13.04 -35.12
N THR A 379 18.39 13.73 -35.90
CA THR A 379 16.96 13.47 -35.85
C THR A 379 16.35 13.31 -37.23
N ASP A 380 17.06 13.75 -38.27
CA ASP A 380 16.57 13.65 -39.63
C ASP A 380 17.07 12.41 -40.35
N ASN A 381 18.27 11.94 -40.04
CA ASN A 381 18.80 10.74 -40.67
C ASN A 381 18.06 9.49 -40.27
N LYS A 382 17.35 9.51 -39.14
CA LYS A 382 16.73 8.31 -38.62
C LYS A 382 15.73 7.73 -39.60
N VAL A 383 15.80 6.43 -39.79
CA VAL A 383 14.91 5.72 -40.69
C VAL A 383 13.56 5.56 -40.02
N LYS A 384 12.50 5.68 -40.81
CA LYS A 384 11.16 5.48 -40.26
C LYS A 384 10.99 4.03 -39.86
N ALA A 385 10.29 3.83 -38.75
CA ALA A 385 10.17 2.51 -38.14
C ALA A 385 9.12 1.70 -38.91
N THR A 386 9.56 0.62 -39.54
CA THR A 386 8.70 -0.31 -40.24
C THR A 386 9.06 -1.72 -39.83
N LEU A 387 8.22 -2.68 -40.23
CA LEU A 387 8.53 -4.07 -39.93
C LEU A 387 9.80 -4.53 -40.65
N ASP A 388 10.03 -4.04 -41.87
CA ASP A 388 11.22 -4.46 -42.60
C ASP A 388 12.49 -4.05 -41.89
N VAL A 389 12.55 -2.80 -41.43
CA VAL A 389 13.74 -2.31 -40.73
C VAL A 389 13.98 -3.09 -39.46
N VAL A 390 12.92 -3.31 -38.68
CA VAL A 390 13.04 -4.04 -37.42
C VAL A 390 13.51 -5.46 -37.69
N LYS A 391 12.86 -6.15 -38.63
CA LYS A 391 13.25 -7.51 -38.98
C LYS A 391 14.72 -7.56 -39.37
N ASP A 392 15.12 -6.67 -40.26
CA ASP A 392 16.50 -6.64 -40.75
C ASP A 392 17.48 -6.47 -39.60
N ILE A 393 17.36 -5.36 -38.85
CA ILE A 393 18.34 -5.05 -37.82
C ILE A 393 18.34 -6.12 -36.74
N ALA A 394 17.17 -6.48 -36.23
CA ALA A 394 17.13 -7.43 -35.14
C ALA A 394 17.69 -8.78 -35.51
N THR A 395 17.29 -9.30 -36.67
CA THR A 395 17.74 -10.62 -37.05
C THR A 395 19.24 -10.66 -37.20
N GLU A 396 19.81 -9.65 -37.87
CA GLU A 396 21.25 -9.63 -38.07
C GLU A 396 21.95 -9.53 -36.75
N SER A 397 21.41 -8.73 -35.85
CA SER A 397 22.00 -8.59 -34.52
C SER A 397 21.98 -9.92 -33.82
N THR A 398 20.82 -10.55 -33.78
CA THR A 398 20.68 -11.82 -33.10
C THR A 398 21.56 -12.89 -33.73
N LEU A 399 21.62 -12.92 -35.05
CA LEU A 399 22.45 -13.92 -35.72
C LEU A 399 23.91 -13.71 -35.37
N TYR A 400 24.36 -12.45 -35.32
CA TYR A 400 25.74 -12.20 -34.94
C TYR A 400 26.01 -12.59 -33.50
N GLY A 401 25.10 -12.27 -32.59
CA GLY A 401 25.32 -12.65 -31.20
C GLY A 401 25.37 -14.15 -31.01
N ILE A 402 24.49 -14.87 -31.72
CA ILE A 402 24.50 -16.32 -31.67
C ILE A 402 25.80 -16.86 -32.25
N GLU A 403 26.27 -16.26 -33.36
CA GLU A 403 27.52 -16.72 -33.93
C GLU A 403 28.69 -16.47 -32.99
N THR A 404 28.61 -15.41 -32.19
CA THR A 404 29.68 -15.13 -31.24
C THR A 404 29.67 -16.11 -30.08
N TYR A 405 28.49 -16.41 -29.52
CA TYR A 405 28.41 -17.46 -28.52
C TYR A 405 28.87 -18.81 -29.07
N GLU A 406 28.51 -19.12 -30.31
CA GLU A 406 28.91 -20.41 -30.87
C GLU A 406 30.37 -20.42 -31.34
N LYS A 407 31.00 -19.25 -31.46
CA LYS A 407 32.38 -19.15 -31.88
C LYS A 407 33.34 -19.00 -30.72
N PHE A 408 32.89 -18.45 -29.60
CA PHE A 408 33.68 -18.33 -28.38
C PHE A 408 32.97 -19.16 -27.31
N PRO A 409 33.41 -20.40 -27.08
CA PRO A 409 32.75 -21.23 -26.06
C PRO A 409 32.81 -20.60 -24.68
N THR A 410 33.83 -19.81 -24.39
CA THR A 410 33.90 -19.15 -23.08
C THR A 410 32.79 -18.14 -22.90
N ALA A 411 32.39 -17.45 -23.96
CA ALA A 411 31.27 -16.51 -23.84
C ALA A 411 29.97 -17.27 -23.57
N LEU A 412 29.85 -18.49 -24.08
CA LEU A 412 28.69 -19.31 -23.80
C LEU A 412 28.69 -19.81 -22.37
N GLU A 413 29.83 -20.31 -21.90
CA GLU A 413 29.96 -20.75 -20.51
C GLU A 413 29.76 -19.60 -19.52
N ASP A 414 30.22 -18.40 -19.86
CA ASP A 414 30.06 -17.23 -19.01
C ASP A 414 28.59 -16.95 -18.73
N HIS A 415 27.79 -16.85 -19.79
CA HIS A 415 26.35 -16.77 -19.65
C HIS A 415 25.76 -18.18 -19.73
N PHE A 416 26.08 -18.96 -18.70
CA PHE A 416 25.77 -20.38 -18.70
C PHE A 416 24.27 -20.62 -18.76
N GLY A 417 23.50 -19.86 -18.00
CA GLY A 417 22.06 -19.97 -18.06
C GLY A 417 21.54 -19.26 -19.29
N GLY A 418 20.57 -19.88 -19.94
CA GLY A 418 20.09 -19.34 -21.20
C GLY A 418 19.46 -17.98 -21.07
N SER A 419 18.97 -17.65 -19.88
CA SER A 419 18.32 -16.36 -19.69
C SER A 419 19.30 -15.21 -19.91
N GLN A 420 20.53 -15.34 -19.41
CA GLN A 420 21.52 -14.30 -19.61
C GLN A 420 21.80 -14.08 -21.09
N ARG A 421 21.99 -15.17 -21.84
CA ARG A 421 22.26 -15.05 -23.26
C ARG A 421 21.10 -14.41 -23.99
N ALA A 422 19.87 -14.84 -23.68
CA ALA A 422 18.70 -14.29 -24.33
C ALA A 422 18.57 -12.80 -24.03
N THR A 423 18.80 -12.41 -22.77
CA THR A 423 18.74 -10.99 -22.42
C THR A 423 19.78 -10.19 -23.17
N VAL A 424 21.01 -10.70 -23.28
CA VAL A 424 22.06 -9.94 -23.96
C VAL A 424 21.69 -9.75 -25.43
N LEU A 425 21.28 -10.83 -26.10
CA LEU A 425 20.92 -10.73 -27.51
C LEU A 425 19.75 -9.79 -27.71
N ALA A 426 18.70 -9.93 -26.91
CA ALA A 426 17.52 -9.10 -27.11
C ALA A 426 17.79 -7.65 -26.79
N ALA A 427 18.59 -7.38 -25.75
CA ALA A 427 18.93 -6.00 -25.45
C ALA A 427 19.70 -5.38 -26.60
N ALA A 428 20.68 -6.09 -27.16
CA ALA A 428 21.43 -5.54 -28.27
C ALA A 428 20.52 -5.26 -29.45
N SER A 429 19.63 -6.19 -29.78
CA SER A 429 18.76 -6.00 -30.93
C SER A 429 17.81 -4.84 -30.73
N GLY A 430 17.19 -4.74 -29.56
CA GLY A 430 16.26 -3.65 -29.31
C GLY A 430 16.94 -2.30 -29.27
N VAL A 431 18.11 -2.22 -28.63
CA VAL A 431 18.85 -0.96 -28.61
C VAL A 431 19.23 -0.55 -30.03
N ALA A 432 19.69 -1.51 -30.84
CA ALA A 432 20.04 -1.18 -32.22
C ALA A 432 18.83 -0.68 -33.00
N CYS A 433 17.68 -1.33 -32.84
CA CYS A 433 16.50 -0.93 -33.59
C CYS A 433 16.01 0.46 -33.17
N ALA A 434 16.03 0.74 -31.87
CA ALA A 434 15.61 2.06 -31.40
C ALA A 434 16.60 3.14 -31.80
N LEU A 435 17.89 2.81 -31.85
CA LEU A 435 18.86 3.76 -32.37
C LEU A 435 18.61 4.07 -33.83
N ALA A 436 18.46 3.04 -34.65
CA ALA A 436 18.27 3.27 -36.08
C ALA A 436 16.98 4.02 -36.36
N THR A 437 15.90 3.68 -35.67
CA THR A 437 14.59 4.23 -35.99
C THR A 437 14.17 5.40 -35.12
N GLY A 438 14.81 5.62 -33.98
CA GLY A 438 14.35 6.66 -33.09
C GLY A 438 12.99 6.40 -32.49
N ASN A 439 12.57 5.14 -32.43
CA ASN A 439 11.28 4.74 -31.89
C ASN A 439 11.50 3.67 -30.83
N ALA A 440 11.09 3.95 -29.60
CA ALA A 440 11.32 3.01 -28.51
C ALA A 440 10.57 1.70 -28.74
N ASN A 441 9.33 1.77 -29.22
CA ASN A 441 8.59 0.56 -29.50
C ASN A 441 9.22 -0.23 -30.65
N ALA A 442 9.92 0.44 -31.55
CA ALA A 442 10.71 -0.28 -32.54
C ALA A 442 11.79 -1.11 -31.88
N GLY A 443 12.45 -0.54 -30.88
CA GLY A 443 13.41 -1.31 -30.10
C GLY A 443 12.77 -2.47 -29.38
N LEU A 444 11.56 -2.27 -28.86
CA LEU A 444 10.85 -3.36 -28.20
C LEU A 444 10.58 -4.51 -29.17
N SER A 445 10.04 -4.19 -30.36
CA SER A 445 9.72 -5.23 -31.33
C SER A 445 10.99 -5.94 -31.80
N GLY A 446 12.08 -5.19 -31.95
CA GLY A 446 13.35 -5.85 -32.26
C GLY A 446 13.80 -6.78 -31.15
N TRP A 447 13.58 -6.38 -29.90
CA TRP A 447 13.89 -7.24 -28.77
C TRP A 447 13.15 -8.57 -28.87
N TYR A 448 11.85 -8.51 -29.14
CA TYR A 448 11.06 -9.73 -29.18
C TYR A 448 11.42 -10.58 -30.39
N LEU A 449 11.71 -9.96 -31.53
CA LEU A 449 12.17 -10.74 -32.68
C LEU A 449 13.50 -11.43 -32.36
N SER A 450 14.38 -10.76 -31.63
CA SER A 450 15.63 -11.38 -31.22
C SER A 450 15.38 -12.59 -30.34
N MET A 451 14.42 -12.48 -29.42
CA MET A 451 14.06 -13.63 -28.60
C MET A 451 13.57 -14.80 -29.46
N TYR A 452 12.73 -14.50 -30.46
CA TYR A 452 12.23 -15.57 -31.32
C TYR A 452 13.35 -16.23 -32.12
N VAL A 453 14.26 -15.43 -32.66
CA VAL A 453 15.39 -16.00 -33.41
C VAL A 453 16.26 -16.86 -32.50
N HIS A 454 16.53 -16.37 -31.28
CA HIS A 454 17.29 -17.15 -30.31
C HIS A 454 16.63 -18.50 -30.06
N LYS A 455 15.33 -18.49 -29.76
CA LYS A 455 14.61 -19.72 -29.47
C LYS A 455 14.68 -20.69 -30.63
N GLU A 456 14.39 -20.22 -31.84
CA GLU A 456 14.38 -21.13 -32.96
C GLU A 456 15.75 -21.61 -33.38
N ALA A 457 16.80 -20.83 -33.09
CA ALA A 457 18.14 -21.23 -33.45
C ALA A 457 18.74 -22.25 -32.50
N TRP A 458 18.52 -22.09 -31.19
CA TRP A 458 19.20 -22.95 -30.23
C TRP A 458 18.29 -24.00 -29.61
N GLY A 459 16.99 -23.96 -29.86
CA GLY A 459 16.12 -24.93 -29.24
C GLY A 459 15.90 -24.72 -27.76
N ARG A 460 16.34 -23.59 -27.23
CA ARG A 460 16.12 -23.27 -25.83
C ARG A 460 16.23 -21.76 -25.64
N LEU A 461 15.30 -21.15 -24.92
CA LEU A 461 15.33 -19.70 -24.72
C LEU A 461 15.87 -19.30 -23.34
N GLY A 462 15.21 -19.74 -22.29
CA GLY A 462 15.55 -19.23 -20.98
C GLY A 462 14.89 -20.03 -19.89
N PHE A 463 14.91 -19.49 -18.67
CA PHE A 463 14.29 -20.19 -17.51
C PHE A 463 12.84 -20.54 -17.84
N PHE A 464 12.14 -21.17 -16.91
CA PHE A 464 10.79 -21.69 -17.22
C PHE A 464 9.88 -20.56 -17.68
N GLY A 465 9.95 -19.41 -17.03
CA GLY A 465 9.03 -18.31 -17.36
C GLY A 465 9.76 -17.05 -17.71
N PHE A 466 10.63 -17.11 -18.72
CA PHE A 466 11.35 -15.93 -19.19
C PHE A 466 10.66 -15.54 -20.47
N ASP A 467 9.95 -16.50 -21.04
CA ASP A 467 9.30 -16.26 -22.31
C ASP A 467 7.90 -15.68 -22.15
N LEU A 468 7.44 -15.41 -20.92
CA LEU A 468 6.10 -14.90 -20.73
C LEU A 468 5.93 -13.55 -21.42
N GLN A 469 6.72 -12.57 -21.02
CA GLN A 469 6.63 -11.25 -21.63
C GLN A 469 7.26 -11.21 -23.01
N ASP A 470 7.91 -12.29 -23.45
CA ASP A 470 8.48 -12.35 -24.78
C ASP A 470 7.58 -13.08 -25.77
N GLN A 471 6.65 -13.89 -25.29
CA GLN A 471 5.61 -14.43 -26.14
C GLN A 471 4.53 -13.38 -26.24
N SMC A 472 4.32 -12.67 -25.14
CA SMC A 472 3.36 -11.59 -25.11
CB SMC A 472 2.84 -11.21 -23.71
SG SMC A 472 1.75 -12.46 -23.14
CS SMC A 472 2.36 -12.62 -21.52
C SMC A 472 3.99 -10.34 -25.66
O SMC A 472 3.38 -9.30 -25.90
N GLY A 473 5.29 -10.44 -25.86
CA GLY A 473 6.07 -9.30 -26.28
C GLY A 473 5.69 -8.72 -27.61
N ALA A 474 5.78 -9.54 -28.66
CA ALA A 474 5.65 -9.02 -30.02
C ALA A 474 4.29 -8.39 -30.25
N THR A 475 3.22 -9.05 -29.80
CA THR A 475 1.88 -8.60 -30.13
C THR A 475 1.48 -7.32 -29.39
N ASN A 476 2.01 -7.11 -28.18
CA ASN A 476 1.60 -5.97 -27.37
C ASN A 476 2.40 -4.72 -27.64
N VAL A 477 3.45 -4.79 -28.47
CA VAL A 477 4.32 -3.63 -28.66
C VAL A 477 3.56 -2.48 -29.30
N LEU A 478 2.69 -2.79 -30.26
CA LEU A 478 2.01 -1.77 -31.05
C LEU A 478 0.52 -1.70 -30.77
N SER A 479 0.02 -2.41 -29.76
CA SER A 479 -1.41 -2.35 -29.50
C SER A 479 -1.76 -1.05 -28.81
N TYR A 480 -3.01 -0.65 -29.02
CA TYR A 480 -3.49 0.56 -28.42
C TYR A 480 -4.67 0.18 -27.59
N GLN A 481 -4.75 -1.07 -27.11
CA GLN A 481 -5.84 -1.46 -26.23
C GLN A 481 -5.53 -0.94 -24.85
N GLY A 482 -6.46 -1.07 -23.94
CA GLY A 482 -6.24 -0.44 -22.66
C GLY A 482 -5.12 -0.86 -21.78
N ASP A 483 -4.96 -2.15 -21.56
CA ASP A 483 -3.93 -2.58 -20.63
C ASP A 483 -2.76 -3.09 -21.40
N GLU A 484 -2.82 -2.94 -22.70
CA GLU A 484 -1.75 -3.37 -23.52
C GLU A 484 -1.31 -2.16 -24.28
N GLY A 485 -0.05 -1.78 -24.16
CA GLY A 485 0.42 -0.69 -24.95
C GLY A 485 0.61 0.62 -24.28
N LEU A 486 1.83 1.12 -24.33
CA LEU A 486 2.14 2.39 -23.76
C LEU A 486 3.44 2.60 -24.47
N PRO A 487 3.87 3.85 -24.60
CA PRO A 487 5.18 3.98 -25.18
C PRO A 487 6.12 3.45 -24.18
N ASP A 488 7.24 2.94 -24.59
CA ASP A 488 8.13 2.32 -23.65
C ASP A 488 8.55 3.32 -22.63
N GLU A 489 8.80 4.55 -23.02
CA GLU A 489 9.32 5.49 -22.06
C GLU A 489 8.46 5.53 -20.83
N LEU A 490 7.18 5.28 -21.00
CA LEU A 490 6.27 5.29 -19.87
C LEU A 490 6.21 3.97 -19.13
N ARG A 491 6.50 2.86 -19.79
CA ARG A 491 6.33 1.55 -19.20
C ARG A 491 7.23 1.41 -17.97
N GLY A 492 6.98 0.35 -17.21
CA GLY A 492 7.75 0.08 -16.02
C GLY A 492 7.50 -1.29 -15.47
N PRO A 493 8.08 -1.58 -14.30
CA PRO A 493 7.88 -2.90 -13.69
C PRO A 493 6.43 -3.21 -13.36
N ASN A 494 5.58 -2.21 -13.20
CA ASN A 494 4.17 -2.44 -12.93
C ASN A 494 3.37 -2.71 -14.20
N TYR A 495 4.00 -2.62 -15.36
CA TYR A 495 3.31 -2.99 -16.58
C TYR A 495 2.86 -4.45 -16.49
N PRO A 496 1.68 -4.79 -16.99
CA PRO A 496 1.14 -6.12 -16.73
C PRO A 496 2.03 -7.27 -17.16
N ASN A 497 2.70 -7.15 -18.31
CA ASN A 497 3.59 -8.23 -18.74
C ASN A 497 4.88 -8.26 -17.95
N TYR A 498 5.37 -7.10 -17.54
CA TYR A 498 6.73 -6.98 -17.01
C TYR A 498 6.78 -7.15 -15.50
N ALA A 499 5.65 -7.39 -14.85
CA ALA A 499 5.56 -7.22 -13.41
C ALA A 499 6.34 -8.26 -12.62
N MET A 500 6.70 -9.39 -13.22
CA MET A 500 7.13 -10.52 -12.40
C MET A 500 8.26 -11.35 -13.00
N ASN A 501 9.01 -10.82 -13.98
CA ASN A 501 10.03 -11.62 -14.64
C ASN A 501 11.33 -10.83 -14.75
N VAL A 502 12.44 -11.55 -14.73
CA VAL A 502 13.75 -10.95 -14.66
C VAL A 502 14.40 -10.99 -16.04
N GLY A 503 15.53 -10.31 -16.17
CA GLY A 503 16.28 -10.32 -17.40
C GLY A 503 15.72 -9.45 -18.50
N HIS A 504 14.63 -8.72 -18.25
CA HIS A 504 14.01 -7.88 -19.26
C HIS A 504 14.03 -6.41 -18.89
N GLN A 505 13.56 -6.06 -17.69
CA GLN A 505 13.26 -4.67 -17.38
C GLN A 505 14.50 -3.80 -17.43
N GLY A 506 15.67 -4.36 -17.15
CA GLY A 506 16.89 -3.59 -17.32
C GLY A 506 17.12 -3.19 -18.76
N GLY A 507 16.94 -4.14 -19.68
CA GLY A 507 17.15 -3.83 -21.08
C GLY A 507 16.06 -2.96 -21.66
N TYR A 508 14.85 -3.05 -21.10
CA TYR A 508 13.75 -2.21 -21.58
C TYR A 508 14.04 -0.74 -21.37
N ALA A 509 14.58 -0.39 -20.21
CA ALA A 509 14.94 1.00 -19.96
C ALA A 509 15.99 1.47 -20.95
N GLY A 510 17.01 0.65 -21.19
CA GLY A 510 18.03 1.01 -22.16
C GLY A 510 17.48 1.13 -23.57
N ILE A 511 16.39 0.41 -23.86
CA ILE A 511 15.76 0.55 -25.16
C ILE A 511 15.16 1.94 -25.31
N ALA A 512 14.41 2.39 -24.31
CA ALA A 512 13.78 3.71 -24.37
C ALA A 512 14.83 4.82 -24.38
N GLN A 513 15.89 4.67 -23.60
CA GLN A 513 16.94 5.67 -23.61
C GLN A 513 17.58 5.77 -24.99
N ALA A 514 17.75 4.65 -25.68
CA ALA A 514 18.38 4.66 -26.99
C ALA A 514 17.53 5.40 -28.01
N ALA A 515 16.20 5.25 -27.95
CA ALA A 515 15.34 5.92 -28.91
C ALA A 515 15.52 7.42 -28.86
N HIS A 516 15.84 7.96 -27.68
CA HIS A 516 16.10 9.38 -27.52
C HIS A 516 17.58 9.72 -27.43
N SER A 517 18.42 8.77 -27.04
CA SER A 517 19.85 9.03 -27.05
C SER A 517 20.38 9.22 -28.46
N GLY A 518 19.91 8.38 -29.39
CA GLY A 518 20.36 8.50 -30.77
C GLY A 518 19.96 9.78 -31.44
N ARG A 519 18.98 10.49 -30.88
CA ARG A 519 18.52 11.76 -31.43
C ARG A 519 19.18 12.96 -30.76
N GLY A 520 20.10 12.74 -29.83
CA GLY A 520 20.66 13.84 -29.09
C GLY A 520 19.68 14.52 -28.16
N ASP A 521 18.66 13.80 -27.71
CA ASP A 521 17.65 14.38 -26.85
C ASP A 521 18.23 14.69 -25.47
N ALA A 522 17.68 15.73 -24.83
CA ALA A 522 18.15 16.10 -23.51
C ALA A 522 17.58 15.17 -22.45
N PHE A 523 16.34 14.70 -22.62
CA PHE A 523 15.71 13.84 -21.64
C PHE A 523 14.87 12.79 -22.36
N THR A 524 14.57 11.70 -21.64
CA THR A 524 13.74 10.64 -22.22
C THR A 524 12.26 10.95 -22.06
N VAL A 525 11.76 11.01 -20.82
CA VAL A 525 10.34 11.20 -20.60
C VAL A 525 10.04 12.38 -19.68
N ASN A 526 10.96 12.69 -18.77
CA ASN A 526 10.71 13.68 -17.73
C ASN A 526 11.91 14.62 -17.61
N PRO A 527 11.76 15.91 -17.87
CA PRO A 527 12.88 16.83 -17.72
C PRO A 527 13.20 17.14 -16.27
N LEU A 528 12.20 17.06 -15.39
CA LEU A 528 12.44 17.38 -13.97
C LEU A 528 13.39 16.37 -13.35
N LEU A 529 13.36 15.12 -13.82
CA LEU A 529 14.28 14.12 -13.32
C LEU A 529 15.69 14.33 -13.86
N LYS A 530 15.81 14.68 -15.14
CA LYS A 530 17.13 14.89 -15.72
C LYS A 530 17.86 16.02 -15.01
N VAL A 531 17.14 17.10 -14.70
CA VAL A 531 17.76 18.21 -14.00
C VAL A 531 17.88 17.95 -12.51
N CYS A 532 16.90 17.26 -11.91
CA CYS A 532 16.96 16.99 -10.47
C CYS A 532 18.19 16.17 -10.12
N PHE A 533 18.49 15.15 -10.91
CA PHE A 533 19.65 14.31 -10.69
C PHE A 533 20.89 14.83 -11.38
N ALA A 534 20.79 15.96 -12.07
CA ALA A 534 21.97 16.56 -12.71
C ALA A 534 22.77 17.34 -11.67
N ASP A 535 23.14 16.68 -10.59
CA ASP A 535 23.82 17.34 -9.48
C ASP A 535 24.94 16.44 -9.00
N GLU A 536 26.17 16.90 -9.14
CA GLU A 536 27.30 16.05 -8.79
C GLU A 536 27.55 15.97 -7.30
N LEU A 537 26.61 16.43 -6.47
CA LEU A 537 26.74 16.37 -5.03
C LEU A 537 26.22 15.07 -4.43
N MET A 538 25.47 14.28 -5.20
CA MET A 538 24.94 13.03 -4.70
C MET A 538 26.07 12.08 -4.36
N PRO A 539 25.93 11.26 -3.31
CA PRO A 539 26.96 10.25 -3.04
C PRO A 539 27.08 9.21 -4.15
N PHE A 540 26.06 9.05 -4.98
CA PHE A 540 26.13 8.17 -6.14
C PHE A 540 26.33 8.97 -7.40
N ASN A 541 27.09 8.41 -8.34
CA ASN A 541 27.39 9.06 -9.61
C ASN A 541 26.52 8.44 -10.69
N PHE A 542 25.42 9.12 -11.02
CA PHE A 542 24.52 8.65 -12.06
C PHE A 542 25.05 8.93 -13.46
N ALA A 543 26.13 9.70 -13.59
CA ALA A 543 26.72 9.90 -14.90
C ALA A 543 27.21 8.60 -15.50
N GLU A 544 27.83 7.76 -14.68
CA GLU A 544 28.21 6.40 -15.08
C GLU A 544 27.91 5.45 -13.93
N PRO A 545 26.74 4.79 -13.97
CA PRO A 545 26.41 3.86 -12.88
C PRO A 545 27.22 2.58 -12.90
N ARG A 546 27.45 1.98 -14.08
CA ARG A 546 28.15 0.69 -14.13
C ARG A 546 29.53 0.79 -13.50
N ARG A 547 30.20 1.94 -13.65
CA ARG A 547 31.45 2.12 -12.95
C ARG A 547 31.24 2.22 -11.44
N GLU A 548 30.02 2.58 -11.03
CA GLU A 548 29.74 2.69 -9.60
C GLU A 548 29.61 1.33 -8.94
N PHE A 549 28.95 0.38 -9.62
CA PHE A 549 28.83 -0.96 -9.05
C PHE A 549 30.19 -1.59 -8.89
N GLY A 550 31.08 -1.40 -9.87
CA GLY A 550 32.44 -1.89 -9.72
C GLY A 550 33.13 -1.27 -8.53
N ARG A 551 32.93 0.03 -8.30
CA ARG A 551 33.55 0.69 -7.16
C ARG A 551 33.06 0.09 -5.85
N GLY A 552 31.76 -0.20 -5.76
CA GLY A 552 31.24 -0.85 -4.57
C GLY A 552 31.83 -2.23 -4.37
N ALA A 553 31.97 -2.99 -5.45
CA ALA A 553 32.49 -4.36 -5.35
C ALA A 553 33.94 -4.39 -4.89
N ILE A 554 34.63 -3.26 -4.92
CA ILE A 554 36.01 -3.22 -4.42
C ILE A 554 36.11 -2.69 -3.00
N ARG A 555 34.97 -2.39 -2.36
CA ARG A 555 34.95 -1.80 -1.02
C ARG A 555 35.62 -0.43 -1.02
N GLU A 556 35.28 0.39 -2.02
CA GLU A 556 35.79 1.75 -2.09
C GLU A 556 34.66 2.76 -2.28
N PHE A 557 33.43 2.38 -1.96
CA PHE A 557 32.27 3.26 -2.04
C PHE A 557 31.76 3.52 -0.63
N MET A 558 31.65 4.80 -0.25
CA MET A 558 31.16 5.18 1.07
C MET A 558 29.73 5.69 0.95
N PRO A 559 28.74 4.95 1.44
CA PRO A 559 27.35 5.36 1.29
C PRO A 559 26.92 6.25 2.44
N ALA A 560 25.64 6.62 2.42
CA ALA A 560 25.01 7.41 3.46
C ALA A 560 23.98 6.54 4.18
N GLY A 561 23.53 7.03 5.34
CA GLY A 561 22.60 6.28 6.16
C GLY A 561 23.24 5.37 7.17
N GLU A 562 24.57 5.40 7.30
CA GLU A 562 25.23 4.57 8.29
C GLU A 562 25.08 5.18 9.69
N ARG A 563 24.93 4.31 10.68
CA ARG A 563 24.57 4.72 12.04
C ARG A 563 25.75 4.69 12.99
N SER A 564 26.98 4.68 12.45
CA SER A 564 28.16 4.45 13.28
C SER A 564 28.29 5.44 14.43
N LEU A 565 27.79 6.66 14.28
CA LEU A 565 27.93 7.67 15.32
C LEU A 565 27.03 7.43 16.52
N VAL A 566 25.90 6.76 16.33
CA VAL A 566 24.97 6.48 17.42
C VAL A 566 25.02 5.02 17.84
N ILE A 567 26.14 4.34 17.62
CA ILE A 567 26.25 2.91 17.89
C ILE A 567 27.51 2.64 18.70
N PRO A 568 27.50 1.67 19.61
CA PRO A 568 28.73 1.32 20.32
C PRO A 568 29.81 0.87 19.36
N ALA A 569 31.05 1.20 19.69
CA ALA A 569 32.19 0.83 18.85
C ALA A 569 32.96 -0.33 19.46
N ALA B 76 29.10 23.46 42.04
CA ALA B 76 30.08 24.38 41.49
C ALA B 76 29.66 24.93 40.12
N PRO B 77 29.24 24.06 39.20
CA PRO B 77 28.73 24.55 37.92
C PRO B 77 27.28 25.00 38.02
N LEU B 78 26.89 25.87 37.10
CA LEU B 78 25.50 26.31 36.95
C LEU B 78 25.02 25.99 35.54
N GLY B 79 23.99 25.16 35.45
CA GLY B 79 23.44 24.76 34.17
C GLY B 79 22.21 25.58 33.83
N GLN B 80 22.11 25.97 32.56
CA GLN B 80 20.96 26.67 32.03
C GLN B 80 20.42 25.86 30.86
N ARG B 81 19.21 25.34 30.99
CA ARG B 81 18.56 24.64 29.90
C ARG B 81 17.07 24.76 30.07
N ALA B 82 16.34 24.66 28.96
CA ALA B 82 14.91 24.83 28.96
C ALA B 82 14.19 23.65 28.33
N ILE B 83 14.77 22.46 28.43
CA ILE B 83 14.22 21.30 27.73
C ILE B 83 13.92 20.15 28.68
N THR B 84 14.34 20.28 29.95
CA THR B 84 13.98 19.36 31.04
C THR B 84 14.14 17.89 30.65
N PRO B 85 15.38 17.37 30.66
CA PRO B 85 15.63 16.05 30.06
C PRO B 85 14.77 14.95 30.65
N TYR B 86 14.28 14.07 29.77
CA TYR B 86 13.40 12.98 30.14
C TYR B 86 14.17 11.86 30.83
N THR B 87 13.53 11.26 31.82
CA THR B 87 14.03 10.06 32.47
C THR B 87 13.10 8.90 32.15
N ILE B 88 13.67 7.80 31.65
CA ILE B 88 12.85 6.68 31.20
C ILE B 88 12.07 6.11 32.36
N SER B 89 10.77 5.86 32.13
CA SER B 89 9.89 5.42 33.20
C SER B 89 10.37 4.10 33.80
N GLY B 90 10.36 4.03 35.13
CA GLY B 90 10.79 2.83 35.81
C GLY B 90 12.21 2.43 35.54
N THR B 91 13.11 3.40 35.36
CA THR B 91 14.50 3.13 35.08
C THR B 91 15.36 4.17 35.78
N ASP B 92 16.67 4.07 35.58
CA ASP B 92 17.63 5.01 36.15
C ASP B 92 18.34 5.81 35.07
N ILE B 93 17.73 5.95 33.90
CA ILE B 93 18.36 6.56 32.74
C ILE B 93 17.57 7.80 32.35
N VAL B 94 18.24 8.94 32.34
CA VAL B 94 17.65 10.19 31.85
C VAL B 94 18.30 10.54 30.53
N ALA B 95 17.48 10.75 29.51
CA ALA B 95 17.96 10.97 28.16
C ALA B 95 17.41 12.29 27.64
N GLU B 96 18.24 13.02 26.90
CA GLU B 96 17.80 14.28 26.32
C GLU B 96 16.64 14.03 25.35
N PRO B 97 15.77 15.02 25.17
CA PRO B 97 14.58 14.79 24.33
C PRO B 97 14.90 14.42 22.90
N ASP B 98 16.07 14.80 22.39
CA ASP B 98 16.44 14.47 21.02
C ASP B 98 17.19 13.14 20.92
N ASP B 99 17.33 12.42 22.03
CA ASP B 99 17.86 11.06 21.99
C ASP B 99 16.76 10.02 21.87
N LEU B 100 15.50 10.40 22.09
CA LEU B 100 14.38 9.51 21.93
C LEU B 100 13.76 9.59 20.55
N HIS B 101 14.31 10.41 19.66
CA HIS B 101 13.88 10.39 18.27
C HIS B 101 14.43 9.15 17.59
N TYR B 102 13.58 8.47 16.81
CA TYR B 102 13.99 7.19 16.23
C TYR B 102 15.16 7.35 15.27
N VAL B 103 15.45 8.56 14.81
CA VAL B 103 16.63 8.79 13.99
C VAL B 103 17.90 8.65 14.83
N ASN B 104 17.88 9.15 16.06
CA ASN B 104 19.06 9.11 16.93
C ASN B 104 19.09 7.92 17.87
N ASN B 105 18.02 7.12 17.91
CA ASN B 105 17.92 5.99 18.83
C ASN B 105 18.01 4.69 18.05
N ALA B 106 19.12 3.98 18.20
CA ALA B 106 19.30 2.74 17.47
C ALA B 106 18.42 1.62 18.00
N ALA B 107 18.12 1.62 19.30
CA ALA B 107 17.26 0.58 19.86
C ALA B 107 15.86 0.64 19.25
N MET B 108 15.36 1.85 19.02
CA MET B 108 14.05 2.00 18.39
C MET B 108 14.05 1.41 16.99
N GLN B 109 15.08 1.73 16.21
CA GLN B 109 15.19 1.20 14.87
C GLN B 109 15.32 -0.31 14.87
N GLN B 110 16.10 -0.85 15.80
CA GLN B 110 16.25 -2.30 15.89
C GLN B 110 14.94 -2.98 16.27
N MET B 111 14.18 -2.37 17.17
CA MET B 111 12.86 -2.89 17.49
C MET B 111 11.99 -2.96 16.25
N TRP B 112 11.94 -1.88 15.49
CA TRP B 112 11.11 -1.89 14.30
C TRP B 112 11.63 -2.90 13.29
N ASP B 113 12.94 -3.06 13.20
CA ASP B 113 13.51 -4.03 12.27
C ASP B 113 13.13 -5.45 12.67
N ASP B 114 13.24 -5.77 13.96
CA ASP B 114 12.88 -7.10 14.42
C ASP B 114 11.41 -7.40 14.16
N ILE B 115 10.54 -6.42 14.41
CA ILE B 115 9.13 -6.64 14.11
C ILE B 115 8.91 -6.78 12.61
N ARG B 116 9.69 -6.05 11.81
CA ARG B 116 9.48 -6.00 10.37
C ARG B 116 9.99 -7.25 9.66
N ARG B 117 11.13 -7.77 10.08
CA ARG B 117 11.80 -8.86 9.38
C ARG B 117 11.31 -10.23 9.83
N THR B 118 10.37 -10.28 10.76
CA THR B 118 9.95 -11.53 11.38
C THR B 118 8.68 -12.05 10.73
N CYS B 119 8.61 -13.37 10.54
CA CYS B 119 7.46 -14.01 9.95
C CYS B 119 7.36 -15.42 10.49
N ILE B 120 6.15 -15.98 10.41
CA ILE B 120 5.84 -17.31 10.92
C ILE B 120 5.22 -18.11 9.79
N VAL B 121 5.79 -19.27 9.50
CA VAL B 121 5.29 -20.17 8.47
C VAL B 121 5.09 -21.54 9.08
N GLY B 122 3.94 -22.15 8.80
CA GLY B 122 3.66 -23.47 9.33
C GLY B 122 4.38 -24.57 8.58
N LEU B 123 4.71 -25.63 9.31
CA LEU B 123 5.37 -26.78 8.73
C LEU B 123 4.45 -27.96 8.46
N ASP B 124 3.19 -27.90 8.91
CA ASP B 124 2.33 -29.07 8.80
C ASP B 124 1.70 -29.18 7.42
N MET B 125 1.40 -28.05 6.79
CA MET B 125 0.79 -28.11 5.47
C MET B 125 1.82 -28.52 4.42
N ALA B 126 3.03 -27.98 4.52
CA ALA B 126 4.11 -28.46 3.67
C ALA B 126 4.37 -29.94 3.89
N HIS B 127 4.29 -30.39 5.14
CA HIS B 127 4.52 -31.81 5.42
C HIS B 127 3.43 -32.67 4.79
N GLU B 128 2.17 -32.22 4.85
CA GLU B 128 1.12 -32.96 4.16
C GLU B 128 1.39 -33.01 2.67
N THR B 129 1.86 -31.90 2.10
CA THR B 129 2.17 -31.90 0.67
C THR B 129 3.28 -32.90 0.35
N LEU B 130 4.33 -32.94 1.16
CA LEU B 130 5.42 -33.88 0.91
C LEU B 130 4.95 -35.32 1.05
N GLU B 131 4.12 -35.59 2.06
CA GLU B 131 3.72 -36.97 2.30
C GLU B 131 2.71 -37.44 1.27
N LYS B 132 1.91 -36.53 0.73
CA LYS B 132 0.96 -36.92 -0.31
C LYS B 132 1.61 -36.97 -1.68
N ARG B 133 2.09 -35.82 -2.16
CA ARG B 133 2.57 -35.70 -3.53
C ARG B 133 3.75 -36.63 -3.78
N LEU B 134 4.72 -36.63 -2.87
CA LEU B 134 5.95 -37.37 -3.06
C LEU B 134 5.95 -38.73 -2.36
N GLY B 135 5.07 -38.94 -1.39
CA GLY B 135 5.10 -40.18 -0.65
C GLY B 135 6.26 -40.29 0.31
N LYS B 136 6.78 -39.17 0.79
CA LYS B 136 7.88 -39.19 1.74
C LYS B 136 7.41 -39.53 3.14
N GLU B 137 8.36 -39.84 4.01
CA GLU B 137 8.13 -39.97 5.44
C GLU B 137 8.81 -38.79 6.11
N VAL B 138 8.08 -38.10 6.97
CA VAL B 138 8.59 -36.91 7.64
C VAL B 138 8.86 -37.28 9.09
N THR B 139 10.08 -37.70 9.35
CA THR B 139 10.47 -38.11 10.70
C THR B 139 11.29 -37.01 11.36
N PRO B 140 11.53 -37.13 12.67
CA PRO B 140 12.31 -36.09 13.35
C PRO B 140 13.72 -35.93 12.81
N GLU B 141 14.35 -37.00 12.35
CA GLU B 141 15.71 -36.85 11.80
C GLU B 141 15.69 -36.09 10.49
N THR B 142 14.68 -36.34 9.64
CA THR B 142 14.58 -35.54 8.42
C THR B 142 14.29 -34.09 8.74
N ILE B 143 13.53 -33.82 9.80
CA ILE B 143 13.29 -32.43 10.20
C ILE B 143 14.57 -31.79 10.73
N ASN B 144 15.40 -32.55 11.46
CA ASN B 144 16.69 -32.01 11.88
C ASN B 144 17.53 -31.63 10.68
N HIS B 145 17.63 -32.53 9.71
CA HIS B 145 18.39 -32.24 8.49
C HIS B 145 17.80 -31.04 7.75
N TYR B 146 16.48 -30.97 7.63
CA TYR B 146 15.85 -29.88 6.91
C TYR B 146 16.03 -28.56 7.62
N LEU B 147 15.93 -28.55 8.95
CA LEU B 147 16.10 -27.31 9.69
C LEU B 147 17.55 -26.83 9.60
N GLU B 148 18.51 -27.74 9.63
CA GLU B 148 19.89 -27.33 9.43
C GLU B 148 20.09 -26.76 8.03
N THR B 149 19.51 -27.42 7.03
CA THR B 149 19.56 -26.90 5.66
C THR B 149 18.97 -25.50 5.60
N LEU B 150 17.78 -25.33 6.18
CA LEU B 150 17.08 -24.05 6.12
C LEU B 150 17.87 -22.94 6.82
N ASN B 151 18.43 -23.24 7.99
CA ASN B 151 19.23 -22.24 8.69
C ASN B 151 20.49 -21.91 7.91
N HIS B 152 20.93 -22.83 7.05
CA HIS B 152 21.97 -22.47 6.08
C HIS B 152 21.43 -21.57 4.99
N ALA B 153 20.24 -21.88 4.47
CA ALA B 153 19.77 -21.25 3.24
C ALA B 153 19.03 -19.94 3.50
N MET B 154 18.46 -19.77 4.68
CA MET B 154 17.70 -18.56 4.95
C MET B 154 18.53 -17.29 4.89
N PRO B 155 19.75 -17.24 5.45
CA PRO B 155 20.56 -16.02 5.36
C PRO B 155 21.00 -15.65 3.95
N GLY B 156 20.53 -16.36 2.93
CA GLY B 156 20.92 -16.04 1.56
C GLY B 156 22.08 -16.87 1.02
N ALA B 157 21.94 -18.18 1.06
CA ALA B 157 22.94 -19.09 0.52
C ALA B 157 22.27 -20.14 -0.36
N ALA B 158 23.04 -20.71 -1.28
CA ALA B 158 22.52 -21.68 -2.23
C ALA B 158 22.67 -23.09 -1.70
N VAL B 159 21.72 -23.96 -2.08
CA VAL B 159 21.71 -25.32 -1.56
C VAL B 159 21.49 -26.33 -2.68
N VAL B 160 21.22 -25.87 -3.90
CA VAL B 160 20.85 -26.80 -4.96
C VAL B 160 21.83 -26.75 -6.13
N GLN B 161 21.94 -25.61 -6.79
CA GLN B 161 22.73 -25.49 -7.99
C GLN B 161 24.02 -24.71 -7.71
N GLU B 162 24.79 -24.46 -8.76
CA GLU B 162 26.20 -24.17 -8.62
C GLU B 162 26.60 -22.93 -9.41
N MET B 163 27.73 -22.34 -9.03
CA MET B 163 28.23 -21.08 -9.59
C MET B 163 27.22 -19.95 -9.37
N MET B 164 27.05 -19.60 -8.10
CA MET B 164 26.30 -18.40 -7.76
C MET B 164 26.83 -17.74 -6.52
N VAL B 165 26.43 -16.48 -6.36
CA VAL B 165 26.78 -15.63 -5.24
C VAL B 165 26.02 -16.07 -4.01
N GLU B 166 26.40 -15.53 -2.86
CA GLU B 166 25.70 -15.79 -1.61
C GLU B 166 25.97 -14.62 -0.68
N THR B 167 24.95 -14.19 0.03
CA THR B 167 25.09 -13.04 0.91
C THR B 167 26.16 -13.33 1.96
N HIS B 168 26.97 -12.32 2.25
CA HIS B 168 28.09 -12.52 3.13
C HIS B 168 27.61 -12.88 4.53
N PRO B 169 28.13 -13.95 5.14
CA PRO B 169 27.64 -14.35 6.46
C PRO B 169 27.86 -13.33 7.54
N ALA B 170 28.77 -12.37 7.35
CA ALA B 170 28.95 -11.34 8.36
C ALA B 170 27.83 -10.32 8.34
N LEU B 171 27.27 -10.02 7.18
CA LEU B 171 26.24 -9.01 7.07
C LEU B 171 24.83 -9.54 7.33
N VAL B 172 24.65 -10.86 7.38
CA VAL B 172 23.31 -11.42 7.56
C VAL B 172 23.30 -12.38 8.74
N ASP B 173 24.16 -12.12 9.73
CA ASP B 173 24.28 -13.01 10.88
C ASP B 173 23.09 -12.93 11.81
N ASP B 174 22.18 -11.98 11.64
CA ASP B 174 21.00 -11.86 12.47
C ASP B 174 19.80 -12.58 11.89
N CYS B 175 20.04 -13.62 11.08
CA CYS B 175 18.97 -14.34 10.41
C CYS B 175 19.02 -15.80 10.86
N TYR B 176 17.85 -16.35 11.21
CA TYR B 176 17.77 -17.74 11.63
C TYR B 176 16.31 -18.15 11.63
N VAL B 177 16.09 -19.46 11.76
CA VAL B 177 14.75 -20.04 11.75
C VAL B 177 14.64 -21.04 12.89
N LYS B 178 13.59 -20.94 13.68
CA LYS B 178 13.33 -21.84 14.79
C LYS B 178 11.91 -22.38 14.67
N ILE B 179 11.67 -23.55 15.26
CA ILE B 179 10.35 -24.16 15.24
C ILE B 179 9.83 -24.30 16.66
N PHE B 180 8.61 -23.85 16.88
CA PHE B 180 7.87 -24.10 18.10
C PHE B 180 6.63 -24.89 17.76
N THR B 181 6.33 -25.90 18.56
CA THR B 181 5.27 -26.82 18.22
C THR B 181 4.40 -27.10 19.44
N GLY B 182 3.09 -27.24 19.21
CA GLY B 182 2.21 -27.69 20.24
C GLY B 182 2.23 -29.18 20.49
N ASP B 183 2.95 -29.91 19.65
CA ASP B 183 3.24 -31.33 19.90
C ASP B 183 4.39 -31.40 20.89
N ASP B 184 4.14 -32.00 22.05
CA ASP B 184 5.19 -32.08 23.06
C ASP B 184 6.31 -33.01 22.62
N GLU B 185 5.95 -34.21 22.12
CA GLU B 185 6.97 -35.15 21.69
C GLU B 185 7.79 -34.59 20.54
N LEU B 186 7.11 -34.14 19.47
CA LEU B 186 7.79 -33.68 18.28
C LEU B 186 8.78 -32.56 18.61
N ALA B 187 8.44 -31.73 19.59
CA ALA B 187 9.42 -30.79 20.13
C ALA B 187 10.50 -31.52 20.90
N ASP B 188 10.17 -32.69 21.47
CA ASP B 188 11.13 -33.38 22.32
C ASP B 188 12.26 -34.05 21.53
N GLU B 189 11.98 -34.72 20.42
CA GLU B 189 13.07 -35.39 19.72
C GLU B 189 13.65 -34.57 18.57
N ILE B 190 13.33 -33.30 18.48
CA ILE B 190 13.95 -32.42 17.50
C ILE B 190 15.14 -31.75 18.16
N ASP B 191 16.19 -31.52 17.37
CA ASP B 191 17.39 -30.85 17.85
C ASP B 191 17.03 -29.57 18.58
N LYS B 192 17.43 -29.48 19.85
CA LYS B 192 17.00 -28.41 20.74
C LYS B 192 17.70 -27.10 20.47
N GLN B 193 18.43 -26.97 19.35
CA GLN B 193 18.95 -25.67 18.94
C GLN B 193 18.00 -24.94 18.00
N TYR B 194 17.07 -25.65 17.38
CA TYR B 194 16.11 -25.05 16.47
C TYR B 194 14.69 -25.05 17.04
N VAL B 195 14.54 -25.28 18.34
CA VAL B 195 13.22 -25.43 18.95
C VAL B 195 13.03 -24.34 20.01
N ILE B 196 11.90 -23.67 19.93
CA ILE B 196 11.43 -22.77 20.98
C ILE B 196 10.56 -23.60 21.89
N ASN B 197 11.06 -23.93 23.09
CA ASN B 197 10.32 -24.80 23.98
C ASN B 197 9.27 -23.98 24.72
N VAL B 198 8.00 -24.28 24.46
CA VAL B 198 6.92 -23.57 25.13
C VAL B 198 6.95 -23.82 26.63
N ASN B 199 7.14 -25.08 27.03
CA ASN B 199 7.13 -25.40 28.45
C ASN B 199 8.25 -24.70 29.19
N LYS B 200 9.44 -24.64 28.61
CA LYS B 200 10.54 -23.97 29.28
C LYS B 200 10.33 -22.47 29.35
N MET B 201 9.88 -21.87 28.25
CA MET B 201 9.81 -20.41 28.19
C MET B 201 8.62 -19.85 28.94
N PHE B 202 7.50 -20.57 28.96
CA PHE B 202 6.27 -20.09 29.55
C PHE B 202 5.99 -20.80 30.87
N SER B 203 5.27 -20.12 31.75
CA SER B 203 4.73 -20.78 32.93
C SER B 203 3.75 -21.86 32.50
N GLU B 204 3.59 -22.87 33.35
CA GLU B 204 2.82 -24.04 32.94
C GLU B 204 1.38 -23.69 32.60
N GLU B 205 0.80 -22.69 33.27
CA GLU B 205 -0.56 -22.26 32.91
C GLU B 205 -0.58 -21.59 31.55
N GLN B 206 0.32 -20.64 31.33
CA GLN B 206 0.41 -19.99 30.03
C GLN B 206 0.80 -20.97 28.94
N ALA B 207 1.73 -21.88 29.25
CA ALA B 207 2.12 -22.89 28.28
C ALA B 207 0.93 -23.78 27.92
N ALA B 208 0.13 -24.16 28.91
CA ALA B 208 -1.05 -24.96 28.64
C ALA B 208 -2.02 -24.19 27.75
N GLN B 209 -2.21 -22.91 28.03
CA GLN B 209 -3.10 -22.11 27.20
C GLN B 209 -2.60 -22.04 25.75
N ILE B 210 -1.28 -21.85 25.59
CA ILE B 210 -0.72 -21.72 24.25
C ILE B 210 -0.85 -23.04 23.49
N LYS B 211 -0.52 -24.15 24.14
CA LYS B 211 -0.61 -25.45 23.48
C LYS B 211 -2.06 -25.79 23.13
N ALA B 212 -3.00 -25.40 24.00
CA ALA B 212 -4.40 -25.57 23.65
C ALA B 212 -4.78 -24.72 22.45
N SER B 213 -4.24 -23.50 22.37
CA SER B 213 -4.61 -22.59 21.30
C SER B 213 -4.07 -23.06 19.95
N ILE B 214 -2.80 -23.44 19.89
CA ILE B 214 -2.20 -23.78 18.61
C ILE B 214 -2.44 -25.23 18.20
N GLY B 215 -2.62 -26.14 19.15
CA GLY B 215 -2.79 -27.54 18.81
C GLY B 215 -1.45 -28.22 18.63
N LYS B 216 -1.49 -29.43 18.06
CA LYS B 216 -0.29 -30.23 17.86
C LYS B 216 0.31 -29.94 16.48
N THR B 217 0.51 -28.66 16.20
CA THR B 217 1.01 -28.19 14.92
C THR B 217 2.38 -27.55 15.11
N THR B 218 3.24 -27.70 14.12
CA THR B 218 4.57 -27.10 14.16
C THR B 218 4.60 -25.82 13.35
N TRP B 219 5.37 -24.85 13.83
CA TRP B 219 5.51 -23.57 13.16
C TRP B 219 6.97 -23.18 13.13
N GLN B 220 7.33 -22.42 12.10
CA GLN B 220 8.68 -21.88 11.96
C GLN B 220 8.67 -20.40 12.27
N ALA B 221 9.70 -19.94 12.95
CA ALA B 221 9.84 -18.53 13.32
C ALA B 221 11.01 -17.97 12.53
N ILE B 222 10.72 -17.36 11.39
CA ILE B 222 11.74 -16.92 10.44
C ILE B 222 12.06 -15.45 10.70
N HIS B 223 13.34 -15.12 10.70
CA HIS B 223 13.80 -13.75 10.90
C HIS B 223 14.87 -13.46 9.86
N ILE B 224 14.46 -12.82 8.76
CA ILE B 224 15.36 -12.58 7.63
C ILE B 224 16.34 -11.49 8.03
N PRO B 225 17.41 -11.27 7.26
CA PRO B 225 18.46 -10.34 7.71
C PRO B 225 17.93 -8.92 7.89
N THR B 226 18.52 -8.22 8.85
CA THR B 226 18.16 -6.82 9.07
C THR B 226 18.45 -5.97 7.84
N ILE B 227 19.61 -6.19 7.22
CA ILE B 227 20.02 -5.37 6.08
C ILE B 227 19.04 -5.54 4.92
N VAL B 228 18.57 -6.76 4.68
CA VAL B 228 17.62 -6.96 3.59
C VAL B 228 16.32 -6.24 3.87
N SER B 229 15.89 -6.16 5.12
CA SER B 229 14.66 -5.45 5.43
C SER B 229 14.85 -3.94 5.40
N ARG B 230 16.05 -3.46 5.70
CA ARG B 230 16.29 -2.02 5.63
C ARG B 230 16.41 -1.55 4.18
N THR B 231 17.09 -2.33 3.34
CA THR B 231 17.20 -2.00 1.92
C THR B 231 15.88 -2.22 1.19
N THR B 232 14.91 -2.84 1.84
CA THR B 232 13.62 -3.13 1.25
C THR B 232 12.52 -2.65 2.18
N ASP B 233 11.28 -3.05 1.93
CA ASP B 233 10.18 -2.71 2.80
C ASP B 233 9.79 -3.92 3.66
N GLY B 234 8.66 -3.80 4.35
CA GLY B 234 8.14 -4.91 5.13
C GLY B 234 7.46 -5.99 4.32
N ALA B 235 7.18 -5.72 3.04
CA ALA B 235 6.71 -6.78 2.15
C ALA B 235 7.81 -7.77 1.80
N GLN B 236 9.06 -7.43 2.11
CA GLN B 236 10.19 -8.29 1.81
C GLN B 236 10.09 -9.65 2.50
N THR B 237 9.58 -9.67 3.73
CA THR B 237 9.86 -10.80 4.63
C THR B 237 9.23 -12.09 4.13
N SER B 238 7.94 -12.06 3.82
CA SER B 238 7.26 -13.30 3.44
C SER B 238 7.86 -13.88 2.17
N ARG B 239 8.22 -13.03 1.22
CA ARG B 239 8.79 -13.51 -0.04
C ARG B 239 10.12 -14.21 0.19
N TRP B 240 11.04 -13.55 0.90
CA TRP B 240 12.35 -14.14 1.17
C TRP B 240 12.20 -15.44 1.94
N ALA B 241 11.35 -15.44 2.97
CA ALA B 241 11.17 -16.62 3.78
C ALA B 241 10.61 -17.77 2.97
N ALA B 242 9.63 -17.50 2.10
CA ALA B 242 9.05 -18.56 1.29
C ALA B 242 10.04 -19.12 0.29
N MET B 243 10.84 -18.26 -0.34
CA MET B 243 11.83 -18.75 -1.29
C MET B 243 12.84 -19.65 -0.60
N GLN B 244 13.36 -19.23 0.55
CA GLN B 244 14.36 -20.05 1.21
C GLN B 244 13.76 -21.31 1.81
N ILE B 245 12.51 -21.25 2.26
CA ILE B 245 11.85 -22.46 2.76
C ILE B 245 11.66 -23.47 1.63
N GLY B 246 11.21 -23.01 0.46
CA GLY B 246 11.08 -23.92 -0.66
C GLY B 246 12.40 -24.52 -1.08
N MET B 247 13.45 -23.70 -1.16
CA MET B 247 14.74 -24.23 -1.55
C MET B 247 15.27 -25.23 -0.53
N SER B 248 15.06 -24.96 0.76
CA SER B 248 15.51 -25.89 1.79
C SER B 248 14.74 -27.20 1.74
N PHE B 249 13.43 -27.14 1.50
CA PHE B 249 12.69 -28.38 1.26
C PHE B 249 13.31 -29.16 0.12
N ILE B 250 13.59 -28.47 -0.99
CA ILE B 250 14.13 -29.15 -2.17
C ILE B 250 15.46 -29.81 -1.84
N SER B 251 16.35 -29.09 -1.17
CA SER B 251 17.66 -29.63 -0.86
C SER B 251 17.57 -30.80 0.11
N ALA B 252 16.71 -30.69 1.12
CA ALA B 252 16.76 -31.65 2.22
C ALA B 252 15.93 -32.89 1.97
N TYR B 253 14.92 -32.81 1.10
CA TYR B 253 14.04 -33.94 0.90
C TYR B 253 14.22 -34.60 -0.46
N ALA B 254 15.34 -34.33 -1.14
CA ALA B 254 15.74 -35.05 -2.34
C ALA B 254 14.63 -35.08 -3.40
N MET B 255 13.98 -33.94 -3.60
CA MET B 255 12.97 -33.81 -4.63
C MET B 255 13.46 -32.89 -5.74
N CYS B 256 12.78 -32.95 -6.88
CA CYS B 256 13.26 -32.25 -8.06
C CYS B 256 13.25 -30.75 -7.85
N ALA B 257 14.15 -30.08 -8.56
CA ALA B 257 14.26 -28.63 -8.45
C ALA B 257 12.97 -27.94 -8.85
N GLY B 258 12.37 -28.39 -9.95
CA GLY B 258 11.11 -27.82 -10.38
C GLY B 258 10.04 -28.85 -10.61
N GLU B 259 9.02 -28.84 -9.77
CA GLU B 259 7.88 -29.73 -9.91
C GLU B 259 6.73 -29.15 -9.11
N ALA B 260 5.53 -29.69 -9.35
CA ALA B 260 4.33 -29.10 -8.77
C ALA B 260 4.39 -29.07 -7.24
N ALA B 261 5.02 -30.06 -6.62
CA ALA B 261 5.10 -30.08 -5.16
C ALA B 261 5.85 -28.86 -4.64
N VAL B 262 6.86 -28.41 -5.37
CA VAL B 262 7.58 -27.21 -4.97
C VAL B 262 6.66 -26.00 -4.99
N ALA B 263 5.80 -25.88 -6.00
CA ALA B 263 4.85 -24.77 -6.03
C ALA B 263 3.89 -24.80 -4.86
N ASP B 264 3.41 -25.99 -4.50
CA ASP B 264 2.48 -26.09 -3.39
C ASP B 264 3.13 -25.63 -2.10
N LEU B 265 4.40 -26.01 -1.91
CA LEU B 265 5.12 -25.56 -0.73
C LEU B 265 5.27 -24.04 -0.75
N SER B 266 5.58 -23.49 -1.91
CA SER B 266 5.71 -22.04 -2.03
C SER B 266 4.38 -21.37 -1.73
N PHE B 267 3.29 -21.91 -2.26
CA PHE B 267 1.99 -21.30 -2.00
C PHE B 267 1.59 -21.46 -0.55
N ALA B 268 1.95 -22.58 0.06
CA ALA B 268 1.67 -22.76 1.48
C ALA B 268 2.41 -21.72 2.31
N ALA B 269 3.73 -21.62 2.11
CA ALA B 269 4.55 -20.68 2.85
C ALA B 269 4.14 -19.24 2.61
N LYS B 270 3.83 -18.87 1.37
CA LYS B 270 3.55 -17.50 1.01
C LYS B 270 2.18 -17.04 1.46
N MHS B 271 1.22 -17.96 1.54
CA MHS B 271 -0.14 -17.56 1.82
C MHS B 271 -0.88 -18.45 2.80
O MHS B 271 -1.49 -18.02 3.77
CB MHS B 271 -1.02 -17.48 0.56
CG MHS B 271 -0.39 -16.63 -0.45
ND1 MHS B 271 -0.38 -15.23 -0.47
CD2 MHS B 271 0.34 -17.03 -1.58
CE1 MHS B 271 0.35 -14.85 -1.59
NE2 MHS B 271 0.79 -15.92 -2.28
CM MHS B 271 -0.98 -14.34 0.47
N ALA B 272 -0.85 -19.74 2.50
CA ALA B 272 -1.80 -20.65 3.13
C ALA B 272 -1.51 -20.84 4.61
N ALA B 273 -0.24 -20.72 4.98
CA ALA B 273 0.19 -20.94 6.36
C ALA B 273 1.15 -19.86 6.81
N LEU B 274 0.96 -18.63 6.35
CA LEU B 274 1.82 -17.51 6.71
C LEU B 274 1.10 -16.62 7.71
N VAL B 275 1.81 -16.20 8.75
CA VAL B 275 1.30 -15.25 9.73
C VAL B 275 2.14 -14.01 9.64
N SER B 276 1.59 -12.95 9.04
CA SER B 276 2.30 -11.70 8.90
C SER B 276 2.18 -10.88 10.18
N MET B 277 3.24 -10.13 10.48
CA MET B 277 3.18 -9.21 11.60
C MET B 277 2.08 -8.18 11.38
N GLY B 278 1.95 -7.68 10.15
CA GLY B 278 0.87 -6.79 9.80
C GLY B 278 0.31 -7.14 8.43
N GLU B 279 -0.91 -6.71 8.20
CA GLU B 279 -1.61 -6.94 6.95
C GLU B 279 -1.32 -5.76 6.02
N MET B 280 -1.82 -5.82 4.80
CA MET B 280 -1.60 -4.76 3.83
C MET B 280 -2.65 -3.68 3.98
N LEU B 281 -2.24 -2.43 3.77
CA LEU B 281 -3.08 -1.27 4.00
C LEU B 281 -3.81 -0.87 2.73
N PRO B 282 -4.89 -0.09 2.87
CA PRO B 282 -5.66 0.31 1.69
C PRO B 282 -4.85 1.23 0.79
N ALA B 283 -5.43 1.54 -0.38
CA ALA B 283 -4.70 2.30 -1.38
C ALA B 283 -4.37 3.69 -0.90
N ARG B 284 -5.26 4.33 -0.16
CA ARG B 284 -5.10 5.72 0.21
C ARG B 284 -3.85 5.92 1.06
N AGM B 285 -3.64 5.04 2.03
CA AGM B 285 -2.40 5.02 2.76
CB AGM B 285 -2.48 4.26 4.09
CG AGM B 285 -3.91 4.04 4.48
CD AGM B 285 -4.24 4.64 5.85
CE2 AGM B 285 -3.23 4.11 6.86
NE1 AGM B 285 -5.61 4.33 6.21
CZ AGM B 285 -6.75 4.69 5.49
NH1 AGM B 285 -7.97 4.31 5.97
NH2 AGM B 285 -6.70 5.40 4.31
C AGM B 285 -1.32 4.38 1.90
O AGM B 285 -1.20 3.17 1.73
N ALA B 286 -0.48 5.25 1.35
CA ALA B 286 0.49 4.84 0.34
C ALA B 286 1.61 3.95 0.87
N ARG B 287 1.25 2.86 1.55
CA ARG B 287 2.22 1.96 2.17
C ARG B 287 1.68 0.53 2.13
N GLY B 288 2.53 -0.42 2.47
CA GLY B 288 2.27 -1.81 2.17
C GLY B 288 2.23 -2.73 3.36
N PRO B 289 2.40 -4.04 3.11
CA PRO B 289 2.23 -5.03 4.16
C PRO B 289 3.36 -5.02 5.17
N ASN B 290 3.07 -5.54 6.35
CA ASN B 290 4.05 -5.73 7.41
C ASN B 290 4.70 -4.40 7.80
N GLU B 291 3.96 -3.32 7.63
CA GLU B 291 4.38 -1.99 8.07
C GLU B 291 3.76 -1.76 9.43
N PRO B 292 4.08 -0.65 10.12
CA PRO B 292 3.45 -0.41 11.42
C PRO B 292 1.95 -0.17 11.34
N GLY B 293 1.42 0.18 10.17
CA GLY B 293 0.01 0.48 10.07
C GLY B 293 -0.84 -0.76 9.97
N GLY B 294 -0.23 -1.89 9.62
CA GLY B 294 -0.97 -3.12 9.53
C GLY B 294 -0.86 -3.92 10.81
N LEU B 295 0.09 -3.54 11.66
CA LEU B 295 0.32 -4.23 12.93
C LEU B 295 -0.74 -3.83 13.93
N SER B 296 -1.76 -4.66 14.07
CA SER B 296 -2.87 -4.35 14.94
C SER B 296 -2.39 -4.32 16.40
N PHE B 297 -3.31 -3.94 17.29
CA PHE B 297 -2.94 -3.80 18.69
C PHE B 297 -2.73 -5.15 19.36
N GLY B 298 -3.49 -6.16 18.95
CA GLY B 298 -3.26 -7.50 19.49
C GLY B 298 -1.88 -8.04 19.15
N HIS B 299 -1.45 -7.86 17.89
CA HIS B 299 -0.12 -8.31 17.52
C HIS B 299 0.96 -7.54 18.27
N LEU B 300 0.79 -6.23 18.45
CA LEU B 300 1.80 -5.51 19.21
C LEU B 300 1.81 -5.93 20.67
N SER B 301 0.64 -6.28 21.22
CA SER B 301 0.62 -6.81 22.58
C SER B 301 1.36 -8.14 22.66
N ASP B 302 1.15 -9.01 21.67
CA ASP B 302 1.77 -10.33 21.69
C ASP B 302 3.27 -10.27 21.41
N ILE B 303 3.72 -9.28 20.64
CA ILE B 303 5.15 -9.15 20.38
C ILE B 303 5.89 -8.82 21.66
N VAL B 304 5.37 -7.89 22.44
CA VAL B 304 5.98 -7.51 23.70
C VAL B 304 5.89 -8.69 24.67
N GLN B 305 7.03 -9.06 25.25
CA GLN B 305 7.14 -10.28 26.04
C GLN B 305 7.21 -10.00 27.53
N THR B 306 6.46 -9.01 28.02
CA THR B 306 6.37 -8.82 29.47
C THR B 306 5.34 -9.74 30.09
N SER B 307 4.26 -10.05 29.36
CA SER B 307 3.23 -10.93 29.89
C SER B 307 3.77 -12.34 30.10
N ARG B 308 4.84 -12.70 29.40
CA ARG B 308 5.48 -14.00 29.60
C ARG B 308 6.47 -13.98 30.75
N VAL B 309 7.02 -12.81 31.08
CA VAL B 309 8.16 -12.73 31.98
C VAL B 309 7.74 -12.35 33.39
N SER B 310 6.73 -11.49 33.50
CA SER B 310 6.31 -10.97 34.79
C SER B 310 4.81 -11.18 34.98
N LYS B 311 4.37 -11.04 36.23
CA LYS B 311 2.97 -11.25 36.59
C LYS B 311 2.24 -9.98 37.01
N ASP B 312 2.92 -8.86 37.10
CA ASP B 312 2.25 -7.61 37.46
C ASP B 312 1.32 -7.18 36.33
N PRO B 313 0.00 -7.30 36.47
CA PRO B 313 -0.89 -7.00 35.33
C PRO B 313 -0.83 -5.56 34.87
N ALA B 314 -0.39 -4.64 35.72
CA ALA B 314 -0.27 -3.24 35.32
C ALA B 314 1.05 -2.96 34.62
N LYS B 315 2.13 -3.61 35.05
CA LYS B 315 3.41 -3.43 34.40
C LYS B 315 3.37 -3.92 32.96
N ILE B 316 2.64 -5.02 32.71
CA ILE B 316 2.51 -5.52 31.35
C ILE B 316 1.86 -4.47 30.46
N ALA B 317 0.74 -3.92 30.91
CA ALA B 317 0.03 -2.92 30.12
C ALA B 317 0.89 -1.68 29.91
N LEU B 318 1.63 -1.27 30.94
CA LEU B 318 2.47 -0.09 30.81
C LEU B 318 3.61 -0.32 29.83
N GLU B 319 4.19 -1.53 29.83
CA GLU B 319 5.23 -1.84 28.85
C GLU B 319 4.67 -1.82 27.44
N VAL B 320 3.48 -2.38 27.24
CA VAL B 320 2.88 -2.35 25.92
C VAL B 320 2.59 -0.92 25.49
N VAL B 321 2.15 -0.07 26.42
CA VAL B 321 1.93 1.34 26.09
C VAL B 321 3.24 1.99 25.68
N GLY B 322 4.30 1.74 26.45
CA GLY B 322 5.58 2.38 26.16
C GLY B 322 6.15 1.98 24.82
N ALA B 323 6.01 0.71 24.45
CA ALA B 323 6.50 0.28 23.15
C ALA B 323 5.59 0.74 22.02
N GLY B 324 4.28 0.69 22.24
CA GLY B 324 3.35 1.09 21.18
C GLY B 324 3.41 2.56 20.87
N CYS B 325 3.58 3.41 21.90
CA CYS B 325 3.68 4.84 21.65
C CYS B 325 4.85 5.15 20.73
N MET B 326 6.02 4.58 21.02
CA MET B 326 7.16 4.74 20.14
C MET B 326 6.79 4.24 18.75
N LEU B 327 6.52 2.93 18.64
CA LEU B 327 6.40 2.30 17.33
C LEU B 327 5.35 2.99 16.46
N TYR B 328 4.23 3.42 17.05
CA TYR B 328 3.21 4.08 16.26
C TYR B 328 3.54 5.54 16.04
N ASP B 329 3.54 6.34 17.12
CA ASP B 329 3.64 7.79 16.93
C ASP B 329 4.95 8.19 16.28
N GLN B 330 6.09 7.72 16.81
CA GLN B 330 7.36 8.21 16.30
C GLN B 330 7.65 7.70 14.90
N ILE B 331 7.45 6.40 14.67
CA ILE B 331 7.83 5.82 13.38
C ILE B 331 6.69 5.92 12.38
N TRP B 332 5.55 5.30 12.69
CA TRP B 332 4.49 5.16 11.71
C TRP B 332 3.91 6.51 11.30
N LEU B 333 3.70 7.40 12.28
CA LEU B 333 3.12 8.70 12.01
C LEU B 333 4.17 9.81 11.90
N GLY B 334 5.40 9.56 12.31
CA GLY B 334 6.46 10.51 12.08
C GLY B 334 6.34 11.83 12.82
N TYR B 346 4.41 15.29 23.23
CA TYR B 346 4.42 14.17 22.31
C TYR B 346 4.31 12.84 23.01
N ALA B 347 4.69 11.77 22.34
CA ALA B 347 4.63 10.43 22.93
C ALA B 347 5.56 10.21 24.09
N THR B 348 6.78 10.73 23.99
CA THR B 348 7.77 10.53 25.02
C THR B 348 7.25 10.44 26.43
N ALA B 349 6.30 11.29 26.81
CA ALA B 349 5.85 11.31 28.21
C ALA B 349 5.27 9.99 28.67
N ALA B 350 4.63 9.26 27.77
CA ALA B 350 3.99 8.02 28.16
C ALA B 350 5.01 7.06 28.76
N TYR B 351 6.20 7.02 28.19
CA TYR B 351 7.24 6.18 28.75
C TYR B 351 8.33 6.89 29.51
N THR B 352 8.04 8.04 30.13
CA THR B 352 9.04 8.82 30.83
C THR B 352 8.43 9.50 32.05
N ASP B 353 9.24 9.66 33.10
CA ASP B 353 8.96 10.41 34.32
C ASP B 353 8.04 9.67 35.28
N ASP B 354 7.52 8.50 34.93
CA ASP B 354 6.74 7.67 35.86
C ASP B 354 5.52 8.42 36.39
N ILE B 355 4.82 9.10 35.51
CA ILE B 355 3.54 9.72 35.84
C ILE B 355 2.39 8.78 35.57
N LEU B 356 2.31 8.27 34.34
CA LEU B 356 1.27 7.31 33.99
C LEU B 356 1.39 6.05 34.83
N ASP B 357 2.62 5.65 35.16
CA ASP B 357 2.81 4.50 36.02
C ASP B 357 2.21 4.73 37.41
N ASN B 358 2.47 5.91 37.98
CA ASN B 358 1.94 6.22 39.30
C ASN B 358 0.42 6.26 39.26
N ASN B 359 -0.15 6.89 38.23
CA ASN B 359 -1.60 6.93 38.12
C ASN B 359 -2.18 5.54 37.98
N THR B 360 -1.54 4.68 37.19
CA THR B 360 -2.07 3.34 36.99
C THR B 360 -2.01 2.52 38.27
N TYR B 361 -0.92 2.65 39.03
CA TYR B 361 -0.83 1.90 40.27
C TYR B 361 -1.86 2.38 41.29
N TYR B 362 -2.07 3.70 41.37
CA TYR B 362 -3.15 4.19 42.22
C TYR B 362 -4.49 3.64 41.75
N ASP B 363 -4.71 3.57 40.45
CA ASP B 363 -5.95 3.02 39.91
C ASP B 363 -6.13 1.57 40.33
N VAL B 364 -5.07 0.78 40.24
CA VAL B 364 -5.16 -0.63 40.63
C VAL B 364 -5.49 -0.74 42.12
N ASP B 365 -4.84 0.08 42.94
CA ASP B 365 -5.16 0.06 44.37
C ASP B 365 -6.63 0.40 44.61
N TYR B 366 -7.12 1.43 43.93
CA TYR B 366 -8.51 1.82 44.10
C TYR B 366 -9.46 0.71 43.68
N ILE B 367 -9.18 0.05 42.55
CA ILE B 367 -10.05 -1.01 42.07
C ILE B 367 -10.05 -2.18 43.04
N ASN B 368 -8.87 -2.56 43.54
CA ASN B 368 -8.80 -3.62 44.53
C ASN B 368 -9.60 -3.25 45.77
N ASP B 369 -9.51 -1.99 46.21
CA ASP B 369 -10.19 -1.58 47.42
C ASP B 369 -11.71 -1.61 47.25
N LYS B 370 -12.20 -1.20 46.08
CA LYS B 370 -13.65 -1.04 45.91
C LYS B 370 -14.34 -2.23 45.27
N TYR B 371 -13.66 -2.97 44.40
CA TYR B 371 -14.29 -4.08 43.67
C TYR B 371 -13.77 -5.43 44.11
N ASN B 372 -13.29 -5.52 45.36
CA ASN B 372 -12.87 -6.78 45.96
C ASN B 372 -11.63 -7.33 45.26
N GLY B 373 -10.67 -6.44 45.01
CA GLY B 373 -9.41 -6.85 44.42
C GLY B 373 -9.52 -7.45 43.05
N ALA B 374 -10.33 -6.85 42.17
CA ALA B 374 -10.45 -7.34 40.81
C ALA B 374 -9.23 -7.02 39.97
N ALA B 375 -8.38 -6.10 40.42
CA ALA B 375 -7.15 -5.77 39.70
C ALA B 375 -6.08 -6.82 39.86
N ASN B 376 -6.29 -7.82 40.70
CA ASN B 376 -5.34 -8.90 40.86
C ASN B 376 -5.45 -9.87 39.69
N LEU B 377 -4.45 -10.73 39.55
CA LEU B 377 -4.50 -11.75 38.52
C LEU B 377 -5.66 -12.70 38.77
N GLY B 378 -6.28 -13.17 37.69
CA GLY B 378 -7.34 -14.13 37.82
C GLY B 378 -8.47 -13.94 36.83
N THR B 379 -9.19 -15.01 36.54
CA THR B 379 -10.30 -14.98 35.60
C THR B 379 -11.65 -14.88 36.27
N ASP B 380 -11.73 -15.19 37.56
CA ASP B 380 -12.97 -15.10 38.32
C ASP B 380 -13.11 -13.79 39.08
N ASN B 381 -12.00 -13.25 39.60
CA ASN B 381 -12.05 -12.04 40.41
C ASN B 381 -12.35 -10.79 39.59
N LYS B 382 -12.37 -10.90 38.27
CA LYS B 382 -12.73 -9.75 37.44
C LYS B 382 -14.23 -9.51 37.50
N VAL B 383 -14.62 -8.24 37.41
CA VAL B 383 -16.01 -7.84 37.48
C VAL B 383 -16.58 -7.74 36.07
N LYS B 384 -17.86 -8.05 35.93
CA LYS B 384 -18.55 -7.83 34.67
C LYS B 384 -18.45 -6.36 34.30
N ALA B 385 -18.14 -6.10 33.04
CA ALA B 385 -17.93 -4.73 32.57
C ALA B 385 -19.28 -4.10 32.25
N THR B 386 -19.60 -3.03 32.97
CA THR B 386 -20.82 -2.27 32.75
C THR B 386 -20.49 -0.79 32.77
N LEU B 387 -21.47 0.03 32.39
CA LEU B 387 -21.24 1.47 32.32
C LEU B 387 -20.93 2.06 33.69
N ASP B 388 -21.60 1.58 34.74
CA ASP B 388 -21.36 2.13 36.07
C ASP B 388 -19.94 1.86 36.53
N VAL B 389 -19.44 0.65 36.31
CA VAL B 389 -18.09 0.31 36.73
C VAL B 389 -17.07 1.16 35.99
N VAL B 390 -17.23 1.27 34.67
CA VAL B 390 -16.27 2.04 33.89
C VAL B 390 -16.36 3.51 34.25
N LYS B 391 -17.56 4.00 34.53
CA LYS B 391 -17.72 5.39 34.94
C LYS B 391 -16.98 5.64 36.24
N ASP B 392 -17.18 4.78 37.24
CA ASP B 392 -16.48 4.95 38.50
C ASP B 392 -14.97 4.93 38.30
N ILE B 393 -14.47 3.91 37.62
CA ILE B 393 -13.02 3.75 37.51
C ILE B 393 -12.41 4.91 36.72
N ALA B 394 -13.01 5.24 35.58
CA ALA B 394 -12.46 6.29 34.74
C ALA B 394 -12.54 7.65 35.41
N THR B 395 -13.67 7.98 36.03
CA THR B 395 -13.79 9.27 36.71
C THR B 395 -12.80 9.37 37.85
N GLU B 396 -12.65 8.31 38.64
CA GLU B 396 -11.70 8.37 39.74
C GLU B 396 -10.27 8.52 39.24
N SER B 397 -9.91 7.77 38.20
CA SER B 397 -8.56 7.88 37.65
C SER B 397 -8.30 9.28 37.10
N THR B 398 -9.27 9.82 36.37
CA THR B 398 -9.09 11.16 35.81
C THR B 398 -8.97 12.20 36.90
N LEU B 399 -9.81 12.10 37.94
CA LEU B 399 -9.73 13.06 39.03
C LEU B 399 -8.40 12.98 39.75
N TYR B 400 -7.91 11.76 39.98
CA TYR B 400 -6.61 11.62 40.64
C TYR B 400 -5.51 12.21 39.77
N GLY B 401 -5.55 11.95 38.46
CA GLY B 401 -4.54 12.53 37.59
C GLY B 401 -4.58 14.04 37.57
N ILE B 402 -5.79 14.61 37.53
CA ILE B 402 -5.93 16.06 37.54
C ILE B 402 -5.37 16.63 38.83
N GLU B 403 -5.68 16.01 39.97
CA GLU B 403 -5.16 16.50 41.24
C GLU B 403 -3.65 16.43 41.26
N THR B 404 -3.08 15.32 40.77
CA THR B 404 -1.63 15.19 40.77
C THR B 404 -0.97 16.23 39.88
N TYR B 405 -1.54 16.49 38.71
CA TYR B 405 -1.03 17.58 37.87
C TYR B 405 -1.12 18.92 38.59
N GLU B 406 -2.26 19.21 39.19
CA GLU B 406 -2.48 20.52 39.79
C GLU B 406 -1.75 20.70 41.11
N LYS B 407 -1.17 19.64 41.66
CA LYS B 407 -0.40 19.75 42.89
C LYS B 407 1.10 19.78 42.67
N PHE B 408 1.57 19.26 41.55
CA PHE B 408 2.99 19.14 41.24
C PHE B 408 3.15 18.91 39.74
N PRO B 409 2.97 19.94 38.91
CA PRO B 409 2.91 19.71 37.46
C PRO B 409 4.18 19.10 36.91
N THR B 410 5.30 19.83 37.00
CA THR B 410 6.64 19.26 36.88
C THR B 410 6.92 18.66 35.50
N ALA B 411 5.92 18.61 34.64
CA ALA B 411 6.06 18.14 33.28
C ALA B 411 5.33 19.02 32.29
N LEU B 412 4.63 20.04 32.77
CA LEU B 412 4.07 21.08 31.92
C LEU B 412 5.19 22.08 31.62
N GLU B 413 4.84 23.24 31.08
CA GLU B 413 5.82 24.29 30.80
C GLU B 413 6.83 23.85 29.75
N ASP B 414 6.39 23.07 28.78
CA ASP B 414 7.27 22.46 27.79
C ASP B 414 7.36 23.25 26.49
N HIS B 415 6.72 24.41 26.40
CA HIS B 415 6.65 25.28 25.23
C HIS B 415 5.68 24.75 24.18
N PHE B 416 5.15 23.53 24.33
CA PHE B 416 4.36 22.92 23.27
C PHE B 416 2.96 22.55 23.71
N GLY B 417 2.54 22.94 24.91
CA GLY B 417 1.19 22.66 25.36
C GLY B 417 1.08 21.50 26.31
N GLY B 418 -0.09 20.88 26.37
CA GLY B 418 -0.33 19.80 27.30
C GLY B 418 -1.15 18.65 26.75
N SER B 419 -1.02 18.36 25.45
CA SER B 419 -1.72 17.20 24.91
C SER B 419 -1.23 15.91 25.55
N GLN B 420 0.05 15.85 25.93
CA GLN B 420 0.54 14.67 26.64
C GLN B 420 -0.15 14.47 27.97
N ARG B 421 -0.62 15.55 28.62
CA ARG B 421 -1.40 15.38 29.84
C ARG B 421 -2.65 14.56 29.56
N ALA B 422 -3.39 14.93 28.53
CA ALA B 422 -4.60 14.19 28.17
C ALA B 422 -4.27 12.77 27.80
N THR B 423 -3.18 12.57 27.04
CA THR B 423 -2.80 11.22 26.66
C THR B 423 -2.52 10.36 27.88
N VAL B 424 -1.76 10.90 28.83
CA VAL B 424 -1.41 10.13 30.03
C VAL B 424 -2.65 9.81 30.83
N LEU B 425 -3.53 10.80 31.03
CA LEU B 425 -4.73 10.56 31.83
C LEU B 425 -5.60 9.49 31.18
N ALA B 426 -5.79 9.58 29.85
CA ALA B 426 -6.61 8.59 29.18
C ALA B 426 -5.99 7.21 29.22
N ALA B 427 -4.66 7.12 29.06
CA ALA B 427 -4.01 5.83 29.15
C ALA B 427 -4.21 5.20 30.52
N ALA B 428 -4.04 6.01 31.57
CA ALA B 428 -4.22 5.50 32.92
C ALA B 428 -5.65 5.01 33.12
N SER B 429 -6.63 5.79 32.70
CA SER B 429 -8.03 5.41 32.88
C SER B 429 -8.35 4.14 32.12
N GLY B 430 -7.91 4.05 30.87
CA GLY B 430 -8.21 2.87 30.07
C GLY B 430 -7.55 1.61 30.61
N VAL B 431 -6.29 1.71 31.02
CA VAL B 431 -5.61 0.55 31.58
C VAL B 431 -6.29 0.13 32.87
N ALA B 432 -6.71 1.09 33.70
CA ALA B 432 -7.40 0.73 34.93
C ALA B 432 -8.71 0.02 34.64
N CYS B 433 -9.48 0.53 33.68
CA CYS B 433 -10.75 -0.11 33.35
C CYS B 433 -10.53 -1.51 32.81
N ALA B 434 -9.51 -1.69 31.97
CA ALA B 434 -9.22 -3.01 31.42
C ALA B 434 -8.80 -3.98 32.52
N LEU B 435 -7.92 -3.54 33.41
CA LEU B 435 -7.48 -4.41 34.49
C LEU B 435 -8.64 -4.80 35.39
N ALA B 436 -9.52 -3.86 35.71
CA ALA B 436 -10.63 -4.16 36.61
C ALA B 436 -11.65 -5.08 35.94
N THR B 437 -11.92 -4.86 34.66
CA THR B 437 -12.97 -5.61 33.98
C THR B 437 -12.46 -6.79 33.17
N GLY B 438 -11.18 -6.80 32.80
CA GLY B 438 -10.71 -7.83 31.90
C GLY B 438 -11.22 -7.69 30.49
N ASN B 439 -11.71 -6.51 30.13
CA ASN B 439 -12.28 -6.24 28.82
C ASN B 439 -11.56 -5.06 28.21
N ALA B 440 -11.17 -5.19 26.94
CA ALA B 440 -10.44 -4.15 26.25
C ALA B 440 -11.31 -2.95 25.88
N ASN B 441 -12.52 -3.19 25.39
CA ASN B 441 -13.39 -2.08 25.06
C ASN B 441 -13.84 -1.30 26.29
N ALA B 442 -13.91 -1.95 27.45
CA ALA B 442 -14.11 -1.20 28.68
C ALA B 442 -12.94 -0.25 28.92
N GLY B 443 -11.73 -0.71 28.63
CA GLY B 443 -10.58 0.19 28.71
C GLY B 443 -10.69 1.36 27.75
N LEU B 444 -11.19 1.09 26.54
CA LEU B 444 -11.39 2.19 25.60
C LEU B 444 -12.41 3.18 26.13
N SER B 445 -13.51 2.69 26.70
CA SER B 445 -14.51 3.57 27.27
C SER B 445 -13.92 4.40 28.39
N GLY B 446 -13.07 3.80 29.21
CA GLY B 446 -12.38 4.57 30.23
C GLY B 446 -11.49 5.64 29.64
N TRP B 447 -10.79 5.31 28.55
CA TRP B 447 -9.94 6.29 27.87
C TRP B 447 -10.76 7.51 27.45
N TYR B 448 -11.88 7.27 26.77
CA TYR B 448 -12.67 8.39 26.27
C TYR B 448 -13.35 9.15 27.40
N LEU B 449 -13.83 8.45 28.43
CA LEU B 449 -14.42 9.14 29.56
C LEU B 449 -13.41 10.02 30.27
N SER B 450 -12.17 9.54 30.39
CA SER B 450 -11.13 10.35 30.98
C SER B 450 -10.86 11.58 30.13
N MET B 451 -10.86 11.43 28.81
CA MET B 451 -10.69 12.59 27.93
C MET B 451 -11.78 13.62 28.19
N TYR B 452 -13.03 13.18 28.27
CA TYR B 452 -14.13 14.12 28.47
C TYR B 452 -14.05 14.80 29.84
N VAL B 453 -13.69 14.05 30.87
CA VAL B 453 -13.54 14.64 32.20
C VAL B 453 -12.41 15.67 32.18
N HIS B 454 -11.31 15.37 31.51
CA HIS B 454 -10.24 16.34 31.32
C HIS B 454 -10.77 17.61 30.69
N LYS B 455 -11.49 17.48 29.58
CA LYS B 455 -11.96 18.64 28.84
C LYS B 455 -12.86 19.50 29.71
N GLU B 456 -13.78 18.86 30.44
CA GLU B 456 -14.72 19.62 31.25
C GLU B 456 -14.09 20.20 32.49
N ALA B 457 -13.05 19.58 33.05
CA ALA B 457 -12.40 20.08 34.23
C ALA B 457 -11.46 21.24 33.94
N TRP B 458 -10.80 21.22 32.78
CA TRP B 458 -9.80 22.24 32.51
C TRP B 458 -10.18 23.19 31.38
N GLY B 459 -10.99 22.77 30.43
CA GLY B 459 -11.19 23.58 29.26
C GLY B 459 -10.08 23.51 28.24
N ARG B 460 -9.13 22.60 28.43
CA ARG B 460 -8.12 22.29 27.43
C ARG B 460 -8.32 20.86 26.98
N LEU B 461 -7.95 20.56 25.74
CA LEU B 461 -7.83 19.15 25.37
C LEU B 461 -6.59 18.83 24.55
N GLY B 462 -5.98 19.78 23.86
CA GLY B 462 -4.82 19.48 23.03
C GLY B 462 -4.73 20.45 21.88
N PHE B 463 -3.96 20.07 20.88
CA PHE B 463 -3.84 20.88 19.68
C PHE B 463 -5.09 20.71 18.81
N PHE B 464 -5.11 21.38 17.66
CA PHE B 464 -6.24 21.28 16.73
C PHE B 464 -6.70 19.86 16.48
N GLY B 465 -5.75 18.97 16.21
CA GLY B 465 -6.09 17.60 15.99
C GLY B 465 -6.68 16.91 17.19
N PHE B 466 -6.33 15.64 17.45
CA PHE B 466 -6.46 15.06 18.83
C PHE B 466 -7.90 14.86 19.31
N ASP B 467 -8.67 15.95 19.35
CA ASP B 467 -10.04 15.85 19.83
C ASP B 467 -10.91 15.02 18.89
N LEU B 468 -10.57 14.98 17.60
CA LEU B 468 -11.31 14.18 16.62
C LEU B 468 -11.54 12.76 17.11
N GLN B 469 -10.44 12.05 17.33
CA GLN B 469 -10.49 10.64 17.66
C GLN B 469 -11.34 10.38 18.88
N ASP B 470 -11.21 11.21 19.91
CA ASP B 470 -11.92 10.95 21.15
C ASP B 470 -13.42 11.16 20.99
N GLN B 471 -13.81 12.30 20.41
CA GLN B 471 -15.21 12.62 20.20
C GLN B 471 -15.88 11.55 19.37
N SMC B 472 -15.18 11.07 18.35
CA SMC B 472 -15.73 10.02 17.56
CB SMC B 472 -14.93 9.66 16.31
SG SMC B 472 -15.49 10.74 15.04
CS SMC B 472 -14.00 11.01 14.15
C SMC B 472 -15.80 8.78 18.44
O SMC B 472 -16.83 8.39 18.98
N GLY B 473 -14.63 8.16 18.60
CA GLY B 473 -14.48 6.90 19.28
C GLY B 473 -15.24 6.61 20.55
N ALA B 474 -15.63 7.63 21.30
CA ALA B 474 -16.45 7.35 22.49
C ALA B 474 -17.72 6.60 22.11
N THR B 475 -18.28 6.88 20.93
CA THR B 475 -19.45 6.17 20.45
C THR B 475 -19.10 4.95 19.60
N ASN B 476 -17.83 4.76 19.26
CA ASN B 476 -17.41 3.62 18.47
C ASN B 476 -16.88 2.47 19.30
N VAL B 477 -16.91 2.58 20.63
CA VAL B 477 -16.35 1.52 21.46
C VAL B 477 -17.21 0.26 21.34
N LEU B 478 -18.53 0.41 21.47
CA LEU B 478 -19.42 -0.74 21.52
C LEU B 478 -20.28 -0.90 20.29
N SER B 479 -20.14 -0.04 19.29
CA SER B 479 -20.91 -0.19 18.08
C SER B 479 -20.49 -1.47 17.34
N TYR B 480 -21.42 -2.03 16.61
CA TYR B 480 -21.12 -3.23 15.90
C TYR B 480 -21.44 -2.99 14.46
N GLN B 481 -21.27 -1.76 14.02
CA GLN B 481 -21.50 -1.42 12.63
C GLN B 481 -20.28 -1.87 11.88
N GLY B 482 -20.34 -1.92 10.57
CA GLY B 482 -19.21 -2.46 9.86
C GLY B 482 -17.88 -1.76 9.95
N ASP B 483 -17.87 -0.46 9.77
CA ASP B 483 -16.60 0.24 9.71
C ASP B 483 -16.21 0.78 11.04
N GLU B 484 -17.04 0.57 12.05
CA GLU B 484 -16.76 1.08 13.35
C GLU B 484 -17.08 -0.05 14.25
N GLY B 485 -16.17 -0.41 15.11
CA GLY B 485 -16.46 -1.44 16.06
C GLY B 485 -15.62 -2.63 15.78
N LEU B 486 -14.78 -3.00 16.72
CA LEU B 486 -13.96 -4.15 16.57
C LEU B 486 -13.48 -4.34 17.98
N PRO B 487 -13.14 -5.56 18.35
CA PRO B 487 -12.54 -5.71 19.66
C PRO B 487 -11.24 -4.98 19.56
N ASP B 488 -10.79 -4.36 20.64
CA ASP B 488 -9.60 -3.54 20.52
C ASP B 488 -8.50 -4.39 20.03
N GLU B 489 -8.41 -5.61 20.52
CA GLU B 489 -7.33 -6.46 20.13
C GLU B 489 -7.17 -6.47 18.62
N LEU B 490 -8.26 -6.45 17.88
CA LEU B 490 -8.20 -6.43 16.42
C LEU B 490 -8.15 -5.03 15.83
N ARG B 491 -8.03 -4.01 16.67
CA ARG B 491 -7.88 -2.65 16.16
C ARG B 491 -6.41 -2.37 15.86
N GLY B 492 -6.15 -1.20 15.29
CA GLY B 492 -4.80 -0.83 14.93
C GLY B 492 -4.74 0.51 14.25
N PRO B 493 -3.53 0.91 13.83
CA PRO B 493 -3.36 2.23 13.23
C PRO B 493 -4.13 2.41 11.93
N ASN B 494 -4.55 1.35 11.28
CA ASN B 494 -5.37 1.46 10.08
C ASN B 494 -6.85 1.57 10.40
N TYR B 495 -7.22 1.50 11.67
CA TYR B 495 -8.60 1.75 12.04
C TYR B 495 -8.99 3.16 11.61
N PRO B 496 -10.21 3.37 11.12
CA PRO B 496 -10.55 4.67 10.52
C PRO B 496 -10.32 5.87 11.42
N ASN B 497 -10.86 5.87 12.64
CA ASN B 497 -10.66 7.02 13.52
C ASN B 497 -9.19 7.22 13.85
N TYR B 498 -8.47 6.13 14.09
CA TYR B 498 -7.11 6.18 14.58
C TYR B 498 -6.09 6.39 13.46
N ALA B 499 -6.55 6.73 12.27
CA ALA B 499 -5.71 6.60 11.09
C ALA B 499 -4.60 7.65 11.02
N MET B 500 -4.80 8.83 11.58
CA MET B 500 -3.91 9.95 11.27
C MET B 500 -3.31 10.69 12.45
N ASN B 501 -3.80 10.51 13.67
CA ASN B 501 -3.42 11.37 14.77
C ASN B 501 -2.51 10.65 15.76
N VAL B 502 -1.68 11.42 16.46
CA VAL B 502 -0.63 10.90 17.31
C VAL B 502 -1.08 10.93 18.75
N GLY B 503 -0.34 10.21 19.60
CA GLY B 503 -0.58 10.21 21.03
C GLY B 503 -1.75 9.36 21.49
N HIS B 504 -2.26 8.47 20.66
CA HIS B 504 -3.44 7.69 21.00
C HIS B 504 -3.22 6.19 20.84
N GLN B 505 -2.51 5.75 19.81
CA GLN B 505 -2.49 4.33 19.48
C GLN B 505 -1.70 3.51 20.47
N GLY B 506 -0.61 4.05 21.01
CA GLY B 506 0.10 3.34 22.06
C GLY B 506 -0.79 3.06 23.26
N GLY B 507 -1.64 4.02 23.62
CA GLY B 507 -2.58 3.79 24.69
C GLY B 507 -3.53 2.65 24.39
N TYR B 508 -3.98 2.54 23.15
CA TYR B 508 -4.88 1.46 22.78
C TYR B 508 -4.19 0.11 22.83
N ALA B 509 -2.94 0.05 22.38
CA ALA B 509 -2.20 -1.19 22.49
C ALA B 509 -2.05 -1.59 23.95
N GLY B 510 -1.74 -0.62 24.81
CA GLY B 510 -1.64 -0.91 26.23
C GLY B 510 -2.95 -1.37 26.81
N ILE B 511 -4.06 -0.77 26.39
CA ILE B 511 -5.37 -1.17 26.88
C ILE B 511 -5.69 -2.59 26.47
N ALA B 512 -5.40 -2.94 25.21
CA ALA B 512 -5.64 -4.29 24.74
C ALA B 512 -4.79 -5.28 25.52
N GLN B 513 -3.53 -4.94 25.79
CA GLN B 513 -2.69 -5.82 26.59
C GLN B 513 -3.24 -5.97 28.00
N ALA B 514 -3.66 -4.87 28.62
CA ALA B 514 -4.13 -4.92 30.00
C ALA B 514 -5.43 -5.69 30.12
N ALA B 515 -6.25 -5.70 29.07
CA ALA B 515 -7.49 -6.46 29.12
C ALA B 515 -7.24 -7.93 29.46
N HIS B 516 -6.11 -8.47 28.98
CA HIS B 516 -5.80 -9.87 29.19
C HIS B 516 -4.70 -10.10 30.22
N SER B 517 -3.84 -9.10 30.46
CA SER B 517 -2.74 -9.28 31.41
C SER B 517 -3.27 -9.48 32.82
N GLY B 518 -4.25 -8.68 33.23
CA GLY B 518 -4.87 -8.89 34.52
C GLY B 518 -5.53 -10.23 34.68
N ARG B 519 -5.90 -10.86 33.57
CA ARG B 519 -6.40 -12.23 33.59
C ARG B 519 -5.29 -13.26 33.60
N GLY B 520 -4.03 -12.83 33.52
CA GLY B 520 -2.93 -13.76 33.48
C GLY B 520 -2.84 -14.55 32.20
N ASP B 521 -3.47 -14.08 31.13
CA ASP B 521 -3.47 -14.83 29.88
C ASP B 521 -2.08 -14.88 29.27
N ALA B 522 -1.81 -15.99 28.57
CA ALA B 522 -0.51 -16.14 27.91
C ALA B 522 -0.34 -15.15 26.78
N PHE B 523 -1.40 -14.93 25.99
CA PHE B 523 -1.31 -14.09 24.80
C PHE B 523 -2.53 -13.20 24.72
N THR B 524 -2.38 -12.11 23.96
CA THR B 524 -3.49 -11.18 23.77
C THR B 524 -4.44 -11.67 22.68
N VAL B 525 -3.96 -11.75 21.44
CA VAL B 525 -4.79 -12.22 20.33
C VAL B 525 -4.11 -13.23 19.44
N ASN B 526 -2.79 -13.39 19.51
CA ASN B 526 -2.12 -14.32 18.60
C ASN B 526 -1.03 -15.09 19.33
N PRO B 527 -1.23 -16.37 19.61
CA PRO B 527 -0.19 -17.13 20.31
C PRO B 527 1.05 -17.36 19.47
N LEU B 528 0.90 -17.43 18.15
CA LEU B 528 2.06 -17.65 17.29
C LEU B 528 3.04 -16.50 17.42
N LEU B 529 2.54 -15.26 17.45
CA LEU B 529 3.42 -14.12 17.69
C LEU B 529 3.97 -14.13 19.10
N LYS B 530 3.19 -14.60 20.07
CA LYS B 530 3.67 -14.63 21.45
C LYS B 530 4.84 -15.58 21.61
N VAL B 531 4.78 -16.74 20.96
CA VAL B 531 5.85 -17.72 21.07
C VAL B 531 6.99 -17.41 20.11
N CYS B 532 6.70 -16.76 18.99
CA CYS B 532 7.72 -16.47 18.00
C CYS B 532 8.78 -15.54 18.56
N PHE B 533 8.39 -14.60 19.41
CA PHE B 533 9.29 -13.60 19.95
C PHE B 533 9.80 -13.96 21.33
N ALA B 534 9.54 -15.19 21.80
CA ALA B 534 10.15 -15.68 23.03
C ALA B 534 11.49 -16.31 22.74
N ASP B 535 12.32 -15.55 22.03
CA ASP B 535 13.67 -15.94 21.66
C ASP B 535 14.64 -14.94 22.24
N GLU B 536 15.78 -15.44 22.72
CA GLU B 536 16.77 -14.56 23.32
C GLU B 536 17.86 -14.14 22.35
N LEU B 537 17.82 -14.60 21.09
CA LEU B 537 18.82 -14.20 20.13
C LEU B 537 18.53 -12.84 19.52
N MET B 538 17.33 -12.32 19.71
CA MET B 538 17.00 -11.00 19.18
C MET B 538 17.96 -9.96 19.74
N PRO B 539 18.50 -9.07 18.90
CA PRO B 539 19.28 -7.95 19.44
C PRO B 539 18.46 -7.03 20.31
N PHE B 540 17.14 -7.08 20.19
CA PHE B 540 16.23 -6.25 20.97
C PHE B 540 15.54 -7.12 22.01
N ASN B 541 15.53 -6.66 23.25
CA ASN B 541 14.88 -7.39 24.34
C ASN B 541 13.42 -6.97 24.40
N PHE B 542 12.53 -7.86 23.96
CA PHE B 542 11.10 -7.56 23.96
C PHE B 542 10.46 -7.79 25.32
N ALA B 543 11.22 -8.27 26.31
CA ALA B 543 10.71 -8.33 27.66
C ALA B 543 10.65 -6.95 28.32
N GLU B 544 11.68 -6.13 28.10
CA GLU B 544 11.75 -4.77 28.63
C GLU B 544 11.92 -3.82 27.46
N PRO B 545 10.84 -3.47 26.77
CA PRO B 545 10.96 -2.55 25.64
C PRO B 545 11.42 -1.15 26.06
N ARG B 546 10.82 -0.61 27.11
CA ARG B 546 11.19 0.73 27.57
C ARG B 546 12.65 0.76 28.04
N ARG B 547 13.08 -0.27 28.75
CA ARG B 547 14.49 -0.35 29.12
C ARG B 547 15.37 -0.43 27.88
N GLU B 548 14.89 -1.08 26.82
CA GLU B 548 15.65 -1.12 25.58
C GLU B 548 15.77 0.27 24.97
N PHE B 549 14.69 1.05 24.99
CA PHE B 549 14.78 2.43 24.53
C PHE B 549 15.79 3.22 25.34
N GLY B 550 15.76 3.03 26.66
CA GLY B 550 16.73 3.70 27.51
C GLY B 550 18.15 3.35 27.16
N ARG B 551 18.42 2.06 26.92
CA ARG B 551 19.76 1.65 26.50
C ARG B 551 20.13 2.26 25.17
N GLY B 552 19.20 2.28 24.22
CA GLY B 552 19.48 2.87 22.93
C GLY B 552 19.81 4.35 23.02
N ALA B 553 19.16 5.05 23.96
CA ALA B 553 19.35 6.49 24.09
C ALA B 553 20.71 6.87 24.66
N ILE B 554 21.43 5.93 25.26
CA ILE B 554 22.71 6.23 25.90
C ILE B 554 23.87 5.63 25.12
N ARG B 555 23.68 5.36 23.83
CA ARG B 555 24.75 4.85 22.96
C ARG B 555 25.33 3.54 23.50
N GLU B 556 24.44 2.67 23.97
CA GLU B 556 24.85 1.35 24.44
C GLU B 556 23.99 0.24 23.87
N PHE B 557 23.41 0.46 22.69
CA PHE B 557 22.64 -0.56 21.99
C PHE B 557 23.30 -0.87 20.66
N MET B 558 23.56 -2.15 20.41
CA MET B 558 24.22 -2.57 19.19
C MET B 558 23.19 -3.15 18.23
N PRO B 559 22.81 -2.45 17.17
CA PRO B 559 21.85 -2.99 16.21
C PRO B 559 22.57 -3.79 15.13
N ALA B 560 21.77 -4.62 14.44
CA ALA B 560 22.29 -5.38 13.32
C ALA B 560 22.27 -4.51 12.06
N GLY B 561 22.51 -5.13 10.92
CA GLY B 561 22.38 -4.47 9.65
C GLY B 561 23.50 -3.49 9.31
N GLU B 562 24.56 -3.44 10.10
CA GLU B 562 25.66 -2.54 9.80
C GLU B 562 26.52 -3.10 8.67
N ARG B 563 26.94 -2.20 7.78
CA ARG B 563 27.66 -2.57 6.57
C ARG B 563 29.14 -2.27 6.65
N SER B 564 29.69 -2.16 7.86
CA SER B 564 31.09 -1.75 8.01
C SER B 564 32.05 -2.69 7.28
N LEU B 565 31.67 -3.95 7.09
CA LEU B 565 32.53 -4.88 6.37
C LEU B 565 32.74 -4.43 4.93
N VAL B 566 31.67 -4.01 4.25
CA VAL B 566 31.77 -3.62 2.85
C VAL B 566 32.16 -2.16 2.68
N ILE B 567 31.91 -1.32 3.69
CA ILE B 567 32.18 0.11 3.59
C ILE B 567 33.68 0.36 3.76
N PRO B 568 34.24 1.36 3.07
CA PRO B 568 35.65 1.68 3.29
C PRO B 568 35.88 2.25 4.68
N ALA B 569 37.08 2.06 5.19
CA ALA B 569 37.46 2.61 6.49
C ALA B 569 38.04 4.01 6.34
N ASP C 3 -21.47 -13.58 -38.49
CA ASP C 3 -20.89 -14.57 -37.59
C ASP C 3 -21.96 -15.26 -36.76
N THR C 4 -22.32 -16.47 -37.15
CA THR C 4 -23.36 -17.22 -36.45
C THR C 4 -22.78 -18.58 -36.09
N VAL C 5 -22.97 -19.00 -34.84
CA VAL C 5 -22.48 -20.28 -34.35
C VAL C 5 -23.65 -21.07 -33.80
N ASP C 6 -23.38 -22.34 -33.51
CA ASP C 6 -24.26 -23.12 -32.65
C ASP C 6 -23.58 -23.36 -31.32
N ILE C 7 -24.38 -23.45 -30.27
CA ILE C 7 -23.88 -23.71 -28.92
C ILE C 7 -24.30 -25.11 -28.53
N TYR C 8 -23.33 -25.94 -28.16
CA TYR C 8 -23.56 -27.32 -27.78
C TYR C 8 -23.21 -27.52 -26.31
N ASP C 9 -24.09 -28.21 -25.59
CA ASP C 9 -23.89 -28.47 -24.18
C ASP C 9 -22.80 -29.52 -24.00
N ASP C 10 -22.42 -29.76 -22.74
CA ASP C 10 -21.28 -30.62 -22.46
C ASP C 10 -21.52 -32.08 -22.82
N ARG C 11 -22.76 -32.47 -23.09
CA ARG C 11 -23.02 -33.82 -23.59
C ARG C 11 -22.99 -33.89 -25.10
N GLY C 12 -22.65 -32.80 -25.77
CA GLY C 12 -22.62 -32.77 -27.22
C GLY C 12 -23.96 -32.60 -27.88
N LYS C 13 -24.98 -32.20 -27.14
CA LYS C 13 -26.30 -32.00 -27.71
C LYS C 13 -26.47 -30.57 -28.23
N LEU C 14 -27.47 -30.39 -29.09
CA LEU C 14 -27.72 -29.10 -29.72
C LEU C 14 -28.65 -28.27 -28.85
N LEU C 15 -28.15 -27.13 -28.36
CA LEU C 15 -28.92 -26.22 -27.52
C LEU C 15 -29.71 -25.22 -28.34
N GLU C 16 -29.04 -24.40 -29.14
CA GLU C 16 -29.71 -23.39 -29.95
C GLU C 16 -28.97 -23.25 -31.27
N SER C 17 -29.73 -23.05 -32.35
CA SER C 17 -29.18 -23.07 -33.71
C SER C 17 -29.12 -21.66 -34.27
N ASN C 18 -27.98 -21.31 -34.86
CA ASN C 18 -27.78 -20.10 -35.64
C ASN C 18 -27.67 -18.84 -34.80
N VAL C 19 -27.44 -18.97 -33.49
CA VAL C 19 -27.46 -17.80 -32.62
C VAL C 19 -26.35 -16.85 -33.03
N ASP C 20 -26.72 -15.60 -33.32
CA ASP C 20 -25.75 -14.61 -33.76
C ASP C 20 -24.74 -14.33 -32.66
N ILE C 21 -23.49 -14.10 -33.08
CA ILE C 21 -22.41 -13.92 -32.12
C ILE C 21 -22.62 -12.68 -31.28
N MET C 22 -22.99 -11.56 -31.92
CA MET C 22 -23.16 -10.32 -31.17
C MET C 22 -24.28 -10.44 -30.14
N SER C 23 -25.27 -11.27 -30.40
CA SER C 23 -26.33 -11.51 -29.42
C SER C 23 -25.82 -12.19 -28.17
N LEU C 24 -24.59 -12.68 -28.20
CA LEU C 24 -24.02 -13.50 -27.14
C LEU C 24 -23.03 -12.72 -26.30
N ALA C 25 -22.98 -11.41 -26.47
CA ALA C 25 -21.99 -10.60 -25.77
C ALA C 25 -22.38 -10.40 -24.31
N PRO C 26 -21.41 -10.11 -23.45
CA PRO C 26 -21.74 -9.86 -22.03
C PRO C 26 -22.71 -8.72 -21.84
N THR C 27 -22.61 -7.67 -22.64
CA THR C 27 -23.44 -6.49 -22.50
C THR C 27 -24.79 -6.65 -23.20
N ARG C 28 -25.03 -7.78 -23.84
CA ARG C 28 -26.31 -7.95 -24.52
C ARG C 28 -27.07 -9.19 -24.10
N ASN C 29 -26.39 -10.24 -23.65
CA ASN C 29 -27.07 -11.48 -23.34
C ASN C 29 -27.71 -11.41 -21.96
N ALA C 30 -28.98 -11.79 -21.88
CA ALA C 30 -29.70 -11.72 -20.63
C ALA C 30 -29.16 -12.68 -19.58
N ALA C 31 -28.88 -13.93 -19.97
CA ALA C 31 -28.42 -14.92 -19.00
C ALA C 31 -27.06 -14.57 -18.42
N ILE C 32 -26.16 -14.07 -19.25
CA ILE C 32 -24.86 -13.65 -18.75
C ILE C 32 -25.02 -12.50 -17.78
N LYS C 33 -25.94 -11.57 -18.09
CA LYS C 33 -26.19 -10.45 -17.18
C LYS C 33 -26.75 -10.94 -15.86
N LYS C 34 -27.64 -11.93 -15.89
CA LYS C 34 -28.17 -12.50 -14.66
C LYS C 34 -27.08 -13.19 -13.85
N ILE C 35 -26.19 -13.91 -14.53
CA ILE C 35 -25.08 -14.55 -13.82
C ILE C 35 -24.20 -13.51 -13.16
N ILE C 36 -23.94 -12.41 -13.86
CA ILE C 36 -23.14 -11.32 -13.30
C ILE C 36 -23.83 -10.72 -12.08
N LEU C 37 -25.14 -10.49 -12.18
CA LEU C 37 -25.88 -9.91 -11.07
C LEU C 37 -25.87 -10.85 -9.87
N ASP C 38 -26.05 -12.14 -10.09
CA ASP C 38 -26.05 -13.09 -8.99
C ASP C 38 -24.67 -13.18 -8.34
N THR C 39 -23.62 -13.20 -9.14
CA THR C 39 -22.27 -13.17 -8.58
C THR C 39 -22.05 -11.90 -7.77
N LYS C 40 -22.68 -10.80 -8.19
CA LYS C 40 -22.50 -9.53 -7.49
C LYS C 40 -23.24 -9.53 -6.16
N ARG C 41 -24.45 -10.07 -6.14
CA ARG C 41 -25.33 -9.92 -4.99
C ARG C 41 -25.27 -11.07 -4.01
N SER C 42 -25.04 -12.29 -4.47
CA SER C 42 -25.06 -13.46 -3.59
C SER C 42 -23.81 -13.53 -2.74
N VAL C 43 -23.99 -13.92 -1.47
CA VAL C 43 -22.88 -14.11 -0.54
C VAL C 43 -23.19 -15.32 0.33
N ALA C 44 -22.14 -15.91 0.89
CA ALA C 44 -22.26 -17.14 1.67
C ALA C 44 -21.74 -16.91 3.08
N VAL C 45 -22.48 -17.39 4.06
CA VAL C 45 -22.14 -17.21 5.47
C VAL C 45 -21.91 -18.58 6.10
N SER C 46 -20.84 -18.68 6.88
CA SER C 46 -20.48 -19.93 7.54
C SER C 46 -20.95 -19.84 8.99
N LEU C 47 -22.18 -20.32 9.22
CA LEU C 47 -22.72 -20.32 10.58
C LEU C 47 -21.87 -21.17 11.52
N ALA C 48 -21.41 -22.32 11.03
CA ALA C 48 -20.52 -23.15 11.84
C ALA C 48 -19.26 -22.39 12.23
N GLY C 49 -18.66 -21.67 11.28
CA GLY C 49 -17.46 -20.91 11.59
C GLY C 49 -17.74 -19.76 12.54
N ILE C 50 -18.90 -19.11 12.38
CA ILE C 50 -19.27 -18.05 13.30
C ILE C 50 -19.39 -18.58 14.72
N GLN C 51 -20.10 -19.71 14.88
CA GLN C 51 -20.25 -20.30 16.20
C GLN C 51 -18.92 -20.74 16.77
N GLY C 52 -18.05 -21.30 15.94
CA GLY C 52 -16.74 -21.71 16.43
C GLY C 52 -15.91 -20.53 16.92
N ALA C 53 -15.92 -19.43 16.16
CA ALA C 53 -15.19 -18.24 16.59
C ALA C 53 -15.76 -17.68 17.88
N LEU C 54 -17.09 -17.66 17.99
CA LEU C 54 -17.71 -17.15 19.21
C LEU C 54 -17.34 -18.01 20.41
N ALA C 55 -17.41 -19.33 20.26
CA ALA C 55 -17.14 -20.22 21.39
C ALA C 55 -15.66 -20.18 21.77
N SER C 56 -14.77 -20.31 20.80
CA SER C 56 -13.34 -20.41 21.09
C SER C 56 -12.62 -19.07 21.02
N GLY C 57 -13.28 -18.01 20.58
CA GLY C 57 -12.61 -16.74 20.44
C GLY C 57 -11.60 -16.69 19.31
N LYS C 58 -11.67 -17.65 18.39
CA LYS C 58 -10.72 -17.74 17.28
C LYS C 58 -11.31 -16.95 16.11
N MET C 59 -10.98 -15.67 16.05
CA MET C 59 -11.53 -14.75 15.08
C MET C 59 -10.49 -13.71 14.73
N GLY C 60 -10.56 -13.18 13.52
CA GLY C 60 -9.72 -12.07 13.11
C GLY C 60 -8.53 -12.44 12.25
N GLY C 61 -8.48 -13.64 11.69
CA GLY C 61 -7.42 -14.00 10.79
C GLY C 61 -6.79 -15.32 11.17
N LYS C 62 -5.57 -15.52 10.71
CA LYS C 62 -4.85 -16.76 10.94
C LYS C 62 -4.15 -16.71 12.29
N GLY C 63 -4.44 -17.69 13.15
CA GLY C 63 -3.81 -17.80 14.44
C GLY C 63 -4.42 -16.92 15.52
N ARG C 64 -5.29 -15.99 15.16
CA ARG C 64 -5.84 -15.07 16.14
C ARG C 64 -6.87 -15.75 17.02
N GLN C 65 -6.86 -15.42 18.30
CA GLN C 65 -7.83 -15.95 19.24
C GLN C 65 -7.84 -15.05 20.46
N ILE C 66 -9.01 -14.51 20.80
CA ILE C 66 -9.19 -13.68 21.98
C ILE C 66 -9.57 -14.58 23.14
N LEU C 67 -8.72 -14.62 24.17
CA LEU C 67 -8.94 -15.50 25.31
C LEU C 67 -9.80 -14.82 26.36
N GLY C 68 -10.86 -15.49 26.79
CA GLY C 68 -11.68 -15.03 27.89
C GLY C 68 -12.96 -14.33 27.50
N ARG C 69 -13.22 -14.15 26.21
CA ARG C 69 -14.42 -13.49 25.74
C ARG C 69 -15.30 -14.42 24.92
N GLY C 70 -15.22 -15.73 25.16
CA GLY C 70 -16.01 -16.64 24.36
C GLY C 70 -17.49 -16.52 24.64
N LEU C 71 -18.28 -16.48 23.58
CA LEU C 71 -19.74 -16.48 23.66
C LEU C 71 -20.24 -17.82 23.15
N ASN C 72 -21.11 -18.46 23.93
CA ASN C 72 -21.60 -19.80 23.63
C ASN C 72 -23.03 -19.68 23.09
N TYR C 73 -23.13 -19.49 21.78
CA TYR C 73 -24.41 -19.42 21.10
C TYR C 73 -24.58 -20.63 20.21
N ASP C 74 -25.80 -21.15 20.15
CA ASP C 74 -26.12 -22.27 19.27
C ASP C 74 -26.68 -21.74 17.95
N LEU C 75 -25.77 -21.14 17.16
CA LEU C 75 -26.16 -20.61 15.87
C LEU C 75 -26.59 -21.73 14.93
N VAL C 76 -25.89 -22.86 14.95
CA VAL C 76 -26.22 -23.95 14.03
C VAL C 76 -27.57 -24.56 14.37
N GLY C 77 -27.91 -24.66 15.66
CA GLY C 77 -29.19 -25.23 16.03
C GLY C 77 -30.36 -24.35 15.60
N ASN C 78 -30.25 -23.04 15.82
CA ASN C 78 -31.29 -22.09 15.45
C ASN C 78 -31.00 -21.40 14.12
N ALA C 79 -30.41 -22.12 13.17
CA ALA C 79 -30.03 -21.51 11.91
C ALA C 79 -31.25 -21.06 11.11
N ASP C 80 -32.40 -21.71 11.29
CA ASP C 80 -33.59 -21.32 10.53
C ASP C 80 -34.10 -19.94 10.97
N ALA C 81 -34.21 -19.73 12.28
CA ALA C 81 -34.63 -18.42 12.77
C ALA C 81 -33.62 -17.35 12.38
N ILE C 82 -32.33 -17.70 12.42
CA ILE C 82 -31.31 -16.76 11.97
C ILE C 82 -31.51 -16.40 10.51
N ALA C 83 -31.84 -17.40 9.68
CA ALA C 83 -32.10 -17.11 8.27
C ALA C 83 -33.28 -16.19 8.11
N GLU C 84 -34.36 -16.44 8.86
CA GLU C 84 -35.55 -15.59 8.73
C GLU C 84 -35.23 -14.15 9.13
N ASN C 85 -34.51 -13.97 10.23
CA ASN C 85 -34.21 -12.60 10.67
C ASN C 85 -33.20 -11.92 9.76
N VAL C 86 -32.24 -12.67 9.21
CA VAL C 86 -31.28 -12.07 8.28
C VAL C 86 -31.99 -11.66 7.00
N LYS C 87 -32.96 -12.46 6.54
CA LYS C 87 -33.76 -12.04 5.40
C LYS C 87 -34.58 -10.80 5.72
N ASN C 88 -35.13 -10.73 6.94
CA ASN C 88 -35.90 -9.55 7.32
C ASN C 88 -35.02 -8.30 7.29
N LEU C 89 -33.81 -8.41 7.81
CA LEU C 89 -32.90 -7.26 7.83
C LEU C 89 -32.43 -6.88 6.44
N VAL C 90 -31.97 -7.86 5.66
CA VAL C 90 -31.32 -7.56 4.38
C VAL C 90 -32.32 -7.00 3.38
N GLN C 91 -33.52 -7.58 3.32
CA GLN C 91 -34.46 -7.23 2.26
C GLN C 91 -34.83 -5.76 2.31
N VAL C 92 -34.82 -5.12 1.15
CA VAL C 92 -35.17 -3.70 1.07
C VAL C 92 -36.67 -3.51 1.14
N ASP C 93 -37.42 -4.27 0.34
CA ASP C 93 -38.87 -4.26 0.40
C ASP C 93 -39.36 -5.70 0.51
N GLU C 94 -40.54 -5.87 1.08
CA GLU C 94 -41.09 -7.21 1.24
C GLU C 94 -41.40 -7.80 -0.13
N GLY C 95 -41.05 -9.06 -0.32
CA GLY C 95 -41.38 -9.77 -1.54
C GLY C 95 -40.44 -9.53 -2.71
N ASP C 96 -39.32 -8.85 -2.50
CA ASP C 96 -38.39 -8.58 -3.59
C ASP C 96 -37.54 -9.82 -3.85
N ASP C 97 -36.48 -9.65 -4.63
CA ASP C 97 -35.59 -10.74 -5.01
C ASP C 97 -34.69 -11.21 -3.87
N THR C 98 -34.90 -10.74 -2.65
CA THR C 98 -34.05 -11.17 -1.54
C THR C 98 -34.40 -12.59 -1.13
N SER C 99 -33.40 -13.48 -1.25
CA SER C 99 -33.57 -14.87 -0.90
C SER C 99 -32.46 -15.28 0.04
N VAL C 100 -32.83 -15.93 1.15
CA VAL C 100 -31.86 -16.51 2.07
C VAL C 100 -32.24 -17.97 2.28
N LYS C 101 -31.28 -18.86 2.06
CA LYS C 101 -31.49 -20.30 2.20
C LYS C 101 -30.49 -20.84 3.20
N VAL C 102 -30.89 -21.90 3.90
CA VAL C 102 -30.01 -22.61 4.81
C VAL C 102 -29.43 -23.80 4.05
N ILE C 103 -28.12 -23.81 3.86
CA ILE C 103 -27.45 -24.79 3.01
C ILE C 103 -26.75 -25.80 3.90
N LYS C 104 -27.02 -27.08 3.63
CA LYS C 104 -26.25 -28.18 4.19
C LYS C 104 -26.44 -28.28 5.70
N GLY C 105 -27.70 -28.31 6.13
CA GLY C 105 -28.05 -28.61 7.51
C GLY C 105 -27.66 -27.58 8.54
N GLY C 106 -27.78 -26.30 8.21
CA GLY C 106 -27.63 -25.23 9.16
C GLY C 106 -26.23 -24.70 9.32
N LYS C 107 -25.21 -25.38 8.78
CA LYS C 107 -23.84 -24.91 8.96
C LYS C 107 -23.57 -23.62 8.19
N SER C 108 -24.27 -23.40 7.09
CA SER C 108 -23.97 -22.24 6.25
C SER C 108 -25.27 -21.65 5.73
N LEU C 109 -25.20 -20.38 5.32
CA LEU C 109 -26.32 -19.65 4.78
C LEU C 109 -25.98 -19.17 3.38
N LEU C 110 -27.02 -18.88 2.61
CA LEU C 110 -26.89 -18.22 1.31
C LEU C 110 -27.71 -16.94 1.36
N ILE C 111 -27.04 -15.80 1.37
CA ILE C 111 -27.69 -14.50 1.38
C ILE C 111 -27.55 -13.89 0.00
N GLN C 112 -28.66 -13.67 -0.67
CA GLN C 112 -28.69 -13.00 -1.97
C GLN C 112 -29.44 -11.69 -1.80
N ALA C 113 -28.69 -10.60 -1.60
CA ALA C 113 -29.30 -9.32 -1.36
C ALA C 113 -30.08 -8.87 -2.59
N PRO C 114 -31.09 -8.03 -2.41
CA PRO C 114 -31.92 -7.62 -3.54
C PRO C 114 -31.12 -6.82 -4.55
N SER C 115 -31.52 -6.92 -5.81
CA SER C 115 -30.82 -6.21 -6.87
C SER C 115 -30.94 -4.69 -6.73
N SER C 116 -31.90 -4.20 -5.95
CA SER C 116 -31.98 -2.77 -5.69
C SER C 116 -30.73 -2.27 -4.96
N ARG C 117 -30.23 -3.05 -4.01
CA ARG C 117 -29.00 -2.67 -3.34
C ARG C 117 -27.80 -2.65 -4.28
N ILE C 118 -27.89 -3.36 -5.40
CA ILE C 118 -26.86 -3.25 -6.43
C ILE C 118 -27.05 -2.02 -7.30
N ALA C 119 -28.28 -1.75 -7.71
CA ALA C 119 -28.54 -0.58 -8.54
C ALA C 119 -28.38 0.71 -7.77
N ALA C 120 -28.42 0.65 -6.43
CA ALA C 120 -28.28 1.82 -5.58
C ALA C 120 -26.90 1.90 -4.94
N GLY C 121 -25.87 1.44 -5.63
CA GLY C 121 -24.51 1.50 -5.13
C GLY C 121 -23.54 1.33 -6.27
N ALA C 122 -22.29 1.68 -6.01
CA ALA C 122 -21.30 1.71 -7.08
C ALA C 122 -20.84 0.32 -7.50
N ASP C 123 -20.88 -0.66 -6.61
CA ASP C 123 -20.35 -1.97 -6.95
C ASP C 123 -21.00 -3.03 -6.07
N TYR C 124 -20.40 -4.21 -6.04
CA TYR C 124 -20.97 -5.41 -5.45
C TYR C 124 -20.76 -5.55 -3.95
N MET C 125 -19.88 -4.74 -3.35
CA MET C 125 -19.56 -4.91 -1.92
C MET C 125 -20.75 -4.64 -1.01
N SER C 126 -21.82 -4.02 -1.50
CA SER C 126 -23.01 -3.85 -0.68
C SER C 126 -23.56 -5.19 -0.24
N ALA C 127 -23.49 -6.22 -1.09
CA ALA C 127 -23.95 -7.54 -0.72
C ALA C 127 -23.20 -8.05 0.50
N THR C 128 -21.86 -8.01 0.46
CA THR C 128 -21.06 -8.52 1.56
C THR C 128 -21.30 -7.73 2.84
N THR C 129 -21.23 -6.40 2.75
CA THR C 129 -21.39 -5.59 3.95
C THR C 129 -22.79 -5.74 4.55
N VAL C 130 -23.83 -5.76 3.72
CA VAL C 130 -25.18 -5.89 4.23
C VAL C 130 -25.40 -7.28 4.82
N GLY C 131 -24.86 -8.32 4.19
CA GLY C 131 -24.99 -9.66 4.76
C GLY C 131 -24.31 -9.78 6.11
N ALA C 132 -23.08 -9.26 6.22
CA ALA C 132 -22.39 -9.31 7.49
C ALA C 132 -23.13 -8.51 8.56
N ALA C 133 -23.63 -7.33 8.20
CA ALA C 133 -24.39 -6.52 9.15
C ALA C 133 -25.66 -7.23 9.60
N ALA C 134 -26.36 -7.85 8.66
CA ALA C 134 -27.58 -8.56 9.01
C ALA C 134 -27.30 -9.72 9.95
N VAL C 135 -26.26 -10.49 9.68
CA VAL C 135 -25.93 -11.61 10.55
C VAL C 135 -25.53 -11.12 11.94
N THR C 136 -24.69 -10.08 12.00
CA THR C 136 -24.27 -9.54 13.30
C THR C 136 -25.47 -9.03 14.10
N GLN C 137 -26.37 -8.30 13.43
CA GLN C 137 -27.55 -7.78 14.09
C GLN C 137 -28.44 -8.90 14.61
N THR C 138 -28.64 -9.95 13.79
CA THR C 138 -29.49 -11.04 14.24
C THR C 138 -28.87 -11.77 15.42
N ILE C 139 -27.55 -11.92 15.42
CA ILE C 139 -26.88 -12.55 16.56
C ILE C 139 -27.14 -11.74 17.82
N ILE C 140 -26.85 -10.43 17.75
CA ILE C 140 -27.02 -9.58 18.93
C ILE C 140 -28.48 -9.56 19.37
N ASP C 141 -29.41 -9.68 18.41
CA ASP C 141 -30.83 -9.60 18.73
C ASP C 141 -31.30 -10.87 19.43
N MET C 142 -31.21 -12.00 18.74
CA MET C 142 -31.82 -13.21 19.26
C MET C 142 -31.01 -13.90 20.34
N PHE C 143 -29.74 -13.54 20.51
CA PHE C 143 -28.95 -14.19 21.55
C PHE C 143 -28.61 -13.26 22.71
N GLY C 144 -29.23 -12.09 22.76
CA GLY C 144 -29.15 -11.23 23.93
C GLY C 144 -27.74 -10.84 24.33
N THR C 145 -26.89 -10.53 23.35
CA THR C 145 -25.52 -10.18 23.66
C THR C 145 -25.47 -8.87 24.43
N ASP C 146 -24.63 -8.83 25.47
CA ASP C 146 -24.49 -7.65 26.29
C ASP C 146 -24.01 -6.47 25.44
N MET C 147 -24.21 -5.26 25.98
CA MET C 147 -23.72 -4.07 25.32
C MET C 147 -22.21 -4.11 25.12
N TYR C 148 -21.47 -4.70 26.07
CA TYR C 148 -20.02 -4.75 26.00
C TYR C 148 -19.50 -5.98 25.29
N ASP C 149 -20.38 -6.91 24.89
CA ASP C 149 -20.00 -8.04 24.07
C ASP C 149 -20.30 -7.84 22.59
N ALA C 150 -20.82 -6.67 22.23
CA ALA C 150 -21.08 -6.39 20.82
C ALA C 150 -19.84 -6.52 19.94
N PRO C 151 -18.66 -6.02 20.32
CA PRO C 151 -17.50 -6.17 19.43
C PRO C 151 -17.19 -7.62 19.08
N ILE C 152 -17.34 -8.54 20.02
CA ILE C 152 -17.00 -9.93 19.75
C ILE C 152 -17.95 -10.53 18.74
N ALA C 153 -19.24 -10.27 18.89
CA ALA C 153 -20.21 -10.77 17.92
C ALA C 153 -20.01 -10.11 16.57
N LYS C 154 -19.54 -8.86 16.55
CA LYS C 154 -19.27 -8.19 15.29
C LYS C 154 -18.09 -8.83 14.58
N SER C 155 -16.99 -9.05 15.30
CA SER C 155 -15.77 -9.59 14.70
C SER C 155 -15.82 -11.08 14.47
N ALA C 156 -16.79 -11.79 15.04
CA ALA C 156 -17.03 -13.17 14.62
C ALA C 156 -17.63 -13.24 13.22
N VAL C 157 -18.03 -12.11 12.64
CA VAL C 157 -18.56 -12.07 11.29
C VAL C 157 -17.67 -11.24 10.38
N TRP C 158 -17.12 -10.13 10.86
CA TRP C 158 -16.38 -9.19 10.04
C TRP C 158 -14.88 -9.39 10.08
N GLY C 159 -14.38 -10.36 10.84
CA GLY C 159 -12.95 -10.57 10.87
C GLY C 159 -12.21 -9.40 11.51
N SER C 160 -11.31 -8.79 10.76
CA SER C 160 -10.55 -7.66 11.25
C SER C 160 -10.91 -6.34 10.58
N TYR C 161 -11.92 -6.35 9.72
CA TYR C 161 -12.35 -5.10 9.10
C TYR C 161 -12.93 -4.18 10.17
N PRO C 162 -12.58 -2.88 10.16
CA PRO C 162 -11.86 -2.14 9.13
C PRO C 162 -10.35 -2.09 9.30
N GLN C 163 -9.81 -2.73 10.33
CA GLN C 163 -8.36 -2.69 10.52
C GLN C 163 -7.63 -3.28 9.32
N THR C 164 -8.25 -4.24 8.66
CA THR C 164 -7.73 -4.79 7.41
C THR C 164 -8.67 -4.43 6.28
N MET C 165 -8.11 -4.40 5.06
CA MET C 165 -8.88 -3.98 3.91
C MET C 165 -10.08 -4.89 3.68
N ASP C 166 -9.89 -6.19 3.81
CA ASP C 166 -10.94 -7.18 3.63
C ASP C 166 -11.28 -7.79 4.98
N LEU C 167 -12.30 -8.65 4.96
CA LEU C 167 -12.73 -9.32 6.19
C LEU C 167 -11.81 -10.48 6.53
N MET C 168 -10.55 -10.18 6.87
CA MET C 168 -9.61 -11.25 7.16
C MET C 168 -10.01 -11.95 8.45
N GLY C 169 -10.19 -13.27 8.37
CA GLY C 169 -10.68 -14.02 9.50
C GLY C 169 -12.17 -13.98 9.69
N GLY C 170 -12.90 -13.29 8.81
CA GLY C 170 -14.34 -13.28 8.89
C GLY C 170 -14.92 -14.59 8.42
N ASN C 171 -16.25 -14.68 8.51
CA ASN C 171 -16.96 -15.89 8.12
C ASN C 171 -18.07 -15.60 7.10
N VAL C 172 -18.01 -14.44 6.47
CA VAL C 172 -18.89 -14.09 5.36
C VAL C 172 -18.01 -13.75 4.16
N GLN C 173 -18.28 -14.39 3.03
CA GLN C 173 -17.45 -14.19 1.86
C GLN C 173 -18.29 -14.42 0.61
N GLY C 174 -17.84 -13.83 -0.49
CA GLY C 174 -18.53 -13.98 -1.75
C GLY C 174 -17.66 -14.59 -2.84
N VAL C 175 -18.24 -14.77 -4.02
CA VAL C 175 -17.51 -15.35 -5.14
C VAL C 175 -16.36 -14.43 -5.53
N LEU C 176 -16.57 -13.12 -5.49
CA LEU C 176 -15.59 -12.14 -5.90
C LEU C 176 -14.94 -11.48 -4.69
N SER C 177 -13.64 -11.26 -4.79
CA SER C 177 -12.89 -10.59 -3.74
C SER C 177 -13.22 -9.10 -3.74
N ILE C 178 -12.62 -8.37 -2.80
CA ILE C 178 -12.91 -6.94 -2.65
C ILE C 178 -12.38 -6.20 -3.87
N PRO C 179 -13.00 -5.08 -4.25
CA PRO C 179 -12.54 -4.35 -5.43
C PRO C 179 -11.14 -3.77 -5.27
N GLN C 180 -10.65 -3.61 -4.04
CA GLN C 180 -9.32 -3.07 -3.84
C GLN C 180 -8.22 -4.02 -4.31
N ASN C 181 -8.54 -5.26 -4.61
CA ASN C 181 -7.57 -6.26 -5.01
C ASN C 181 -7.39 -6.38 -6.52
N ASN C 182 -8.04 -5.52 -7.29
CA ASN C 182 -7.92 -5.60 -8.74
C ASN C 182 -6.52 -5.19 -9.19
N GLU C 183 -6.07 -5.79 -10.28
CA GLU C 183 -4.82 -5.40 -10.92
C GLU C 183 -5.01 -4.29 -11.94
N GLY C 184 -6.23 -3.84 -12.17
CA GLY C 184 -6.49 -2.84 -13.19
C GLY C 184 -7.96 -2.49 -13.22
N LEU C 185 -8.32 -1.68 -14.19
CA LEU C 185 -9.69 -1.21 -14.31
C LEU C 185 -10.57 -2.27 -14.93
N GLY C 186 -11.62 -2.68 -14.22
CA GLY C 186 -12.53 -3.68 -14.70
C GLY C 186 -12.17 -5.11 -14.39
N PHE C 187 -11.13 -5.34 -13.59
CA PHE C 187 -10.65 -6.68 -13.32
C PHE C 187 -11.42 -7.42 -12.25
N SER C 188 -12.42 -6.77 -11.63
CA SER C 188 -13.10 -7.38 -10.50
C SER C 188 -13.79 -8.68 -10.89
N LEU C 189 -14.48 -8.69 -12.03
CA LEU C 189 -15.14 -9.91 -12.49
C LEU C 189 -14.15 -11.02 -12.82
N ARG C 190 -12.88 -10.69 -13.03
CA ARG C 190 -11.85 -11.67 -13.34
C ARG C 190 -11.25 -12.30 -12.09
N ASN C 191 -11.56 -11.77 -10.91
CA ASN C 191 -10.90 -12.16 -9.67
C ASN C 191 -11.67 -13.27 -8.97
N ILE C 192 -11.74 -14.42 -9.63
CA ILE C 192 -12.39 -15.61 -9.09
C ILE C 192 -11.43 -16.77 -9.30
N MET C 193 -10.95 -17.34 -8.20
CA MET C 193 -9.94 -18.38 -8.32
C MET C 193 -10.53 -19.62 -8.98
N ALA C 194 -9.64 -20.44 -9.55
CA ALA C 194 -10.07 -21.58 -10.34
C ALA C 194 -10.91 -22.56 -9.53
N ASN C 195 -10.53 -22.80 -8.29
CA ASN C 195 -11.27 -23.75 -7.46
C ASN C 195 -12.71 -23.32 -7.26
N HIS C 196 -12.98 -22.00 -7.25
CA HIS C 196 -14.35 -21.54 -7.10
C HIS C 196 -15.21 -22.00 -8.27
N ILE C 197 -14.71 -21.85 -9.49
CA ILE C 197 -15.48 -22.26 -10.67
C ILE C 197 -15.56 -23.78 -10.74
N ALA C 198 -14.49 -24.47 -10.36
CA ALA C 198 -14.54 -25.93 -10.33
C ALA C 198 -15.61 -26.42 -9.35
N ALA C 199 -15.67 -25.82 -8.17
CA ALA C 199 -16.63 -26.23 -7.16
C ALA C 199 -18.05 -25.84 -7.50
N ILE C 200 -18.24 -24.67 -8.12
CA ILE C 200 -19.60 -24.19 -8.38
C ILE C 200 -20.32 -25.12 -9.34
N THR C 201 -19.63 -25.57 -10.39
CA THR C 201 -20.23 -26.45 -11.38
C THR C 201 -20.12 -27.92 -11.00
N SER C 202 -19.73 -28.22 -9.76
CA SER C 202 -19.69 -29.59 -9.25
C SER C 202 -18.72 -30.45 -10.05
N ARG C 203 -17.58 -29.86 -10.43
CA ARG C 203 -16.55 -30.56 -11.19
C ARG C 203 -17.11 -31.10 -12.51
N GLY C 204 -17.55 -30.18 -13.36
CA GLY C 204 -17.93 -30.52 -14.72
C GLY C 204 -17.07 -29.72 -15.68
N ALA C 205 -16.24 -30.40 -16.47
CA ALA C 205 -15.15 -29.71 -17.16
C ALA C 205 -15.68 -28.68 -18.15
N MET C 206 -16.59 -29.07 -19.03
CA MET C 206 -17.12 -28.06 -19.94
C MET C 206 -18.18 -27.18 -19.32
N ASN C 207 -18.49 -27.34 -18.03
CA ASN C 207 -19.24 -26.34 -17.32
C ASN C 207 -18.34 -25.37 -16.57
N ALA C 208 -17.28 -25.87 -15.95
CA ALA C 208 -16.30 -24.99 -15.34
C ALA C 208 -15.66 -24.10 -16.38
N ALA C 209 -15.33 -24.66 -17.54
CA ALA C 209 -14.75 -23.85 -18.61
C ALA C 209 -15.72 -22.78 -19.09
N ALA C 210 -16.99 -23.15 -19.27
CA ALA C 210 -17.97 -22.18 -19.76
C ALA C 210 -18.16 -21.04 -18.78
N LEU C 211 -18.32 -21.36 -17.50
CA LEU C 211 -18.56 -20.31 -16.52
C LEU C 211 -17.32 -19.44 -16.33
N SER C 212 -16.13 -20.05 -16.32
CA SER C 212 -14.91 -19.26 -16.21
C SER C 212 -14.75 -18.32 -17.40
N SER C 213 -15.05 -18.81 -18.61
CA SER C 213 -14.93 -17.94 -19.77
C SER C 213 -15.98 -16.85 -19.75
N ILE C 214 -17.16 -17.14 -19.22
CA ILE C 214 -18.18 -16.10 -19.08
C ILE C 214 -17.68 -14.98 -18.18
N TYR C 215 -17.12 -15.35 -17.03
CA TYR C 215 -16.59 -14.32 -16.14
C TYR C 215 -15.44 -13.57 -16.80
N GLU C 216 -14.55 -14.27 -17.49
CA GLU C 216 -13.39 -13.63 -18.11
C GLU C 216 -13.83 -12.63 -19.17
N GLN C 217 -14.77 -13.01 -20.02
CA GLN C 217 -15.21 -12.12 -21.08
C GLN C 217 -16.04 -10.97 -20.53
N SER C 218 -16.79 -11.19 -19.45
CA SER C 218 -17.48 -10.08 -18.81
C SER C 218 -16.48 -9.06 -18.28
N GLY C 219 -15.43 -9.54 -17.61
CA GLY C 219 -14.43 -8.64 -17.10
C GLY C 219 -13.60 -7.97 -18.15
N ILE C 220 -13.46 -8.58 -19.32
CA ILE C 220 -12.72 -7.96 -20.43
C ILE C 220 -13.56 -6.98 -21.23
N PHE C 221 -14.86 -7.23 -21.37
CA PHE C 221 -15.73 -6.19 -21.87
C PHE C 221 -15.77 -5.00 -20.94
N GLU C 222 -15.82 -5.24 -19.63
CA GLU C 222 -15.82 -4.14 -18.67
C GLU C 222 -14.55 -3.31 -18.75
N MET C 223 -13.43 -3.93 -19.08
CA MET C 223 -12.15 -3.23 -19.14
C MET C 223 -11.83 -2.70 -20.53
N GLY C 224 -12.86 -2.42 -21.33
CA GLY C 224 -12.67 -1.80 -22.63
C GLY C 224 -11.93 -2.68 -23.61
N GLY C 225 -12.00 -3.99 -23.46
CA GLY C 225 -11.31 -4.89 -24.35
C GLY C 225 -12.06 -5.28 -25.59
N ALA C 226 -13.34 -4.93 -25.69
CA ALA C 226 -14.14 -5.26 -26.87
C ALA C 226 -14.82 -3.98 -27.36
N VAL C 227 -14.10 -3.22 -28.17
CA VAL C 227 -14.62 -2.01 -28.79
C VAL C 227 -14.30 -2.09 -30.28
N GLY C 228 -15.34 -2.07 -31.11
CA GLY C 228 -15.11 -2.12 -32.55
C GLY C 228 -14.95 -3.55 -33.02
N MET C 229 -13.86 -3.80 -33.74
CA MET C 229 -13.58 -5.15 -34.24
C MET C 229 -13.19 -6.11 -33.11
N PHE C 230 -12.67 -5.58 -32.00
CA PHE C 230 -12.30 -6.45 -30.90
C PHE C 230 -13.52 -7.08 -30.22
N GLU C 231 -14.68 -6.45 -30.33
CA GLU C 231 -15.90 -7.11 -29.85
C GLU C 231 -16.11 -8.42 -30.58
N ARG C 232 -16.05 -8.40 -31.91
CA ARG C 232 -16.15 -9.65 -32.66
C ARG C 232 -14.99 -10.58 -32.34
N HIS C 233 -13.79 -10.01 -32.18
CA HIS C 233 -12.63 -10.84 -31.90
C HIS C 233 -12.82 -11.65 -30.63
N GLN C 234 -13.32 -11.02 -29.57
CA GLN C 234 -13.52 -11.72 -28.31
C GLN C 234 -14.75 -12.60 -28.32
N LEU C 235 -15.83 -12.18 -29.00
CA LEU C 235 -17.03 -13.00 -29.05
C LEU C 235 -16.79 -14.29 -29.81
N LEU C 236 -16.00 -14.26 -30.87
CA LEU C 236 -15.66 -15.49 -31.57
C LEU C 236 -14.90 -16.44 -30.66
N GLY C 237 -13.94 -15.91 -29.90
CA GLY C 237 -13.21 -16.75 -28.97
C GLY C 237 -14.11 -17.35 -27.91
N LEU C 238 -15.00 -16.53 -27.34
CA LEU C 238 -15.91 -17.02 -26.32
C LEU C 238 -16.83 -18.10 -26.87
N ALA C 239 -17.42 -17.85 -28.03
CA ALA C 239 -18.33 -18.83 -28.62
C ALA C 239 -17.60 -20.13 -28.93
N CYS C 240 -16.42 -20.04 -29.53
CA CYS C 240 -15.74 -21.26 -29.97
C CYS C 240 -15.18 -22.04 -28.81
N GLN C 241 -14.50 -21.38 -27.87
CA GLN C 241 -13.88 -22.09 -26.75
C GLN C 241 -14.88 -22.34 -25.63
N GLY C 242 -15.37 -21.26 -25.02
CA GLY C 242 -16.13 -21.41 -23.79
C GLY C 242 -17.45 -22.12 -23.98
N LEU C 243 -18.19 -21.75 -25.03
CA LEU C 243 -19.57 -22.19 -25.19
C LEU C 243 -19.73 -23.32 -26.19
N ASN C 244 -18.63 -23.92 -26.64
CA ASN C 244 -18.70 -25.11 -27.48
C ASN C 244 -19.37 -24.81 -28.82
N ALA C 245 -18.85 -23.81 -29.54
CA ALA C 245 -19.47 -23.41 -30.79
C ALA C 245 -19.39 -24.52 -31.81
N ASN C 246 -20.55 -24.86 -32.38
CA ASN C 246 -20.69 -25.91 -33.38
C ASN C 246 -20.15 -27.26 -32.92
N ASN C 247 -19.95 -27.44 -31.62
CA ASN C 247 -19.53 -28.72 -31.05
C ASN C 247 -18.11 -29.10 -31.44
N VAL C 248 -17.29 -28.12 -31.81
CA VAL C 248 -15.93 -28.42 -32.24
C VAL C 248 -15.12 -29.01 -31.10
N VAL C 249 -15.21 -28.41 -29.92
CA VAL C 249 -14.39 -28.89 -28.80
C VAL C 249 -14.75 -30.32 -28.43
N TYR C 250 -16.05 -30.61 -28.34
CA TYR C 250 -16.45 -31.94 -27.94
C TYR C 250 -16.23 -32.96 -29.04
N ASP C 251 -16.36 -32.57 -30.31
CA ASP C 251 -16.00 -33.47 -31.40
C ASP C 251 -14.53 -33.84 -31.32
N ILE C 252 -13.67 -32.85 -31.09
CA ILE C 252 -12.25 -33.12 -31.00
C ILE C 252 -11.96 -34.00 -29.79
N VAL C 253 -12.63 -33.72 -28.67
CA VAL C 253 -12.42 -34.51 -27.45
C VAL C 253 -12.78 -35.97 -27.70
N LYS C 254 -13.92 -36.22 -28.33
CA LYS C 254 -14.27 -37.59 -28.61
C LYS C 254 -13.28 -38.24 -29.57
N GLU C 255 -12.87 -37.55 -30.62
CA GLU C 255 -12.02 -38.18 -31.62
C GLU C 255 -10.59 -38.36 -31.16
N ASN C 256 -10.14 -37.64 -30.13
CA ASN C 256 -8.78 -37.78 -29.62
C ASN C 256 -8.78 -38.17 -28.14
N GLY C 257 -9.81 -38.87 -27.70
CA GLY C 257 -9.92 -39.25 -26.31
C GLY C 257 -9.22 -40.55 -25.97
N LYS C 258 -9.54 -41.61 -26.72
CA LYS C 258 -9.07 -42.94 -26.36
C LYS C 258 -7.55 -43.04 -26.38
N ASP C 259 -6.90 -42.47 -27.40
CA ASP C 259 -5.45 -42.58 -27.51
C ASP C 259 -4.82 -41.29 -28.01
N GLY C 260 -5.47 -40.15 -27.77
CA GLY C 260 -4.98 -38.89 -28.30
C GLY C 260 -3.85 -38.29 -27.50
N THR C 261 -3.26 -37.25 -28.06
CA THR C 261 -2.17 -36.49 -27.45
C THR C 261 -2.35 -35.02 -27.82
N ILE C 262 -1.31 -34.23 -27.54
CA ILE C 262 -1.30 -32.85 -28.01
C ILE C 262 -1.15 -32.79 -29.52
N GLY C 263 -0.28 -33.64 -30.08
CA GLY C 263 -0.03 -33.60 -31.50
C GLY C 263 -1.25 -33.95 -32.32
N THR C 264 -2.01 -34.96 -31.89
CA THR C 264 -3.20 -35.34 -32.63
C THR C 264 -4.25 -34.24 -32.57
N VAL C 265 -4.37 -33.55 -31.44
CA VAL C 265 -5.31 -32.44 -31.35
C VAL C 265 -4.87 -31.29 -32.25
N ILE C 266 -3.56 -31.06 -32.35
CA ILE C 266 -3.06 -30.05 -33.27
C ILE C 266 -3.42 -30.42 -34.70
N GLU C 267 -3.25 -31.69 -35.06
CA GLU C 267 -3.66 -32.13 -36.39
C GLU C 267 -5.14 -31.92 -36.60
N SER C 268 -5.96 -32.19 -35.58
CA SER C 268 -7.39 -32.00 -35.71
C SER C 268 -7.74 -30.54 -35.96
N ILE C 269 -7.15 -29.63 -35.19
CA ILE C 269 -7.44 -28.21 -35.36
C ILE C 269 -7.00 -27.74 -36.74
N VAL C 270 -5.80 -28.12 -37.17
CA VAL C 270 -5.33 -27.64 -38.46
C VAL C 270 -6.16 -28.23 -39.58
N GLY C 271 -6.59 -29.49 -39.45
CA GLY C 271 -7.44 -30.08 -40.47
C GLY C 271 -8.77 -29.38 -40.59
N ARG C 272 -9.40 -29.10 -39.44
CA ARG C 272 -10.69 -28.41 -39.47
C ARG C 272 -10.52 -27.00 -40.02
N ALA C 273 -9.45 -26.30 -39.65
CA ALA C 273 -9.22 -24.96 -40.17
C ALA C 273 -9.03 -24.98 -41.68
N VAL C 274 -8.22 -25.92 -42.18
CA VAL C 274 -7.95 -25.98 -43.61
C VAL C 274 -9.21 -26.37 -44.38
N GLU C 275 -10.03 -27.24 -43.79
CA GLU C 275 -11.25 -27.66 -44.47
C GLU C 275 -12.27 -26.53 -44.51
N ASP C 276 -12.49 -25.86 -43.37
CA ASP C 276 -13.42 -24.75 -43.31
C ASP C 276 -12.92 -23.52 -44.06
N GLY C 277 -11.66 -23.50 -44.46
CA GLY C 277 -11.11 -22.36 -45.19
C GLY C 277 -10.59 -21.24 -44.34
N VAL C 278 -10.49 -21.42 -43.03
CA VAL C 278 -10.02 -20.35 -42.17
C VAL C 278 -8.56 -20.01 -42.48
N ILE C 279 -7.79 -20.97 -42.97
CA ILE C 279 -6.42 -20.72 -43.39
C ILE C 279 -6.15 -21.53 -44.66
N SER C 280 -5.29 -20.99 -45.51
CA SER C 280 -4.93 -21.66 -46.75
C SER C 280 -3.45 -21.45 -47.01
N VAL C 281 -2.87 -22.35 -47.79
CA VAL C 281 -1.43 -22.34 -48.03
C VAL C 281 -1.07 -21.09 -48.80
N ASP C 282 -0.21 -20.26 -48.21
CA ASP C 282 0.24 -19.03 -48.83
C ASP C 282 1.48 -19.24 -49.68
N LYS C 283 2.51 -19.86 -49.10
CA LYS C 283 3.77 -20.12 -49.78
C LYS C 283 4.24 -21.51 -49.41
N THR C 284 4.99 -22.13 -50.30
CA THR C 284 5.62 -23.42 -50.04
C THR C 284 7.12 -23.26 -50.19
N ALA C 285 7.85 -23.57 -49.12
CA ALA C 285 9.28 -23.46 -49.13
C ALA C 285 9.91 -24.61 -49.91
N PRO C 286 11.18 -24.47 -50.29
CA PRO C 286 11.83 -25.54 -51.07
C PRO C 286 11.84 -26.88 -50.37
N SER C 287 11.93 -26.92 -49.05
CA SER C 287 11.90 -28.18 -48.33
C SER C 287 10.53 -28.80 -48.25
N GLY C 288 9.51 -28.20 -48.87
CA GLY C 288 8.17 -28.75 -48.85
C GLY C 288 7.28 -28.24 -47.74
N TYR C 289 7.82 -27.47 -46.80
CA TYR C 289 6.98 -26.92 -45.74
C TYR C 289 6.08 -25.83 -46.29
N LYS C 290 4.80 -25.89 -45.95
CA LYS C 290 3.78 -24.99 -46.46
C LYS C 290 3.42 -23.98 -45.38
N PHE C 291 3.90 -22.75 -45.53
CA PHE C 291 3.46 -21.67 -44.66
C PHE C 291 2.00 -21.39 -44.94
N TYR C 292 1.21 -21.24 -43.88
CA TYR C 292 -0.21 -20.95 -44.04
C TYR C 292 -0.50 -19.50 -43.72
N LYS C 293 -1.53 -18.97 -44.35
CA LYS C 293 -1.99 -17.60 -44.14
C LYS C 293 -3.44 -17.62 -43.67
N ALA C 294 -3.73 -16.80 -42.68
CA ALA C 294 -5.05 -16.79 -42.07
C ALA C 294 -5.97 -15.85 -42.86
N ASN C 295 -6.90 -16.43 -43.61
CA ASN C 295 -7.86 -15.59 -44.32
C ASN C 295 -8.75 -14.82 -43.36
N ASP C 296 -9.20 -15.47 -42.29
CA ASP C 296 -10.10 -14.87 -41.31
C ASP C 296 -9.36 -14.86 -39.98
N VAL C 297 -8.75 -13.73 -39.65
CA VAL C 297 -7.82 -13.69 -38.52
C VAL C 297 -8.53 -13.90 -37.19
N PRO C 298 -9.63 -13.21 -36.88
CA PRO C 298 -10.36 -13.55 -35.64
C PRO C 298 -10.87 -14.97 -35.62
N MET C 299 -11.29 -15.50 -36.77
CA MET C 299 -11.73 -16.88 -36.81
C MET C 299 -10.58 -17.84 -36.51
N TRP C 300 -9.39 -17.56 -37.04
CA TRP C 300 -8.24 -18.40 -36.71
C TRP C 300 -7.91 -18.32 -35.23
N ASN C 301 -8.00 -17.14 -34.63
CA ASN C 301 -7.79 -17.05 -33.19
C ASN C 301 -8.81 -17.89 -32.44
N ALA C 302 -10.07 -17.85 -32.88
CA ALA C 302 -11.10 -18.68 -32.24
C ALA C 302 -10.77 -20.16 -32.37
N TYR C 303 -10.30 -20.58 -33.55
CA TYR C 303 -9.93 -21.98 -33.73
C TYR C 303 -8.77 -22.36 -32.83
N ALA C 304 -7.79 -21.47 -32.69
CA ALA C 304 -6.68 -21.76 -31.79
C ALA C 304 -7.16 -21.88 -30.34
N ALA C 305 -8.10 -21.04 -29.92
CA ALA C 305 -8.60 -21.11 -28.55
C ALA C 305 -9.40 -22.40 -28.33
N ALA C 306 -10.24 -22.75 -29.29
CA ALA C 306 -10.98 -24.00 -29.19
C ALA C 306 -10.04 -25.18 -29.12
N GLY C 307 -9.00 -25.17 -29.94
CA GLY C 307 -8.02 -26.24 -29.90
C GLY C 307 -7.28 -26.28 -28.58
N THR C 308 -6.97 -25.11 -28.02
CA THR C 308 -6.31 -25.07 -26.72
C THR C 308 -7.17 -25.74 -25.66
N LEU C 309 -8.44 -25.39 -25.59
CA LEU C 309 -9.32 -26.01 -24.61
C LEU C 309 -9.44 -27.51 -24.84
N ALA C 310 -9.64 -27.92 -26.10
CA ALA C 310 -9.77 -29.35 -26.40
C ALA C 310 -8.52 -30.11 -26.00
N ALA C 311 -7.35 -29.53 -26.28
CA ALA C 311 -6.10 -30.19 -25.95
C ALA C 311 -5.92 -30.27 -24.44
N THR C 312 -6.35 -29.24 -23.71
CA THR C 312 -6.28 -29.31 -22.25
C THR C 312 -7.17 -30.42 -21.73
N PHE C 313 -8.37 -30.53 -22.28
CA PHE C 313 -9.24 -31.65 -21.95
C PHE C 313 -8.52 -32.97 -22.17
N VAL C 314 -7.94 -33.15 -23.35
CA VAL C 314 -7.36 -34.45 -23.69
C VAL C 314 -6.18 -34.76 -22.78
N ASN C 315 -5.28 -33.80 -22.60
CA ASN C 315 -4.09 -34.05 -21.79
C ASN C 315 -4.44 -34.28 -20.32
N CYS C 316 -5.23 -33.37 -19.73
CA CYS C 316 -5.54 -33.49 -18.32
C CYS C 316 -6.61 -34.52 -18.02
N GLY C 317 -7.21 -35.12 -19.04
CA GLY C 317 -8.14 -36.21 -18.82
C GLY C 317 -7.46 -37.54 -19.02
N ALA C 318 -6.47 -37.58 -19.91
CA ALA C 318 -5.63 -38.76 -20.00
C ALA C 318 -4.78 -38.92 -18.75
N GLY C 319 -4.24 -37.81 -18.24
CA GLY C 319 -3.44 -37.89 -17.04
C GLY C 319 -4.22 -37.79 -15.76
N ARG C 320 -5.45 -37.27 -15.81
CA ARG C 320 -6.27 -37.02 -14.64
C ARG C 320 -5.56 -36.16 -13.61
N ALA C 321 -4.69 -35.25 -14.05
CA ALA C 321 -4.04 -34.29 -13.17
C ALA C 321 -4.29 -32.90 -13.72
N ALA C 322 -4.69 -31.98 -12.84
CA ALA C 322 -4.84 -30.59 -13.24
C ALA C 322 -3.50 -29.91 -13.46
N GLN C 323 -2.41 -30.59 -13.11
CA GLN C 323 -1.08 -30.05 -13.30
C GLN C 323 -0.77 -29.77 -14.77
N ASN C 324 -1.15 -30.68 -15.66
CA ASN C 324 -0.75 -30.62 -17.06
C ASN C 324 -1.35 -29.47 -17.84
N VAL C 325 -2.23 -28.67 -17.24
CA VAL C 325 -2.93 -27.64 -17.99
C VAL C 325 -1.95 -26.59 -18.50
N SER C 326 -0.96 -26.23 -17.70
CA SER C 326 0.01 -25.22 -18.11
C SER C 326 0.79 -25.68 -19.34
N SER C 327 1.26 -26.93 -19.32
CA SER C 327 2.02 -27.43 -20.45
C SER C 327 1.14 -27.61 -21.68
N THR C 328 -0.11 -27.99 -21.49
CA THR C 328 -1.02 -28.11 -22.62
C THR C 328 -1.25 -26.75 -23.27
N LEU C 329 -1.53 -25.73 -22.46
CA LEU C 329 -1.74 -24.38 -22.99
C LEU C 329 -0.49 -23.86 -23.69
N LEU C 330 0.69 -24.11 -23.14
CA LEU C 330 1.90 -23.67 -23.83
C LEU C 330 2.10 -24.43 -25.13
N TYR C 331 2.23 -25.74 -25.05
CA TYR C 331 2.75 -26.51 -26.17
C TYR C 331 1.74 -26.70 -27.28
N PHE C 332 0.44 -26.68 -27.02
CA PHE C 332 -0.50 -26.72 -28.13
C PHE C 332 -0.27 -25.54 -29.05
N ASN C 333 -0.26 -24.32 -28.50
CA ASN C 333 -0.04 -23.14 -29.31
C ASN C 333 1.36 -23.12 -29.91
N ASP C 334 2.37 -23.55 -29.15
CA ASP C 334 3.74 -23.49 -29.65
C ASP C 334 3.92 -24.43 -30.85
N ILE C 335 3.46 -25.66 -30.75
CA ILE C 335 3.59 -26.58 -31.87
C ILE C 335 2.62 -26.24 -32.99
N LEU C 336 1.50 -25.56 -32.67
CA LEU C 336 0.63 -25.07 -33.73
C LEU C 336 1.34 -24.02 -34.57
N GLU C 337 2.04 -23.08 -33.92
CA GLU C 337 2.85 -22.12 -34.65
C GLU C 337 3.92 -22.83 -35.47
N LYS C 338 4.59 -23.81 -34.88
CA LYS C 338 5.65 -24.50 -35.61
C LYS C 338 5.12 -25.27 -36.80
N GLU C 339 3.91 -25.80 -36.71
CA GLU C 339 3.43 -26.74 -37.71
C GLU C 339 2.55 -26.09 -38.77
N THR C 340 2.02 -24.89 -38.52
CA THR C 340 1.25 -24.19 -39.55
C THR C 340 1.92 -22.93 -40.07
N GLY C 341 2.76 -22.29 -39.28
CA GLY C 341 3.32 -21.02 -39.69
C GLY C 341 2.48 -19.82 -39.30
N LEU C 342 1.65 -19.94 -38.29
CA LEU C 342 0.73 -18.91 -37.85
C LEU C 342 0.87 -18.70 -36.35
N PRO C 343 0.46 -17.54 -35.85
CA PRO C 343 0.49 -17.32 -34.40
C PRO C 343 -0.53 -18.18 -33.69
N GLY C 344 -0.22 -18.52 -32.44
CA GLY C 344 -1.12 -19.30 -31.62
C GLY C 344 -2.30 -18.47 -31.16
N CYS C 345 -3.06 -19.05 -30.23
CA CYS C 345 -4.26 -18.39 -29.72
C CYS C 345 -3.89 -17.09 -29.04
N ASP C 346 -4.57 -16.02 -29.40
CA ASP C 346 -4.33 -14.69 -28.85
C ASP C 346 -2.91 -14.22 -29.09
N TYR C 347 -2.28 -14.75 -30.13
CA TYR C 347 -1.16 -14.14 -30.81
C TYR C 347 0.09 -14.19 -29.94
N GLY C 348 0.27 -15.33 -29.29
CA GLY C 348 1.32 -15.49 -28.32
C GLY C 348 0.93 -15.12 -26.91
N LYS C 349 -0.21 -14.47 -26.73
CA LYS C 349 -0.61 -14.08 -25.38
C LYS C 349 -1.00 -15.29 -24.54
N VAL C 350 -1.80 -16.21 -25.10
CA VAL C 350 -2.13 -17.44 -24.39
C VAL C 350 -0.88 -18.27 -24.15
N GLN C 351 -0.01 -18.35 -25.15
CA GLN C 351 1.22 -19.12 -24.98
C GLN C 351 2.09 -18.54 -23.88
N GLY C 352 2.21 -17.22 -23.82
CA GLY C 352 3.02 -16.60 -22.77
C GLY C 352 2.38 -16.73 -21.40
N VAL C 353 1.06 -16.65 -21.34
CA VAL C 353 0.38 -16.89 -20.06
C VAL C 353 0.60 -18.32 -19.61
N ALA C 354 0.59 -19.26 -20.55
CA ALA C 354 0.90 -20.65 -20.21
C ALA C 354 2.35 -20.79 -19.76
N VAL C 355 3.26 -20.05 -20.38
CA VAL C 355 4.66 -20.09 -19.95
C VAL C 355 4.78 -19.64 -18.50
N GLY C 356 4.21 -18.48 -18.19
CA GLY C 356 4.31 -17.96 -16.84
C GLY C 356 3.58 -18.82 -15.81
N PHE C 357 2.42 -19.35 -16.20
CA PHE C 357 1.62 -20.17 -15.31
C PHE C 357 2.24 -21.54 -15.08
N SER C 358 2.97 -22.06 -16.07
CA SER C 358 3.73 -23.28 -15.89
C SER C 358 4.96 -23.04 -15.03
N PHE C 359 5.59 -21.88 -15.18
CA PHE C 359 6.72 -21.55 -14.33
C PHE C 359 6.29 -21.42 -12.88
N PHE C 360 5.25 -20.64 -12.61
CA PHE C 360 4.90 -20.34 -11.23
C PHE C 360 4.25 -21.51 -10.52
N SER C 361 3.70 -22.47 -11.25
CA SER C 361 3.20 -23.69 -10.64
C SER C 361 4.24 -24.80 -10.61
N HIS C 362 5.47 -24.52 -11.04
CA HIS C 362 6.52 -25.53 -11.07
C HIS C 362 7.83 -24.99 -10.50
N SER C 363 7.77 -24.07 -9.55
CA SER C 363 8.98 -23.42 -9.08
C SER C 363 8.72 -22.85 -7.69
N ILE C 364 9.77 -22.27 -7.10
CA ILE C 364 9.74 -21.81 -5.72
C ILE C 364 9.25 -20.38 -5.60
N TYR C 365 8.82 -19.76 -6.69
CA TYR C 365 8.60 -18.32 -6.70
C TYR C 365 7.14 -17.92 -6.47
N GLY C 366 6.27 -18.87 -6.14
CA GLY C 366 4.92 -18.50 -5.78
C GLY C 366 3.84 -19.20 -6.57
N GLY C 367 2.77 -18.48 -6.88
CA GLY C 367 1.67 -19.09 -7.60
C GLY C 367 1.02 -20.17 -6.78
N GLY C 368 1.27 -21.42 -7.15
CA GLY C 368 0.67 -22.55 -6.47
C GLY C 368 0.10 -23.54 -7.46
N GLY C 369 -0.83 -24.37 -7.03
CA GLY C 369 -1.48 -25.28 -7.92
C GLY C 369 -2.28 -24.53 -8.95
N PRO C 370 -2.74 -25.22 -9.99
CA PRO C 370 -3.56 -24.54 -11.01
C PRO C 370 -4.85 -23.96 -10.46
N GLY C 371 -5.31 -24.42 -9.30
CA GLY C 371 -6.55 -23.95 -8.75
C GLY C 371 -6.50 -22.65 -8.00
N VAL C 372 -5.32 -22.09 -7.74
CA VAL C 372 -5.21 -20.79 -7.09
C VAL C 372 -4.98 -19.67 -8.07
N PHE C 373 -5.02 -19.94 -9.37
CA PHE C 373 -4.87 -18.90 -10.37
C PHE C 373 -6.24 -18.46 -10.87
N ASN C 374 -6.39 -17.16 -11.08
CA ASN C 374 -7.63 -16.55 -11.52
C ASN C 374 -7.34 -15.61 -12.67
N GLY C 375 -8.38 -14.91 -13.15
CA GLY C 375 -8.18 -13.95 -14.21
C GLY C 375 -7.46 -12.70 -13.77
N ASN C 376 -7.53 -12.38 -12.48
CA ASN C 376 -6.87 -11.20 -11.92
C ASN C 376 -5.45 -11.48 -11.48
N HIS C 377 -5.01 -12.74 -11.49
CA HIS C 377 -3.67 -13.07 -11.06
C HIS C 377 -2.65 -12.39 -11.96
N VAL C 378 -1.57 -11.89 -11.34
CA VAL C 378 -0.55 -11.20 -12.13
C VAL C 378 0.13 -12.17 -13.08
N VAL C 379 0.08 -13.47 -12.78
CA VAL C 379 0.66 -14.47 -13.67
C VAL C 379 -0.20 -14.65 -14.91
N THR C 380 -1.52 -14.61 -14.76
CA THR C 380 -2.42 -15.05 -15.81
C THR C 380 -3.41 -13.98 -16.25
N ARG C 381 -3.15 -12.72 -15.93
CA ARG C 381 -4.04 -11.63 -16.31
C ARG C 381 -3.80 -11.13 -17.73
N HIS C 382 -3.09 -11.90 -18.56
CA HIS C 382 -2.62 -11.40 -19.84
C HIS C 382 -3.45 -11.91 -21.02
N SER C 383 -3.76 -13.18 -21.06
CA SER C 383 -4.63 -13.68 -22.12
C SER C 383 -6.00 -13.01 -22.04
N ARG C 384 -6.54 -12.64 -23.19
CA ARG C 384 -7.80 -11.92 -23.20
C ARG C 384 -8.99 -12.87 -23.08
N GLY C 385 -8.96 -13.72 -22.06
CA GLY C 385 -10.09 -14.59 -21.78
C GLY C 385 -10.00 -15.99 -22.33
N PHE C 386 -8.84 -16.40 -22.84
CA PHE C 386 -8.70 -17.66 -23.55
C PHE C 386 -7.87 -18.70 -22.81
N ALA C 387 -7.21 -18.34 -21.71
CA ALA C 387 -6.32 -19.25 -21.02
C ALA C 387 -6.77 -19.66 -19.63
N ILE C 388 -7.58 -18.84 -18.96
CA ILE C 388 -8.07 -19.17 -17.62
C ILE C 388 -9.19 -20.21 -17.69
N PRO C 389 -10.08 -20.16 -18.68
CA PRO C 389 -11.06 -21.25 -18.82
C PRO C 389 -10.43 -22.63 -18.85
N CYS C 390 -9.29 -22.76 -19.54
CA CYS C 390 -8.60 -24.04 -19.57
C CYS C 390 -8.12 -24.43 -18.17
N VAL C 391 -7.64 -23.46 -17.39
CA VAL C 391 -7.18 -23.75 -16.03
C VAL C 391 -8.34 -24.26 -15.19
N CYS C 392 -9.48 -23.59 -15.24
CA CYS C 392 -10.62 -24.01 -14.44
C CYS C 392 -11.10 -25.38 -14.88
N ALA C 393 -11.15 -25.63 -16.19
CA ALA C 393 -11.56 -26.94 -16.68
C ALA C 393 -10.60 -28.03 -16.22
N ALA C 394 -9.30 -27.74 -16.26
CA ALA C 394 -8.31 -28.72 -15.81
C ALA C 394 -8.51 -29.05 -14.35
N VAL C 395 -8.72 -28.03 -13.51
CA VAL C 395 -8.93 -28.28 -12.09
C VAL C 395 -10.20 -29.12 -11.88
N ALA C 396 -11.27 -28.80 -12.60
CA ALA C 396 -12.48 -29.60 -12.50
C ALA C 396 -12.25 -31.03 -12.99
N LEU C 397 -11.22 -31.24 -13.80
CA LEU C 397 -10.94 -32.53 -14.39
C LEU C 397 -9.79 -33.25 -13.67
N ASP C 398 -9.42 -32.81 -12.49
CA ASP C 398 -8.43 -33.50 -11.69
C ASP C 398 -9.05 -34.67 -10.95
N ALA C 399 -8.20 -35.60 -10.50
CA ALA C 399 -8.62 -36.72 -9.65
C ALA C 399 -7.65 -36.81 -8.48
N GLY C 400 -7.90 -36.03 -7.44
CA GLY C 400 -7.20 -36.15 -6.18
C GLY C 400 -5.69 -36.03 -6.23
N THR C 401 -5.15 -35.35 -7.24
CA THR C 401 -3.71 -35.20 -7.34
C THR C 401 -3.22 -33.93 -6.65
N GLN C 402 -4.02 -32.87 -6.69
CA GLN C 402 -3.60 -31.60 -6.13
C GLN C 402 -3.57 -31.66 -4.60
N MET C 403 -2.77 -30.78 -4.01
CA MET C 403 -2.75 -30.67 -2.56
C MET C 403 -3.79 -29.66 -2.08
N PHE C 404 -3.76 -28.44 -2.60
CA PHE C 404 -4.77 -27.43 -2.31
C PHE C 404 -5.98 -27.74 -3.18
N THR C 405 -6.80 -28.66 -2.71
CA THR C 405 -7.91 -29.17 -3.50
C THR C 405 -9.06 -28.17 -3.53
N ILE C 406 -10.11 -28.54 -4.27
CA ILE C 406 -11.28 -27.67 -4.34
C ILE C 406 -11.92 -27.51 -2.97
N GLU C 407 -11.99 -28.59 -2.21
CA GLU C 407 -12.58 -28.52 -0.88
C GLU C 407 -11.80 -27.57 0.01
N SER C 408 -10.48 -27.73 0.06
CA SER C 408 -9.65 -26.96 0.99
C SER C 408 -9.82 -25.46 0.83
N THR C 409 -9.79 -24.96 -0.41
CA THR C 409 -9.86 -23.52 -0.63
C THR C 409 -11.26 -22.99 -0.83
N SER C 410 -12.21 -23.81 -1.28
CA SER C 410 -13.52 -23.29 -1.63
C SER C 410 -14.64 -24.22 -1.18
N GLY C 411 -14.53 -24.80 0.01
CA GLY C 411 -15.61 -25.63 0.50
C GLY C 411 -16.90 -24.87 0.67
N LEU C 412 -16.83 -23.72 1.33
CA LEU C 412 -18.03 -22.90 1.54
C LEU C 412 -18.60 -22.42 0.22
N ILE C 413 -17.74 -21.94 -0.69
CA ILE C 413 -18.21 -21.45 -1.97
C ILE C 413 -18.91 -22.55 -2.75
N GLY C 414 -18.28 -23.73 -2.82
CA GLY C 414 -18.91 -24.83 -3.52
C GLY C 414 -20.25 -25.21 -2.92
N ASP C 415 -20.26 -25.39 -1.60
CA ASP C 415 -21.48 -25.83 -0.92
C ASP C 415 -22.62 -24.86 -1.13
N VAL C 416 -22.35 -23.55 -1.08
CA VAL C 416 -23.41 -22.55 -1.18
C VAL C 416 -23.81 -22.31 -2.63
N PHE C 417 -22.87 -22.00 -3.50
CA PHE C 417 -23.18 -21.61 -4.87
C PHE C 417 -23.39 -22.79 -5.81
N GLY C 418 -23.24 -24.02 -5.35
CA GLY C 418 -23.63 -25.11 -6.22
C GLY C 418 -25.11 -25.37 -6.23
N SER C 419 -25.88 -24.54 -5.52
CA SER C 419 -27.32 -24.65 -5.44
C SER C 419 -28.04 -23.71 -6.38
N ILE C 420 -27.33 -23.04 -7.29
CA ILE C 420 -27.95 -22.21 -8.31
C ILE C 420 -27.82 -22.92 -9.65
N GLU C 421 -28.95 -23.09 -10.34
CA GLU C 421 -28.95 -23.78 -11.63
C GLU C 421 -28.23 -22.99 -12.71
N GLU C 422 -28.26 -21.67 -12.66
CA GLU C 422 -27.58 -20.85 -13.67
C GLU C 422 -26.07 -20.98 -13.60
N PHE C 423 -25.53 -21.57 -12.53
CA PHE C 423 -24.11 -21.84 -12.42
C PHE C 423 -23.75 -23.30 -12.69
N ARG C 424 -24.59 -24.23 -12.25
CA ARG C 424 -24.32 -25.63 -12.54
C ARG C 424 -24.42 -25.93 -14.03
N GLN C 425 -25.23 -25.15 -14.75
CA GLN C 425 -25.43 -25.34 -16.19
C GLN C 425 -25.22 -24.00 -16.89
N PRO C 426 -24.00 -23.48 -16.88
CA PRO C 426 -23.76 -22.18 -17.51
C PRO C 426 -24.03 -22.17 -19.00
N ILE C 427 -23.73 -23.26 -19.72
CA ILE C 427 -23.97 -23.24 -21.16
C ILE C 427 -25.45 -23.24 -21.45
N LYS C 428 -26.23 -24.01 -20.70
CA LYS C 428 -27.68 -23.98 -20.90
C LYS C 428 -28.24 -22.60 -20.59
N ALA C 429 -27.75 -21.96 -19.52
CA ALA C 429 -28.20 -20.62 -19.21
C ALA C 429 -27.90 -19.66 -20.34
N VAL C 430 -26.65 -19.63 -20.81
CA VAL C 430 -26.29 -18.73 -21.89
C VAL C 430 -27.06 -19.07 -23.16
N ALA C 431 -27.43 -20.33 -23.34
CA ALA C 431 -28.19 -20.72 -24.52
C ALA C 431 -29.63 -21.04 -24.16
N SER D 2 -44.13 3.75 11.30
CA SER D 2 -43.79 4.45 10.07
C SER D 2 -43.56 5.93 10.33
N ASP D 3 -42.30 6.37 10.23
CA ASP D 3 -41.96 7.77 10.41
C ASP D 3 -42.22 8.51 9.10
N THR D 4 -43.04 9.56 9.17
CA THR D 4 -43.43 10.32 7.99
C THR D 4 -43.12 11.79 8.20
N VAL D 5 -42.44 12.40 7.22
CA VAL D 5 -42.25 13.84 7.18
C VAL D 5 -42.76 14.35 5.83
N ASP D 6 -42.74 15.65 5.64
CA ASP D 6 -43.04 16.25 4.35
C ASP D 6 -41.90 17.20 4.00
N ILE D 7 -41.59 17.30 2.71
CA ILE D 7 -40.37 17.95 2.24
C ILE D 7 -40.68 19.36 1.81
N TYR D 8 -39.87 20.30 2.28
CA TYR D 8 -39.98 21.71 1.89
C TYR D 8 -38.82 22.05 0.97
N ASP D 9 -39.14 22.65 -0.18
CA ASP D 9 -38.15 22.88 -1.23
C ASP D 9 -37.20 23.99 -0.80
N ASP D 10 -36.32 24.41 -1.71
CA ASP D 10 -35.25 25.34 -1.36
C ASP D 10 -35.78 26.68 -0.88
N ARG D 11 -36.83 27.19 -1.52
CA ARG D 11 -37.41 28.47 -1.13
C ARG D 11 -38.45 28.35 -0.04
N GLY D 12 -38.50 27.23 0.68
CA GLY D 12 -39.41 27.08 1.79
C GLY D 12 -40.81 26.64 1.42
N LYS D 13 -41.08 26.37 0.15
CA LYS D 13 -42.39 25.87 -0.23
C LYS D 13 -42.50 24.39 0.10
N LEU D 14 -43.74 23.92 0.23
CA LEU D 14 -43.99 22.52 0.45
C LEU D 14 -43.85 21.76 -0.87
N LEU D 15 -43.24 20.57 -0.78
CA LEU D 15 -42.99 19.75 -1.96
C LEU D 15 -43.96 18.58 -2.07
N GLU D 16 -44.08 17.77 -1.02
CA GLU D 16 -45.16 16.80 -0.96
C GLU D 16 -45.37 16.43 0.50
N SER D 17 -46.60 16.03 0.83
CA SER D 17 -47.01 15.86 2.21
C SER D 17 -46.88 14.41 2.66
N ASN D 18 -46.25 14.22 3.81
CA ASN D 18 -46.20 12.94 4.51
C ASN D 18 -45.38 11.89 3.77
N VAL D 19 -44.21 12.25 3.26
CA VAL D 19 -43.35 11.26 2.62
C VAL D 19 -42.81 10.32 3.69
N ASP D 20 -43.11 9.03 3.53
CA ASP D 20 -42.50 8.03 4.39
C ASP D 20 -40.99 8.06 4.20
N ILE D 21 -40.26 8.16 5.31
CA ILE D 21 -38.81 8.23 5.20
C ILE D 21 -38.24 6.91 4.69
N MET D 22 -39.01 5.83 4.72
CA MET D 22 -38.55 4.59 4.11
C MET D 22 -38.52 4.69 2.60
N SER D 23 -39.46 5.42 2.01
CA SER D 23 -39.46 5.65 0.57
C SER D 23 -38.48 6.74 0.17
N LEU D 24 -37.54 7.10 1.04
CA LEU D 24 -36.62 8.19 0.81
C LEU D 24 -35.17 7.76 0.89
N ALA D 25 -34.93 6.45 0.98
CA ALA D 25 -33.57 5.92 1.09
C ALA D 25 -32.96 5.73 -0.28
N PRO D 26 -31.63 5.61 -0.34
CA PRO D 26 -30.97 5.41 -1.64
C PRO D 26 -31.46 4.19 -2.38
N THR D 27 -31.82 3.13 -1.68
CA THR D 27 -32.19 1.87 -2.31
C THR D 27 -33.64 1.84 -2.77
N ARG D 28 -34.40 2.92 -2.57
CA ARG D 28 -35.80 2.94 -2.97
C ARG D 28 -36.16 4.12 -3.85
N ASN D 29 -35.55 5.28 -3.65
CA ASN D 29 -35.92 6.46 -4.42
C ASN D 29 -35.41 6.35 -5.85
N ALA D 30 -36.29 6.58 -6.82
CA ALA D 30 -35.91 6.49 -8.22
C ALA D 30 -34.98 7.62 -8.63
N ALA D 31 -35.20 8.83 -8.11
CA ALA D 31 -34.33 9.95 -8.45
C ALA D 31 -32.91 9.71 -7.96
N ILE D 32 -32.77 9.18 -6.74
CA ILE D 32 -31.44 8.91 -6.21
C ILE D 32 -30.75 7.83 -7.04
N LYS D 33 -31.50 6.81 -7.43
CA LYS D 33 -30.92 5.75 -8.25
C LYS D 33 -30.47 6.30 -9.60
N LYS D 34 -31.27 7.19 -10.19
CA LYS D 34 -30.86 7.79 -11.46
C LYS D 34 -29.61 8.64 -11.28
N ILE D 35 -29.52 9.38 -10.17
CA ILE D 35 -28.33 10.17 -9.91
C ILE D 35 -27.10 9.27 -9.79
N ILE D 36 -27.24 8.16 -9.08
CA ILE D 36 -26.12 7.24 -8.91
C ILE D 36 -25.70 6.68 -10.26
N LEU D 37 -26.67 6.27 -11.07
CA LEU D 37 -26.33 5.71 -12.38
C LEU D 37 -25.64 6.75 -13.25
N ASP D 38 -26.14 7.98 -13.26
CA ASP D 38 -25.53 9.01 -14.08
C ASP D 38 -24.12 9.35 -13.61
N THR D 39 -23.90 9.32 -12.29
CA THR D 39 -22.55 9.51 -11.78
C THR D 39 -21.65 8.37 -12.22
N LYS D 40 -22.20 7.15 -12.28
CA LYS D 40 -21.38 5.99 -12.62
C LYS D 40 -21.01 5.97 -14.10
N ARG D 41 -21.94 6.37 -14.97
CA ARG D 41 -21.74 6.19 -16.40
C ARG D 41 -21.12 7.41 -17.08
N SER D 42 -21.33 8.60 -16.57
CA SER D 42 -20.87 9.82 -17.23
C SER D 42 -19.35 9.97 -17.10
N VAL D 43 -18.73 10.41 -18.20
CA VAL D 43 -17.30 10.68 -18.24
C VAL D 43 -17.05 11.75 -19.29
N ALA D 44 -16.08 12.62 -19.02
CA ALA D 44 -15.79 13.76 -19.87
C ALA D 44 -14.40 13.62 -20.48
N VAL D 45 -14.31 13.77 -21.79
CA VAL D 45 -13.06 13.65 -22.53
C VAL D 45 -12.61 15.03 -22.95
N SER D 46 -11.31 15.32 -22.74
CA SER D 46 -10.74 16.61 -23.06
C SER D 46 -10.05 16.53 -24.42
N LEU D 47 -10.79 16.85 -25.47
CA LEU D 47 -10.23 16.79 -26.82
C LEU D 47 -9.07 17.76 -26.99
N ALA D 48 -9.21 18.97 -26.44
CA ALA D 48 -8.11 19.93 -26.51
C ALA D 48 -6.88 19.39 -25.81
N GLY D 49 -7.07 18.78 -24.64
CA GLY D 49 -5.95 18.19 -23.94
C GLY D 49 -5.32 17.04 -24.72
N ILE D 50 -6.16 16.21 -25.34
CA ILE D 50 -5.63 15.11 -26.14
C ILE D 50 -4.80 15.65 -27.30
N GLN D 51 -5.31 16.68 -27.98
CA GLN D 51 -4.59 17.25 -29.11
C GLN D 51 -3.27 17.87 -28.67
N GLY D 52 -3.27 18.57 -27.54
CA GLY D 52 -2.04 19.12 -27.03
C GLY D 52 -1.03 18.05 -26.65
N ALA D 53 -1.52 16.96 -26.05
CA ALA D 53 -0.63 15.86 -25.73
C ALA D 53 -0.03 15.25 -26.98
N LEU D 54 -0.84 15.08 -28.02
CA LEU D 54 -0.33 14.51 -29.27
C LEU D 54 0.70 15.43 -29.91
N ALA D 55 0.43 16.74 -29.92
CA ALA D 55 1.33 17.65 -30.61
C ALA D 55 2.65 17.82 -29.84
N SER D 56 2.56 17.99 -28.53
CA SER D 56 3.73 18.32 -27.73
C SER D 56 4.40 17.11 -27.09
N GLY D 57 3.67 16.01 -26.90
CA GLY D 57 4.23 14.88 -26.18
C GLY D 57 4.16 15.02 -24.68
N LYS D 58 3.45 16.03 -24.18
CA LYS D 58 3.22 16.21 -22.75
C LYS D 58 2.07 15.29 -22.34
N MET D 59 2.40 14.04 -22.09
CA MET D 59 1.42 13.02 -21.78
C MET D 59 2.01 12.01 -20.82
N GLY D 60 1.14 11.41 -20.02
CA GLY D 60 1.53 10.36 -19.10
C GLY D 60 1.67 10.81 -17.67
N GLY D 61 1.51 12.10 -17.38
CA GLY D 61 1.58 12.54 -16.00
C GLY D 61 2.26 13.88 -15.80
N LYS D 62 2.55 14.19 -14.55
CA LYS D 62 3.07 15.50 -14.19
C LYS D 62 4.55 15.56 -14.54
N GLY D 63 4.88 16.39 -15.53
CA GLY D 63 6.25 16.57 -15.95
C GLY D 63 6.66 15.75 -17.16
N ARG D 64 5.95 14.67 -17.47
CA ARG D 64 6.33 13.81 -18.59
C ARG D 64 6.30 14.59 -19.89
N GLN D 65 7.19 14.21 -20.80
CA GLN D 65 7.09 14.68 -22.19
C GLN D 65 7.91 13.76 -23.07
N ILE D 66 7.29 13.20 -24.10
CA ILE D 66 7.97 12.34 -25.05
C ILE D 66 8.44 13.21 -26.22
N LEU D 67 9.75 13.28 -26.42
CA LEU D 67 10.32 14.16 -27.42
C LEU D 67 10.49 13.44 -28.76
N GLY D 68 10.24 14.16 -29.84
CA GLY D 68 10.50 13.64 -31.17
C GLY D 68 9.42 12.77 -31.74
N ARG D 69 8.32 12.54 -31.03
CA ARG D 69 7.23 11.69 -31.48
C ARG D 69 5.91 12.44 -31.43
N GLY D 70 5.90 13.66 -31.95
CA GLY D 70 4.69 14.46 -31.95
C GLY D 70 3.82 14.19 -33.15
N LEU D 71 2.53 13.99 -32.92
CA LEU D 71 1.53 13.87 -33.96
C LEU D 71 0.65 15.10 -33.92
N ASN D 72 0.38 15.69 -35.07
CA ASN D 72 -0.41 16.91 -35.17
C ASN D 72 -1.74 16.57 -35.80
N TYR D 73 -2.76 16.38 -34.97
CA TYR D 73 -4.11 16.09 -35.42
C TYR D 73 -5.05 17.21 -34.98
N ASP D 74 -5.91 17.64 -35.90
CA ASP D 74 -6.91 18.66 -35.60
C ASP D 74 -8.09 18.01 -34.89
N LEU D 75 -7.86 17.68 -33.62
CA LEU D 75 -8.92 17.04 -32.83
C LEU D 75 -10.05 18.01 -32.56
N VAL D 76 -9.74 19.23 -32.11
CA VAL D 76 -10.79 20.18 -31.79
C VAL D 76 -11.54 20.61 -33.05
N GLY D 77 -10.86 20.64 -34.20
CA GLY D 77 -11.51 21.06 -35.42
C GLY D 77 -12.51 20.04 -35.94
N ASN D 78 -12.32 18.77 -35.60
CA ASN D 78 -13.15 17.68 -36.10
C ASN D 78 -14.06 17.13 -35.01
N ALA D 79 -14.30 17.94 -33.97
CA ALA D 79 -14.91 17.43 -32.74
C ALA D 79 -16.26 16.79 -33.00
N ASP D 80 -17.05 17.31 -33.94
CA ASP D 80 -18.34 16.70 -34.22
C ASP D 80 -18.17 15.28 -34.77
N ALA D 81 -17.23 15.10 -35.69
CA ALA D 81 -16.98 13.78 -36.25
C ALA D 81 -16.43 12.83 -35.19
N ILE D 82 -15.51 13.32 -34.35
CA ILE D 82 -14.97 12.49 -33.28
C ILE D 82 -16.08 12.05 -32.34
N ALA D 83 -16.97 12.98 -31.98
CA ALA D 83 -18.06 12.64 -31.08
C ALA D 83 -19.00 11.62 -31.71
N GLU D 84 -19.32 11.79 -32.99
CA GLU D 84 -20.18 10.83 -33.66
C GLU D 84 -19.56 9.44 -33.67
N ASN D 85 -18.29 9.35 -34.07
CA ASN D 85 -17.64 8.05 -34.12
C ASN D 85 -17.55 7.42 -32.73
N VAL D 86 -17.24 8.22 -31.71
CA VAL D 86 -17.13 7.69 -30.36
C VAL D 86 -18.48 7.18 -29.88
N LYS D 87 -19.56 7.89 -30.18
CA LYS D 87 -20.88 7.39 -29.84
C LYS D 87 -21.16 6.08 -30.55
N ASN D 88 -20.69 5.94 -31.78
CA ASN D 88 -20.84 4.66 -32.47
C ASN D 88 -20.07 3.56 -31.76
N LEU D 89 -18.86 3.86 -31.27
CA LEU D 89 -18.02 2.83 -30.68
C LEU D 89 -18.47 2.45 -29.28
N VAL D 90 -19.03 3.38 -28.52
CA VAL D 90 -19.36 3.12 -27.12
C VAL D 90 -20.72 2.47 -26.98
N GLN D 91 -21.55 2.52 -28.00
CA GLN D 91 -22.90 1.98 -27.91
C GLN D 91 -22.86 0.46 -27.76
N VAL D 92 -24.02 -0.10 -27.41
CA VAL D 92 -24.23 -1.54 -27.43
C VAL D 92 -25.30 -1.85 -28.47
N ASP D 93 -26.22 -0.91 -28.64
CA ASP D 93 -27.28 -1.01 -29.64
C ASP D 93 -27.54 0.36 -30.22
N GLU D 94 -28.01 0.39 -31.46
CA GLU D 94 -28.33 1.66 -32.10
C GLU D 94 -29.59 2.23 -31.49
N GLY D 95 -29.44 3.07 -30.46
CA GLY D 95 -30.59 3.70 -29.85
C GLY D 95 -30.69 3.53 -28.35
N ASP D 96 -29.62 3.09 -27.70
CA ASP D 96 -29.64 2.93 -26.26
C ASP D 96 -29.52 4.30 -25.61
N ASP D 97 -29.27 4.32 -24.30
CA ASP D 97 -29.15 5.57 -23.56
C ASP D 97 -27.76 6.16 -23.63
N THR D 98 -26.96 5.78 -24.62
CA THR D 98 -25.67 6.41 -24.85
C THR D 98 -25.87 7.81 -25.38
N SER D 99 -24.92 8.69 -25.06
CA SER D 99 -25.00 10.07 -25.53
C SER D 99 -23.62 10.69 -25.48
N VAL D 100 -23.21 11.31 -26.60
CA VAL D 100 -21.94 12.01 -26.70
C VAL D 100 -22.22 13.42 -27.18
N LYS D 101 -21.94 14.41 -26.34
CA LYS D 101 -22.18 15.81 -26.65
C LYS D 101 -20.87 16.57 -26.62
N VAL D 102 -20.69 17.46 -27.59
CA VAL D 102 -19.48 18.27 -27.68
C VAL D 102 -19.67 19.52 -26.82
N ILE D 103 -18.99 19.56 -25.69
CA ILE D 103 -19.16 20.61 -24.70
C ILE D 103 -18.17 21.73 -24.98
N LYS D 104 -18.64 22.97 -24.89
CA LYS D 104 -17.84 24.19 -25.02
C LYS D 104 -16.95 24.18 -26.26
N GLY D 105 -17.60 24.13 -27.42
CA GLY D 105 -16.94 24.41 -28.68
C GLY D 105 -15.97 23.36 -29.15
N GLY D 106 -16.09 22.13 -28.68
CA GLY D 106 -15.21 21.06 -29.12
C GLY D 106 -13.93 20.92 -28.31
N LYS D 107 -13.69 21.78 -27.33
CA LYS D 107 -12.51 21.62 -26.49
C LYS D 107 -12.56 20.35 -25.66
N SER D 108 -13.74 19.79 -25.43
CA SER D 108 -13.87 18.59 -24.61
C SER D 108 -15.11 17.84 -25.04
N LEU D 109 -15.13 16.56 -24.72
CA LEU D 109 -16.22 15.66 -25.08
C LEU D 109 -16.92 15.19 -23.82
N LEU D 110 -18.21 14.86 -23.96
CA LEU D 110 -18.99 14.29 -22.88
C LEU D 110 -19.62 13.00 -23.37
N ILE D 111 -19.12 11.88 -22.86
CA ILE D 111 -19.58 10.55 -23.28
C ILE D 111 -20.15 9.85 -22.05
N GLN D 112 -21.38 9.37 -22.17
CA GLN D 112 -22.06 8.65 -21.10
C GLN D 112 -22.35 7.24 -21.59
N ALA D 113 -21.66 6.26 -21.05
CA ALA D 113 -21.82 4.89 -21.50
C ALA D 113 -23.23 4.41 -21.18
N PRO D 114 -23.73 3.41 -21.91
CA PRO D 114 -25.09 2.94 -21.69
C PRO D 114 -25.21 2.24 -20.34
N SER D 115 -26.47 2.07 -19.91
CA SER D 115 -26.72 1.34 -18.68
C SER D 115 -26.36 -0.13 -18.80
N SER D 116 -26.30 -0.67 -20.03
CA SER D 116 -25.94 -2.06 -20.21
C SER D 116 -24.48 -2.31 -19.86
N ARG D 117 -23.59 -1.37 -20.18
CA ARG D 117 -22.20 -1.49 -19.80
C ARG D 117 -22.01 -1.47 -18.29
N ILE D 118 -22.91 -0.80 -17.57
CA ILE D 118 -22.84 -0.78 -16.12
C ILE D 118 -23.42 -2.05 -15.51
N ALA D 119 -24.59 -2.47 -15.97
CA ALA D 119 -25.24 -3.66 -15.45
C ALA D 119 -24.44 -4.93 -15.71
N ALA D 120 -23.60 -4.96 -16.73
CA ALA D 120 -22.82 -6.15 -17.08
C ALA D 120 -21.38 -6.05 -16.59
N GLY D 121 -21.11 -5.18 -15.63
CA GLY D 121 -19.80 -5.10 -15.02
C GLY D 121 -19.95 -4.82 -13.54
N ALA D 122 -18.97 -5.29 -12.78
CA ALA D 122 -19.07 -5.26 -11.33
C ALA D 122 -19.08 -3.85 -10.76
N ASP D 123 -18.56 -2.86 -11.49
CA ASP D 123 -18.48 -1.52 -10.93
C ASP D 123 -18.48 -0.50 -12.07
N TYR D 124 -18.06 0.72 -11.77
CA TYR D 124 -18.30 1.88 -12.60
C TYR D 124 -17.18 2.18 -13.59
N MET D 125 -16.10 1.40 -13.60
CA MET D 125 -14.98 1.76 -14.47
C MET D 125 -15.21 1.33 -15.92
N SER D 126 -16.28 0.60 -16.20
CA SER D 126 -16.57 0.27 -17.59
C SER D 126 -16.78 1.52 -18.42
N ALA D 127 -17.49 2.52 -17.89
CA ALA D 127 -17.71 3.75 -18.65
C ALA D 127 -16.38 4.43 -18.97
N THR D 128 -15.50 4.54 -17.98
CA THR D 128 -14.22 5.20 -18.22
C THR D 128 -13.39 4.46 -19.24
N THR D 129 -13.20 3.15 -19.04
CA THR D 129 -12.34 2.40 -19.96
C THR D 129 -12.93 2.35 -21.36
N VAL D 130 -14.24 2.17 -21.48
CA VAL D 130 -14.87 2.09 -22.79
C VAL D 130 -14.81 3.43 -23.50
N GLY D 131 -15.06 4.53 -22.78
CA GLY D 131 -14.93 5.84 -23.41
C GLY D 131 -13.50 6.12 -23.86
N ALA D 132 -12.51 5.81 -23.03
CA ALA D 132 -11.13 6.04 -23.41
C ALA D 132 -10.75 5.19 -24.62
N ALA D 133 -11.12 3.91 -24.61
CA ALA D 133 -10.81 3.04 -25.74
C ALA D 133 -11.52 3.52 -27.00
N ALA D 134 -12.76 3.98 -26.88
CA ALA D 134 -13.47 4.47 -28.04
C ALA D 134 -12.78 5.69 -28.62
N VAL D 135 -12.36 6.63 -27.78
CA VAL D 135 -11.68 7.81 -28.28
C VAL D 135 -10.37 7.44 -28.95
N THR D 136 -9.60 6.53 -28.33
CA THR D 136 -8.31 6.15 -28.91
C THR D 136 -8.50 5.44 -30.25
N GLN D 137 -9.48 4.54 -30.32
CA GLN D 137 -9.79 3.88 -31.58
C GLN D 137 -10.18 4.89 -32.64
N THR D 138 -11.02 5.88 -32.27
CA THR D 138 -11.45 6.86 -33.25
C THR D 138 -10.27 7.69 -33.75
N ILE D 139 -9.36 8.06 -32.86
CA ILE D 139 -8.18 8.82 -33.29
C ILE D 139 -7.35 7.99 -34.25
N ILE D 140 -7.10 6.73 -33.90
CA ILE D 140 -6.28 5.87 -34.76
C ILE D 140 -6.92 5.71 -36.13
N ASP D 141 -8.23 5.46 -36.16
CA ASP D 141 -8.90 5.25 -37.44
C ASP D 141 -8.94 6.52 -38.27
N MET D 142 -9.32 7.64 -37.66
CA MET D 142 -9.65 8.83 -38.43
C MET D 142 -8.42 9.63 -38.81
N PHE D 143 -7.33 9.53 -38.06
CA PHE D 143 -6.16 10.34 -38.38
C PHE D 143 -4.98 9.53 -38.89
N GLY D 144 -5.23 8.30 -39.38
CA GLY D 144 -4.24 7.56 -40.13
C GLY D 144 -2.93 7.31 -39.42
N THR D 145 -2.99 6.84 -38.17
CA THR D 145 -1.77 6.61 -37.42
C THR D 145 -1.10 5.32 -37.85
N ASP D 146 0.15 5.42 -38.30
CA ASP D 146 0.94 4.23 -38.56
C ASP D 146 1.05 3.40 -37.30
N MET D 147 1.15 2.08 -37.46
CA MET D 147 1.07 1.20 -36.30
C MET D 147 2.21 1.43 -35.33
N TYR D 148 3.28 2.07 -35.74
CA TYR D 148 4.38 2.38 -34.83
C TYR D 148 4.18 3.70 -34.10
N ASP D 149 3.15 4.47 -34.45
CA ASP D 149 2.73 5.62 -33.68
C ASP D 149 1.50 5.33 -32.83
N ALA D 150 0.95 4.12 -32.93
CA ALA D 150 -0.20 3.76 -32.11
C ALA D 150 0.02 3.94 -30.62
N PRO D 151 1.17 3.59 -30.04
CA PRO D 151 1.35 3.84 -28.60
C PRO D 151 1.18 5.29 -28.22
N ILE D 152 1.65 6.22 -29.04
CA ILE D 152 1.54 7.63 -28.70
C ILE D 152 0.08 8.07 -28.70
N ALA D 153 -0.66 7.65 -29.73
CA ALA D 153 -2.08 7.99 -29.79
C ALA D 153 -2.86 7.34 -28.66
N LYS D 154 -2.41 6.17 -28.20
CA LYS D 154 -3.10 5.52 -27.08
C LYS D 154 -2.81 6.22 -25.77
N SER D 155 -1.56 6.64 -25.55
CA SER D 155 -1.21 7.24 -24.27
C SER D 155 -1.49 8.73 -24.21
N ALA D 156 -1.87 9.35 -25.32
CA ALA D 156 -2.46 10.67 -25.22
C ALA D 156 -3.84 10.64 -24.59
N VAL D 157 -4.46 9.46 -24.51
CA VAL D 157 -5.74 9.27 -23.84
C VAL D 157 -5.57 8.53 -22.51
N TRP D 158 -5.01 7.32 -22.56
CA TRP D 158 -4.74 6.55 -21.36
C TRP D 158 -3.38 6.95 -20.79
N GLY D 159 -3.34 8.15 -20.21
CA GLY D 159 -2.07 8.66 -19.71
C GLY D 159 -1.40 7.73 -18.72
N SER D 160 -0.31 7.11 -19.15
CA SER D 160 0.57 6.32 -18.28
C SER D 160 -0.11 5.12 -17.66
N TYR D 161 -1.16 4.60 -18.26
CA TYR D 161 -1.79 3.35 -17.84
C TYR D 161 -1.53 2.26 -18.88
N PRO D 162 -1.31 0.99 -18.51
CA PRO D 162 -1.45 0.31 -17.23
C PRO D 162 -0.25 0.34 -16.29
N GLN D 163 0.78 1.13 -16.58
CA GLN D 163 1.89 1.21 -15.64
C GLN D 163 1.43 1.75 -14.29
N THR D 164 0.58 2.77 -14.31
CA THR D 164 -0.03 3.31 -13.10
C THR D 164 -1.42 2.72 -12.92
N MET D 165 -1.87 2.65 -11.67
CA MET D 165 -3.17 2.03 -11.41
C MET D 165 -4.30 2.77 -12.10
N ASP D 166 -4.16 4.07 -12.30
CA ASP D 166 -5.18 4.88 -12.97
C ASP D 166 -4.56 5.62 -14.15
N LEU D 167 -5.42 6.28 -14.92
CA LEU D 167 -5.00 7.01 -16.12
C LEU D 167 -4.30 8.28 -15.69
N MET D 168 -3.06 8.13 -15.21
CA MET D 168 -2.31 9.28 -14.69
C MET D 168 -1.87 10.13 -15.86
N GLY D 169 -2.53 11.26 -16.05
CA GLY D 169 -2.26 12.13 -17.17
C GLY D 169 -3.17 11.94 -18.36
N GLY D 170 -4.10 11.00 -18.29
CA GLY D 170 -5.06 10.80 -19.35
C GLY D 170 -6.13 11.85 -19.35
N ASN D 171 -6.76 12.01 -20.51
CA ASN D 171 -7.74 13.06 -20.72
C ASN D 171 -9.16 12.53 -20.70
N VAL D 172 -9.37 11.39 -20.04
CA VAL D 172 -10.71 10.85 -19.81
C VAL D 172 -10.87 10.64 -18.32
N GLN D 173 -11.81 11.36 -17.71
CA GLN D 173 -12.01 11.30 -16.27
C GLN D 173 -13.49 11.36 -15.94
N GLY D 174 -13.91 10.48 -15.03
CA GLY D 174 -15.22 10.58 -14.43
C GLY D 174 -15.18 11.32 -13.11
N VAL D 175 -16.26 11.18 -12.35
CA VAL D 175 -16.33 11.83 -11.04
C VAL D 175 -15.84 10.95 -9.91
N LEU D 176 -15.93 9.62 -10.05
CA LEU D 176 -15.48 8.71 -9.03
C LEU D 176 -14.04 8.25 -9.31
N SER D 177 -13.29 8.02 -8.24
CA SER D 177 -11.94 7.52 -8.39
C SER D 177 -11.98 6.01 -8.67
N ILE D 178 -10.82 5.46 -8.99
CA ILE D 178 -10.69 4.05 -9.34
C ILE D 178 -11.14 3.21 -8.14
N PRO D 179 -11.65 2.00 -8.37
CA PRO D 179 -12.11 1.19 -7.23
C PRO D 179 -11.02 0.86 -6.24
N GLN D 180 -9.75 0.86 -6.66
CA GLN D 180 -8.67 0.60 -5.73
C GLN D 180 -8.50 1.72 -4.71
N ASN D 181 -8.80 2.96 -5.10
CA ASN D 181 -8.51 4.13 -4.28
C ASN D 181 -9.67 4.56 -3.40
N ASN D 182 -10.49 3.62 -2.95
CA ASN D 182 -11.52 3.92 -1.96
C ASN D 182 -10.95 3.73 -0.57
N GLU D 183 -11.59 4.39 0.41
CA GLU D 183 -11.14 4.25 1.79
C GLU D 183 -11.58 2.91 2.39
N GLY D 184 -12.66 2.34 1.88
CA GLY D 184 -13.13 1.09 2.44
C GLY D 184 -14.29 0.55 1.64
N LEU D 185 -14.97 -0.42 2.24
CA LEU D 185 -16.04 -1.12 1.54
C LEU D 185 -17.26 -0.22 1.45
N GLY D 186 -17.72 0.05 0.23
CA GLY D 186 -18.86 0.91 0.00
C GLY D 186 -18.55 2.38 -0.12
N PHE D 187 -17.30 2.78 0.11
CA PHE D 187 -16.94 4.20 0.09
C PHE D 187 -16.89 4.78 -1.31
N SER D 188 -17.00 3.97 -2.35
CA SER D 188 -16.77 4.45 -3.71
C SER D 188 -17.79 5.51 -4.11
N LEU D 189 -19.05 5.32 -3.76
CA LEU D 189 -20.09 6.23 -4.23
C LEU D 189 -20.00 7.60 -3.58
N ARG D 190 -19.20 7.73 -2.53
CA ARG D 190 -18.74 9.01 -2.02
C ARG D 190 -17.62 9.48 -2.92
N ASN D 191 -16.78 10.40 -2.45
CA ASN D 191 -15.63 10.88 -3.23
C ASN D 191 -16.10 11.75 -4.40
N ILE D 192 -16.90 12.75 -4.09
CA ILE D 192 -17.24 13.83 -5.01
C ILE D 192 -17.12 15.12 -4.23
N MET D 193 -16.01 15.83 -4.43
CA MET D 193 -15.59 16.93 -3.57
C MET D 193 -16.61 18.05 -3.53
N ALA D 194 -16.55 18.88 -2.48
CA ALA D 194 -17.54 19.91 -2.27
C ALA D 194 -17.60 20.91 -3.42
N ASN D 195 -16.47 21.15 -4.07
CA ASN D 195 -16.45 22.08 -5.20
C ASN D 195 -17.37 21.59 -6.32
N HIS D 196 -17.34 20.30 -6.60
CA HIS D 196 -18.19 19.76 -7.67
C HIS D 196 -19.66 19.93 -7.33
N ILE D 197 -20.04 19.66 -6.08
CA ILE D 197 -21.44 19.79 -5.71
C ILE D 197 -21.87 21.25 -5.73
N ALA D 198 -20.99 22.16 -5.29
CA ALA D 198 -21.31 23.58 -5.36
C ALA D 198 -21.49 24.02 -6.80
N ALA D 199 -20.61 23.57 -7.70
CA ALA D 199 -20.73 23.90 -9.11
C ALA D 199 -22.01 23.34 -9.72
N ILE D 200 -22.36 22.10 -9.38
CA ILE D 200 -23.50 21.45 -10.02
C ILE D 200 -24.78 22.18 -9.68
N THR D 201 -24.93 22.63 -8.44
CA THR D 201 -26.12 23.32 -7.99
C THR D 201 -26.04 24.83 -8.15
N SER D 202 -24.98 25.33 -8.81
CA SER D 202 -24.82 26.76 -9.05
C SER D 202 -24.72 27.53 -7.74
N ARG D 203 -24.08 26.92 -6.75
CA ARG D 203 -23.85 27.56 -5.46
C ARG D 203 -25.18 27.91 -4.77
N GLY D 204 -26.16 27.03 -4.91
CA GLY D 204 -27.36 27.12 -4.10
C GLY D 204 -27.16 26.31 -2.84
N ALA D 205 -26.94 26.98 -1.72
CA ALA D 205 -26.40 26.32 -0.53
C ALA D 205 -27.27 25.16 -0.07
N MET D 206 -28.59 25.37 -0.02
CA MET D 206 -29.45 24.26 0.38
C MET D 206 -29.48 23.15 -0.66
N ASN D 207 -29.50 23.49 -1.94
CA ASN D 207 -29.45 22.45 -2.97
C ASN D 207 -28.15 21.68 -2.90
N ALA D 208 -27.04 22.39 -2.68
CA ALA D 208 -25.75 21.72 -2.56
C ALA D 208 -25.72 20.78 -1.37
N ALA D 209 -26.27 21.22 -0.23
CA ALA D 209 -26.33 20.36 0.93
C ALA D 209 -27.18 19.13 0.67
N ALA D 210 -28.31 19.32 -0.02
CA ALA D 210 -29.19 18.19 -0.32
C ALA D 210 -28.48 17.17 -1.19
N LEU D 211 -27.82 17.61 -2.26
CA LEU D 211 -27.14 16.67 -3.14
C LEU D 211 -25.98 15.98 -2.43
N SER D 212 -25.21 16.73 -1.64
CA SER D 212 -24.10 16.14 -0.93
C SER D 212 -24.59 15.10 0.07
N SER D 213 -25.69 15.38 0.75
CA SER D 213 -26.26 14.40 1.66
C SER D 213 -26.79 13.19 0.91
N ILE D 214 -27.30 13.39 -0.31
CA ILE D 214 -27.73 12.25 -1.11
C ILE D 214 -26.56 11.31 -1.37
N TYR D 215 -25.44 11.86 -1.84
CA TYR D 215 -24.26 11.03 -2.05
C TYR D 215 -23.78 10.37 -0.76
N GLU D 216 -23.74 11.14 0.33
CA GLU D 216 -23.18 10.60 1.57
C GLU D 216 -24.05 9.48 2.13
N GLN D 217 -25.37 9.65 2.10
CA GLN D 217 -26.25 8.59 2.60
C GLN D 217 -26.27 7.40 1.65
N SER D 218 -26.11 7.62 0.35
CA SER D 218 -25.96 6.49 -0.56
C SER D 218 -24.72 5.68 -0.22
N GLY D 219 -23.62 6.36 0.08
CA GLY D 219 -22.43 5.66 0.52
C GLY D 219 -22.65 4.92 1.83
N ILE D 220 -23.36 5.53 2.77
CA ILE D 220 -23.66 4.87 4.04
C ILE D 220 -24.46 3.59 3.80
N PHE D 221 -25.50 3.68 2.98
CA PHE D 221 -26.30 2.50 2.69
C PHE D 221 -25.49 1.44 1.97
N GLU D 222 -24.57 1.85 1.09
CA GLU D 222 -23.72 0.91 0.41
C GLU D 222 -22.81 0.18 1.39
N MET D 223 -22.30 0.88 2.39
CA MET D 223 -21.40 0.30 3.39
C MET D 223 -22.07 -0.66 4.31
N GLY D 224 -23.40 -0.78 4.31
CA GLY D 224 -24.05 -1.61 5.29
C GLY D 224 -24.15 -0.98 6.65
N GLY D 225 -24.11 0.34 6.73
CA GLY D 225 -24.32 1.06 7.96
C GLY D 225 -25.75 1.47 8.24
N ALA D 226 -26.69 1.01 7.44
CA ALA D 226 -28.11 1.31 7.63
C ALA D 226 -28.91 0.03 7.36
N VAL D 227 -29.14 -0.76 8.40
CA VAL D 227 -29.92 -2.00 8.30
C VAL D 227 -30.86 -2.03 9.50
N GLY D 228 -32.15 -1.87 9.25
CA GLY D 228 -33.14 -1.92 10.31
C GLY D 228 -33.22 -0.60 11.05
N MET D 229 -32.91 -0.63 12.36
CA MET D 229 -33.01 0.57 13.17
C MET D 229 -31.98 1.61 12.75
N PHE D 230 -30.81 1.17 12.28
CA PHE D 230 -29.87 2.15 11.74
C PHE D 230 -30.33 2.68 10.39
N GLU D 231 -31.10 1.89 9.63
CA GLU D 231 -31.73 2.43 8.44
C GLU D 231 -32.68 3.56 8.81
N ARG D 232 -33.50 3.36 9.85
CA ARG D 232 -34.35 4.44 10.33
C ARG D 232 -33.53 5.63 10.80
N HIS D 233 -32.44 5.36 11.52
CA HIS D 233 -31.55 6.41 11.99
C HIS D 233 -31.06 7.29 10.84
N GLN D 234 -30.48 6.66 9.82
CA GLN D 234 -29.92 7.41 8.70
C GLN D 234 -31.01 8.10 7.89
N LEU D 235 -32.14 7.44 7.68
CA LEU D 235 -33.21 8.08 6.92
C LEU D 235 -33.72 9.32 7.63
N LEU D 236 -33.95 9.23 8.94
CA LEU D 236 -34.38 10.39 9.70
C LEU D 236 -33.35 11.50 9.63
N GLY D 237 -32.07 11.16 9.82
CA GLY D 237 -31.04 12.18 9.76
C GLY D 237 -30.98 12.87 8.41
N LEU D 238 -31.00 12.09 7.34
CA LEU D 238 -30.93 12.67 6.00
C LEU D 238 -32.14 13.55 5.73
N ALA D 239 -33.34 13.05 6.03
CA ALA D 239 -34.56 13.80 5.75
C ALA D 239 -34.57 15.11 6.51
N CYS D 240 -34.17 15.08 7.78
CA CYS D 240 -34.22 16.30 8.58
C CYS D 240 -33.13 17.29 8.17
N GLN D 241 -31.89 16.82 7.99
CA GLN D 241 -30.80 17.74 7.73
C GLN D 241 -30.71 18.12 6.26
N GLY D 242 -30.44 17.14 5.39
CA GLY D 242 -30.19 17.45 4.00
C GLY D 242 -31.41 17.94 3.25
N LEU D 243 -32.54 17.26 3.41
CA LEU D 243 -33.70 17.48 2.57
C LEU D 243 -34.65 18.53 3.12
N ASN D 244 -34.32 19.17 4.23
CA ASN D 244 -35.15 20.25 4.77
C ASN D 244 -36.57 19.77 5.06
N ALA D 245 -36.69 18.58 5.66
CA ALA D 245 -38.01 18.05 5.96
C ALA D 245 -38.69 18.90 7.02
N ASN D 246 -39.98 19.15 6.84
CA ASN D 246 -40.78 19.99 7.72
C ASN D 246 -40.33 21.44 7.74
N ASN D 247 -39.45 21.84 6.83
CA ASN D 247 -38.91 23.20 6.79
C ASN D 247 -38.15 23.56 8.06
N VAL D 248 -37.69 22.56 8.80
CA VAL D 248 -37.11 22.81 10.11
C VAL D 248 -35.77 23.51 10.03
N VAL D 249 -35.10 23.48 8.88
CA VAL D 249 -33.83 24.18 8.76
C VAL D 249 -34.00 25.54 8.10
N TYR D 250 -34.91 25.63 7.13
CA TYR D 250 -35.20 26.94 6.56
C TYR D 250 -35.80 27.87 7.61
N ASP D 251 -36.68 27.34 8.46
CA ASP D 251 -37.27 28.16 9.52
C ASP D 251 -36.19 28.64 10.48
N ILE D 252 -35.26 27.76 10.84
CA ILE D 252 -34.21 28.15 11.77
C ILE D 252 -33.33 29.22 11.16
N VAL D 253 -32.99 29.09 9.87
CA VAL D 253 -32.18 30.10 9.21
C VAL D 253 -32.95 31.42 9.13
N LYS D 254 -34.23 31.35 8.80
CA LYS D 254 -35.05 32.55 8.70
C LYS D 254 -35.11 33.27 10.04
N GLU D 255 -35.26 32.53 11.14
CA GLU D 255 -35.37 33.12 12.46
C GLU D 255 -34.07 33.75 12.93
N ASN D 256 -32.92 33.22 12.53
CA ASN D 256 -31.63 33.83 12.80
C ASN D 256 -31.11 34.54 11.56
N GLY D 257 -32.02 35.13 10.80
CA GLY D 257 -31.68 35.77 9.55
C GLY D 257 -30.71 36.92 9.68
N LYS D 258 -31.12 37.99 10.34
CA LYS D 258 -30.27 39.18 10.39
C LYS D 258 -29.29 39.18 11.54
N ASP D 259 -29.76 38.87 12.76
CA ASP D 259 -28.92 38.90 13.95
C ASP D 259 -29.05 37.56 14.67
N GLY D 260 -28.16 36.63 14.35
CA GLY D 260 -28.17 35.35 15.02
C GLY D 260 -26.86 34.62 14.92
N THR D 261 -26.32 34.19 16.04
CA THR D 261 -25.08 33.43 16.09
C THR D 261 -25.42 31.95 16.28
N ILE D 262 -24.39 31.13 16.47
CA ILE D 262 -24.61 29.72 16.69
C ILE D 262 -25.44 29.49 17.94
N GLY D 263 -25.18 30.26 18.99
CA GLY D 263 -25.93 30.08 20.24
C GLY D 263 -27.42 30.26 20.05
N THR D 264 -27.80 31.26 19.25
CA THR D 264 -29.22 31.46 18.99
C THR D 264 -29.83 30.30 18.20
N VAL D 265 -29.05 29.72 17.28
CA VAL D 265 -29.52 28.53 16.57
C VAL D 265 -29.72 27.38 17.55
N ILE D 266 -28.78 27.21 18.49
CA ILE D 266 -28.93 26.17 19.50
C ILE D 266 -30.19 26.38 20.31
N GLU D 267 -30.44 27.62 20.72
CA GLU D 267 -31.65 27.90 21.47
C GLU D 267 -32.89 27.56 20.66
N SER D 268 -32.91 27.94 19.39
CA SER D 268 -34.09 27.67 18.56
C SER D 268 -34.30 26.17 18.38
N ILE D 269 -33.22 25.43 18.10
CA ILE D 269 -33.36 24.01 17.86
C ILE D 269 -33.77 23.27 19.12
N VAL D 270 -33.21 23.65 20.27
CA VAL D 270 -33.61 23.00 21.51
C VAL D 270 -35.05 23.35 21.87
N GLY D 271 -35.46 24.59 21.59
CA GLY D 271 -36.86 24.93 21.81
C GLY D 271 -37.79 24.08 20.97
N ARG D 272 -37.46 23.90 19.69
CA ARG D 272 -38.29 23.05 18.84
C ARG D 272 -38.28 21.60 19.31
N ALA D 273 -37.11 21.10 19.71
CA ALA D 273 -37.04 19.73 20.20
C ALA D 273 -37.90 19.54 21.44
N VAL D 274 -37.86 20.49 22.37
CA VAL D 274 -38.69 20.40 23.57
C VAL D 274 -40.16 20.47 23.20
N GLU D 275 -40.52 21.38 22.29
CA GLU D 275 -41.93 21.56 21.94
C GLU D 275 -42.48 20.31 21.26
N ASP D 276 -41.68 19.68 20.41
CA ASP D 276 -42.15 18.51 19.70
C ASP D 276 -42.09 17.26 20.52
N GLY D 277 -41.66 17.33 21.78
CA GLY D 277 -41.59 16.15 22.61
C GLY D 277 -40.45 15.22 22.28
N VAL D 278 -39.52 15.64 21.43
CA VAL D 278 -38.38 14.78 21.11
C VAL D 278 -37.54 14.53 22.35
N ILE D 279 -37.41 15.54 23.21
CA ILE D 279 -36.69 15.40 24.46
C ILE D 279 -37.53 15.98 25.58
N SER D 280 -37.24 15.55 26.81
CA SER D 280 -37.95 16.00 27.99
C SER D 280 -36.94 16.28 29.09
N VAL D 281 -37.44 16.78 30.22
CA VAL D 281 -36.58 17.12 31.35
C VAL D 281 -36.49 15.87 32.23
N ASP D 282 -35.37 15.16 32.13
CA ASP D 282 -35.23 13.92 32.89
C ASP D 282 -34.92 14.19 34.35
N LYS D 283 -34.27 15.31 34.64
CA LYS D 283 -33.83 15.63 36.00
C LYS D 283 -33.84 17.13 36.18
N THR D 284 -33.42 17.57 37.36
CA THR D 284 -33.24 18.99 37.64
C THR D 284 -32.23 19.09 38.77
N ALA D 285 -31.00 19.46 38.45
CA ALA D 285 -29.98 19.56 39.46
C ALA D 285 -30.27 20.73 40.39
N PRO D 286 -29.63 20.78 41.56
CA PRO D 286 -29.93 21.84 42.53
C PRO D 286 -29.70 23.24 41.99
N SER D 287 -28.83 23.40 41.01
CA SER D 287 -28.57 24.71 40.41
C SER D 287 -29.67 25.15 39.47
N GLY D 288 -30.71 24.34 39.28
CA GLY D 288 -31.75 24.64 38.33
C GLY D 288 -31.49 24.10 36.93
N TYR D 289 -30.35 23.47 36.70
CA TYR D 289 -30.09 22.85 35.42
C TYR D 289 -31.09 21.73 35.18
N LYS D 290 -31.42 21.49 33.92
CA LYS D 290 -32.48 20.58 33.54
C LYS D 290 -31.91 19.56 32.56
N PHE D 291 -31.36 18.47 33.09
CA PHE D 291 -30.87 17.40 32.24
C PHE D 291 -32.01 16.85 31.41
N TYR D 292 -31.77 16.70 30.11
CA TYR D 292 -32.79 16.26 29.18
C TYR D 292 -32.56 14.81 28.80
N LYS D 293 -33.66 14.09 28.56
CA LYS D 293 -33.62 12.73 28.10
C LYS D 293 -34.35 12.64 26.77
N ALA D 294 -33.81 11.85 25.85
CA ALA D 294 -34.36 11.78 24.50
C ALA D 294 -35.47 10.75 24.45
N ASN D 295 -36.68 11.18 24.09
CA ASN D 295 -37.78 10.24 23.92
C ASN D 295 -37.63 9.46 22.61
N ASP D 296 -36.87 9.99 21.66
CA ASP D 296 -36.61 9.35 20.37
C ASP D 296 -35.18 9.68 19.99
N VAL D 297 -34.26 8.77 20.30
CA VAL D 297 -32.84 9.03 20.04
C VAL D 297 -32.57 9.25 18.56
N PRO D 298 -33.07 8.42 17.63
CA PRO D 298 -32.88 8.75 16.21
C PRO D 298 -33.43 10.11 15.83
N MET D 299 -34.59 10.49 16.38
CA MET D 299 -35.15 11.79 16.07
C MET D 299 -34.34 12.92 16.70
N TRP D 300 -33.81 12.72 17.90
CA TRP D 300 -32.94 13.75 18.46
C TRP D 300 -31.67 13.91 17.63
N ASN D 301 -31.12 12.81 17.12
CA ASN D 301 -29.97 12.94 16.24
C ASN D 301 -30.34 13.67 14.96
N ALA D 302 -31.53 13.41 14.42
CA ALA D 302 -31.98 14.15 13.25
C ALA D 302 -32.09 15.64 13.55
N TYR D 303 -32.61 15.98 14.72
CA TYR D 303 -32.72 17.39 15.10
C TYR D 303 -31.34 18.01 15.26
N ALA D 304 -30.40 17.29 15.86
CA ALA D 304 -29.05 17.82 16.01
C ALA D 304 -28.41 18.04 14.65
N ALA D 305 -28.62 17.12 13.70
CA ALA D 305 -28.07 17.31 12.36
C ALA D 305 -28.72 18.51 11.66
N ALA D 306 -30.04 18.65 11.77
CA ALA D 306 -30.71 19.81 11.19
C ALA D 306 -30.18 21.10 11.78
N GLY D 307 -29.97 21.10 13.10
CA GLY D 307 -29.40 22.28 13.74
C GLY D 307 -27.98 22.55 13.28
N THR D 308 -27.19 21.50 13.08
CA THR D 308 -25.83 21.68 12.61
C THR D 308 -25.82 22.31 11.23
N LEU D 309 -26.68 21.82 10.34
CA LEU D 309 -26.76 22.44 9.02
C LEU D 309 -27.22 23.88 9.11
N ALA D 310 -28.22 24.16 9.95
CA ALA D 310 -28.70 25.52 10.09
C ALA D 310 -27.62 26.44 10.65
N ALA D 311 -26.86 25.95 11.62
CA ALA D 311 -25.78 26.75 12.18
C ALA D 311 -24.69 27.01 11.17
N THR D 312 -24.38 26.02 10.32
CA THR D 312 -23.41 26.28 9.25
C THR D 312 -23.94 27.33 8.28
N PHE D 313 -25.23 27.22 7.92
CA PHE D 313 -25.84 28.24 7.08
C PHE D 313 -25.66 29.62 7.69
N VAL D 314 -26.01 29.75 8.97
CA VAL D 314 -25.97 31.07 9.61
C VAL D 314 -24.54 31.59 9.72
N ASN D 315 -23.63 30.75 10.20
CA ASN D 315 -22.29 31.23 10.50
C ASN D 315 -21.37 31.24 9.29
N CYS D 316 -21.85 30.77 8.14
CA CYS D 316 -21.09 30.92 6.90
C CYS D 316 -21.72 31.90 5.94
N GLY D 317 -23.01 32.19 6.09
CA GLY D 317 -23.61 33.24 5.30
C GLY D 317 -23.42 34.57 5.97
N ALA D 318 -23.30 34.56 7.30
CA ALA D 318 -23.05 35.80 8.01
C ALA D 318 -21.70 36.38 7.63
N GLY D 319 -20.68 35.54 7.53
CA GLY D 319 -19.36 36.01 7.18
C GLY D 319 -19.06 35.84 5.70
N ARG D 320 -19.91 35.11 4.99
CA ARG D 320 -19.69 34.80 3.59
C ARG D 320 -18.32 34.18 3.37
N ALA D 321 -17.97 33.26 4.26
CA ALA D 321 -16.74 32.50 4.17
C ALA D 321 -17.06 31.03 4.28
N ALA D 322 -16.28 30.20 3.58
CA ALA D 322 -16.47 28.77 3.60
C ALA D 322 -15.60 28.07 4.63
N GLN D 323 -14.77 28.82 5.36
CA GLN D 323 -13.88 28.25 6.36
C GLN D 323 -14.50 28.20 7.75
N ASN D 324 -15.79 28.52 7.87
CA ASN D 324 -16.46 28.54 9.16
C ASN D 324 -17.15 27.22 9.49
N VAL D 325 -17.07 26.21 8.63
CA VAL D 325 -17.66 24.92 8.96
C VAL D 325 -16.81 24.16 9.97
N SER D 326 -15.48 24.19 9.81
CA SER D 326 -14.62 23.42 10.70
C SER D 326 -14.78 23.86 12.15
N SER D 327 -15.30 25.07 12.37
CA SER D 327 -15.64 25.53 13.70
C SER D 327 -17.14 25.49 13.97
N THR D 328 -17.97 25.71 12.96
CA THR D 328 -19.41 25.66 13.17
C THR D 328 -19.86 24.27 13.61
N LEU D 329 -19.49 23.23 12.84
CA LEU D 329 -19.92 21.88 13.19
C LEU D 329 -19.40 21.46 14.55
N LEU D 330 -18.17 21.81 14.87
CA LEU D 330 -17.60 21.48 16.17
C LEU D 330 -18.35 22.17 17.30
N TYR D 331 -18.34 23.51 17.29
CA TYR D 331 -18.81 24.24 18.46
C TYR D 331 -20.32 24.22 18.58
N PHE D 332 -21.06 24.10 17.48
CA PHE D 332 -22.50 23.99 17.62
C PHE D 332 -22.88 22.74 18.40
N ASN D 333 -22.36 21.59 17.97
CA ASN D 333 -22.69 20.34 18.66
C ASN D 333 -22.16 20.34 20.09
N ASP D 334 -20.95 20.87 20.29
CA ASP D 334 -20.38 20.87 21.63
C ASP D 334 -21.23 21.75 22.57
N ILE D 335 -21.59 22.94 22.13
CA ILE D 335 -22.42 23.81 22.96
C ILE D 335 -23.81 23.23 23.12
N LEU D 336 -24.29 22.48 22.13
CA LEU D 336 -25.59 21.83 22.25
C LEU D 336 -25.58 20.81 23.36
N GLU D 337 -24.54 19.98 23.41
CA GLU D 337 -24.45 19.01 24.49
C GLU D 337 -24.27 19.70 25.84
N LYS D 338 -23.53 20.81 25.88
CA LYS D 338 -23.43 21.58 27.12
C LYS D 338 -24.81 22.08 27.55
N GLU D 339 -25.59 22.61 26.61
CA GLU D 339 -26.86 23.22 26.93
C GLU D 339 -27.87 22.20 27.43
N THR D 340 -28.04 21.12 26.68
CA THR D 340 -29.15 20.21 26.93
C THR D 340 -28.78 18.98 27.75
N GLY D 341 -27.50 18.66 27.86
CA GLY D 341 -27.10 17.45 28.53
C GLY D 341 -27.19 16.20 27.68
N LEU D 342 -27.59 16.32 26.43
CA LEU D 342 -27.67 15.20 25.49
C LEU D 342 -26.41 15.15 24.65
N PRO D 343 -26.23 14.14 23.82
CA PRO D 343 -25.07 14.10 22.92
C PRO D 343 -25.34 14.86 21.63
N GLY D 344 -24.26 15.34 21.04
CA GLY D 344 -24.36 16.11 19.82
C GLY D 344 -24.88 15.28 18.66
N CYS D 345 -24.77 15.86 17.47
CA CYS D 345 -25.18 15.16 16.26
C CYS D 345 -24.28 13.97 16.02
N ASP D 346 -24.87 12.82 15.70
CA ASP D 346 -24.13 11.60 15.43
C ASP D 346 -23.36 11.13 16.66
N TYR D 347 -23.79 11.57 17.84
CA TYR D 347 -23.21 11.13 19.10
C TYR D 347 -21.73 11.43 19.16
N GLY D 348 -21.34 12.62 18.68
CA GLY D 348 -19.98 13.07 18.74
C GLY D 348 -19.18 12.83 17.48
N LYS D 349 -19.66 12.01 16.56
CA LYS D 349 -18.89 11.75 15.35
C LYS D 349 -18.86 12.98 14.45
N VAL D 350 -19.94 13.75 14.42
CA VAL D 350 -19.94 14.99 13.65
C VAL D 350 -18.93 15.98 14.23
N GLN D 351 -18.88 16.08 15.56
CA GLN D 351 -17.91 16.96 16.20
C GLN D 351 -16.48 16.49 15.93
N GLY D 352 -16.24 15.18 15.96
CA GLY D 352 -14.91 14.68 15.64
C GLY D 352 -14.50 14.99 14.22
N VAL D 353 -15.39 14.74 13.25
CA VAL D 353 -15.08 15.06 11.88
C VAL D 353 -14.93 16.56 11.68
N ALA D 354 -15.62 17.37 12.49
CA ALA D 354 -15.40 18.81 12.44
C ALA D 354 -14.00 19.17 12.92
N VAL D 355 -13.52 18.51 13.97
CA VAL D 355 -12.14 18.71 14.38
C VAL D 355 -11.21 18.29 13.26
N GLY D 356 -11.58 17.26 12.52
CA GLY D 356 -10.79 16.85 11.37
C GLY D 356 -10.71 17.93 10.32
N PHE D 357 -11.86 18.51 9.95
CA PHE D 357 -11.87 19.60 8.99
C PHE D 357 -11.00 20.74 9.49
N SER D 358 -11.13 21.07 10.78
CA SER D 358 -10.41 22.20 11.34
C SER D 358 -8.91 22.00 11.25
N PHE D 359 -8.41 20.84 11.67
CA PHE D 359 -6.95 20.71 11.70
C PHE D 359 -6.41 20.50 10.30
N PHE D 360 -7.21 19.93 9.39
CA PHE D 360 -6.73 19.68 8.05
C PHE D 360 -6.89 20.89 7.14
N SER D 361 -7.66 21.90 7.56
CA SER D 361 -7.86 23.10 6.77
C SER D 361 -7.49 24.39 7.50
N HIS D 362 -7.31 24.35 8.82
CA HIS D 362 -6.77 25.47 9.59
C HIS D 362 -5.49 24.96 10.25
N SER D 363 -4.40 25.00 9.52
CA SER D 363 -3.14 24.47 10.04
C SER D 363 -2.05 24.69 9.00
N ILE D 364 -0.83 24.30 9.35
CA ILE D 364 0.24 24.18 8.37
C ILE D 364 0.12 22.88 7.58
N TYR D 365 -0.74 21.95 8.02
CA TYR D 365 -1.11 20.80 7.22
C TYR D 365 -2.44 21.04 6.51
N GLY D 366 -2.67 22.28 6.11
CA GLY D 366 -3.80 22.55 5.26
C GLY D 366 -3.65 21.80 3.95
N GLY D 367 -4.51 20.81 3.72
CA GLY D 367 -4.48 20.06 2.48
C GLY D 367 -5.37 20.69 1.45
N GLY D 368 -5.86 21.89 1.75
CA GLY D 368 -6.78 22.61 0.91
C GLY D 368 -8.04 22.95 1.67
N GLY D 369 -8.73 23.96 1.15
CA GLY D 369 -9.94 24.43 1.79
C GLY D 369 -11.04 23.39 1.76
N PRO D 370 -12.21 23.78 2.25
CA PRO D 370 -13.35 22.86 2.26
C PRO D 370 -13.77 22.40 0.88
N GLY D 371 -13.35 23.08 -0.18
CA GLY D 371 -13.70 22.64 -1.53
C GLY D 371 -13.14 21.29 -1.91
N VAL D 372 -12.14 20.79 -1.19
CA VAL D 372 -11.56 19.48 -1.48
C VAL D 372 -12.13 18.39 -0.60
N PHE D 373 -12.98 18.73 0.37
CA PHE D 373 -13.51 17.74 1.29
C PHE D 373 -14.49 16.82 0.58
N ASN D 374 -14.46 15.54 0.95
CA ASN D 374 -15.42 14.55 0.48
C ASN D 374 -15.49 13.43 1.50
N GLY D 375 -16.52 12.60 1.39
CA GLY D 375 -16.71 11.52 2.34
C GLY D 375 -15.78 10.34 2.16
N ASN D 376 -14.99 10.33 1.08
CA ASN D 376 -14.08 9.23 0.77
C ASN D 376 -12.64 9.56 1.17
N HIS D 377 -12.45 10.25 2.27
CA HIS D 377 -11.12 10.65 2.71
C HIS D 377 -10.85 10.13 4.11
N VAL D 378 -9.56 9.97 4.43
CA VAL D 378 -9.19 9.47 5.75
C VAL D 378 -9.65 10.43 6.83
N VAL D 379 -9.69 11.73 6.54
CA VAL D 379 -9.98 12.71 7.58
C VAL D 379 -11.48 12.94 7.71
N THR D 380 -12.25 12.64 6.66
CA THR D 380 -13.64 13.05 6.60
C THR D 380 -14.60 11.88 6.47
N ARG D 381 -14.14 10.66 6.70
CA ARG D 381 -14.94 9.46 6.46
C ARG D 381 -15.72 9.02 7.67
N HIS D 382 -15.61 9.74 8.79
CA HIS D 382 -16.05 9.23 10.09
C HIS D 382 -17.55 9.40 10.32
N SER D 383 -18.05 10.63 10.19
CA SER D 383 -19.47 10.86 10.42
C SER D 383 -20.30 10.08 9.40
N ARG D 384 -21.46 9.62 9.83
CA ARG D 384 -22.29 8.79 8.96
C ARG D 384 -23.12 9.64 8.01
N GLY D 385 -22.49 10.57 7.31
CA GLY D 385 -23.18 11.38 6.33
C GLY D 385 -23.86 12.62 6.84
N PHE D 386 -23.50 13.10 8.04
CA PHE D 386 -24.16 14.24 8.63
C PHE D 386 -23.32 15.50 8.63
N ALA D 387 -22.05 15.43 8.24
CA ALA D 387 -21.18 16.59 8.24
C ALA D 387 -20.90 17.16 6.86
N ILE D 388 -20.63 16.30 5.87
CA ILE D 388 -20.19 16.75 4.55
C ILE D 388 -21.22 17.68 3.89
N PRO D 389 -22.52 17.41 4.01
CA PRO D 389 -23.50 18.39 3.52
C PRO D 389 -23.24 19.81 4.01
N CYS D 390 -22.80 19.95 5.25
CA CYS D 390 -22.47 21.26 5.78
C CYS D 390 -21.28 21.88 5.03
N VAL D 391 -20.27 21.08 4.73
CA VAL D 391 -19.11 21.60 4.00
C VAL D 391 -19.52 22.06 2.61
N CYS D 392 -20.34 21.27 1.94
CA CYS D 392 -20.81 21.66 0.61
C CYS D 392 -21.65 22.93 0.67
N ALA D 393 -22.50 23.05 1.67
CA ALA D 393 -23.27 24.28 1.84
C ALA D 393 -22.35 25.47 2.06
N ALA D 394 -21.31 25.30 2.87
CA ALA D 394 -20.37 26.39 3.10
C ALA D 394 -19.71 26.83 1.80
N VAL D 395 -19.18 25.88 1.04
CA VAL D 395 -18.51 26.26 -0.20
C VAL D 395 -19.49 26.92 -1.16
N ALA D 396 -20.75 26.49 -1.14
CA ALA D 396 -21.76 27.16 -1.93
C ALA D 396 -22.09 28.55 -1.40
N LEU D 397 -21.76 28.84 -0.13
CA LEU D 397 -22.06 30.12 0.49
C LEU D 397 -20.86 31.04 0.56
N ASP D 398 -19.78 30.71 -0.14
CA ASP D 398 -18.60 31.55 -0.10
C ASP D 398 -18.76 32.74 -1.02
N ALA D 399 -17.96 33.78 -0.77
CA ALA D 399 -18.02 35.02 -1.53
C ALA D 399 -16.81 35.21 -2.43
N GLY D 400 -15.99 34.20 -2.59
CA GLY D 400 -14.75 34.31 -3.32
C GLY D 400 -13.51 34.46 -2.46
N THR D 401 -13.60 34.15 -1.16
CA THR D 401 -12.45 34.23 -0.27
C THR D 401 -11.51 33.05 -0.39
N GLN D 402 -11.85 32.04 -1.18
CA GLN D 402 -11.00 30.87 -1.33
C GLN D 402 -10.11 31.01 -2.55
N MET D 403 -8.90 30.43 -2.46
CA MET D 403 -7.94 30.52 -3.57
C MET D 403 -8.50 29.88 -4.84
N PHE D 404 -9.13 28.72 -4.72
CA PHE D 404 -9.72 28.06 -5.87
C PHE D 404 -11.18 28.48 -6.02
N THR D 405 -11.47 29.17 -7.12
CA THR D 405 -12.85 29.41 -7.47
C THR D 405 -13.51 28.10 -7.85
N ILE D 406 -14.79 27.97 -7.51
CA ILE D 406 -15.52 26.77 -7.86
C ILE D 406 -15.54 26.57 -9.37
N GLU D 407 -15.64 27.67 -10.12
CA GLU D 407 -15.58 27.58 -11.58
C GLU D 407 -14.26 26.96 -12.03
N SER D 408 -13.15 27.49 -11.52
CA SER D 408 -11.83 27.13 -12.05
C SER D 408 -11.55 25.64 -11.90
N THR D 409 -12.16 24.99 -10.91
CA THR D 409 -11.90 23.59 -10.68
C THR D 409 -13.05 22.67 -11.08
N SER D 410 -14.25 23.21 -11.33
CA SER D 410 -15.38 22.34 -11.62
C SER D 410 -16.30 22.87 -12.70
N GLY D 411 -15.79 23.67 -13.63
CA GLY D 411 -16.65 24.20 -14.69
C GLY D 411 -17.22 23.12 -15.58
N LEU D 412 -16.37 22.17 -15.99
CA LEU D 412 -16.83 21.10 -16.88
C LEU D 412 -17.83 20.20 -16.16
N ILE D 413 -17.58 19.89 -14.90
CA ILE D 413 -18.52 19.06 -14.14
C ILE D 413 -19.84 19.80 -13.96
N GLY D 414 -19.77 21.11 -13.74
CA GLY D 414 -20.99 21.89 -13.62
C GLY D 414 -21.80 21.88 -14.91
N ASP D 415 -21.12 22.04 -16.05
CA ASP D 415 -21.82 21.97 -17.32
C ASP D 415 -22.45 20.60 -17.54
N VAL D 416 -21.68 19.54 -17.27
CA VAL D 416 -22.16 18.20 -17.56
C VAL D 416 -23.35 17.82 -16.67
N PHE D 417 -23.28 18.15 -15.38
CA PHE D 417 -24.30 17.65 -14.47
C PHE D 417 -25.42 18.66 -14.20
N GLY D 418 -25.11 19.95 -14.12
CA GLY D 418 -26.15 20.94 -13.95
C GLY D 418 -27.19 20.91 -15.04
N SER D 419 -26.82 20.46 -16.24
CA SER D 419 -27.78 20.26 -17.31
C SER D 419 -28.79 19.17 -17.00
N ILE D 420 -28.53 18.35 -15.98
CA ILE D 420 -29.44 17.29 -15.57
C ILE D 420 -30.32 17.81 -14.45
N GLU D 421 -31.63 17.59 -14.56
CA GLU D 421 -32.56 18.17 -13.61
C GLU D 421 -32.31 17.65 -12.19
N GLU D 422 -31.99 16.36 -12.06
CA GLU D 422 -31.83 15.76 -10.75
C GLU D 422 -30.59 16.27 -10.02
N PHE D 423 -29.72 17.03 -10.68
CA PHE D 423 -28.50 17.52 -10.06
C PHE D 423 -28.58 19.00 -9.68
N ARG D 424 -29.32 19.80 -10.44
CA ARG D 424 -29.54 21.19 -10.05
C ARG D 424 -30.58 21.32 -8.95
N GLN D 425 -31.59 20.46 -8.97
CA GLN D 425 -32.68 20.51 -8.00
C GLN D 425 -32.80 19.15 -7.33
N PRO D 426 -31.83 18.79 -6.49
CA PRO D 426 -31.87 17.48 -5.84
C PRO D 426 -33.13 17.24 -5.03
N ILE D 427 -33.62 18.27 -4.33
CA ILE D 427 -34.73 18.05 -3.40
C ILE D 427 -36.02 17.77 -4.15
N LYS D 428 -36.29 18.51 -5.24
CA LYS D 428 -37.53 18.28 -5.98
C LYS D 428 -37.57 16.87 -6.58
N ALA D 429 -36.46 16.42 -7.15
CA ALA D 429 -36.41 15.07 -7.69
C ALA D 429 -36.54 14.03 -6.59
N VAL D 430 -35.84 14.24 -5.47
CA VAL D 430 -35.93 13.32 -4.35
C VAL D 430 -37.36 13.28 -3.81
N ALA D 431 -37.98 14.45 -3.70
CA ALA D 431 -39.38 14.50 -3.33
C ALA D 431 -40.27 13.81 -4.35
N GLY D 432 -39.83 13.71 -5.60
CA GLY D 432 -40.58 13.02 -6.63
C GLY D 432 -41.91 13.66 -6.94
N ALA E 2 -6.50 -38.08 -43.73
CA ALA E 2 -6.46 -37.05 -42.70
C ALA E 2 -5.38 -36.02 -43.00
N TYR E 3 -5.11 -35.15 -42.04
CA TYR E 3 -4.13 -34.09 -42.21
C TYR E 3 -2.76 -34.61 -41.79
N GLU E 4 -1.85 -34.73 -42.75
CA GLU E 4 -0.52 -35.26 -42.50
C GLU E 4 0.36 -34.15 -41.93
N ALA E 5 0.87 -34.37 -40.73
CA ALA E 5 1.71 -33.37 -40.09
C ALA E 5 2.99 -33.17 -40.86
N GLN E 6 3.49 -31.94 -40.81
CA GLN E 6 4.75 -31.55 -41.43
C GLN E 6 5.80 -31.12 -40.42
N TYR E 7 5.37 -30.63 -39.25
CA TYR E 7 6.14 -30.54 -38.01
C TYR E 7 7.20 -29.46 -37.97
N TYR E 8 7.70 -28.99 -39.10
CA TYR E 8 8.78 -28.02 -39.01
C TYR E 8 9.27 -27.58 -40.37
N PRO E 9 9.73 -26.34 -40.52
CA PRO E 9 10.45 -25.94 -41.74
C PRO E 9 11.96 -26.05 -41.58
N GLY E 10 12.61 -26.36 -42.69
CA GLY E 10 14.06 -26.45 -42.70
C GLY E 10 14.58 -27.64 -43.49
N ALA E 11 15.45 -27.39 -44.46
CA ALA E 11 15.94 -28.44 -45.34
C ALA E 11 17.27 -29.04 -44.90
N THR E 12 17.89 -28.49 -43.87
CA THR E 12 19.21 -28.94 -43.45
C THR E 12 19.10 -30.28 -42.74
N SER E 13 20.23 -30.76 -42.20
CA SER E 13 20.19 -31.96 -41.38
C SER E 13 19.62 -31.68 -40.00
N VAL E 14 19.76 -30.44 -39.52
CA VAL E 14 19.19 -30.09 -38.23
C VAL E 14 17.67 -30.07 -38.32
N GLY E 15 17.13 -29.59 -39.43
CA GLY E 15 15.69 -29.67 -39.63
C GLY E 15 15.21 -31.11 -39.71
N ALA E 16 15.98 -31.98 -40.37
CA ALA E 16 15.60 -33.38 -40.45
C ALA E 16 15.60 -34.03 -39.07
N ASN E 17 16.63 -33.78 -38.28
CA ASN E 17 16.65 -34.31 -36.92
C ASN E 17 15.50 -33.76 -36.09
N ARG E 18 15.20 -32.48 -36.25
CA ARG E 18 14.10 -31.89 -35.48
C ARG E 18 12.77 -32.53 -35.84
N ARG E 19 12.56 -32.80 -37.12
CA ARG E 19 11.34 -33.50 -37.52
C ARG E 19 11.32 -34.91 -36.98
N LYS E 20 12.48 -35.58 -36.94
CA LYS E 20 12.56 -36.90 -36.32
C LYS E 20 12.10 -36.84 -34.87
N HIS E 21 12.68 -35.94 -34.08
CA HIS E 21 12.35 -35.86 -32.66
C HIS E 21 10.91 -35.45 -32.43
N MET E 22 10.39 -34.49 -33.20
CA MET E 22 9.00 -34.10 -33.02
C MET E 22 8.05 -35.21 -33.41
N SER E 23 8.36 -35.96 -34.45
CA SER E 23 7.51 -37.08 -34.85
C SER E 23 7.90 -38.38 -34.17
N GLY E 24 9.03 -38.41 -33.46
CA GLY E 24 9.42 -39.59 -32.72
C GLY E 24 9.86 -40.77 -33.56
N LYS E 25 10.16 -40.57 -34.84
CA LYS E 25 10.59 -41.68 -35.70
C LYS E 25 12.08 -41.94 -35.46
N LEU E 26 12.41 -42.21 -34.21
CA LEU E 26 13.78 -42.33 -33.74
C LEU E 26 14.25 -43.78 -33.86
N GLU E 27 15.57 -43.94 -33.92
CA GLU E 27 16.18 -45.24 -34.13
C GLU E 27 16.71 -45.78 -32.80
N LYS E 28 16.51 -47.07 -32.58
CA LYS E 28 17.03 -47.72 -31.39
C LYS E 28 18.55 -47.70 -31.40
N LEU E 29 19.14 -47.37 -30.26
CA LEU E 29 20.60 -47.33 -30.14
C LEU E 29 21.16 -48.11 -28.97
N ARG E 30 20.33 -48.56 -28.03
CA ARG E 30 20.81 -49.28 -26.87
C ARG E 30 19.62 -49.91 -26.15
N GLU E 31 19.93 -50.72 -25.15
CA GLU E 31 18.92 -51.34 -24.31
C GLU E 31 19.21 -50.99 -22.86
N ILE E 32 18.15 -50.66 -22.12
CA ILE E 32 18.24 -50.39 -20.69
C ILE E 32 17.22 -51.26 -19.98
N SER E 33 17.67 -52.05 -19.02
CA SER E 33 16.78 -52.98 -18.35
C SER E 33 15.79 -52.23 -17.47
N ASP E 34 14.56 -52.73 -17.41
CA ASP E 34 13.50 -52.05 -16.66
C ASP E 34 13.90 -51.84 -15.20
N GLU E 35 14.57 -52.82 -14.60
CA GLU E 35 15.09 -52.62 -13.25
C GLU E 35 16.12 -51.49 -13.24
N ASP E 36 16.98 -51.44 -14.25
CA ASP E 36 17.92 -50.33 -14.36
C ASP E 36 17.20 -49.00 -14.53
N LEU E 37 16.15 -48.98 -15.35
CA LEU E 37 15.41 -47.74 -15.55
C LEU E 37 14.79 -47.25 -14.25
N THR E 38 14.15 -48.15 -13.52
CA THR E 38 13.57 -47.78 -12.23
C THR E 38 14.65 -47.31 -11.27
N ALA E 39 15.78 -48.01 -11.24
CA ALA E 39 16.84 -47.63 -10.32
C ALA E 39 17.37 -46.24 -10.62
N VAL E 40 17.60 -45.94 -11.90
CA VAL E 40 18.14 -44.64 -12.25
C VAL E 40 17.12 -43.54 -11.99
N LEU E 41 15.84 -43.82 -12.22
CA LEU E 41 14.83 -42.81 -11.92
C LEU E 41 14.80 -42.50 -10.43
N GLY E 42 14.67 -43.53 -9.59
CA GLY E 42 14.77 -43.36 -8.15
C GLY E 42 13.49 -43.00 -7.44
N HIS E 43 12.34 -43.27 -8.02
CA HIS E 43 11.06 -42.95 -7.39
C HIS E 43 10.46 -44.11 -6.64
N ARG E 44 11.08 -45.28 -6.66
CA ARG E 44 10.54 -46.48 -6.04
C ARG E 44 11.58 -47.58 -6.18
N ALA E 45 11.51 -48.55 -5.28
CA ALA E 45 12.48 -49.63 -5.31
C ALA E 45 12.33 -50.43 -6.59
N PRO E 46 13.44 -50.86 -7.20
CA PRO E 46 13.35 -51.62 -8.46
C PRO E 46 12.49 -52.87 -8.30
N GLY E 47 11.61 -53.06 -9.28
CA GLY E 47 10.70 -54.21 -9.27
C GLY E 47 9.74 -54.24 -8.10
N SER E 48 9.28 -53.08 -7.65
CA SER E 48 8.35 -52.97 -6.54
C SER E 48 7.08 -52.31 -7.03
N ASP E 49 5.98 -52.57 -6.31
CA ASP E 49 4.69 -52.07 -6.73
C ASP E 49 4.66 -50.55 -6.70
N TYR E 50 3.99 -49.97 -7.67
CA TYR E 50 3.95 -48.52 -7.80
C TYR E 50 3.18 -47.91 -6.65
N PRO E 51 3.73 -46.94 -5.92
CA PRO E 51 2.95 -46.27 -4.88
C PRO E 51 1.75 -45.56 -5.47
N SER E 52 0.81 -45.20 -4.61
CA SER E 52 -0.38 -44.48 -5.02
C SER E 52 -0.50 -43.20 -4.19
N THR E 53 -0.74 -42.09 -4.88
CA THR E 53 -1.05 -40.83 -4.21
C THR E 53 -2.52 -40.72 -3.84
N HIS E 54 -3.38 -41.47 -4.51
CA HIS E 54 -4.79 -41.55 -4.17
C HIS E 54 -5.28 -42.93 -4.58
N PRO E 55 -6.50 -43.29 -4.20
CA PRO E 55 -7.04 -44.60 -4.59
C PRO E 55 -7.21 -44.69 -6.10
N PRO E 56 -7.51 -45.89 -6.62
CA PRO E 56 -7.73 -46.02 -8.06
C PRO E 56 -9.01 -45.31 -8.48
N LEU E 57 -9.13 -45.07 -9.79
CA LEU E 57 -10.32 -44.43 -10.32
C LEU E 57 -11.55 -45.31 -10.12
N ALA E 58 -11.38 -46.63 -10.24
CA ALA E 58 -12.51 -47.54 -10.08
C ALA E 58 -12.91 -47.68 -8.61
N GLU E 59 -11.93 -47.55 -7.71
CA GLU E 59 -12.21 -47.79 -6.30
C GLU E 59 -12.99 -46.66 -5.66
N MET E 60 -12.77 -45.42 -6.10
CA MET E 60 -13.42 -44.27 -5.49
C MET E 60 -14.46 -43.63 -6.40
N GLY E 61 -14.64 -44.14 -7.61
CA GLY E 61 -15.60 -43.55 -8.53
C GLY E 61 -15.19 -42.17 -9.00
N GLU E 62 -15.93 -41.61 -9.94
CA GLU E 62 -15.58 -40.32 -10.52
C GLU E 62 -16.85 -39.48 -10.65
N PRO E 63 -16.71 -38.16 -10.68
CA PRO E 63 -17.88 -37.30 -10.91
C PRO E 63 -18.39 -37.44 -12.33
N ALA E 64 -19.53 -36.81 -12.58
CA ALA E 64 -20.17 -36.88 -13.89
C ALA E 64 -19.59 -35.77 -14.77
N CYS E 65 -18.41 -36.02 -15.30
CA CYS E 65 -17.84 -35.21 -16.37
C CYS E 65 -18.11 -35.88 -17.70
N SER E 66 -18.43 -35.08 -18.71
CA SER E 66 -18.44 -35.62 -20.06
C SER E 66 -17.02 -35.83 -20.56
N ILE E 67 -16.07 -35.02 -20.09
CA ILE E 67 -14.69 -35.18 -20.50
C ILE E 67 -14.08 -36.43 -19.89
N ARG E 68 -14.40 -36.71 -18.62
CA ARG E 68 -13.92 -37.93 -17.99
C ARG E 68 -14.44 -39.16 -18.70
N GLU E 69 -15.73 -39.17 -19.06
CA GLU E 69 -16.30 -40.31 -19.73
C GLU E 69 -15.88 -40.38 -21.19
N ALA E 70 -15.42 -39.26 -21.75
CA ALA E 70 -15.00 -39.25 -23.15
C ALA E 70 -13.52 -39.52 -23.29
N VAL E 71 -12.72 -39.05 -22.34
CA VAL E 71 -11.28 -39.24 -22.37
C VAL E 71 -10.93 -40.48 -21.55
N ALA E 72 -10.06 -41.32 -22.10
CA ALA E 72 -9.65 -42.56 -21.45
C ALA E 72 -8.48 -42.28 -20.54
N ALA E 73 -8.66 -42.50 -19.23
CA ALA E 73 -7.61 -42.26 -18.27
C ALA E 73 -6.40 -43.13 -18.56
N THR E 74 -5.22 -42.55 -18.39
CA THR E 74 -4.00 -43.28 -18.68
C THR E 74 -3.87 -44.48 -17.75
N PRO E 75 -3.14 -45.52 -18.16
CA PRO E 75 -2.95 -46.67 -17.27
C PRO E 75 -2.31 -46.32 -15.94
N GLY E 76 -1.50 -45.26 -15.89
CA GLY E 76 -0.93 -44.86 -14.62
C GLY E 76 -1.81 -43.97 -13.78
N ALA E 77 -2.93 -43.51 -14.33
CA ALA E 77 -3.91 -42.74 -13.57
C ALA E 77 -5.04 -43.59 -13.03
N ALA E 78 -5.37 -44.69 -13.71
CA ALA E 78 -6.36 -45.60 -13.18
C ALA E 78 -5.88 -46.23 -11.88
N ALA E 79 -4.58 -46.40 -11.72
CA ALA E 79 -3.99 -46.95 -10.51
C ALA E 79 -3.63 -45.88 -9.49
N GLY E 80 -3.92 -44.62 -9.77
CA GLY E 80 -3.64 -43.55 -8.83
C GLY E 80 -2.18 -43.41 -8.47
N ASP E 81 -1.28 -43.54 -9.44
CA ASP E 81 0.14 -43.48 -9.16
C ASP E 81 0.56 -42.05 -8.84
N ARG E 82 1.71 -41.93 -8.19
CA ARG E 82 2.28 -40.61 -7.96
C ARG E 82 2.67 -39.98 -9.29
N VAL E 83 2.71 -38.65 -9.31
CA VAL E 83 3.09 -37.91 -10.49
C VAL E 83 4.58 -37.62 -10.35
N ARG E 84 5.40 -38.54 -10.84
CA ARG E 84 6.84 -38.41 -10.76
C ARG E 84 7.37 -37.78 -12.05
N TYR E 85 8.69 -37.67 -12.14
CA TYR E 85 9.32 -36.90 -13.21
C TYR E 85 10.52 -37.64 -13.77
N VAL E 86 10.92 -37.25 -14.98
CA VAL E 86 12.22 -37.59 -15.53
C VAL E 86 12.80 -36.33 -16.15
N GLN E 87 13.99 -35.94 -15.72
CA GLN E 87 14.60 -34.69 -16.14
C GLN E 87 15.91 -34.95 -16.87
N PHE E 88 16.16 -34.15 -17.90
CA PHE E 88 17.31 -34.35 -18.77
C PHE E 88 18.05 -33.03 -18.95
N ALA E 89 19.38 -33.12 -19.01
CA ALA E 89 20.22 -31.97 -19.33
C ALA E 89 20.98 -32.28 -20.61
N ASP E 90 20.86 -31.40 -21.59
CA ASP E 90 21.39 -31.62 -22.93
C ASP E 90 22.47 -30.58 -23.23
N SER E 91 23.53 -31.03 -23.89
CA SER E 91 24.66 -30.16 -24.17
C SER E 91 24.39 -29.32 -25.40
N MET E 92 24.80 -28.06 -25.34
CA MET E 92 24.75 -27.21 -26.52
C MET E 92 25.77 -27.61 -27.57
N TYR E 93 26.85 -28.29 -27.17
CA TYR E 93 27.90 -28.69 -28.10
C TYR E 93 27.48 -29.93 -28.88
N ASN E 94 26.43 -29.75 -29.68
CA ASN E 94 25.97 -30.81 -30.58
C ASN E 94 25.49 -32.04 -29.81
N ALA E 95 24.61 -31.82 -28.86
CA ALA E 95 23.89 -32.96 -28.34
C ALA E 95 22.77 -33.35 -29.30
N PRO E 96 22.35 -34.62 -29.31
CA PRO E 96 21.32 -35.05 -30.27
C PRO E 96 19.92 -34.63 -29.91
N ALA E 97 19.74 -33.73 -28.94
CA ALA E 97 18.41 -33.29 -28.58
C ALA E 97 18.51 -31.93 -27.89
N THR E 98 17.42 -31.19 -27.92
CA THR E 98 17.31 -29.87 -27.33
C THR E 98 16.07 -29.83 -26.46
N PRO E 99 16.00 -28.89 -25.52
CA PRO E 99 14.84 -28.85 -24.62
C PRO E 99 13.50 -28.75 -25.33
N TYR E 100 13.32 -27.78 -26.22
CA TYR E 100 12.00 -27.61 -26.84
C TYR E 100 11.64 -28.80 -27.71
N PHE E 101 12.61 -29.51 -28.25
CA PHE E 101 12.26 -30.63 -29.11
C PHE E 101 12.13 -31.94 -28.33
N ARG E 102 12.81 -32.08 -27.20
CA ARG E 102 12.39 -33.08 -26.24
C ARG E 102 10.94 -32.86 -25.82
N SER E 103 10.59 -31.60 -25.55
CA SER E 103 9.21 -31.28 -25.17
C SER E 103 8.24 -31.60 -26.29
N TYR E 104 8.61 -31.32 -27.54
CA TYR E 104 7.73 -31.64 -28.65
C TYR E 104 7.55 -33.15 -28.79
N PHE E 105 8.64 -33.91 -28.66
CA PHE E 105 8.55 -35.36 -28.55
C PHE E 105 7.54 -35.78 -27.50
N ALA E 106 7.73 -35.32 -26.27
CA ALA E 106 6.89 -35.77 -25.15
C ALA E 106 5.45 -35.35 -25.36
N ALA E 107 5.21 -34.19 -25.95
CA ALA E 107 3.87 -33.68 -26.10
C ALA E 107 3.13 -34.36 -27.24
N ILE E 108 3.82 -34.63 -28.34
CA ILE E 108 3.18 -35.25 -29.50
C ILE E 108 3.02 -36.76 -29.35
N ASN E 109 3.89 -37.41 -28.58
CA ASN E 109 3.96 -38.86 -28.60
C ASN E 109 3.40 -39.55 -27.36
N PHE E 110 3.09 -38.82 -26.30
CA PHE E 110 2.66 -39.46 -25.07
C PHE E 110 1.45 -38.74 -24.49
N ARG E 111 0.56 -39.52 -23.87
CA ARG E 111 -0.69 -39.01 -23.33
C ARG E 111 -0.51 -38.61 -21.87
N GLY E 112 -1.10 -37.48 -21.51
CA GLY E 112 -1.12 -37.06 -20.11
C GLY E 112 0.25 -36.82 -19.51
N VAL E 113 1.14 -36.18 -20.25
CA VAL E 113 2.44 -35.79 -19.72
C VAL E 113 2.43 -34.29 -19.49
N ASP E 114 3.42 -33.82 -18.74
CA ASP E 114 3.54 -32.42 -18.38
C ASP E 114 4.96 -31.98 -18.71
N PRO E 115 5.29 -31.89 -20.00
CA PRO E 115 6.64 -31.51 -20.39
C PRO E 115 6.90 -30.04 -20.08
N GLY E 116 7.98 -29.79 -19.35
CA GLY E 116 8.41 -28.44 -19.09
C GLY E 116 9.78 -28.19 -19.68
N THR E 117 9.97 -27.05 -20.32
CA THR E 117 11.21 -26.76 -21.01
C THR E 117 11.90 -25.57 -20.38
N LEU E 118 13.19 -25.73 -20.13
CA LEU E 118 14.06 -24.65 -19.68
C LEU E 118 15.31 -24.68 -20.55
N SER E 119 16.17 -23.71 -20.35
CA SER E 119 17.42 -23.68 -21.10
C SER E 119 18.31 -24.86 -20.73
N GLY E 120 18.54 -25.07 -19.43
CA GLY E 120 19.50 -26.05 -18.98
C GLY E 120 18.97 -27.40 -18.60
N ARG E 121 17.66 -27.55 -18.54
CA ARG E 121 17.06 -28.83 -18.17
C ARG E 121 15.68 -28.92 -18.80
N GLN E 122 15.24 -30.15 -19.04
CA GLN E 122 13.91 -30.40 -19.57
C GLN E 122 13.27 -31.52 -18.80
N ILE E 123 12.17 -31.21 -18.12
CA ILE E 123 11.51 -32.13 -17.20
C ILE E 123 10.22 -32.62 -17.81
N VAL E 124 9.91 -33.89 -17.58
CA VAL E 124 8.65 -34.49 -18.00
C VAL E 124 8.00 -35.13 -16.79
N GLU E 125 6.76 -34.76 -16.51
CA GLU E 125 6.03 -35.25 -15.36
C GLU E 125 4.76 -35.95 -15.80
N ALA E 126 4.45 -37.06 -15.15
CA ALA E 126 3.25 -37.83 -15.42
C ALA E 126 3.13 -38.87 -14.31
N ARG E 127 2.12 -39.73 -14.43
CA ARG E 127 2.04 -40.86 -13.53
C ARG E 127 3.28 -41.74 -13.71
N GLU E 128 3.54 -42.57 -12.71
CA GLU E 128 4.81 -43.29 -12.69
C GLU E 128 4.97 -44.20 -13.91
N ARG E 129 3.93 -44.95 -14.27
CA ARG E 129 4.05 -45.85 -15.41
C ARG E 129 4.22 -45.09 -16.72
N ASP E 130 3.47 -44.01 -16.91
CA ASP E 130 3.59 -43.23 -18.15
C ASP E 130 4.97 -42.59 -18.25
N MET E 131 5.46 -42.05 -17.14
CA MET E 131 6.81 -41.50 -17.12
C MET E 131 7.85 -42.60 -17.36
N GLU E 132 7.58 -43.82 -16.89
CA GLU E 132 8.48 -44.93 -17.17
C GLU E 132 8.55 -45.20 -18.67
N GLN E 133 7.39 -45.18 -19.32
CA GLN E 133 7.37 -45.38 -20.78
C GLN E 133 8.15 -44.27 -21.49
N CYS E 134 7.90 -43.02 -21.11
CA CYS E 134 8.55 -41.90 -21.79
C CYS E 134 10.06 -41.93 -21.55
N ALA E 135 10.48 -42.22 -20.33
CA ALA E 135 11.90 -42.32 -20.03
C ALA E 135 12.54 -43.49 -20.77
N LYS E 136 11.81 -44.61 -20.90
CA LYS E 136 12.33 -45.74 -21.66
C LYS E 136 12.58 -45.34 -23.11
N VAL E 137 11.61 -44.66 -23.73
CA VAL E 137 11.80 -44.25 -25.12
C VAL E 137 12.94 -43.25 -25.23
N GLN E 138 13.01 -42.28 -24.33
CA GLN E 138 14.06 -41.27 -24.42
C GLN E 138 15.43 -41.85 -24.16
N MET E 139 15.51 -42.95 -23.41
CA MET E 139 16.81 -43.53 -23.07
C MET E 139 17.28 -44.52 -24.14
N GLU E 140 16.34 -45.24 -24.76
CA GLU E 140 16.76 -46.30 -25.67
C GLU E 140 16.91 -45.82 -27.11
N THR E 141 16.71 -44.55 -27.40
CA THR E 141 16.73 -44.04 -28.76
C THR E 141 17.99 -43.21 -29.00
N GLU E 142 18.11 -42.65 -30.21
CA GLU E 142 19.19 -41.73 -30.51
C GLU E 142 18.93 -40.34 -29.98
N MET E 143 17.74 -40.09 -29.43
CA MET E 143 17.46 -38.80 -28.83
C MET E 143 18.42 -38.50 -27.69
N THR E 144 18.76 -39.51 -26.90
CA THR E 144 19.61 -39.32 -25.74
C THR E 144 21.00 -39.87 -26.04
N ASP E 145 22.00 -39.03 -25.85
CA ASP E 145 23.39 -39.47 -25.87
C ASP E 145 23.90 -39.53 -24.44
N PRO E 146 24.34 -40.69 -23.94
CA PRO E 146 24.86 -40.74 -22.58
C PRO E 146 26.00 -39.78 -22.34
N ALA E 147 26.83 -39.53 -23.37
CA ALA E 147 27.91 -38.58 -23.22
C ALA E 147 27.38 -37.15 -23.18
N LEU E 148 26.38 -36.84 -24.00
CA LEU E 148 25.92 -35.47 -24.19
C LEU E 148 24.53 -35.23 -23.61
N ALA E 149 24.06 -36.12 -22.73
CA ALA E 149 22.74 -35.97 -22.13
C ALA E 149 22.78 -36.61 -20.75
N GLY E 150 21.61 -36.91 -20.20
CA GLY E 150 21.54 -37.62 -18.94
C GLY E 150 20.40 -37.20 -18.04
N MET E 151 19.97 -38.11 -17.17
CA MET E 151 18.97 -37.75 -16.18
C MET E 151 19.58 -36.90 -15.09
N ARG E 152 18.94 -35.79 -14.77
CA ARG E 152 19.38 -34.92 -13.69
C ARG E 152 18.16 -34.32 -13.04
N GLY E 153 17.86 -34.72 -11.81
CA GLY E 153 16.76 -34.13 -11.07
C GLY E 153 17.11 -32.90 -10.29
N ALA E 154 18.39 -32.52 -10.26
CA ALA E 154 18.83 -31.35 -9.54
C ALA E 154 20.28 -31.08 -9.89
N THR E 155 20.69 -29.82 -9.77
CA THR E 155 22.02 -29.39 -10.18
C THR E 155 22.28 -29.78 -11.64
N VAL E 156 21.48 -29.16 -12.51
CA VAL E 156 21.48 -29.48 -13.93
C VAL E 156 22.51 -28.66 -14.67
N HIS E 157 23.35 -27.93 -13.94
CA HIS E 157 24.40 -27.14 -14.57
C HIS E 157 25.31 -28.01 -15.41
N GLY E 158 25.56 -27.57 -16.65
CA GLY E 158 26.46 -28.26 -17.53
C GLY E 158 25.97 -28.35 -18.96
N HIS E 159 24.77 -27.84 -19.23
CA HIS E 159 24.27 -27.91 -20.60
C HIS E 159 25.04 -26.98 -21.53
N SER E 160 25.46 -25.82 -21.03
CA SER E 160 26.16 -24.85 -21.84
C SER E 160 27.66 -24.81 -21.56
N VAL E 161 28.15 -25.65 -20.65
CA VAL E 161 29.56 -25.65 -20.31
C VAL E 161 30.33 -26.45 -21.35
N ARG E 162 31.58 -26.06 -21.59
CA ARG E 162 32.41 -26.76 -22.56
C ARG E 162 32.58 -28.21 -22.13
N LEU E 163 32.45 -29.11 -23.11
CA LEU E 163 32.52 -30.54 -22.84
C LEU E 163 33.86 -30.90 -22.20
N GLN E 164 33.93 -32.14 -21.70
CA GLN E 164 35.19 -32.66 -21.23
C GLN E 164 35.97 -33.27 -22.38
N GLU E 165 37.29 -33.40 -22.19
CA GLU E 165 38.10 -34.07 -23.21
C GLU E 165 37.62 -35.48 -23.45
N ASP E 166 37.04 -36.12 -22.43
CA ASP E 166 36.51 -37.47 -22.59
C ASP E 166 35.42 -37.51 -23.63
N GLY E 167 34.72 -36.40 -23.83
CA GLY E 167 33.61 -36.34 -24.76
C GLY E 167 32.24 -36.30 -24.13
N VAL E 168 32.15 -36.18 -22.81
CA VAL E 168 30.88 -36.20 -22.10
C VAL E 168 30.63 -34.86 -21.44
N MET E 169 29.35 -34.52 -21.30
CA MET E 169 28.96 -33.27 -20.66
C MET E 169 29.47 -33.24 -19.22
N PHE E 170 29.50 -32.04 -18.65
CA PHE E 170 29.86 -31.86 -17.25
C PHE E 170 28.71 -32.25 -16.35
N ASP E 171 29.04 -32.90 -15.23
CA ASP E 171 28.06 -33.22 -14.19
C ASP E 171 28.66 -32.87 -12.84
N MET E 172 28.01 -31.98 -12.11
CA MET E 172 28.52 -31.60 -10.80
C MET E 172 28.50 -32.76 -9.83
N LEU E 173 27.43 -33.55 -9.85
CA LEU E 173 27.26 -34.67 -8.94
C LEU E 173 27.85 -35.96 -9.47
N ASP E 174 28.28 -35.98 -10.74
CA ASP E 174 28.93 -37.14 -11.34
C ASP E 174 28.04 -38.38 -11.26
N ARG E 175 26.82 -38.24 -11.78
CA ARG E 175 25.90 -39.38 -11.80
C ARG E 175 26.45 -40.51 -12.66
N ARG E 176 26.82 -40.21 -13.90
CA ARG E 176 27.38 -41.22 -14.80
C ARG E 176 28.65 -40.68 -15.44
N ARG E 177 29.39 -41.59 -16.06
CA ARG E 177 30.68 -41.26 -16.65
C ARG E 177 31.11 -42.40 -17.55
N LEU E 178 32.27 -42.23 -18.18
CA LEU E 178 32.87 -43.31 -18.95
C LEU E 178 33.38 -44.39 -18.00
N GLU E 179 33.25 -45.66 -18.41
CA GLU E 179 33.93 -46.77 -17.76
C GLU E 179 34.10 -47.86 -18.82
N GLY E 180 35.34 -48.08 -19.25
CA GLY E 180 35.61 -49.09 -20.25
C GLY E 180 34.92 -48.86 -21.57
N GLY E 181 34.85 -47.62 -22.04
CA GLY E 181 34.25 -47.32 -23.30
C GLY E 181 32.75 -47.13 -23.29
N VAL E 182 32.08 -47.40 -22.16
CA VAL E 182 30.63 -47.26 -22.08
C VAL E 182 30.30 -46.35 -20.89
N ILE E 183 29.35 -45.45 -21.13
CA ILE E 183 28.88 -44.54 -20.10
C ILE E 183 28.11 -45.35 -19.07
N ILE E 184 28.67 -45.45 -17.86
CA ILE E 184 28.08 -46.22 -16.77
C ILE E 184 27.44 -45.26 -15.79
N MET E 185 26.17 -45.50 -15.48
CA MET E 185 25.39 -44.65 -14.59
C MET E 185 25.20 -45.38 -13.27
N ASP E 186 25.48 -44.70 -12.17
CA ASP E 186 25.54 -45.34 -10.86
C ASP E 186 24.83 -44.55 -9.78
N LYS E 187 24.05 -43.54 -10.15
CA LYS E 187 23.24 -42.79 -9.21
C LYS E 187 21.88 -42.53 -9.86
N ASP E 188 20.85 -42.42 -9.03
CA ASP E 188 19.55 -42.03 -9.55
C ASP E 188 19.64 -40.59 -10.04
N GLN E 189 18.57 -40.08 -10.63
CA GLN E 189 18.63 -38.76 -11.24
C GLN E 189 18.67 -37.63 -10.24
N VAL E 190 18.81 -37.90 -8.94
CA VAL E 190 19.00 -36.85 -7.95
C VAL E 190 20.20 -37.13 -7.06
N ALA E 191 21.14 -37.95 -7.53
CA ALA E 191 22.41 -38.19 -6.84
C ALA E 191 22.22 -38.99 -5.55
N ILE E 192 21.27 -39.92 -5.58
CA ILE E 192 21.13 -40.94 -4.56
C ILE E 192 21.71 -42.23 -5.12
N PRO E 193 22.85 -42.70 -4.63
CA PRO E 193 23.57 -43.77 -5.31
C PRO E 193 22.75 -45.03 -5.45
N LEU E 194 22.91 -45.69 -6.58
CA LEU E 194 22.32 -46.99 -6.81
C LEU E 194 23.29 -48.09 -6.37
N ASP E 195 22.71 -49.19 -5.90
CA ASP E 195 23.52 -50.35 -5.55
C ASP E 195 24.10 -51.05 -6.76
N ARG E 196 23.67 -50.69 -7.97
CA ARG E 196 24.07 -51.35 -9.20
C ARG E 196 24.75 -50.35 -10.12
N LYS E 197 25.40 -50.89 -11.15
CA LYS E 197 25.96 -50.10 -12.23
C LYS E 197 25.12 -50.30 -13.48
N VAL E 198 24.62 -49.21 -14.05
CA VAL E 198 23.80 -49.26 -15.24
C VAL E 198 24.68 -48.94 -16.43
N ASN E 199 24.72 -49.85 -17.41
CA ASN E 199 25.53 -49.68 -18.61
C ASN E 199 24.64 -49.14 -19.72
N LEU E 200 24.86 -47.86 -20.07
CA LEU E 200 24.06 -47.21 -21.10
C LEU E 200 24.70 -47.29 -22.48
N GLY E 201 25.81 -47.99 -22.61
CA GLY E 201 26.40 -48.22 -23.91
C GLY E 201 27.59 -47.32 -24.22
N LYS E 202 28.00 -47.39 -25.47
CA LYS E 202 29.08 -46.66 -26.12
C LYS E 202 28.60 -45.27 -26.55
N PRO E 203 29.24 -44.20 -26.13
CA PRO E 203 28.81 -42.87 -26.58
C PRO E 203 29.12 -42.66 -28.06
N MET E 204 28.26 -41.89 -28.71
CA MET E 204 28.42 -41.63 -30.14
C MET E 204 29.66 -40.79 -30.40
N SER E 205 30.23 -40.98 -31.58
CA SER E 205 31.34 -40.15 -32.01
C SER E 205 30.87 -38.72 -32.22
N SER E 206 31.81 -37.78 -32.11
CA SER E 206 31.46 -36.37 -32.28
C SER E 206 30.90 -36.11 -33.67
N GLU E 207 31.51 -36.68 -34.70
CA GLU E 207 30.96 -36.54 -36.04
C GLU E 207 29.55 -37.12 -36.12
N GLU E 208 29.32 -38.25 -35.45
CA GLU E 208 27.98 -38.83 -35.45
C GLU E 208 26.97 -37.91 -34.78
N ALA E 209 27.32 -37.40 -33.59
CA ALA E 209 26.41 -36.51 -32.87
C ALA E 209 26.09 -35.28 -33.68
N ALA E 210 27.12 -34.68 -34.29
CA ALA E 210 26.88 -33.52 -35.16
C ALA E 210 26.01 -33.88 -36.36
N LYS E 211 26.21 -35.07 -36.93
CA LYS E 211 25.36 -35.53 -38.02
C LYS E 211 23.92 -35.78 -37.57
N ARG E 212 23.69 -35.96 -36.28
CA ARG E 212 22.35 -36.20 -35.75
C ARG E 212 22.09 -35.33 -34.52
N THR E 213 22.36 -34.04 -34.64
CA THR E 213 22.01 -33.08 -33.60
C THR E 213 20.89 -32.17 -34.10
N THR E 214 20.09 -31.65 -33.16
CA THR E 214 19.01 -30.74 -33.51
C THR E 214 19.29 -29.32 -33.03
N ILE E 215 20.55 -28.90 -33.01
CA ILE E 215 20.92 -27.55 -32.61
C ILE E 215 21.75 -26.93 -33.73
N TYR E 216 21.31 -25.77 -34.20
CA TYR E 216 22.06 -25.06 -35.22
C TYR E 216 23.34 -24.52 -34.62
N ARG E 217 24.44 -24.64 -35.37
CA ARG E 217 25.72 -24.12 -34.92
C ARG E 217 26.55 -23.80 -36.15
N VAL E 218 27.25 -22.67 -36.11
CA VAL E 218 28.06 -22.25 -37.25
C VAL E 218 29.12 -23.31 -37.57
N ASP E 219 29.57 -24.05 -36.55
CA ASP E 219 30.52 -25.12 -36.78
C ASP E 219 29.94 -26.19 -37.69
N ASN E 220 28.71 -26.63 -37.39
CA ASN E 220 28.10 -27.77 -38.08
C ASN E 220 27.07 -27.33 -39.12
N VAL E 221 26.02 -26.64 -38.69
CA VAL E 221 24.96 -26.21 -39.58
C VAL E 221 24.53 -24.81 -39.17
N ALA E 222 24.98 -23.81 -39.92
CA ALA E 222 24.74 -22.43 -39.53
C ALA E 222 23.26 -22.08 -39.62
N PHE E 223 22.73 -21.46 -38.56
CA PHE E 223 21.37 -20.97 -38.63
C PHE E 223 21.23 -19.81 -39.60
N ARG E 224 22.30 -19.03 -39.77
CA ARG E 224 22.26 -17.90 -40.68
C ARG E 224 22.02 -18.34 -42.12
N ASP E 225 22.54 -19.51 -42.49
CA ASP E 225 22.41 -19.98 -43.86
C ASP E 225 21.08 -20.69 -44.13
N ASP E 226 20.29 -20.94 -43.10
CA ASP E 226 18.97 -21.56 -43.26
C ASP E 226 17.95 -20.46 -43.48
N ALA E 227 17.58 -20.23 -44.73
CA ALA E 227 16.61 -19.19 -45.05
C ALA E 227 15.20 -19.57 -44.66
N GLU E 228 14.87 -20.86 -44.64
CA GLU E 228 13.50 -21.26 -44.40
C GLU E 228 13.09 -21.06 -42.94
N VAL E 229 13.94 -21.43 -42.00
CA VAL E 229 13.61 -21.22 -40.60
C VAL E 229 13.59 -19.74 -40.27
N ILE E 230 14.52 -18.97 -40.84
CA ILE E 230 14.51 -17.53 -40.64
C ILE E 230 13.21 -16.94 -41.18
N GLU E 231 12.77 -17.40 -42.34
CA GLU E 231 11.53 -16.91 -42.91
C GLU E 231 10.34 -17.29 -42.03
N TRP E 232 10.36 -18.49 -41.46
CA TRP E 232 9.28 -18.87 -40.55
C TRP E 232 9.22 -17.93 -39.36
N VAL E 233 10.38 -17.63 -38.77
CA VAL E 233 10.44 -16.70 -37.66
C VAL E 233 9.87 -15.36 -38.08
N HIS E 234 10.29 -14.86 -39.24
CA HIS E 234 9.87 -13.53 -39.68
C HIS E 234 8.36 -13.49 -39.92
N ARG E 235 7.81 -14.52 -40.56
CA ARG E 235 6.39 -14.54 -40.85
C ARG E 235 5.57 -14.56 -39.57
N VAL E 236 5.92 -15.46 -38.64
CA VAL E 236 5.19 -15.54 -37.39
C VAL E 236 5.28 -14.23 -36.63
N PHE E 237 6.46 -13.62 -36.61
CA PHE E 237 6.64 -12.36 -35.87
C PHE E 237 5.85 -11.22 -36.51
N ASP E 238 5.88 -11.13 -37.84
CA ASP E 238 5.13 -10.09 -38.52
C ASP E 238 3.64 -10.23 -38.23
N GLN E 239 3.12 -11.45 -38.29
CA GLN E 239 1.72 -11.65 -38.00
C GLN E 239 1.40 -11.31 -36.56
N ARG E 240 2.25 -11.72 -35.62
CA ARG E 240 2.03 -11.39 -34.22
C ARG E 240 1.94 -9.89 -34.02
N THR E 241 2.93 -9.15 -34.52
CA THR E 241 2.95 -7.70 -34.34
C THR E 241 1.74 -7.05 -34.99
N SER E 242 1.46 -7.39 -36.25
CA SER E 242 0.35 -6.75 -36.95
C SER E 242 -0.96 -7.00 -36.24
N TYR E 243 -1.27 -8.25 -35.93
CA TYR E 243 -2.56 -8.55 -35.34
C TYR E 243 -2.64 -8.15 -33.89
N GLY E 244 -1.50 -7.88 -33.25
CA GLY E 244 -1.52 -7.15 -32.00
C GLY E 244 -1.94 -5.71 -32.19
N PHE E 245 -1.49 -5.10 -33.28
CA PHE E 245 -2.01 -3.79 -33.63
C PHE E 245 -3.49 -3.86 -33.97
N GLN E 246 -3.85 -4.76 -34.89
CA GLN E 246 -5.24 -4.89 -35.32
C GLN E 246 -5.49 -6.29 -35.85
N PRO E 247 -6.50 -7.01 -35.33
CA PRO E 247 -6.75 -8.38 -35.80
C PRO E 247 -7.44 -8.42 -37.14
N LYS E 248 -6.73 -8.09 -38.21
CA LYS E 248 -7.32 -8.08 -39.54
C LYS E 248 -6.25 -8.19 -40.60
N ALA F 2 -39.96 31.16 23.56
CA ALA F 2 -38.83 31.80 24.23
C ALA F 2 -38.14 30.82 25.17
N TYR F 3 -37.34 29.93 24.60
CA TYR F 3 -36.59 28.95 25.38
C TYR F 3 -35.43 29.67 26.04
N GLU F 4 -35.50 29.82 27.36
CA GLU F 4 -34.46 30.51 28.13
C GLU F 4 -33.30 29.55 28.32
N ALA F 5 -32.21 29.80 27.61
CA ALA F 5 -31.06 28.92 27.68
C ALA F 5 -30.43 28.95 29.07
N GLN F 6 -29.85 27.83 29.48
CA GLN F 6 -29.14 27.71 30.74
C GLN F 6 -27.64 27.69 30.57
N TYR F 7 -27.16 27.28 29.40
CA TYR F 7 -25.78 27.42 28.97
C TYR F 7 -24.81 26.48 29.65
N TYR F 8 -25.19 25.89 30.78
CA TYR F 8 -24.26 25.00 31.46
C TYR F 8 -24.87 24.45 32.73
N PRO F 9 -24.48 23.26 33.16
CA PRO F 9 -24.88 22.77 34.48
C PRO F 9 -23.83 23.09 35.53
N GLY F 10 -24.31 23.34 36.74
CA GLY F 10 -23.42 23.62 37.84
C GLY F 10 -23.96 24.67 38.80
N ALA F 11 -23.90 24.37 40.09
CA ALA F 11 -24.31 25.32 41.12
C ALA F 11 -23.12 25.99 41.80
N THR F 12 -21.90 25.61 41.46
CA THR F 12 -20.72 26.18 42.07
C THR F 12 -20.44 27.56 41.47
N SER F 13 -19.42 28.24 41.99
CA SER F 13 -19.05 29.54 41.46
C SER F 13 -18.60 29.42 40.01
N VAL F 14 -17.82 28.39 39.70
CA VAL F 14 -17.34 28.20 38.34
C VAL F 14 -18.51 27.96 37.40
N GLY F 15 -19.57 27.32 37.88
CA GLY F 15 -20.74 27.16 37.05
C GLY F 15 -21.34 28.50 36.66
N ALA F 16 -21.50 29.40 37.62
CA ALA F 16 -22.02 30.73 37.32
C ALA F 16 -21.08 31.48 36.39
N ASN F 17 -19.77 31.38 36.62
CA ASN F 17 -18.83 32.09 35.77
C ASN F 17 -18.86 31.56 34.34
N ARG F 18 -18.95 30.24 34.17
CA ARG F 18 -19.03 29.70 32.83
C ARG F 18 -20.32 30.09 32.15
N ARG F 19 -21.42 30.14 32.91
CA ARG F 19 -22.67 30.62 32.35
C ARG F 19 -22.55 32.08 31.94
N LYS F 20 -21.77 32.87 32.67
CA LYS F 20 -21.59 34.27 32.32
C LYS F 20 -20.72 34.41 31.07
N HIS F 21 -19.62 33.67 31.00
CA HIS F 21 -18.76 33.73 29.82
C HIS F 21 -19.51 33.28 28.58
N MET F 22 -20.19 32.14 28.65
CA MET F 22 -20.95 31.67 27.50
C MET F 22 -22.08 32.62 27.16
N SER F 23 -22.74 33.18 28.16
CA SER F 23 -23.91 34.01 27.92
C SER F 23 -23.56 35.42 27.53
N GLY F 24 -22.32 35.85 27.73
CA GLY F 24 -21.90 37.18 27.38
C GLY F 24 -22.29 38.26 28.36
N LYS F 25 -22.88 37.91 29.50
CA LYS F 25 -23.26 38.89 30.51
C LYS F 25 -22.08 39.23 31.41
N LEU F 26 -21.01 39.68 30.77
CA LEU F 26 -19.78 40.05 31.46
C LEU F 26 -19.85 41.49 31.94
N GLU F 27 -19.03 41.80 32.93
CA GLU F 27 -18.93 43.14 33.49
C GLU F 27 -17.83 43.90 32.77
N LYS F 28 -18.17 45.07 32.23
CA LYS F 28 -17.16 45.87 31.57
C LYS F 28 -16.19 46.39 32.63
N LEU F 29 -15.08 45.69 32.80
CA LEU F 29 -14.17 45.94 33.91
C LEU F 29 -13.14 47.00 33.58
N ARG F 30 -13.12 47.52 32.36
CA ARG F 30 -12.16 48.53 31.93
C ARG F 30 -12.62 49.06 30.59
N GLU F 31 -11.79 49.93 30.00
CA GLU F 31 -12.12 50.56 28.74
C GLU F 31 -10.84 50.78 27.93
N ILE F 32 -10.97 50.63 26.62
CA ILE F 32 -9.83 50.74 25.71
C ILE F 32 -10.30 51.37 24.41
N SER F 33 -9.49 52.28 23.86
CA SER F 33 -9.90 53.06 22.70
C SER F 33 -9.71 52.26 21.43
N ASP F 34 -10.54 52.59 20.42
CA ASP F 34 -10.52 51.85 19.16
C ASP F 34 -9.18 51.99 18.45
N GLU F 35 -8.58 53.18 18.49
CA GLU F 35 -7.24 53.33 17.94
C GLU F 35 -6.24 52.47 18.72
N ASP F 36 -6.34 52.47 20.05
CA ASP F 36 -5.44 51.63 20.84
C ASP F 36 -5.68 50.16 20.56
N LEU F 37 -6.95 49.76 20.43
CA LEU F 37 -7.25 48.36 20.13
C LEU F 37 -6.69 47.95 18.78
N THR F 38 -6.86 48.81 17.77
CA THR F 38 -6.31 48.49 16.46
C THR F 38 -4.80 48.40 16.51
N ALA F 39 -4.16 49.29 17.26
CA ALA F 39 -2.71 49.23 17.39
C ALA F 39 -2.27 47.92 18.03
N VAL F 40 -2.94 47.51 19.10
CA VAL F 40 -2.53 46.30 19.81
C VAL F 40 -2.78 45.07 18.96
N LEU F 41 -3.86 45.06 18.18
CA LEU F 41 -4.08 43.94 17.26
C LEU F 41 -2.95 43.83 16.25
N GLY F 42 -2.33 44.97 15.90
CA GLY F 42 -1.16 44.94 15.04
C GLY F 42 -1.41 44.41 13.66
N HIS F 43 -2.66 44.46 13.19
CA HIS F 43 -2.99 44.03 11.84
C HIS F 43 -2.77 45.11 10.80
N ARG F 44 -2.64 46.36 11.21
CA ARG F 44 -2.53 47.46 10.26
C ARG F 44 -2.20 48.73 11.02
N ALA F 45 -2.16 49.84 10.29
CA ALA F 45 -1.93 51.14 10.90
C ALA F 45 -3.23 51.64 11.53
N PRO F 46 -3.22 52.08 12.78
CA PRO F 46 -4.46 52.54 13.41
C PRO F 46 -5.03 53.74 12.69
N GLY F 47 -6.35 53.87 12.74
CA GLY F 47 -7.01 54.98 12.09
C GLY F 47 -6.94 54.97 10.57
N SER F 48 -7.09 53.81 9.94
CA SER F 48 -7.20 53.70 8.49
C SER F 48 -8.48 52.98 8.12
N ASP F 49 -8.83 53.05 6.84
CA ASP F 49 -9.95 52.27 6.35
C ASP F 49 -9.55 50.79 6.26
N TYR F 50 -10.54 49.94 6.31
CA TYR F 50 -10.25 48.52 6.40
C TYR F 50 -9.94 47.95 5.02
N PRO F 51 -8.75 47.39 4.81
CA PRO F 51 -8.43 46.80 3.51
C PRO F 51 -9.38 45.66 3.18
N SER F 52 -9.64 45.47 1.90
CA SER F 52 -10.58 44.47 1.44
C SER F 52 -9.84 43.43 0.61
N THR F 53 -10.28 42.18 0.72
CA THR F 53 -9.76 41.11 -0.11
C THR F 53 -10.57 40.93 -1.39
N HIS F 54 -11.78 41.48 -1.43
CA HIS F 54 -12.61 41.45 -2.63
C HIS F 54 -13.57 42.61 -2.56
N PRO F 55 -14.18 43.00 -3.68
CA PRO F 55 -15.05 44.16 -3.68
C PRO F 55 -16.28 43.92 -2.82
N PRO F 56 -17.04 44.96 -2.50
CA PRO F 56 -18.22 44.78 -1.66
C PRO F 56 -19.24 43.86 -2.32
N LEU F 57 -19.98 43.13 -1.48
CA LEU F 57 -21.04 42.29 -2.01
C LEU F 57 -22.14 43.11 -2.66
N ALA F 58 -22.22 44.40 -2.35
CA ALA F 58 -23.22 45.25 -2.99
C ALA F 58 -23.01 45.29 -4.50
N GLU F 59 -21.76 45.42 -4.94
CA GLU F 59 -21.44 45.50 -6.36
C GLU F 59 -20.86 44.22 -6.92
N MET F 60 -20.35 43.33 -6.07
CA MET F 60 -19.74 42.10 -6.56
C MET F 60 -20.75 41.16 -7.18
N GLY F 61 -22.02 41.25 -6.80
CA GLY F 61 -23.03 40.35 -7.31
C GLY F 61 -22.96 38.99 -6.64
N GLU F 62 -24.10 38.37 -6.42
CA GLU F 62 -24.16 37.10 -5.71
C GLU F 62 -25.14 36.16 -6.40
N PRO F 63 -24.97 34.86 -6.24
CA PRO F 63 -25.91 33.91 -6.83
C PRO F 63 -27.25 33.93 -6.13
N ALA F 64 -28.24 33.32 -6.78
CA ALA F 64 -29.59 33.24 -6.24
C ALA F 64 -29.66 32.12 -5.21
N CYS F 65 -28.90 32.29 -4.13
CA CYS F 65 -28.88 31.37 -3.02
C CYS F 65 -29.87 31.84 -1.96
N SER F 66 -30.81 30.98 -1.59
CA SER F 66 -31.81 31.36 -0.60
C SER F 66 -31.15 31.72 0.73
N ILE F 67 -30.06 31.04 1.08
CA ILE F 67 -29.39 31.34 2.34
C ILE F 67 -28.80 32.74 2.32
N ARG F 68 -28.16 33.12 1.21
CA ARG F 68 -27.61 34.46 1.12
C ARG F 68 -28.70 35.51 1.26
N GLU F 69 -29.84 35.30 0.59
CA GLU F 69 -30.95 36.22 0.71
C GLU F 69 -31.55 36.23 2.10
N ALA F 70 -31.38 35.16 2.88
CA ALA F 70 -31.98 35.08 4.20
C ALA F 70 -31.01 35.35 5.34
N VAL F 71 -29.71 35.20 5.12
CA VAL F 71 -28.70 35.41 6.16
C VAL F 71 -27.99 36.72 5.87
N ALA F 72 -28.39 37.78 6.56
CA ALA F 72 -27.82 39.10 6.34
C ALA F 72 -26.33 39.08 6.64
N ALA F 73 -25.52 39.37 5.62
CA ALA F 73 -24.08 39.34 5.79
C ALA F 73 -23.62 40.39 6.80
N THR F 74 -22.60 40.05 7.57
CA THR F 74 -22.11 40.95 8.58
C THR F 74 -21.49 42.18 7.93
N PRO F 75 -21.49 43.32 8.63
CA PRO F 75 -20.91 44.54 8.05
C PRO F 75 -19.47 44.39 7.62
N GLY F 76 -18.68 43.58 8.33
CA GLY F 76 -17.30 43.38 7.93
C GLY F 76 -17.14 42.57 6.66
N ALA F 77 -18.18 41.85 6.26
CA ALA F 77 -18.14 41.09 5.01
C ALA F 77 -18.88 41.80 3.88
N ALA F 78 -19.89 42.60 4.21
CA ALA F 78 -20.55 43.40 3.19
C ALA F 78 -19.59 44.37 2.53
N ALA F 79 -18.55 44.79 3.22
CA ALA F 79 -17.51 45.63 2.66
C ALA F 79 -16.32 44.83 2.16
N GLY F 80 -16.41 43.51 2.19
CA GLY F 80 -15.34 42.67 1.68
C GLY F 80 -14.04 42.81 2.43
N ASP F 81 -14.11 43.02 3.74
CA ASP F 81 -12.90 43.11 4.53
C ASP F 81 -12.14 41.79 4.52
N ARG F 82 -10.81 41.88 4.54
CA ARG F 82 -10.01 40.69 4.67
C ARG F 82 -10.30 40.01 6.00
N VAL F 83 -9.84 38.77 6.12
CA VAL F 83 -10.03 37.99 7.34
C VAL F 83 -8.81 38.12 8.21
N ARG F 84 -9.02 38.41 9.50
CA ARG F 84 -7.93 38.57 10.44
C ARG F 84 -8.28 37.90 11.75
N TYR F 85 -7.31 37.82 12.64
CA TYR F 85 -7.40 36.99 13.83
C TYR F 85 -6.93 37.76 15.06
N VAL F 86 -7.61 37.52 16.18
CA VAL F 86 -7.17 37.96 17.49
C VAL F 86 -7.00 36.72 18.35
N GLN F 87 -5.84 36.57 18.96
CA GLN F 87 -5.49 35.35 19.65
C GLN F 87 -5.21 35.66 21.12
N PHE F 88 -5.59 34.74 22.00
CA PHE F 88 -5.42 34.91 23.43
C PHE F 88 -4.77 33.68 24.03
N ALA F 89 -4.08 33.88 25.14
CA ALA F 89 -3.53 32.80 25.94
C ALA F 89 -3.95 32.99 27.38
N ASP F 90 -4.68 32.02 27.91
CA ASP F 90 -5.26 32.11 29.24
C ASP F 90 -4.54 31.16 30.18
N SER F 91 -4.34 31.60 31.42
CA SER F 91 -3.58 30.81 32.37
C SER F 91 -4.50 29.81 33.05
N MET F 92 -3.96 28.63 33.35
CA MET F 92 -4.74 27.67 34.10
C MET F 92 -4.76 27.99 35.59
N TYR F 93 -3.99 28.98 36.03
CA TYR F 93 -4.00 29.38 37.43
C TYR F 93 -5.10 30.40 37.70
N ASN F 94 -6.34 29.98 37.42
CA ASN F 94 -7.54 30.73 37.78
C ASN F 94 -7.79 31.92 36.86
N ALA F 95 -7.20 31.92 35.67
CA ALA F 95 -7.46 33.02 34.75
C ALA F 95 -8.95 33.03 34.41
N PRO F 96 -9.55 34.22 34.27
CA PRO F 96 -11.01 34.31 34.19
C PRO F 96 -11.63 33.53 33.05
N ALA F 97 -10.86 33.07 32.08
CA ALA F 97 -11.44 32.32 30.97
C ALA F 97 -10.54 31.16 30.59
N THR F 98 -11.12 30.24 29.84
CA THR F 98 -10.47 29.05 29.32
C THR F 98 -10.72 28.98 27.82
N PRO F 99 -9.85 28.30 27.07
CA PRO F 99 -10.00 28.30 25.61
C PRO F 99 -11.36 27.85 25.13
N TYR F 100 -11.88 26.73 25.64
CA TYR F 100 -13.16 26.26 25.16
C TYR F 100 -14.28 27.23 25.50
N PHE F 101 -14.23 27.85 26.67
CA PHE F 101 -15.33 28.73 27.04
C PHE F 101 -15.19 30.13 26.45
N ARG F 102 -13.96 30.59 26.24
CA ARG F 102 -13.77 31.77 25.42
C ARG F 102 -14.32 31.54 24.02
N SER F 103 -14.11 30.35 23.47
CA SER F 103 -14.67 30.01 22.17
C SER F 103 -16.19 29.93 22.22
N TYR F 104 -16.75 29.43 23.31
CA TYR F 104 -18.21 29.42 23.43
C TYR F 104 -18.76 30.83 23.44
N PHE F 105 -18.10 31.74 24.14
CA PHE F 105 -18.52 33.13 24.13
C PHE F 105 -18.48 33.68 22.72
N ALA F 106 -17.37 33.45 22.01
CA ALA F 106 -17.23 33.95 20.66
C ALA F 106 -18.32 33.40 19.74
N ALA F 107 -18.61 32.11 19.86
CA ALA F 107 -19.56 31.47 18.96
C ALA F 107 -21.00 31.72 19.34
N ILE F 108 -21.27 32.19 20.55
CA ILE F 108 -22.65 32.46 20.95
C ILE F 108 -22.96 33.93 20.76
N ASN F 109 -21.94 34.77 20.77
CA ASN F 109 -22.14 36.22 20.88
C ASN F 109 -21.81 36.98 19.61
N PHE F 110 -21.13 36.38 18.63
CA PHE F 110 -20.70 37.12 17.47
C PHE F 110 -20.92 36.30 16.21
N ARG F 111 -21.56 36.92 15.22
CA ARG F 111 -21.84 36.29 13.94
C ARG F 111 -20.55 36.22 13.11
N GLY F 112 -20.51 35.28 12.19
CA GLY F 112 -19.39 35.18 11.26
C GLY F 112 -18.05 35.03 11.95
N VAL F 113 -17.96 34.14 12.92
CA VAL F 113 -16.73 33.94 13.66
C VAL F 113 -16.24 32.52 13.41
N ASP F 114 -14.92 32.35 13.54
CA ASP F 114 -14.26 31.06 13.36
C ASP F 114 -13.34 30.80 14.53
N PRO F 115 -13.89 30.60 15.72
CA PRO F 115 -13.05 30.34 16.89
C PRO F 115 -12.31 29.02 16.74
N GLY F 116 -11.10 28.98 17.26
CA GLY F 116 -10.31 27.78 17.23
C GLY F 116 -9.59 27.55 18.54
N THR F 117 -9.81 26.40 19.16
CA THR F 117 -9.33 26.13 20.50
C THR F 117 -8.16 25.18 20.46
N LEU F 118 -7.10 25.54 21.17
CA LEU F 118 -5.99 24.65 21.46
C LEU F 118 -5.89 24.49 22.98
N SER F 119 -4.83 23.83 23.43
CA SER F 119 -4.58 23.75 24.85
C SER F 119 -3.92 25.01 25.40
N GLY F 120 -3.40 25.88 24.52
CA GLY F 120 -2.71 27.07 24.97
C GLY F 120 -3.05 28.31 24.18
N ARG F 121 -4.05 28.22 23.32
CA ARG F 121 -4.47 29.33 22.49
C ARG F 121 -5.98 29.28 22.30
N GLN F 122 -6.53 30.41 21.88
CA GLN F 122 -7.91 30.47 21.41
C GLN F 122 -7.98 31.55 20.35
N ILE F 123 -7.86 31.15 19.10
CA ILE F 123 -7.83 32.09 17.98
C ILE F 123 -9.25 32.38 17.55
N VAL F 124 -9.58 33.66 17.42
CA VAL F 124 -10.83 34.10 16.81
C VAL F 124 -10.48 34.72 15.47
N GLU F 125 -11.01 34.13 14.41
CA GLU F 125 -10.73 34.57 13.05
C GLU F 125 -12.03 35.03 12.42
N ALA F 126 -12.05 36.24 11.90
CA ALA F 126 -13.27 36.82 11.36
C ALA F 126 -12.88 37.98 10.46
N ARG F 127 -13.84 38.47 9.68
CA ARG F 127 -13.62 39.67 8.90
C ARG F 127 -13.16 40.79 9.82
N GLU F 128 -12.30 41.66 9.28
CA GLU F 128 -11.41 42.45 10.13
C GLU F 128 -12.17 43.28 11.16
N ARG F 129 -13.27 43.91 10.77
CA ARG F 129 -13.97 44.72 11.76
C ARG F 129 -14.87 43.89 12.67
N ASP F 130 -15.33 42.73 12.22
CA ASP F 130 -16.05 41.84 13.12
C ASP F 130 -15.13 41.31 14.22
N MET F 131 -13.92 40.90 13.83
CA MET F 131 -12.92 40.55 14.83
C MET F 131 -12.54 41.74 15.69
N GLU F 132 -12.57 42.95 15.12
CA GLU F 132 -12.39 44.14 15.94
C GLU F 132 -13.41 44.20 17.06
N GLN F 133 -14.69 44.05 16.71
CA GLN F 133 -15.74 44.05 17.71
C GLN F 133 -15.51 42.99 18.78
N CYS F 134 -15.27 41.75 18.34
CA CYS F 134 -15.10 40.66 19.30
C CYS F 134 -13.91 40.89 20.20
N ALA F 135 -12.79 41.34 19.65
CA ALA F 135 -11.61 41.59 20.47
C ALA F 135 -11.87 42.71 21.46
N LYS F 136 -12.59 43.75 21.05
CA LYS F 136 -12.89 44.82 21.99
C LYS F 136 -13.76 44.32 23.14
N VAL F 137 -14.75 43.49 22.83
CA VAL F 137 -15.60 42.94 23.90
C VAL F 137 -14.76 42.08 24.83
N GLN F 138 -13.90 41.23 24.27
CA GLN F 138 -13.13 40.32 25.11
C GLN F 138 -12.14 41.06 25.98
N MET F 139 -11.54 42.14 25.45
CA MET F 139 -10.55 42.88 26.21
C MET F 139 -11.19 43.78 27.26
N GLU F 140 -12.33 44.38 26.95
CA GLU F 140 -12.93 45.35 27.85
C GLU F 140 -13.64 44.72 29.04
N THR F 141 -14.00 43.45 28.98
CA THR F 141 -14.81 42.82 30.00
C THR F 141 -13.95 41.99 30.95
N GLU F 142 -14.59 41.42 31.98
CA GLU F 142 -13.91 40.59 32.96
C GLU F 142 -13.42 39.28 32.39
N MET F 143 -13.86 38.91 31.19
CA MET F 143 -13.38 37.69 30.57
C MET F 143 -11.87 37.70 30.42
N THR F 144 -11.30 38.87 30.15
CA THR F 144 -9.86 39.00 30.01
C THR F 144 -9.30 39.73 31.21
N ASP F 145 -8.46 39.03 31.97
CA ASP F 145 -7.65 39.65 32.99
C ASP F 145 -6.28 39.92 32.41
N PRO F 146 -5.83 41.17 32.32
CA PRO F 146 -4.53 41.44 31.70
C PRO F 146 -3.39 40.70 32.34
N ALA F 147 -3.45 40.44 33.65
CA ALA F 147 -2.38 39.70 34.31
C ALA F 147 -2.43 38.23 33.93
N LEU F 148 -3.64 37.66 33.90
CA LEU F 148 -3.82 36.24 33.64
C LEU F 148 -4.34 35.97 32.23
N ALA F 149 -3.93 36.77 31.25
CA ALA F 149 -4.38 36.60 29.87
C ALA F 149 -3.63 37.59 29.01
N GLY F 150 -3.96 37.61 27.74
CA GLY F 150 -3.44 38.65 26.86
C GLY F 150 -3.37 38.15 25.44
N MET F 151 -3.45 39.09 24.51
CA MET F 151 -3.29 38.76 23.11
C MET F 151 -1.91 38.17 22.88
N ARG F 152 -1.85 37.13 22.06
CA ARG F 152 -0.60 36.46 21.75
C ARG F 152 -0.74 35.82 20.38
N GLY F 153 -0.08 36.40 19.38
CA GLY F 153 -0.21 35.89 18.03
C GLY F 153 0.82 34.84 17.70
N ALA F 154 1.98 34.91 18.33
CA ALA F 154 3.04 33.95 18.11
C ALA F 154 3.69 33.61 19.44
N THR F 155 4.27 32.41 19.51
CA THR F 155 4.93 31.92 20.71
C THR F 155 4.05 32.09 21.94
N VAL F 156 2.94 31.36 21.93
CA VAL F 156 1.88 31.50 22.93
C VAL F 156 2.21 30.71 24.19
N HIS F 157 3.44 30.22 24.29
CA HIS F 157 3.83 29.45 25.46
C HIS F 157 3.63 30.26 26.73
N GLY F 158 3.03 29.64 27.74
CA GLY F 158 2.90 30.29 29.02
C GLY F 158 1.54 30.14 29.69
N HIS F 159 0.62 29.40 29.07
CA HIS F 159 -0.68 29.22 29.71
C HIS F 159 -0.60 28.26 30.89
N SER F 160 0.19 27.20 30.78
CA SER F 160 0.32 26.20 31.83
C SER F 160 1.57 26.41 32.65
N VAL F 161 2.31 27.47 32.41
CA VAL F 161 3.47 27.80 33.23
C VAL F 161 3.00 28.50 34.50
N ARG F 162 3.71 28.26 35.60
CA ARG F 162 3.38 28.93 36.84
C ARG F 162 3.53 30.43 36.67
N LEU F 163 2.55 31.17 37.18
CA LEU F 163 2.49 32.61 37.01
C LEU F 163 3.77 33.26 37.49
N GLN F 164 4.03 34.47 37.00
CA GLN F 164 5.17 35.24 37.44
C GLN F 164 5.10 35.45 38.95
N GLU F 165 6.26 35.72 39.55
CA GLU F 165 6.31 35.90 40.99
C GLU F 165 5.45 37.06 41.48
N ASP F 166 5.09 37.98 40.59
CA ASP F 166 4.20 39.08 40.91
C ASP F 166 2.79 38.88 40.36
N GLY F 167 2.47 37.69 39.85
CA GLY F 167 1.10 37.38 39.52
C GLY F 167 0.67 37.67 38.10
N VAL F 168 1.60 37.72 37.16
CA VAL F 168 1.29 37.91 35.75
C VAL F 168 1.70 36.65 35.00
N MET F 169 0.86 36.22 34.06
CA MET F 169 1.20 35.05 33.27
C MET F 169 2.47 35.32 32.46
N PHE F 170 3.32 34.30 32.36
CA PHE F 170 4.61 34.46 31.70
C PHE F 170 4.41 34.74 30.21
N ASP F 171 5.32 35.52 29.64
CA ASP F 171 5.34 35.82 28.21
C ASP F 171 6.77 35.91 27.71
N MET F 172 7.08 35.22 26.63
CA MET F 172 8.40 35.30 26.04
C MET F 172 8.65 36.59 25.29
N LEU F 173 7.60 37.26 24.83
CA LEU F 173 7.76 38.43 23.99
C LEU F 173 7.36 39.74 24.67
N ASP F 174 6.67 39.68 25.80
CA ASP F 174 6.37 40.87 26.60
C ASP F 174 5.37 41.79 25.92
N ARG F 175 4.32 41.20 25.35
CA ARG F 175 3.27 42.05 24.80
C ARG F 175 2.58 42.88 25.87
N ARG F 176 2.72 42.54 27.15
CA ARG F 176 2.23 43.40 28.22
C ARG F 176 2.96 43.05 29.50
N ARG F 177 3.01 44.04 30.40
CA ARG F 177 3.64 43.85 31.69
C ARG F 177 3.09 44.90 32.65
N LEU F 178 3.21 44.63 33.94
CA LEU F 178 2.76 45.58 34.93
C LEU F 178 3.65 46.81 34.92
N GLU F 179 3.03 47.99 34.84
CA GLU F 179 3.76 49.25 34.86
C GLU F 179 3.08 50.15 35.88
N GLY F 180 3.75 50.39 37.00
CA GLY F 180 3.20 51.26 38.03
C GLY F 180 1.88 50.78 38.60
N GLY F 181 1.73 49.46 38.76
CA GLY F 181 0.52 48.92 39.32
C GLY F 181 -0.61 48.70 38.33
N VAL F 182 -0.39 48.92 37.04
CA VAL F 182 -1.40 48.67 36.03
C VAL F 182 -0.75 47.92 34.87
N ILE F 183 -1.59 47.22 34.12
CA ILE F 183 -1.14 46.48 32.94
C ILE F 183 -1.04 47.45 31.78
N ILE F 184 0.12 47.51 31.16
CA ILE F 184 0.38 48.37 30.02
C ILE F 184 0.80 47.50 28.86
N MET F 185 -0.03 47.43 27.83
CA MET F 185 0.25 46.62 26.65
C MET F 185 0.93 47.49 25.62
N ASP F 186 2.15 47.12 25.23
CA ASP F 186 3.01 47.96 24.41
C ASP F 186 3.51 47.26 23.16
N LYS F 187 2.84 46.22 22.70
CA LYS F 187 3.19 45.52 21.47
C LYS F 187 1.93 44.95 20.85
N ASP F 188 2.02 44.63 19.56
CA ASP F 188 0.94 43.91 18.91
C ASP F 188 0.83 42.52 19.50
N GLN F 189 -0.14 41.75 19.03
CA GLN F 189 -0.17 40.36 19.41
C GLN F 189 0.91 39.55 18.71
N VAL F 190 1.63 40.15 17.76
CA VAL F 190 2.76 39.50 17.11
C VAL F 190 4.09 39.95 17.68
N ALA F 191 4.09 40.85 18.65
CA ALA F 191 5.27 41.19 19.44
C ALA F 191 6.28 42.05 18.68
N ILE F 192 5.80 42.95 17.83
CA ILE F 192 6.59 44.05 17.32
C ILE F 192 5.99 45.35 17.84
N PRO F 193 6.79 46.25 18.38
CA PRO F 193 6.25 47.27 19.29
C PRO F 193 5.32 48.25 18.61
N LEU F 194 4.41 48.80 19.42
CA LEU F 194 3.58 49.91 19.02
C LEU F 194 4.38 51.20 19.09
N ASP F 195 3.73 52.29 18.70
CA ASP F 195 4.27 53.62 18.88
C ASP F 195 3.85 54.24 20.21
N ARG F 196 3.08 53.51 21.02
CA ARG F 196 2.41 54.08 22.17
C ARG F 196 2.43 53.14 23.35
N LYS F 197 1.59 53.40 24.35
CA LYS F 197 1.47 52.54 25.51
C LYS F 197 -0.01 52.43 25.84
N VAL F 198 -0.52 51.21 25.95
CA VAL F 198 -1.95 50.96 26.14
C VAL F 198 -2.16 50.56 27.59
N ASN F 199 -3.07 51.25 28.27
CA ASN F 199 -3.36 50.99 29.67
C ASN F 199 -4.59 50.10 29.79
N LEU F 200 -4.42 48.93 30.41
CA LEU F 200 -5.47 47.94 30.56
C LEU F 200 -6.04 47.90 31.97
N GLY F 201 -5.69 48.86 32.81
CA GLY F 201 -6.15 48.86 34.18
C GLY F 201 -5.22 48.12 35.11
N LYS F 202 -5.75 47.80 36.29
CA LYS F 202 -4.97 47.00 37.22
C LYS F 202 -5.32 45.53 37.09
N PRO F 203 -4.41 44.64 37.45
CA PRO F 203 -4.73 43.22 37.44
C PRO F 203 -5.57 42.85 38.64
N MET F 204 -6.71 42.20 38.37
CA MET F 204 -7.60 41.77 39.45
C MET F 204 -6.86 40.87 40.42
N SER F 205 -7.08 41.10 41.72
CA SER F 205 -6.34 40.38 42.74
C SER F 205 -6.66 38.89 42.69
N SER F 206 -5.81 38.11 43.36
CA SER F 206 -5.91 36.65 43.26
C SER F 206 -7.25 36.15 43.77
N GLU F 207 -7.74 36.70 44.88
CA GLU F 207 -8.99 36.21 45.45
C GLU F 207 -10.16 36.45 44.52
N GLU F 208 -10.31 37.68 44.01
CA GLU F 208 -11.44 37.94 43.14
C GLU F 208 -11.24 37.29 41.78
N ALA F 209 -9.98 37.09 41.40
CA ALA F 209 -9.69 36.32 40.19
C ALA F 209 -10.23 34.91 40.31
N ALA F 210 -9.96 34.25 41.43
CA ALA F 210 -10.50 32.93 41.66
C ALA F 210 -12.02 32.96 41.79
N LYS F 211 -12.56 34.08 42.28
CA LYS F 211 -14.01 34.22 42.34
C LYS F 211 -14.63 34.26 40.95
N ARG F 212 -13.96 34.85 39.98
CA ARG F 212 -14.52 35.01 38.64
C ARG F 212 -13.74 34.19 37.63
N THR F 213 -13.40 32.96 37.99
CA THR F 213 -12.69 32.07 37.09
C THR F 213 -13.64 31.06 36.48
N THR F 214 -13.14 30.33 35.49
CA THR F 214 -13.86 29.20 34.93
C THR F 214 -13.02 27.93 34.88
N ILE F 215 -11.82 27.96 35.42
CA ILE F 215 -11.00 26.77 35.53
C ILE F 215 -11.35 26.04 36.82
N TYR F 216 -11.35 24.71 36.77
CA TYR F 216 -11.61 23.88 37.93
C TYR F 216 -10.29 23.47 38.54
N ARG F 217 -10.07 23.82 39.81
CA ARG F 217 -8.81 23.55 40.48
C ARG F 217 -9.07 23.00 41.88
N VAL F 218 -8.10 22.22 42.36
CA VAL F 218 -8.15 21.69 43.72
C VAL F 218 -7.95 22.77 44.77
N ASP F 219 -7.19 23.81 44.45
CA ASP F 219 -7.02 24.92 45.38
C ASP F 219 -8.35 25.59 45.66
N ASN F 220 -8.97 26.14 44.62
CA ASN F 220 -10.32 26.68 44.65
C ASN F 220 -11.32 25.55 44.46
N VAL F 221 -12.56 25.90 44.13
CA VAL F 221 -13.59 24.89 43.85
C VAL F 221 -13.03 23.84 42.91
N ALA F 222 -13.03 22.59 43.35
CA ALA F 222 -12.42 21.49 42.63
C ALA F 222 -13.47 20.76 41.82
N PHE F 223 -13.03 20.08 40.75
CA PHE F 223 -13.96 19.35 39.91
C PHE F 223 -14.57 18.17 40.64
N ARG F 224 -13.85 17.62 41.61
CA ARG F 224 -14.30 16.37 42.25
C ARG F 224 -15.61 16.56 42.99
N ASP F 225 -15.77 17.67 43.70
CA ASP F 225 -16.97 17.84 44.51
C ASP F 225 -18.14 18.43 43.72
N ASP F 226 -17.92 18.87 42.48
CA ASP F 226 -18.98 19.43 41.66
C ASP F 226 -19.78 18.27 41.09
N ALA F 227 -20.65 17.69 41.93
CA ALA F 227 -21.41 16.52 41.52
C ALA F 227 -22.30 16.80 40.32
N GLU F 228 -22.71 18.06 40.13
CA GLU F 228 -23.57 18.40 39.01
C GLU F 228 -22.84 18.25 37.69
N VAL F 229 -21.64 18.82 37.59
CA VAL F 229 -20.87 18.72 36.35
C VAL F 229 -20.49 17.27 36.08
N ILE F 230 -20.08 16.55 37.12
CA ILE F 230 -19.72 15.15 36.95
C ILE F 230 -20.92 14.35 36.48
N GLU F 231 -22.09 14.63 37.04
CA GLU F 231 -23.30 13.95 36.61
C GLU F 231 -23.60 14.23 35.16
N TRP F 232 -23.42 15.49 34.75
CA TRP F 232 -23.64 15.83 33.34
C TRP F 232 -22.69 15.04 32.44
N VAL F 233 -21.41 14.99 32.82
CA VAL F 233 -20.43 14.29 32.00
C VAL F 233 -20.77 12.81 31.92
N HIS F 234 -21.13 12.22 33.05
CA HIS F 234 -21.50 10.80 33.05
C HIS F 234 -22.70 10.55 32.17
N ARG F 235 -23.71 11.43 32.24
CA ARG F 235 -24.89 11.23 31.40
C ARG F 235 -24.56 11.34 29.93
N VAL F 236 -23.74 12.32 29.55
CA VAL F 236 -23.39 12.48 28.14
C VAL F 236 -22.59 11.28 27.64
N PHE F 237 -21.59 10.85 28.41
CA PHE F 237 -20.78 9.72 27.99
C PHE F 237 -21.61 8.45 27.92
N ASP F 238 -22.51 8.25 28.87
CA ASP F 238 -23.37 7.08 28.86
C ASP F 238 -24.27 7.07 27.63
N GLN F 239 -24.87 8.22 27.31
CA GLN F 239 -25.72 8.31 26.13
C GLN F 239 -24.91 8.04 24.87
N ARG F 240 -23.70 8.59 24.80
CA ARG F 240 -22.84 8.32 23.65
C ARG F 240 -22.59 6.83 23.51
N THR F 241 -22.28 6.16 24.61
CA THR F 241 -21.92 4.75 24.54
C THR F 241 -23.10 3.89 24.11
N SER F 242 -24.27 4.04 24.76
CA SER F 242 -25.41 3.26 24.29
C SER F 242 -25.73 3.58 22.85
N TYR F 243 -25.90 4.85 22.51
CA TYR F 243 -26.38 5.19 21.19
C TYR F 243 -25.38 4.83 20.11
N GLY F 244 -24.10 4.69 20.46
CA GLY F 244 -23.19 3.99 19.56
C GLY F 244 -23.51 2.51 19.46
N PHE F 245 -23.78 1.86 20.59
CA PHE F 245 -24.17 0.46 20.52
C PHE F 245 -25.48 0.30 19.76
N GLN F 246 -26.56 0.87 20.29
CA GLN F 246 -27.85 0.82 19.63
C GLN F 246 -28.57 2.14 19.85
N PRO F 247 -28.90 2.87 18.80
CA PRO F 247 -29.58 4.15 18.98
C PRO F 247 -31.02 3.97 19.43
N LYS F 248 -31.21 3.62 20.70
CA LYS F 248 -32.54 3.44 21.25
C LYS F 248 -32.50 3.51 22.76
N ASP G 33 26.86 7.15 45.30
CA ASP G 33 26.93 7.63 46.68
C ASP G 33 26.18 8.95 46.88
N SER G 34 25.93 9.64 45.78
CA SER G 34 25.29 10.95 45.85
C SER G 34 23.78 10.84 45.62
N ILE G 35 23.05 11.85 46.08
CA ILE G 35 21.62 11.97 45.88
C ILE G 35 21.36 13.36 45.30
N GLN G 36 20.32 13.47 44.48
CA GLN G 36 20.11 14.65 43.69
C GLN G 36 18.63 15.05 43.68
N ILE G 37 18.38 16.35 43.78
CA ILE G 37 17.11 16.92 44.23
C ILE G 37 16.70 18.03 43.30
N GLU G 38 15.40 18.32 43.27
CA GLU G 38 14.87 19.48 42.55
C GLU G 38 13.99 20.31 43.47
N ILE G 39 14.01 21.62 43.26
CA ILE G 39 13.14 22.57 43.94
C ILE G 39 12.20 23.16 42.92
N PHE G 40 10.91 23.14 43.21
CA PHE G 40 9.88 23.52 42.25
C PHE G 40 9.05 24.64 42.84
N PRO G 41 9.49 25.90 42.68
CA PRO G 41 8.71 27.02 43.20
C PRO G 41 7.32 27.07 42.56
N SER G 42 6.33 27.42 43.38
CA SER G 42 4.97 27.51 42.88
C SER G 42 4.76 28.66 41.92
N ARG G 43 5.70 29.61 41.85
CA ARG G 43 5.65 30.70 40.89
C ARG G 43 7.04 30.89 40.30
N ILE G 44 7.11 31.03 38.98
CA ILE G 44 8.40 31.11 38.31
C ILE G 44 9.16 32.31 38.83
N LEU G 45 10.35 32.05 39.38
CA LEU G 45 11.08 33.06 40.10
C LEU G 45 11.48 34.22 39.19
N SER G 46 11.36 35.44 39.73
CA SER G 46 11.95 36.59 39.09
C SER G 46 13.45 36.60 39.30
N PRO G 47 14.19 37.35 38.48
CA PRO G 47 15.66 37.33 38.62
C PRO G 47 16.15 37.75 39.98
N GLU G 48 15.49 38.71 40.64
CA GLU G 48 15.98 39.18 41.93
C GLU G 48 15.93 38.07 42.98
N THR G 49 14.76 37.44 43.15
CA THR G 49 14.67 36.34 44.10
C THR G 49 15.58 35.19 43.68
N ALA G 50 15.59 34.86 42.40
CA ALA G 50 16.54 33.87 41.90
C ALA G 50 17.97 34.33 42.09
N GLN G 51 18.20 35.64 42.06
CA GLN G 51 19.56 36.15 42.26
C GLN G 51 20.07 35.80 43.64
N LYS G 52 19.31 36.15 44.68
CA LYS G 52 19.73 35.84 46.04
C LYS G 52 19.71 34.34 46.29
N LEU G 53 18.65 33.66 45.86
CA LEU G 53 18.48 32.24 46.15
C LEU G 53 19.68 31.44 45.68
N ILE G 54 19.97 31.47 44.37
CA ILE G 54 21.07 30.71 43.83
C ILE G 54 22.40 31.16 44.42
N SER G 55 22.49 32.41 44.89
CA SER G 55 23.76 32.93 45.37
C SER G 55 24.25 32.18 46.60
N GLU G 56 23.41 32.07 47.62
CA GLU G 56 23.80 31.41 48.86
C GLU G 56 23.73 29.90 48.80
N LEU G 57 22.94 29.33 47.88
CA LEU G 57 23.00 27.89 47.68
C LEU G 57 24.40 27.43 47.32
N TYR G 58 25.15 28.24 46.55
CA TYR G 58 26.54 27.88 46.28
C TYR G 58 27.38 27.90 47.55
N GLN G 59 26.94 28.66 48.57
CA GLN G 59 27.60 28.60 49.87
C GLN G 59 27.22 27.34 50.63
N VAL G 60 26.11 26.71 50.27
CA VAL G 60 25.65 25.48 50.92
C VAL G 60 26.67 24.38 50.65
N ASP G 61 27.08 23.69 51.71
CA ASP G 61 28.00 22.57 51.57
C ASP G 61 27.33 21.42 50.81
N GLY G 62 28.15 20.58 50.19
CA GLY G 62 27.68 19.34 49.63
C GLY G 62 26.93 19.43 48.32
N ILE G 63 27.29 20.36 47.44
CA ILE G 63 26.66 20.50 46.14
C ILE G 63 27.69 20.21 45.07
N ILE G 64 27.43 19.20 44.23
CA ILE G 64 28.35 18.91 43.14
C ILE G 64 28.05 19.80 41.94
N ARG G 65 26.79 19.85 41.51
CA ARG G 65 26.37 20.75 40.46
C ARG G 65 24.90 21.09 40.65
N VAL G 66 24.48 22.19 40.05
CA VAL G 66 23.13 22.70 40.15
C VAL G 66 22.60 22.98 38.75
N MET G 67 21.29 22.91 38.60
CA MET G 67 20.64 23.21 37.34
C MET G 67 19.46 24.12 37.58
N VAL G 68 19.20 24.99 36.62
CA VAL G 68 18.03 25.87 36.63
C VAL G 68 17.34 25.76 35.28
N GLN G 69 16.12 25.25 35.28
CA GLN G 69 15.34 25.08 34.06
C GLN G 69 14.07 25.91 34.18
N GLY G 70 13.60 26.39 33.04
CA GLY G 70 12.37 27.13 33.00
C GLY G 70 12.09 27.67 31.61
N PRO G 71 11.10 28.52 31.49
CA PRO G 71 10.78 29.11 30.18
C PRO G 71 11.96 29.91 29.65
N ARG G 72 12.15 29.87 28.33
CA ARG G 72 13.23 30.61 27.71
C ARG G 72 12.85 32.08 27.54
N LEU G 73 13.87 32.92 27.40
CA LEU G 73 13.70 34.36 27.23
C LEU G 73 14.40 34.79 25.95
N PRO G 74 13.69 34.81 24.83
CA PRO G 74 14.33 35.21 23.57
C PRO G 74 14.70 36.69 23.58
N GLU G 75 15.71 37.03 22.80
CA GLU G 75 16.09 38.42 22.56
C GLU G 75 15.55 38.92 21.23
N ARG G 76 14.78 38.10 20.52
CA ARG G 76 14.23 38.47 19.22
C ARG G 76 13.02 37.60 18.96
N VAL G 77 11.97 38.21 18.39
CA VAL G 77 10.84 37.41 17.94
C VAL G 77 11.32 36.46 16.86
N SER G 78 10.99 35.18 16.99
CA SER G 78 11.42 34.17 16.04
C SER G 78 10.25 33.49 15.33
N ALA G 79 9.05 34.03 15.45
CA ALA G 79 7.90 33.45 14.80
C ALA G 79 6.86 34.53 14.59
N GLY G 80 5.95 34.30 13.64
CA GLY G 80 4.89 35.22 13.37
C GLY G 80 5.35 36.37 12.49
N PRO G 81 4.39 37.15 11.99
CA PRO G 81 4.74 38.26 11.09
C PRO G 81 5.64 39.29 11.72
N GLY G 82 5.72 39.33 13.05
CA GLY G 82 6.61 40.25 13.72
C GLY G 82 7.98 39.64 13.95
N THR G 83 8.40 38.77 13.04
CA THR G 83 9.67 38.08 13.21
C THR G 83 10.83 39.06 13.14
N GLY G 84 11.92 38.71 13.81
CA GLY G 84 13.12 39.52 13.76
C GLY G 84 13.01 40.88 14.40
N GLU G 85 12.34 40.98 15.54
CA GLU G 85 12.21 42.23 16.27
C GLU G 85 12.85 42.08 17.64
N LYS G 86 13.24 43.22 18.22
CA LYS G 86 13.94 43.23 19.48
C LYS G 86 12.98 43.02 20.63
N VAL G 87 13.32 42.10 21.53
CA VAL G 87 12.57 41.86 22.75
C VAL G 87 13.53 41.93 23.93
N GLU G 88 13.25 42.84 24.86
CA GLU G 88 14.11 43.10 26.01
C GLU G 88 13.32 42.73 27.25
N HIS G 89 13.38 41.45 27.63
CA HIS G 89 12.48 40.92 28.62
C HIS G 89 12.82 41.46 30.01
N PRO G 90 11.81 41.77 30.83
CA PRO G 90 12.09 42.19 32.21
C PRO G 90 12.80 41.12 33.02
N LEU G 91 12.61 39.85 32.68
CA LEU G 91 13.20 38.76 33.45
C LEU G 91 14.61 38.43 33.02
N ARG G 92 15.10 39.02 31.94
CA ARG G 92 16.43 38.72 31.40
C ARG G 92 17.41 39.71 32.03
N LYS G 93 18.00 39.33 33.16
CA LYS G 93 18.92 40.21 33.86
C LYS G 93 20.20 39.48 34.23
N PRO G 94 21.32 40.20 34.28
CA PRO G 94 22.59 39.56 34.68
C PRO G 94 22.67 39.28 36.17
N ILE G 95 22.15 38.13 36.59
CA ILE G 95 22.17 37.78 38.00
C ILE G 95 23.60 37.71 38.51
N GLN G 96 23.81 38.29 39.70
CA GLN G 96 25.11 38.35 40.35
C GLN G 96 25.13 37.33 41.48
N ILE G 97 25.61 36.13 41.19
CA ILE G 97 25.69 35.05 42.16
C ILE G 97 27.13 34.59 42.25
N GLY G 98 27.66 34.56 43.47
CA GLY G 98 29.02 34.08 43.68
C GLY G 98 30.07 34.86 42.93
N ASP G 99 29.92 36.18 42.86
CA ASP G 99 30.89 37.04 42.19
C ASP G 99 30.92 36.80 40.67
N GLN G 100 29.92 36.10 40.15
CA GLN G 100 29.84 35.79 38.74
C GLN G 100 28.59 36.43 38.15
N VAL G 101 28.73 37.05 36.99
CA VAL G 101 27.60 37.59 36.25
C VAL G 101 27.12 36.52 35.29
N ILE G 102 25.83 36.21 35.34
CA ILE G 102 25.21 35.22 34.48
C ILE G 102 24.01 35.87 33.80
N GLU G 103 23.96 35.77 32.49
CA GLU G 103 22.86 36.36 31.71
C GLU G 103 21.76 35.31 31.57
N LEU G 104 20.68 35.47 32.32
CA LEU G 104 19.60 34.51 32.27
C LEU G 104 18.99 34.46 30.88
N LYS G 105 18.93 33.27 30.30
CA LYS G 105 18.12 33.04 29.13
C LYS G 105 16.73 32.54 29.48
N ILE G 106 16.44 32.37 30.78
CA ILE G 106 15.25 31.68 31.24
C ILE G 106 14.74 32.33 32.53
N SER G 107 13.50 31.99 32.87
CA SER G 107 12.92 32.29 34.17
C SER G 107 13.02 31.01 35.01
N VAL G 108 13.94 30.99 35.96
CA VAL G 108 14.23 29.75 36.66
C VAL G 108 12.99 29.30 37.42
N GLY G 109 12.38 28.22 36.96
CA GLY G 109 11.19 27.67 37.57
C GLY G 109 11.40 26.22 37.97
N ARG G 110 12.67 25.80 38.00
CA ARG G 110 13.01 24.45 38.44
C ARG G 110 14.51 24.42 38.72
N ILE G 111 14.87 24.02 39.92
CA ILE G 111 16.27 23.97 40.34
C ILE G 111 16.55 22.54 40.80
N ARG G 112 17.44 21.86 40.09
CA ARG G 112 17.83 20.50 40.43
C ARG G 112 19.25 20.52 40.98
N LEU G 113 19.43 19.93 42.16
CA LEU G 113 20.68 20.00 42.90
C LEU G 113 21.42 18.66 42.78
N GLU G 114 22.59 18.63 43.44
CA GLU G 114 23.46 17.45 43.40
C GLU G 114 24.24 17.43 44.72
N ILE G 115 23.88 16.51 45.60
CA ILE G 115 24.49 16.42 46.92
C ILE G 115 24.97 15.00 47.17
N GLU G 116 26.19 14.88 47.68
CA GLU G 116 26.77 13.57 47.95
C GLU G 116 26.33 13.00 49.30
N ASN G 117 25.50 13.71 50.04
CA ASN G 117 25.05 13.24 51.34
C ASN G 117 23.62 13.71 51.58
N ALA G 118 22.85 12.92 52.32
CA ALA G 118 21.47 13.27 52.61
C ALA G 118 21.35 14.34 53.68
N GLU G 119 22.31 14.44 54.59
CA GLU G 119 22.20 15.42 55.67
C GLU G 119 22.27 16.85 55.15
N THR G 120 22.82 17.04 53.96
CA THR G 120 22.73 18.35 53.33
C THR G 120 21.39 18.57 52.64
N LYS G 121 20.68 17.49 52.26
CA LYS G 121 19.34 17.65 51.72
C LYS G 121 18.42 18.32 52.72
N GLU G 122 18.60 18.03 54.01
CA GLU G 122 17.91 18.79 55.03
C GLU G 122 18.33 20.25 54.99
N LYS G 123 19.61 20.51 54.73
CA LYS G 123 20.06 21.90 54.60
C LYS G 123 19.41 22.59 53.41
N VAL G 124 19.38 21.93 52.26
CA VAL G 124 18.86 22.57 51.05
C VAL G 124 17.39 22.89 51.21
N ARG G 125 16.59 21.94 51.70
CA ARG G 125 15.18 22.20 51.92
C ARG G 125 14.99 23.30 52.97
N SER G 126 15.85 23.32 53.98
CA SER G 126 15.72 24.34 55.02
C SER G 126 15.89 25.74 54.45
N VAL G 127 16.92 25.94 53.62
CA VAL G 127 17.21 27.28 53.12
C VAL G 127 16.11 27.77 52.19
N CYS G 128 15.52 26.86 51.39
CA CYS G 128 14.45 27.26 50.50
C CYS G 128 13.20 27.73 51.24
N ASP G 129 13.07 27.39 52.52
CA ASP G 129 11.95 27.89 53.31
C ASP G 129 12.12 29.38 53.62
N LYS G 130 13.32 29.78 54.02
CA LYS G 130 13.55 31.15 54.46
C LYS G 130 13.44 32.17 53.35
N MET G 131 14.09 31.94 52.21
CA MET G 131 14.25 33.01 51.23
C MET G 131 13.59 32.70 49.89
N LEU G 132 12.60 31.83 49.88
CA LEU G 132 11.66 31.73 48.78
C LEU G 132 10.28 32.02 49.35
N PRO G 133 9.67 33.15 49.02
CA PRO G 133 8.56 33.65 49.84
C PRO G 133 7.20 32.99 49.60
N PHE G 134 7.18 31.81 49.01
CA PHE G 134 5.92 31.15 48.67
C PHE G 134 6.14 29.64 48.66
N SER G 135 5.08 28.90 48.39
CA SER G 135 5.11 27.44 48.53
C SER G 135 5.91 26.79 47.42
N PHE G 136 6.59 25.70 47.76
CA PHE G 136 7.43 24.99 46.80
C PHE G 136 7.42 23.50 47.11
N GLU G 137 7.81 22.70 46.12
CA GLU G 137 7.91 21.26 46.27
C GLU G 137 9.37 20.86 46.41
N PHE G 138 9.60 19.63 46.86
CA PHE G 138 10.95 19.13 47.12
C PHE G 138 10.93 17.60 47.03
N ARG G 139 11.41 17.07 45.90
CA ARG G 139 11.50 15.64 45.68
C ARG G 139 12.96 15.19 45.71
N GLU G 140 13.18 13.92 45.39
CA GLU G 140 14.54 13.39 45.29
C GLU G 140 14.55 12.27 44.27
N GLY G 141 15.68 12.10 43.61
CA GLY G 141 15.82 11.05 42.62
C GLY G 141 16.86 11.42 41.57
N HIS G 142 17.00 10.54 40.59
CA HIS G 142 17.90 10.79 39.47
C HIS G 142 17.31 11.89 38.60
N PHE G 143 18.00 13.03 38.51
CA PHE G 143 17.52 14.17 37.77
C PHE G 143 18.44 14.59 36.63
N LEU G 144 19.73 14.81 36.89
CA LEU G 144 20.49 15.50 35.86
C LEU G 144 20.99 14.58 34.75
N ARG G 145 22.01 13.76 35.02
CA ARG G 145 22.42 12.79 34.02
C ARG G 145 22.55 11.38 34.56
N ARG G 146 23.44 11.20 35.54
CA ARG G 146 23.86 9.90 36.04
C ARG G 146 24.11 8.89 34.91
N LYS G 147 24.54 9.37 33.75
CA LYS G 147 24.70 8.53 32.56
C LYS G 147 25.67 9.20 31.59
N PRO G 148 26.57 8.42 30.96
CA PRO G 148 27.47 9.00 29.97
C PRO G 148 26.71 9.48 28.73
N THR G 149 27.23 10.53 28.12
CA THR G 149 26.69 11.07 26.88
C THR G 149 27.83 11.27 25.88
N VAL G 150 27.52 11.06 24.61
CA VAL G 150 28.51 11.21 23.55
C VAL G 150 29.66 10.22 23.75
C1 COM H . 15.02 -20.20 -12.51
C2 COM H . 13.59 -20.58 -12.13
S1 COM H . 15.42 -18.58 -11.80
S2 COM H . 13.09 -22.01 -13.13
O1S COM H . 13.21 -21.71 -14.60
O2S COM H . 13.89 -23.22 -12.77
O3S COM H . 11.62 -22.28 -13.00
NI F43 I . 17.56 -20.69 -10.63
NA F43 I . 17.34 -20.08 -8.64
CHA F43 I . 18.19 -17.88 -9.12
C1A F43 I . 17.75 -18.96 -8.21
C2A F43 I . 17.83 -18.90 -6.71
C3A F43 I . 17.73 -20.38 -6.28
C4A F43 I . 16.90 -20.86 -7.46
C5A F43 I . 16.66 -18.05 -6.15
C6A F43 I . 16.85 -17.69 -4.69
O7A F43 I . 17.49 -16.68 -4.37
N8A F43 I . 16.28 -18.48 -3.80
C9A F43 I . 19.15 -18.22 -6.32
CAA F43 I . 19.05 -21.16 -6.16
CBA F43 I . 19.71 -20.99 -4.79
CCA F43 I . 19.82 -22.28 -4.03
ODA F43 I . 19.12 -22.28 -2.94
OEA F43 I . 20.48 -23.21 -4.42
NB F43 I . 16.42 -22.37 -10.17
CHB F43 I . 16.80 -22.35 -7.78
C1B F43 I . 15.77 -22.68 -8.88
C2B F43 I . 15.27 -24.13 -9.05
C3B F43 I . 16.15 -24.73 -10.20
C4B F43 I . 16.51 -23.43 -10.90
N5B F43 I . 14.51 -21.94 -8.67
C6B F43 I . 13.41 -22.64 -8.91
O7B F43 I . 12.26 -22.22 -8.78
C8B F43 I . 13.80 -23.97 -9.49
C9B F43 I . 15.28 -24.97 -7.76
CAB F43 I . 17.49 -25.36 -9.82
CBB F43 I . 18.19 -26.06 -10.98
CCB F43 I . 19.13 -27.13 -10.52
ODB F43 I . 18.79 -28.02 -9.76
OEB F43 I . 20.27 -27.10 -11.13
NC F43 I . 18.08 -21.37 -12.49
CHC F43 I . 16.91 -23.45 -12.27
C1C F43 I . 17.67 -22.56 -12.94
C2C F43 I . 18.03 -22.82 -14.38
C3C F43 I . 19.05 -21.68 -14.66
C4C F43 I . 18.92 -20.84 -13.42
C5C F43 I . 16.78 -22.76 -15.25
C6C F43 I . 17.09 -22.60 -16.70
O7C F43 I . 17.30 -21.52 -17.22
O8C F43 I . 17.34 -23.73 -17.30
C8C F43 I . 20.43 -22.34 -14.58
C9C F43 I . 20.79 -23.12 -15.83
CAC F43 I . 22.17 -23.72 -15.79
OBC F43 I . 22.74 -23.58 -14.63
OCC F43 I . 22.62 -24.40 -16.68
ND F43 I . 19.00 -19.28 -10.95
CHD F43 I . 19.58 -19.63 -13.26
C5D F43 I . 21.45 -17.40 -12.78
C6D F43 I . 21.53 -18.25 -14.04
C7D F43 I . 20.25 -18.97 -14.37
O8D F43 I . 19.84 -19.02 -15.52
C9D F43 I . 21.27 -16.91 -9.45
CAD F43 I . 21.80 -15.52 -9.68
OBD F43 I . 21.98 -14.74 -8.77
OCD F43 I . 21.77 -15.17 -10.93
C1D F43 I . 19.74 -19.01 -12.01
C2D F43 I . 20.95 -18.20 -11.58
C3D F43 I . 20.27 -17.34 -10.51
C4D F43 I . 19.43 -18.42 -9.85
H4A F43 I . 15.99 -20.58 -7.26
HHA1 F43 I . 17.50 -17.70 -9.76
HHA2 F43 I . 18.42 -17.07 -8.64
H4D F43 I . 19.98 -18.93 -9.24
H3A F43 I . 17.24 -20.46 -5.45
H5A1 F43 I . 16.59 -17.24 -6.67
H5A2 F43 I . 15.84 -18.56 -6.22
H9A1 F43 I . 19.37 -18.39 -5.39
H9A2 F43 I . 19.86 -18.54 -6.89
H9A3 F43 I . 19.07 -17.26 -6.44
HAA1 F43 I . 18.89 -22.10 -6.25
HAA2 F43 I . 19.66 -20.85 -6.85
HHB1 F43 I . 17.68 -22.64 -8.10
HHB2 F43 I . 16.59 -22.81 -6.97
H8A1 F43 I . 16.36 -18.31 -2.96
H8A2 F43 I . 15.84 -19.17 -4.06
HBA1 F43 I . 20.60 -20.62 -4.91
HBA2 F43 I . 19.18 -20.38 -4.26
HDA F43 I . 19.61 -22.02 -2.28
H5B F43 I . 14.49 -21.10 -8.51
H3B F43 I . 15.64 -25.34 -10.75
H8B1 F43 I . 13.73 -23.97 -10.44
H8B2 F43 I . 13.26 -24.68 -9.12
H9B1 F43 I . 14.91 -25.84 -7.94
H9B2 F43 I . 16.18 -25.05 -7.42
H9B3 F43 I . 14.72 -24.52 -7.10
HAB1 F43 I . 18.08 -24.67 -9.47
HAB2 F43 I . 17.34 -26.03 -9.12
HHC F43 I . 16.68 -24.22 -12.73
HBB1 F43 I . 17.52 -26.46 -11.55
HBB2 F43 I . 18.70 -25.40 -11.48
HEB F43 I . 20.64 -26.34 -11.02
H2C F43 I . 18.45 -23.68 -14.49
H3C F43 I . 18.90 -21.21 -15.48
H5C1 F43 I . 16.30 -23.59 -15.12
H5C2 F43 I . 16.22 -22.02 -14.96
H8C1 F43 I . 21.10 -21.65 -14.45
H8C2 F43 I . 20.45 -22.95 -13.82
H8C F43 I . 16.86 -23.81 -17.99
H9C1 F43 I . 20.15 -23.84 -15.95
H9C2 F43 I . 20.75 -22.53 -16.59
HBC F43 I . 23.57 -23.76 -14.69
H5D1 F43 I . 22.33 -17.05 -12.59
H5D2 F43 I . 20.84 -16.66 -12.94
H6D1 F43 I . 21.75 -17.67 -14.79
H6D2 F43 I . 22.23 -18.91 -13.92
H2D F43 I . 21.65 -18.77 -11.22
H9D1 F43 I . 22.01 -17.52 -9.44
H9D2 F43 I . 20.82 -16.91 -8.60
H3D F43 I . 19.75 -16.60 -10.88
HCD F43 I . 21.13 -14.61 -11.06
N TP7 J . 5.61 -13.10 -7.37
P TP7 J . 2.15 -15.03 -5.27
O1P TP7 J . 0.91 -14.88 -6.12
O2P TP7 J . 2.30 -13.98 -4.19
O3P TP7 J . 2.42 -16.44 -4.81
O4P TP7 J . 3.37 -14.71 -6.27
CB TP7 J . 3.24 -13.63 -7.18
C TP7 J . 4.32 -12.11 -5.51
O TP7 J . 5.39 -12.14 -4.87
OXT TP7 J . 3.24 -11.71 -5.03
CA TP7 J . 4.33 -12.59 -6.94
CG TP7 J . 3.32 -14.17 -8.60
O1 TP7 J . 5.70 -11.41 -8.99
C1 TP7 J . 6.48 -12.18 -8.07
C2 TP7 J . 7.61 -12.90 -8.79
C3 TP7 J . 8.85 -12.96 -7.92
C4 TP7 J . 9.82 -14.01 -8.42
C5 TP7 J . 10.35 -13.70 -9.82
C6 TP7 J . 11.29 -14.83 -10.24
C7 TP7 J . 11.87 -14.59 -11.62
S7 TP7 J . 10.49 -14.59 -12.80
#